data_8JZL
#
_entry.id   8JZL
#
_cell.length_a   1.00
_cell.length_b   1.00
_cell.length_c   1.00
_cell.angle_alpha   90.00
_cell.angle_beta   90.00
_cell.angle_gamma   90.00
#
_symmetry.space_group_name_H-M   'P 1'
#
_entity_poly.entity_id   1
_entity_poly.type   'polypeptide(L)'
_entity_poly.pdbx_seq_one_letter_code
;QHQKASNHSLHNLYNLQRDLLTVAATVLGKQDPVLTSMANQMELAKVKADRPATKQEEAAAKALKKNLIELIAARTQQQD
GLPAKEAHRFAAVAFRDAQVKQLNNQPWQTIKNTLTHNGHHYTNTQLPAAEMKIGAKDIFPSAYEGKGVCSWDTKNIHHA
NNLWMSTVSVHEDGKDKTLFCGIRHGVLSPYHEKDPLLRHVGAENKAKEVLTAALFSKPELLNKALAGEAVSLKLVSVGL
LTASNIFGKEGTMVEDQMRAWQSLTQPGKMIHLKIRNKDGDLQTVKIKPDVAAFNVGVNELALKLGFGLKASDSYNAEAL
HQLLGNDLRPEARPGGWVGEWLAQYPDNYEVVNTLARQIKDIWKNNQHHKDGGEPYKLAQRLAMLAHEIDAVPAWNCKSG
KDRTGMMDSEIKREIISLHQTHMLSAPGSLPDSGGQKIFQKVLLNSGNLEIQKQNTGGAGNKVMKNLSPEVLNLSYQKRV
GDENIWQSVKGISSLITS
;
_entity_poly.pdbx_strand_id   A,B,C,D,E,F
#
# COMPACT_ATOMS: atom_id res chain seq x y z
N GLN A 1 -42.40 2.00 61.85
CA GLN A 1 -42.49 1.52 60.48
C GLN A 1 -41.83 2.51 59.52
N HIS A 2 -40.95 3.36 60.06
CA HIS A 2 -40.35 4.43 59.28
C HIS A 2 -38.85 4.57 59.45
N GLN A 3 -38.21 3.82 60.35
CA GLN A 3 -36.76 3.89 60.52
C GLN A 3 -36.11 3.19 59.33
N LYS A 4 -35.98 3.95 58.24
CA LYS A 4 -35.51 3.39 56.98
C LYS A 4 -34.09 2.87 57.11
N ALA A 5 -33.82 1.77 56.43
CA ALA A 5 -32.46 1.22 56.39
C ALA A 5 -31.56 2.11 55.54
N SER A 6 -30.26 2.05 55.82
CA SER A 6 -29.29 2.75 54.98
C SER A 6 -29.33 2.19 53.57
N ASN A 7 -29.39 0.86 53.44
CA ASN A 7 -29.64 0.19 52.17
C ASN A 7 -30.69 -0.86 52.41
N HIS A 8 -31.52 -1.11 51.39
CA HIS A 8 -32.59 -2.11 51.46
C HIS A 8 -33.56 -1.78 52.60
N SER A 9 -34.28 -0.68 52.42
CA SER A 9 -35.34 -0.33 53.36
C SER A 9 -36.36 -1.45 53.45
N LEU A 10 -36.92 -1.61 54.66
CA LEU A 10 -37.80 -2.74 54.93
C LEU A 10 -39.01 -2.77 54.01
N HIS A 11 -39.55 -1.60 53.65
CA HIS A 11 -40.76 -1.56 52.84
C HIS A 11 -40.51 -2.12 51.45
N ASN A 12 -39.33 -1.90 50.89
CA ASN A 12 -39.02 -2.43 49.57
C ASN A 12 -39.08 -3.95 49.57
N LEU A 13 -38.40 -4.58 50.53
CA LEU A 13 -38.52 -6.03 50.68
C LEU A 13 -39.98 -6.42 50.90
N TYR A 14 -40.62 -5.75 51.86
CA TYR A 14 -42.03 -5.93 52.19
C TYR A 14 -42.88 -6.15 50.95
N ASN A 15 -42.65 -5.35 49.91
CA ASN A 15 -43.36 -5.57 48.66
C ASN A 15 -42.85 -6.80 47.93
N LEU A 16 -41.54 -7.06 48.01
CA LEU A 16 -40.94 -8.12 47.21
C LEU A 16 -41.50 -9.49 47.60
N GLN A 17 -41.55 -9.79 48.90
CA GLN A 17 -42.04 -11.11 49.31
C GLN A 17 -43.49 -11.30 48.90
N ARG A 18 -44.30 -10.25 49.01
CA ARG A 18 -45.71 -10.38 48.62
C ARG A 18 -45.85 -10.76 47.16
N ASP A 19 -45.05 -10.15 46.28
CA ASP A 19 -45.13 -10.49 44.87
C ASP A 19 -44.75 -11.95 44.64
N LEU A 20 -43.65 -12.40 45.24
CA LEU A 20 -43.23 -13.78 45.06
C LEU A 20 -44.25 -14.75 45.63
N LEU A 21 -44.79 -14.43 46.81
CA LEU A 21 -45.80 -15.30 47.41
C LEU A 21 -47.06 -15.38 46.55
N THR A 22 -47.45 -14.26 45.94
CA THR A 22 -48.62 -14.27 45.08
C THR A 22 -48.42 -15.20 43.90
N VAL A 23 -47.23 -15.18 43.30
CA VAL A 23 -46.94 -16.07 42.18
C VAL A 23 -47.03 -17.52 42.64
N ALA A 24 -46.40 -17.83 43.78
CA ALA A 24 -46.45 -19.20 44.28
C ALA A 24 -47.88 -19.63 44.59
N ALA A 25 -48.67 -18.72 45.17
CA ALA A 25 -50.07 -19.03 45.45
C ALA A 25 -50.83 -19.30 44.16
N THR A 26 -50.53 -18.54 43.10
CA THR A 26 -51.21 -18.76 41.83
C THR A 26 -50.94 -20.15 41.29
N VAL A 27 -49.67 -20.56 41.27
CA VAL A 27 -49.33 -21.86 40.70
C VAL A 27 -49.92 -22.98 41.55
N LEU A 28 -49.87 -22.83 42.88
CA LEU A 28 -50.42 -23.88 43.74
C LEU A 28 -51.93 -23.84 43.80
N GLY A 29 -52.51 -22.67 44.08
CA GLY A 29 -53.95 -22.55 44.15
C GLY A 29 -54.47 -21.99 45.46
N LYS A 30 -53.61 -21.30 46.21
CA LYS A 30 -54.00 -20.64 47.46
C LYS A 30 -54.63 -21.60 48.46
N GLN A 31 -54.06 -22.81 48.55
CA GLN A 31 -54.58 -23.82 49.45
C GLN A 31 -53.56 -24.36 50.44
N ASP A 32 -52.27 -24.22 50.19
CA ASP A 32 -51.27 -24.76 51.08
C ASP A 32 -51.21 -23.94 52.36
N PRO A 33 -51.44 -24.54 53.53
CA PRO A 33 -51.27 -23.80 54.78
C PRO A 33 -49.83 -23.36 55.03
N VAL A 34 -48.85 -24.03 54.42
CA VAL A 34 -47.46 -23.62 54.57
C VAL A 34 -47.27 -22.21 54.04
N LEU A 35 -47.84 -21.93 52.86
CA LEU A 35 -47.82 -20.58 52.32
C LEU A 35 -48.46 -19.60 53.30
N THR A 36 -49.59 -19.99 53.88
CA THR A 36 -50.23 -19.14 54.88
C THR A 36 -49.33 -18.96 56.10
N SER A 37 -48.47 -19.93 56.39
CA SER A 37 -47.61 -19.84 57.56
C SER A 37 -46.69 -18.64 57.48
N MET A 38 -45.82 -18.60 56.47
CA MET A 38 -44.94 -17.45 56.38
C MET A 38 -45.67 -16.21 55.87
N ALA A 39 -46.85 -16.38 55.26
CA ALA A 39 -47.67 -15.22 54.94
C ALA A 39 -48.15 -14.54 56.21
N ASN A 40 -48.56 -15.32 57.21
CA ASN A 40 -48.97 -14.73 58.48
C ASN A 40 -47.80 -14.06 59.18
N GLN A 41 -46.62 -14.69 59.17
CA GLN A 41 -45.44 -14.03 59.71
C GLN A 41 -45.11 -12.76 58.93
N MET A 42 -45.36 -12.78 57.62
CA MET A 42 -45.17 -11.58 56.81
C MET A 42 -46.13 -10.48 57.24
N GLU A 43 -47.39 -10.84 57.49
CA GLU A 43 -48.35 -9.86 57.98
C GLU A 43 -47.95 -9.35 59.36
N LEU A 44 -47.35 -10.22 60.18
CA LEU A 44 -46.80 -9.78 61.45
C LEU A 44 -45.70 -8.75 61.25
N ALA A 45 -44.81 -9.01 60.29
CA ALA A 45 -43.75 -8.06 59.99
C ALA A 45 -44.28 -6.79 59.33
N LYS A 46 -45.51 -6.82 58.82
CA LYS A 46 -46.08 -5.63 58.18
C LYS A 46 -46.18 -4.47 59.15
N VAL A 47 -46.66 -4.75 60.37
CA VAL A 47 -46.81 -3.69 61.37
C VAL A 47 -45.53 -3.41 62.14
N LYS A 48 -44.50 -4.24 61.96
CA LYS A 48 -43.26 -4.05 62.68
C LYS A 48 -42.56 -2.76 62.22
N ALA A 49 -41.83 -2.14 63.15
CA ALA A 49 -41.13 -0.91 62.85
C ALA A 49 -40.00 -1.16 61.86
N ASP A 50 -39.76 -0.15 61.00
CA ASP A 50 -38.70 -0.24 60.02
C ASP A 50 -37.35 -0.31 60.72
N ARG A 51 -36.42 -1.04 60.10
CA ARG A 51 -35.14 -1.33 60.69
C ARG A 51 -34.05 -1.22 59.63
N PRO A 52 -32.80 -1.05 60.02
CA PRO A 52 -31.70 -1.25 59.08
C PRO A 52 -31.70 -2.68 58.57
N ALA A 53 -31.27 -2.84 57.32
CA ALA A 53 -31.31 -4.15 56.69
C ALA A 53 -30.29 -5.08 57.32
N THR A 54 -30.72 -5.85 58.32
CA THR A 54 -29.84 -6.83 58.92
C THR A 54 -29.52 -7.93 57.93
N LYS A 55 -28.38 -8.59 58.13
CA LYS A 55 -27.96 -9.65 57.22
C LYS A 55 -28.99 -10.77 57.17
N GLN A 56 -29.70 -11.01 58.27
CA GLN A 56 -30.74 -12.04 58.26
C GLN A 56 -31.88 -11.67 57.31
N GLU A 57 -32.32 -10.41 57.35
CA GLU A 57 -33.39 -9.98 56.47
C GLU A 57 -32.98 -10.09 55.00
N GLU A 58 -31.78 -9.62 54.68
CA GLU A 58 -31.30 -9.69 53.31
C GLU A 58 -31.14 -11.13 52.85
N ALA A 59 -30.58 -11.99 53.69
CA ALA A 59 -30.40 -13.39 53.32
C ALA A 59 -31.74 -14.09 53.13
N ALA A 60 -32.69 -13.83 54.02
CA ALA A 60 -34.01 -14.46 53.89
C ALA A 60 -34.69 -14.04 52.61
N ALA A 61 -34.66 -12.75 52.29
CA ALA A 61 -35.24 -12.29 51.04
C ALA A 61 -34.51 -12.85 49.84
N LYS A 62 -33.18 -12.91 49.91
CA LYS A 62 -32.40 -13.39 48.77
C LYS A 62 -32.68 -14.84 48.46
N ALA A 63 -32.84 -15.67 49.49
CA ALA A 63 -33.03 -17.11 49.28
C ALA A 63 -34.48 -17.53 49.20
N LEU A 64 -35.42 -16.58 49.29
CA LEU A 64 -36.83 -16.95 49.30
C LEU A 64 -37.26 -17.63 48.00
N LYS A 65 -36.78 -17.10 46.86
CA LYS A 65 -37.19 -17.65 45.57
C LYS A 65 -36.74 -19.10 45.43
N LYS A 66 -35.49 -19.39 45.84
CA LYS A 66 -35.00 -20.76 45.76
C LYS A 66 -35.83 -21.69 46.65
N ASN A 67 -36.18 -21.24 47.85
CA ASN A 67 -36.99 -22.06 48.73
C ASN A 67 -38.35 -22.35 48.11
N LEU A 68 -38.95 -21.34 47.46
CA LEU A 68 -40.24 -21.55 46.84
C LEU A 68 -40.16 -22.56 45.71
N ILE A 69 -39.08 -22.53 44.93
CA ILE A 69 -38.90 -23.52 43.87
C ILE A 69 -38.80 -24.91 44.46
N GLU A 70 -38.03 -25.06 45.54
CA GLU A 70 -37.90 -26.36 46.19
C GLU A 70 -39.25 -26.86 46.69
N LEU A 71 -40.06 -25.96 47.27
CA LEU A 71 -41.37 -26.36 47.76
C LEU A 71 -42.25 -26.84 46.62
N ILE A 72 -42.22 -26.15 45.48
CA ILE A 72 -43.03 -26.56 44.33
C ILE A 72 -42.58 -27.93 43.84
N ALA A 73 -41.27 -28.17 43.80
CA ALA A 73 -40.77 -29.48 43.38
C ALA A 73 -41.26 -30.58 44.31
N ALA A 74 -41.24 -30.31 45.62
CA ALA A 74 -41.71 -31.31 46.57
C ALA A 74 -43.19 -31.60 46.38
N ARG A 75 -44.00 -30.55 46.18
CA ARG A 75 -45.42 -30.76 45.90
C ARG A 75 -45.61 -31.56 44.62
N THR A 76 -44.80 -31.27 43.60
CA THR A 76 -44.92 -32.00 42.34
C THR A 76 -44.60 -33.48 42.53
N GLN A 77 -43.53 -33.78 43.26
CA GLN A 77 -43.16 -35.18 43.46
C GLN A 77 -44.23 -35.94 44.24
N GLN A 78 -44.79 -35.30 45.28
CA GLN A 78 -45.85 -35.95 46.04
C GLN A 78 -47.08 -36.21 45.19
N GLN A 79 -47.48 -35.22 44.40
CA GLN A 79 -48.64 -35.41 43.52
C GLN A 79 -48.34 -36.39 42.41
N ASP A 80 -47.16 -36.27 41.79
CA ASP A 80 -46.76 -37.19 40.72
C ASP A 80 -45.30 -37.55 40.92
N GLY A 81 -45.02 -38.85 41.06
CA GLY A 81 -43.67 -39.29 41.29
C GLY A 81 -42.77 -39.03 40.09
N LEU A 82 -41.90 -38.04 40.22
CA LEU A 82 -40.94 -37.68 39.18
C LEU A 82 -39.55 -37.60 39.80
N PRO A 83 -38.51 -37.83 39.01
CA PRO A 83 -37.14 -37.65 39.54
C PRO A 83 -36.88 -36.19 39.90
N ALA A 84 -35.88 -36.00 40.76
CA ALA A 84 -35.59 -34.67 41.27
C ALA A 84 -35.21 -33.71 40.15
N LYS A 85 -34.40 -34.18 39.19
CA LYS A 85 -33.97 -33.31 38.09
C LYS A 85 -35.16 -32.86 37.25
N GLU A 86 -36.03 -33.80 36.88
CA GLU A 86 -37.18 -33.47 36.05
C GLU A 86 -38.13 -32.54 36.78
N ALA A 87 -38.41 -32.83 38.05
CA ALA A 87 -39.31 -31.98 38.83
C ALA A 87 -38.74 -30.58 38.99
N HIS A 88 -37.43 -30.48 39.26
CA HIS A 88 -36.82 -29.17 39.44
C HIS A 88 -36.88 -28.35 38.16
N ARG A 89 -36.56 -28.97 37.01
CA ARG A 89 -36.62 -28.25 35.74
C ARG A 89 -38.03 -27.78 35.45
N PHE A 90 -39.01 -28.68 35.61
CA PHE A 90 -40.39 -28.31 35.33
C PHE A 90 -40.88 -27.21 36.26
N ALA A 91 -40.51 -27.30 37.54
CA ALA A 91 -40.96 -26.29 38.51
C ALA A 91 -40.40 -24.92 38.16
N ALA A 92 -39.13 -24.84 37.77
CA ALA A 92 -38.54 -23.55 37.43
C ALA A 92 -39.25 -22.92 36.23
N VAL A 93 -39.53 -23.72 35.21
CA VAL A 93 -40.21 -23.19 34.03
C VAL A 93 -41.60 -22.68 34.39
N ALA A 94 -42.35 -23.48 35.17
CA ALA A 94 -43.70 -23.07 35.54
C ALA A 94 -43.69 -21.80 36.38
N PHE A 95 -42.74 -21.69 37.31
CA PHE A 95 -42.69 -20.51 38.17
C PHE A 95 -42.39 -19.25 37.37
N ARG A 96 -41.43 -19.33 36.45
CA ARG A 96 -41.12 -18.17 35.62
C ARG A 96 -42.32 -17.78 34.77
N ASP A 97 -43.02 -18.76 34.21
CA ASP A 97 -44.18 -18.46 33.38
C ASP A 97 -45.24 -17.71 34.18
N ALA A 98 -45.52 -18.17 35.40
CA ALA A 98 -46.52 -17.52 36.21
C ALA A 98 -46.11 -16.09 36.55
N GLN A 99 -44.83 -15.87 36.86
CA GLN A 99 -44.37 -14.54 37.20
C GLN A 99 -44.54 -13.57 36.04
N VAL A 100 -44.21 -14.02 34.83
CA VAL A 100 -44.37 -13.16 33.67
C VAL A 100 -45.84 -12.81 33.46
N LYS A 101 -46.73 -13.79 33.63
CA LYS A 101 -48.16 -13.53 33.47
C LYS A 101 -48.63 -12.47 34.45
N GLN A 102 -48.27 -12.62 35.73
CA GLN A 102 -48.71 -11.64 36.73
C GLN A 102 -48.13 -10.28 36.45
N LEU A 103 -46.84 -10.20 36.13
CA LEU A 103 -46.22 -8.92 35.87
C LEU A 103 -46.80 -8.26 34.62
N ASN A 104 -47.29 -9.06 33.68
CA ASN A 104 -47.90 -8.50 32.49
C ASN A 104 -49.29 -7.94 32.75
N ASN A 105 -50.04 -8.53 33.68
CA ASN A 105 -51.43 -8.16 33.86
C ASN A 105 -51.63 -6.90 34.69
N GLN A 106 -50.61 -6.43 35.40
CA GLN A 106 -50.76 -5.23 36.19
C GLN A 106 -50.92 -4.00 35.28
N PRO A 107 -51.59 -2.96 35.75
CA PRO A 107 -51.79 -1.77 34.91
C PRO A 107 -50.47 -1.07 34.63
N TRP A 108 -50.38 -0.48 33.44
CA TRP A 108 -49.23 0.33 33.04
C TRP A 108 -49.71 1.75 32.83
N GLN A 109 -49.07 2.71 33.51
CA GLN A 109 -49.52 4.09 33.49
C GLN A 109 -48.35 5.01 33.26
N THR A 110 -48.66 6.21 32.77
CA THR A 110 -47.63 7.20 32.53
C THR A 110 -46.99 7.64 33.84
N ILE A 111 -45.73 8.03 33.76
CA ILE A 111 -44.95 8.44 34.91
C ILE A 111 -44.49 9.87 34.68
N LYS A 112 -44.77 10.75 35.64
CA LYS A 112 -44.42 12.15 35.53
C LYS A 112 -43.62 12.57 36.75
N ASN A 113 -42.53 13.30 36.52
CA ASN A 113 -41.69 13.80 37.59
C ASN A 113 -41.29 15.23 37.28
N THR A 114 -41.03 16.00 38.33
CA THR A 114 -40.66 17.40 38.20
C THR A 114 -39.31 17.64 38.83
N LEU A 115 -38.51 18.46 38.18
CA LEU A 115 -37.16 18.79 38.64
C LEU A 115 -36.95 20.29 38.56
N THR A 116 -36.34 20.86 39.59
CA THR A 116 -36.09 22.29 39.65
C THR A 116 -34.61 22.56 39.84
N HIS A 117 -34.10 23.56 39.13
CA HIS A 117 -32.70 23.89 39.22
C HIS A 117 -32.48 25.30 38.69
N ASN A 118 -31.83 26.14 39.49
CA ASN A 118 -31.49 27.50 39.09
C ASN A 118 -32.70 28.28 38.62
N GLY A 119 -33.80 28.13 39.35
CA GLY A 119 -35.00 28.87 38.99
C GLY A 119 -35.66 28.40 37.72
N HIS A 120 -35.37 27.18 37.29
CA HIS A 120 -36.01 26.59 36.13
C HIS A 120 -36.72 25.32 36.52
N HIS A 121 -37.84 25.06 35.86
CA HIS A 121 -38.66 23.89 36.13
C HIS A 121 -38.66 23.00 34.91
N TYR A 122 -38.25 21.75 35.09
CA TYR A 122 -38.22 20.75 34.05
C TYR A 122 -39.18 19.63 34.41
N THR A 123 -39.73 18.98 33.39
CA THR A 123 -40.64 17.88 33.58
C THR A 123 -40.15 16.69 32.77
N ASN A 124 -40.13 15.52 33.39
CA ASN A 124 -39.79 14.28 32.72
C ASN A 124 -41.03 13.41 32.65
N THR A 125 -41.32 12.89 31.46
CA THR A 125 -42.50 12.07 31.24
C THR A 125 -42.09 10.78 30.58
N GLN A 126 -42.58 9.68 31.12
CA GLN A 126 -42.43 8.36 30.52
C GLN A 126 -43.81 7.87 30.11
N LEU A 127 -44.02 7.71 28.82
CA LEU A 127 -45.32 7.28 28.31
C LEU A 127 -45.23 5.83 27.85
N PRO A 128 -45.93 4.91 28.51
CA PRO A 128 -45.84 3.51 28.11
C PRO A 128 -46.55 3.27 26.80
N ALA A 129 -46.23 2.13 26.19
CA ALA A 129 -46.85 1.79 24.91
C ALA A 129 -48.35 1.67 25.01
N ALA A 130 -48.86 1.25 26.16
CA ALA A 130 -50.31 1.11 26.30
C ALA A 130 -51.02 2.44 26.39
N GLU A 131 -50.31 3.54 26.49
CA GLU A 131 -50.92 4.85 26.62
C GLU A 131 -50.84 5.69 25.36
N MET A 132 -50.08 5.25 24.35
CA MET A 132 -50.03 5.98 23.09
C MET A 132 -51.34 5.75 22.36
N LYS A 133 -52.26 6.69 22.48
CA LYS A 133 -53.58 6.49 21.90
C LYS A 133 -54.10 7.77 21.30
N ILE A 134 -54.77 7.63 20.15
CA ILE A 134 -55.58 8.68 19.57
C ILE A 134 -57.02 8.19 19.56
N GLY A 135 -57.90 8.94 20.18
CA GLY A 135 -59.26 8.46 20.39
C GLY A 135 -59.41 7.80 21.77
N ALA A 136 -59.65 6.49 21.77
CA ALA A 136 -59.84 5.78 23.02
C ALA A 136 -59.14 4.43 23.06
N LYS A 137 -58.38 4.06 22.05
CA LYS A 137 -57.67 2.80 22.01
C LYS A 137 -56.23 3.05 21.59
N ASP A 138 -55.33 2.22 22.09
CA ASP A 138 -53.94 2.34 21.71
C ASP A 138 -53.78 2.09 20.22
N ILE A 139 -52.82 2.78 19.62
CA ILE A 139 -52.68 2.74 18.17
C ILE A 139 -52.22 1.39 17.67
N PHE A 140 -51.63 0.56 18.52
CA PHE A 140 -51.05 -0.68 18.05
C PHE A 140 -52.12 -1.68 17.61
N PRO A 141 -51.83 -2.47 16.59
CA PRO A 141 -52.84 -3.39 16.05
C PRO A 141 -53.29 -4.41 17.08
N SER A 142 -52.34 -5.17 17.62
CA SER A 142 -52.63 -6.10 18.70
C SER A 142 -52.75 -5.27 19.97
N ALA A 143 -53.98 -5.01 20.39
CA ALA A 143 -54.23 -4.03 21.44
C ALA A 143 -53.61 -4.47 22.77
N TYR A 144 -53.15 -3.49 23.54
CA TYR A 144 -52.60 -3.74 24.86
C TYR A 144 -53.66 -3.81 25.94
N GLU A 145 -54.76 -3.07 25.78
CA GLU A 145 -55.86 -3.04 26.76
C GLU A 145 -55.37 -2.62 28.15
N GLY A 146 -54.47 -1.65 28.19
CA GLY A 146 -53.99 -1.12 29.45
C GLY A 146 -52.94 -1.96 30.14
N LYS A 147 -52.53 -3.08 29.55
CA LYS A 147 -51.51 -3.95 30.10
C LYS A 147 -50.25 -3.84 29.24
N GLY A 148 -49.19 -4.47 29.71
CA GLY A 148 -47.92 -4.35 29.01
C GLY A 148 -47.17 -5.65 28.83
N VAL A 149 -45.94 -5.54 28.34
CA VAL A 149 -45.04 -6.67 28.16
C VAL A 149 -43.80 -6.42 29.00
N CYS A 150 -43.39 -7.41 29.77
CA CYS A 150 -42.23 -7.26 30.64
C CYS A 150 -40.97 -7.67 29.91
N SER A 151 -39.83 -7.35 30.54
CA SER A 151 -38.55 -7.69 29.95
C SER A 151 -38.25 -9.19 30.02
N TRP A 152 -38.96 -9.91 30.88
CA TRP A 152 -38.75 -11.35 31.01
C TRP A 152 -39.60 -12.17 30.06
N ASP A 153 -40.55 -11.55 29.35
CA ASP A 153 -41.38 -12.26 28.38
C ASP A 153 -40.58 -12.39 27.08
N THR A 154 -39.73 -13.41 27.04
CA THR A 154 -38.78 -13.58 25.96
C THR A 154 -39.31 -14.45 24.83
N LYS A 155 -40.53 -14.96 24.93
CA LYS A 155 -41.11 -15.78 23.88
C LYS A 155 -42.25 -15.09 23.16
N ASN A 156 -42.49 -13.81 23.45
CA ASN A 156 -43.55 -13.07 22.76
C ASN A 156 -43.10 -12.73 21.35
N ILE A 157 -43.98 -12.97 20.39
CA ILE A 157 -43.70 -12.69 18.98
C ILE A 157 -44.59 -11.59 18.42
N HIS A 158 -45.47 -11.02 19.22
CA HIS A 158 -46.41 -10.02 18.75
C HIS A 158 -46.11 -8.61 19.21
N HIS A 159 -45.35 -8.44 20.29
CA HIS A 159 -45.16 -7.14 20.90
C HIS A 159 -43.69 -6.87 21.15
N ALA A 160 -43.31 -5.60 21.09
CA ALA A 160 -42.01 -5.20 21.56
C ALA A 160 -41.99 -5.22 23.08
N ASN A 161 -40.83 -5.56 23.64
CA ASN A 161 -40.79 -5.90 25.05
C ASN A 161 -41.17 -4.77 25.98
N ASN A 162 -40.33 -3.74 26.07
CA ASN A 162 -40.47 -2.73 27.11
C ASN A 162 -40.41 -1.37 26.45
N LEU A 163 -41.53 -0.93 25.90
CA LEU A 163 -41.57 0.22 25.00
C LEU A 163 -42.06 1.44 25.73
N TRP A 164 -41.25 2.49 25.77
CA TRP A 164 -41.63 3.74 26.41
C TRP A 164 -41.21 4.89 25.51
N MET A 165 -41.91 6.01 25.65
CA MET A 165 -41.53 7.25 25.01
C MET A 165 -41.10 8.24 26.08
N SER A 166 -39.87 8.71 26.00
CA SER A 166 -39.25 9.51 27.04
C SER A 166 -39.14 10.96 26.60
N THR A 167 -39.60 11.88 27.44
CA THR A 167 -39.64 13.29 27.07
C THR A 167 -39.14 14.14 28.23
N VAL A 168 -38.38 15.18 27.90
CA VAL A 168 -38.00 16.20 28.87
C VAL A 168 -38.32 17.56 28.31
N SER A 169 -38.99 18.39 29.11
CA SER A 169 -39.41 19.71 28.67
C SER A 169 -39.23 20.70 29.80
N VAL A 170 -39.14 21.97 29.43
CA VAL A 170 -38.95 23.06 30.38
C VAL A 170 -40.13 23.99 30.30
N HIS A 171 -40.57 24.49 31.45
CA HIS A 171 -41.71 25.39 31.50
C HIS A 171 -41.23 26.83 31.33
N GLU A 172 -41.72 27.48 30.29
CA GLU A 172 -41.38 28.87 30.03
C GLU A 172 -42.59 29.61 29.48
N ASP A 173 -42.80 30.83 29.97
CA ASP A 173 -43.83 31.73 29.45
C ASP A 173 -45.20 31.07 29.47
N GLY A 174 -45.50 30.37 30.56
CA GLY A 174 -46.77 29.67 30.66
C GLY A 174 -46.92 28.55 29.67
N LYS A 175 -45.84 28.11 29.05
CA LYS A 175 -45.88 27.06 28.05
C LYS A 175 -44.83 26.01 28.40
N ASP A 176 -44.88 24.90 27.68
CA ASP A 176 -43.96 23.78 27.87
C ASP A 176 -43.24 23.54 26.55
N LYS A 177 -42.00 24.00 26.45
CA LYS A 177 -41.20 23.77 25.27
C LYS A 177 -40.49 22.43 25.40
N THR A 178 -40.71 21.55 24.43
CA THR A 178 -40.10 20.23 24.47
C THR A 178 -38.63 20.32 24.12
N LEU A 179 -37.79 19.78 24.99
CA LEU A 179 -36.35 19.80 24.76
C LEU A 179 -35.82 18.51 24.16
N PHE A 180 -36.45 17.37 24.45
CA PHE A 180 -35.97 16.12 23.89
C PHE A 180 -37.08 15.08 23.98
N CYS A 181 -37.14 14.22 22.96
CA CYS A 181 -38.12 13.14 22.94
C CYS A 181 -37.53 11.95 22.20
N GLY A 182 -37.62 10.77 22.80
CA GLY A 182 -37.01 9.59 22.22
C GLY A 182 -37.77 8.34 22.57
N ILE A 183 -37.35 7.21 22.00
CA ILE A 183 -38.01 5.93 22.17
C ILE A 183 -37.02 4.95 22.76
N ARG A 184 -37.40 4.33 23.88
CA ARG A 184 -36.57 3.32 24.52
C ARG A 184 -37.31 2.01 24.56
N HIS A 185 -36.62 0.93 24.22
CA HIS A 185 -37.28 -0.37 24.15
C HIS A 185 -36.29 -1.47 24.51
N GLY A 186 -36.80 -2.69 24.58
CA GLY A 186 -35.95 -3.85 24.72
C GLY A 186 -35.39 -4.27 23.38
N VAL A 187 -34.65 -5.38 23.40
CA VAL A 187 -34.03 -5.85 22.17
C VAL A 187 -35.10 -6.40 21.24
N LEU A 188 -34.79 -6.39 19.94
CA LEU A 188 -35.75 -6.73 18.92
C LEU A 188 -35.75 -8.21 18.57
N SER A 189 -35.13 -9.05 19.35
CA SER A 189 -35.19 -10.44 18.97
C SER A 189 -35.78 -11.29 20.08
N PRO A 190 -36.67 -12.22 19.75
CA PRO A 190 -37.11 -13.20 20.75
C PRO A 190 -35.98 -14.15 21.07
N TYR A 191 -35.69 -14.31 22.35
CA TYR A 191 -34.46 -14.98 22.74
C TYR A 191 -34.55 -16.47 22.45
N HIS A 192 -35.54 -17.11 23.06
CA HIS A 192 -35.58 -18.54 23.22
C HIS A 192 -36.46 -19.23 22.20
N GLU A 193 -36.92 -18.52 21.18
CA GLU A 193 -37.55 -19.18 20.05
C GLU A 193 -36.52 -20.03 19.34
N LYS A 194 -36.88 -21.28 19.07
CA LYS A 194 -35.94 -22.22 18.48
C LYS A 194 -35.98 -22.20 16.95
N ASP A 195 -37.17 -22.08 16.39
CA ASP A 195 -37.30 -22.06 14.94
C ASP A 195 -36.71 -20.78 14.39
N PRO A 196 -35.69 -20.86 13.52
CA PRO A 196 -35.16 -19.62 12.92
C PRO A 196 -36.19 -18.83 12.15
N LEU A 197 -37.16 -19.52 11.55
CA LEU A 197 -38.20 -18.81 10.81
C LEU A 197 -39.06 -17.95 11.75
N LEU A 198 -39.50 -18.52 12.86
CA LEU A 198 -40.26 -17.73 13.81
C LEU A 198 -39.40 -16.67 14.46
N ARG A 199 -38.10 -16.92 14.62
CA ARG A 199 -37.22 -15.90 15.15
C ARG A 199 -37.19 -14.67 14.24
N HIS A 200 -36.99 -14.88 12.95
CA HIS A 200 -36.94 -13.76 12.04
C HIS A 200 -38.29 -13.05 11.97
N VAL A 201 -39.38 -13.80 11.95
CA VAL A 201 -40.69 -13.18 11.87
C VAL A 201 -40.98 -12.36 13.11
N GLY A 202 -40.64 -12.89 14.28
CA GLY A 202 -40.86 -12.14 15.50
C GLY A 202 -40.06 -10.86 15.55
N ALA A 203 -38.82 -10.91 15.07
CA ALA A 203 -38.01 -9.68 15.02
C ALA A 203 -38.66 -8.66 14.11
N GLU A 204 -39.24 -9.10 13.00
CA GLU A 204 -39.92 -8.19 12.09
C GLU A 204 -41.07 -7.48 12.80
N ASN A 205 -41.91 -8.24 13.49
CA ASN A 205 -43.08 -7.63 14.12
C ASN A 205 -42.66 -6.63 15.19
N LYS A 206 -41.65 -6.97 15.99
CA LYS A 206 -41.20 -6.04 17.01
C LYS A 206 -40.67 -4.76 16.39
N ALA A 207 -39.88 -4.88 15.32
CA ALA A 207 -39.34 -3.68 14.68
C ALA A 207 -40.45 -2.81 14.14
N LYS A 208 -41.48 -3.42 13.55
CA LYS A 208 -42.59 -2.63 13.05
C LYS A 208 -43.27 -1.88 14.18
N GLU A 209 -43.34 -2.48 15.35
CA GLU A 209 -43.96 -1.80 16.49
C GLU A 209 -43.16 -0.58 16.91
N VAL A 210 -41.84 -0.69 16.91
CA VAL A 210 -41.01 0.47 17.23
C VAL A 210 -41.24 1.57 16.21
N LEU A 211 -41.34 1.21 14.94
CA LEU A 211 -41.61 2.20 13.91
C LEU A 211 -42.94 2.90 14.15
N THR A 212 -43.96 2.14 14.56
CA THR A 212 -45.24 2.75 14.85
C THR A 212 -45.13 3.76 15.97
N ALA A 213 -44.40 3.42 17.03
CA ALA A 213 -44.23 4.36 18.13
C ALA A 213 -43.49 5.61 17.68
N ALA A 214 -42.46 5.44 16.86
CA ALA A 214 -41.70 6.59 16.40
C ALA A 214 -42.57 7.53 15.58
N LEU A 215 -43.44 6.97 14.74
CA LEU A 215 -44.35 7.80 13.96
C LEU A 215 -45.27 8.59 14.87
N PHE A 216 -45.71 7.98 15.96
CA PHE A 216 -46.58 8.67 16.90
C PHE A 216 -45.90 9.85 17.57
N SER A 217 -44.57 9.86 17.62
CA SER A 217 -43.86 10.97 18.25
C SER A 217 -43.95 12.26 17.45
N LYS A 218 -44.33 12.18 16.18
CA LYS A 218 -44.41 13.36 15.32
C LYS A 218 -45.84 13.52 14.84
N PRO A 219 -46.65 14.32 15.53
CA PRO A 219 -48.07 14.41 15.19
C PRO A 219 -48.34 14.86 13.77
N GLU A 220 -47.52 15.78 13.24
CA GLU A 220 -47.76 16.25 11.88
C GLU A 220 -47.58 15.13 10.86
N LEU A 221 -46.54 14.32 11.02
CA LEU A 221 -46.35 13.18 10.14
C LEU A 221 -47.48 12.19 10.31
N LEU A 222 -47.92 11.97 11.55
CA LEU A 222 -49.01 11.04 11.77
C LEU A 222 -50.28 11.49 11.08
N ASN A 223 -50.57 12.79 11.13
CA ASN A 223 -51.77 13.29 10.46
C ASN A 223 -51.67 13.13 8.96
N LYS A 224 -50.50 13.43 8.38
CA LYS A 224 -50.33 13.26 6.95
C LYS A 224 -50.53 11.81 6.54
N ALA A 225 -49.93 10.89 7.29
CA ALA A 225 -50.07 9.47 6.95
C ALA A 225 -51.51 9.03 7.09
N LEU A 226 -52.22 9.52 8.10
CA LEU A 226 -53.63 9.17 8.25
C LEU A 226 -54.48 9.79 7.15
N ALA A 227 -53.98 10.81 6.47
CA ALA A 227 -54.71 11.41 5.36
C ALA A 227 -54.53 10.65 4.06
N GLY A 228 -53.74 9.58 4.05
CA GLY A 228 -53.56 8.77 2.86
C GLY A 228 -52.32 9.05 2.05
N GLU A 229 -51.39 9.82 2.57
CA GLU A 229 -50.18 10.19 1.84
C GLU A 229 -48.98 9.43 2.38
N ALA A 230 -48.14 8.92 1.48
CA ALA A 230 -46.94 8.24 1.90
C ALA A 230 -45.99 9.20 2.61
N VAL A 231 -45.38 8.73 3.68
CA VAL A 231 -44.61 9.58 4.58
C VAL A 231 -43.20 9.03 4.73
N SER A 232 -42.21 9.90 4.68
CA SER A 232 -40.82 9.53 4.87
C SER A 232 -40.44 9.71 6.34
N LEU A 233 -39.75 8.72 6.90
CA LEU A 233 -39.40 8.74 8.31
C LEU A 233 -37.93 8.38 8.48
N LYS A 234 -37.24 9.13 9.32
CA LYS A 234 -35.82 8.92 9.59
C LYS A 234 -35.63 8.54 11.04
N LEU A 235 -34.89 7.45 11.27
CA LEU A 235 -34.75 6.90 12.61
C LEU A 235 -33.30 6.53 12.86
N VAL A 236 -32.83 6.82 14.06
CA VAL A 236 -31.47 6.47 14.47
C VAL A 236 -31.59 5.53 15.66
N SER A 237 -31.11 4.30 15.49
CA SER A 237 -31.22 3.28 16.51
C SER A 237 -29.84 2.98 17.09
N VAL A 238 -29.75 2.95 18.42
CA VAL A 238 -28.50 2.72 19.11
C VAL A 238 -28.67 1.52 20.02
N GLY A 239 -27.88 0.48 19.78
CA GLY A 239 -27.88 -0.71 20.61
C GLY A 239 -26.73 -0.65 21.59
N LEU A 240 -26.95 -1.21 22.78
CA LEU A 240 -25.97 -1.15 23.86
C LEU A 240 -25.52 -2.53 24.29
N LEU A 241 -25.47 -3.48 23.37
CA LEU A 241 -25.06 -4.84 23.67
C LEU A 241 -23.60 -5.05 23.30
N THR A 242 -22.96 -6.01 23.97
CA THR A 242 -21.52 -6.20 23.81
C THR A 242 -21.14 -7.04 22.59
N ALA A 243 -22.07 -7.80 22.01
CA ALA A 243 -21.84 -8.48 20.75
C ALA A 243 -20.71 -9.52 20.85
N SER A 244 -20.83 -10.42 21.81
CA SER A 244 -19.96 -11.58 21.88
C SER A 244 -20.75 -12.72 22.49
N ASN A 245 -20.55 -13.92 21.97
CA ASN A 245 -21.31 -15.08 22.41
C ASN A 245 -20.64 -15.84 23.53
N ILE A 246 -19.52 -15.32 24.06
CA ILE A 246 -18.74 -16.08 25.02
C ILE A 246 -19.54 -16.33 26.30
N PHE A 247 -20.24 -15.32 26.79
CA PHE A 247 -20.87 -15.41 28.11
C PHE A 247 -22.38 -15.54 28.06
N GLY A 248 -23.08 -14.78 27.22
CA GLY A 248 -24.52 -14.78 27.34
C GLY A 248 -25.36 -14.67 26.08
N LYS A 249 -24.83 -15.09 24.93
CA LYS A 249 -25.57 -15.10 23.68
C LYS A 249 -26.04 -13.70 23.28
N GLU A 250 -25.27 -12.68 23.64
CA GLU A 250 -25.59 -11.34 23.17
C GLU A 250 -25.11 -11.11 21.76
N GLY A 251 -24.26 -11.98 21.22
CA GLY A 251 -23.87 -11.85 19.84
C GLY A 251 -25.03 -12.07 18.89
N THR A 252 -25.64 -13.26 18.96
CA THR A 252 -26.71 -13.57 18.04
C THR A 252 -27.86 -12.59 18.18
N MET A 253 -28.02 -12.03 19.38
CA MET A 253 -29.02 -11.01 19.60
C MET A 253 -28.80 -9.84 18.65
N VAL A 254 -27.54 -9.44 18.48
CA VAL A 254 -27.20 -8.29 17.65
C VAL A 254 -27.50 -8.58 16.18
N GLU A 255 -27.05 -9.72 15.65
CA GLU A 255 -27.35 -9.99 14.25
C GLU A 255 -28.84 -10.10 14.02
N ASP A 256 -29.60 -10.61 14.98
CA ASP A 256 -31.04 -10.63 14.79
C ASP A 256 -31.60 -9.22 14.66
N GLN A 257 -31.15 -8.29 15.49
CA GLN A 257 -31.65 -6.92 15.39
C GLN A 257 -31.24 -6.27 14.08
N MET A 258 -29.96 -6.42 13.70
CA MET A 258 -29.50 -5.80 12.46
C MET A 258 -30.22 -6.37 11.26
N ARG A 259 -30.47 -7.68 11.26
CA ARG A 259 -31.19 -8.28 10.15
C ARG A 259 -32.60 -7.73 10.05
N ALA A 260 -33.26 -7.50 11.19
CA ALA A 260 -34.60 -6.96 11.15
C ALA A 260 -34.63 -5.57 10.54
N TRP A 261 -33.69 -4.71 10.93
CA TRP A 261 -33.67 -3.37 10.35
C TRP A 261 -33.41 -3.44 8.86
N GLN A 262 -32.51 -4.32 8.42
CA GLN A 262 -32.23 -4.43 7.00
C GLN A 262 -33.47 -4.86 6.23
N SER A 263 -34.24 -5.79 6.77
CA SER A 263 -35.42 -6.24 6.05
C SER A 263 -36.48 -5.17 5.93
N LEU A 264 -36.53 -4.22 6.85
CA LEU A 264 -37.51 -3.15 6.70
C LEU A 264 -37.02 -2.01 5.81
N THR A 265 -35.72 -1.85 5.63
CA THR A 265 -35.19 -0.77 4.80
C THR A 265 -34.60 -1.30 3.50
N GLN A 266 -35.23 -2.29 2.93
CA GLN A 266 -34.82 -2.77 1.62
C GLN A 266 -35.10 -1.70 0.58
N PRO A 267 -34.16 -1.38 -0.30
CA PRO A 267 -34.31 -0.22 -1.17
C PRO A 267 -35.53 -0.36 -2.08
N GLY A 268 -36.26 0.74 -2.23
CA GLY A 268 -37.44 0.75 -3.05
C GLY A 268 -38.63 0.03 -2.48
N LYS A 269 -38.52 -0.52 -1.28
CA LYS A 269 -39.58 -1.28 -0.65
C LYS A 269 -40.38 -0.36 0.25
N MET A 270 -41.67 -0.22 -0.01
CA MET A 270 -42.51 0.63 0.80
C MET A 270 -43.23 -0.19 1.85
N ILE A 271 -43.26 0.33 3.08
CA ILE A 271 -43.72 -0.42 4.25
C ILE A 271 -45.15 -0.05 4.55
N HIS A 272 -45.96 -1.05 4.89
CA HIS A 272 -47.35 -0.86 5.24
C HIS A 272 -47.54 -1.14 6.73
N LEU A 273 -48.13 -0.19 7.44
CA LEU A 273 -48.38 -0.33 8.86
C LEU A 273 -49.87 -0.24 9.15
N LYS A 274 -50.29 -0.92 10.20
CA LYS A 274 -51.67 -0.88 10.65
C LYS A 274 -51.77 0.01 11.88
N ILE A 275 -52.73 0.92 11.89
CA ILE A 275 -52.88 1.90 12.96
C ILE A 275 -54.35 2.04 13.29
N ARG A 276 -54.67 2.09 14.57
CA ARG A 276 -56.04 2.35 15.01
C ARG A 276 -56.31 3.84 14.93
N ASN A 277 -57.22 4.23 14.05
CA ASN A 277 -57.52 5.64 13.90
C ASN A 277 -58.35 6.13 15.08
N LYS A 278 -58.80 7.38 14.99
CA LYS A 278 -59.59 7.95 16.08
C LYS A 278 -60.95 7.28 16.22
N ASP A 279 -61.36 6.47 15.26
CA ASP A 279 -62.63 5.76 15.33
C ASP A 279 -62.47 4.32 15.77
N GLY A 280 -61.27 3.92 16.20
CA GLY A 280 -61.06 2.57 16.64
C GLY A 280 -61.05 1.54 15.53
N ASP A 281 -60.78 1.96 14.30
CA ASP A 281 -60.77 1.08 13.14
C ASP A 281 -59.36 0.97 12.61
N LEU A 282 -58.94 -0.25 12.30
CA LEU A 282 -57.62 -0.46 11.72
C LEU A 282 -57.55 0.21 10.37
N GLN A 283 -56.46 0.92 10.12
CA GLN A 283 -56.25 1.64 8.88
C GLN A 283 -54.80 1.46 8.47
N THR A 284 -54.57 1.33 7.16
CA THR A 284 -53.24 1.07 6.63
C THR A 284 -52.58 2.37 6.18
N VAL A 285 -51.33 2.56 6.57
CA VAL A 285 -50.56 3.73 6.18
C VAL A 285 -49.29 3.26 5.50
N LYS A 286 -48.69 4.14 4.71
CA LYS A 286 -47.52 3.83 3.92
C LYS A 286 -46.33 4.66 4.38
N ILE A 287 -45.24 3.99 4.69
CA ILE A 287 -44.05 4.62 5.25
C ILE A 287 -42.86 4.34 4.35
N LYS A 288 -42.00 5.32 4.19
CA LYS A 288 -40.71 5.17 3.54
C LYS A 288 -39.63 5.28 4.59
N PRO A 289 -39.25 4.17 5.22
CA PRO A 289 -38.35 4.25 6.37
C PRO A 289 -36.92 4.50 5.95
N ASP A 290 -36.13 4.95 6.91
CA ASP A 290 -34.70 5.14 6.71
C ASP A 290 -34.04 5.02 8.06
N VAL A 291 -33.32 3.93 8.30
CA VAL A 291 -32.82 3.60 9.63
C VAL A 291 -31.30 3.54 9.58
N ALA A 292 -30.66 4.20 10.53
CA ALA A 292 -29.23 4.07 10.78
C ALA A 292 -29.07 3.30 12.07
N ALA A 293 -28.51 2.10 11.99
CA ALA A 293 -28.44 1.20 13.12
C ALA A 293 -27.03 1.13 13.66
N PHE A 294 -26.88 1.33 14.97
CA PHE A 294 -25.60 1.34 15.65
C PHE A 294 -25.59 0.30 16.75
N ASN A 295 -24.38 -0.05 17.19
CA ASN A 295 -24.18 -0.85 18.39
C ASN A 295 -22.86 -0.44 19.00
N VAL A 296 -22.83 -0.21 20.30
CA VAL A 296 -21.60 0.31 20.91
C VAL A 296 -21.06 -0.60 21.99
N GLY A 297 -21.85 -0.91 23.01
CA GLY A 297 -21.34 -1.73 24.09
C GLY A 297 -20.74 -0.87 25.18
N VAL A 298 -21.29 -0.93 26.37
CA VAL A 298 -20.90 -0.02 27.44
C VAL A 298 -20.65 -0.80 28.73
N ASN A 299 -20.46 -2.10 28.61
CA ASN A 299 -20.19 -2.93 29.76
C ASN A 299 -18.70 -2.90 30.11
N GLU A 300 -18.38 -3.51 31.26
CA GLU A 300 -16.99 -3.83 31.55
C GLU A 300 -16.47 -4.87 30.58
N LEU A 301 -17.33 -5.79 30.17
CA LEU A 301 -16.92 -6.82 29.22
C LEU A 301 -16.47 -6.22 27.90
N ALA A 302 -16.94 -5.03 27.58
CA ALA A 302 -16.55 -4.41 26.33
C ALA A 302 -15.51 -3.32 26.50
N LEU A 303 -15.43 -2.69 27.66
CA LEU A 303 -14.56 -1.55 27.84
C LEU A 303 -13.26 -1.90 28.56
N LYS A 304 -13.32 -2.78 29.56
CA LYS A 304 -12.11 -3.13 30.28
C LYS A 304 -11.32 -4.19 29.54
N LEU A 305 -11.91 -5.35 29.32
CA LEU A 305 -11.21 -6.42 28.62
C LEU A 305 -11.53 -6.47 27.14
N GLY A 306 -12.70 -6.03 26.72
CA GLY A 306 -12.90 -5.70 25.33
C GLY A 306 -13.43 -6.85 24.50
N PHE A 307 -14.73 -6.86 24.26
CA PHE A 307 -15.39 -7.93 23.53
C PHE A 307 -16.21 -7.35 22.40
N GLY A 308 -16.12 -7.96 21.23
CA GLY A 308 -16.99 -7.56 20.14
C GLY A 308 -16.75 -6.17 19.61
N LEU A 309 -15.63 -5.56 19.94
CA LEU A 309 -15.32 -4.26 19.36
C LEU A 309 -15.21 -4.35 17.85
N LYS A 310 -14.52 -5.37 17.36
CA LYS A 310 -14.38 -5.55 15.93
C LYS A 310 -15.70 -5.89 15.28
N ALA A 311 -16.52 -6.71 15.95
CA ALA A 311 -17.81 -7.09 15.37
C ALA A 311 -18.72 -5.89 15.22
N SER A 312 -18.78 -5.04 16.24
CA SER A 312 -19.69 -3.91 16.19
C SER A 312 -19.24 -2.86 15.22
N ASP A 313 -17.92 -2.64 15.11
CA ASP A 313 -17.45 -1.56 14.26
C ASP A 313 -17.79 -1.77 12.80
N SER A 314 -18.01 -3.01 12.38
CA SER A 314 -18.43 -3.24 11.00
C SER A 314 -19.81 -2.64 10.76
N TYR A 315 -20.70 -2.74 11.74
CA TYR A 315 -22.01 -2.08 11.62
C TYR A 315 -21.88 -0.58 11.73
N ASN A 316 -21.07 -0.10 12.68
CA ASN A 316 -21.01 1.32 12.93
C ASN A 316 -20.44 2.08 11.74
N ALA A 317 -19.54 1.48 10.98
CA ALA A 317 -18.98 2.16 9.83
C ALA A 317 -20.06 2.48 8.81
N GLU A 318 -20.92 1.53 8.52
CA GLU A 318 -22.00 1.77 7.57
C GLU A 318 -22.93 2.85 8.07
N ALA A 319 -23.28 2.80 9.34
CA ALA A 319 -24.23 3.77 9.87
C ALA A 319 -23.65 5.18 9.84
N LEU A 320 -22.38 5.35 10.16
CA LEU A 320 -21.79 6.68 10.09
C LEU A 320 -21.78 7.21 8.67
N HIS A 321 -21.47 6.37 7.69
CA HIS A 321 -21.52 6.83 6.32
C HIS A 321 -22.91 7.27 5.95
N GLN A 322 -23.91 6.60 6.49
CA GLN A 322 -25.29 6.98 6.25
C GLN A 322 -25.64 8.30 6.92
N LEU A 323 -25.02 8.59 8.05
CA LEU A 323 -25.41 9.74 8.85
C LEU A 323 -24.58 10.98 8.55
N LEU A 324 -23.30 10.82 8.22
CA LEU A 324 -22.42 11.96 8.04
C LEU A 324 -21.79 12.03 6.66
N GLY A 325 -21.93 11.02 5.83
CA GLY A 325 -21.35 11.05 4.50
C GLY A 325 -20.11 10.20 4.40
N ASN A 326 -19.46 10.31 3.25
CA ASN A 326 -18.32 9.46 2.95
C ASN A 326 -16.99 10.00 3.42
N ASP A 327 -16.96 11.23 3.93
CA ASP A 327 -15.73 11.83 4.44
C ASP A 327 -15.88 12.04 5.93
N LEU A 328 -15.07 11.33 6.71
CA LEU A 328 -15.18 11.37 8.16
C LEU A 328 -14.01 12.10 8.82
N ARG A 329 -13.24 12.85 8.05
CA ARG A 329 -12.20 13.65 8.66
C ARG A 329 -12.81 14.73 9.53
N PRO A 330 -12.28 14.96 10.73
CA PRO A 330 -12.94 15.88 11.65
C PRO A 330 -13.05 17.29 11.13
N GLU A 331 -12.21 17.70 10.20
CA GLU A 331 -12.22 19.07 9.70
C GLU A 331 -13.03 19.24 8.42
N ALA A 332 -13.55 18.15 7.85
CA ALA A 332 -14.29 18.25 6.61
C ALA A 332 -15.68 18.81 6.86
N ARG A 333 -16.46 18.94 5.79
CA ARG A 333 -17.81 19.43 6.04
C ARG A 333 -18.80 18.28 6.11
N PRO A 334 -19.80 18.37 6.96
CA PRO A 334 -20.72 17.26 7.14
C PRO A 334 -21.51 16.96 5.87
N GLY A 335 -21.81 15.68 5.68
CA GLY A 335 -22.64 15.25 4.58
C GLY A 335 -23.75 14.36 5.08
N GLY A 336 -24.35 13.54 4.21
CA GLY A 336 -25.37 12.65 4.69
C GLY A 336 -26.58 13.39 5.21
N TRP A 337 -27.23 12.82 6.21
CA TRP A 337 -28.42 13.44 6.78
C TRP A 337 -28.10 14.79 7.39
N VAL A 338 -26.95 14.90 8.06
CA VAL A 338 -26.57 16.15 8.67
C VAL A 338 -26.40 17.22 7.60
N GLY A 339 -25.76 16.87 6.50
CA GLY A 339 -25.61 17.82 5.42
C GLY A 339 -26.93 18.28 4.86
N GLU A 340 -27.87 17.36 4.68
CA GLU A 340 -29.18 17.75 4.17
C GLU A 340 -29.89 18.69 5.12
N TRP A 341 -29.79 18.43 6.42
CA TRP A 341 -30.42 19.34 7.38
C TRP A 341 -29.78 20.71 7.33
N LEU A 342 -28.45 20.77 7.26
CA LEU A 342 -27.78 22.06 7.27
C LEU A 342 -28.04 22.85 6.00
N ALA A 343 -28.34 22.17 4.90
CA ALA A 343 -28.57 22.87 3.65
C ALA A 343 -29.81 23.74 3.69
N GLN A 344 -30.68 23.56 4.67
CA GLN A 344 -31.83 24.43 4.84
C GLN A 344 -31.50 25.72 5.58
N TYR A 345 -30.27 25.87 6.03
CA TYR A 345 -29.84 27.03 6.81
C TYR A 345 -30.74 27.25 8.03
N PRO A 346 -30.75 26.33 8.98
CA PRO A 346 -31.55 26.51 10.17
C PRO A 346 -30.81 27.34 11.21
N ASP A 347 -31.56 27.88 12.14
CA ASP A 347 -30.97 28.63 13.23
C ASP A 347 -30.38 27.73 14.29
N ASN A 348 -30.20 26.46 13.94
CA ASN A 348 -29.71 25.42 14.84
C ASN A 348 -28.27 25.05 14.53
N TYR A 349 -27.62 25.77 13.62
CA TYR A 349 -26.40 25.27 13.01
C TYR A 349 -25.27 25.11 14.01
N GLU A 350 -25.23 25.96 15.03
CA GLU A 350 -24.11 25.93 15.97
C GLU A 350 -24.01 24.59 16.68
N VAL A 351 -25.12 24.14 17.26
CA VAL A 351 -25.11 22.90 18.02
C VAL A 351 -24.82 21.73 17.11
N VAL A 352 -25.42 21.71 15.93
CA VAL A 352 -25.25 20.59 15.02
C VAL A 352 -23.79 20.46 14.61
N ASN A 353 -23.15 21.57 14.27
CA ASN A 353 -21.75 21.50 13.86
C ASN A 353 -20.86 20.99 14.97
N THR A 354 -21.10 21.44 16.20
CA THR A 354 -20.30 20.98 17.32
C THR A 354 -20.44 19.49 17.54
N LEU A 355 -21.67 18.99 17.53
CA LEU A 355 -21.89 17.57 17.77
C LEU A 355 -21.24 16.72 16.69
N ALA A 356 -21.37 17.13 15.43
CA ALA A 356 -20.77 16.35 14.35
C ALA A 356 -19.26 16.31 14.49
N ARG A 357 -18.65 17.43 14.85
CA ARG A 357 -17.19 17.45 15.01
C ARG A 357 -16.75 16.52 16.12
N GLN A 358 -17.45 16.55 17.26
CA GLN A 358 -17.05 15.71 18.38
C GLN A 358 -17.18 14.24 18.03
N ILE A 359 -18.23 13.87 17.32
CA ILE A 359 -18.43 12.47 16.97
C ILE A 359 -17.29 11.98 16.07
N LYS A 360 -16.90 12.79 15.10
CA LYS A 360 -15.78 12.40 14.25
C LYS A 360 -14.49 12.26 15.06
N ASP A 361 -14.28 13.14 16.04
CA ASP A 361 -13.10 13.03 16.88
C ASP A 361 -13.06 11.70 17.62
N ILE A 362 -14.18 11.34 18.25
CA ILE A 362 -14.24 10.09 19.00
C ILE A 362 -13.97 8.93 18.07
N TRP A 363 -14.57 8.95 16.89
CA TRP A 363 -14.40 7.85 15.96
C TRP A 363 -12.95 7.74 15.50
N LYS A 364 -12.29 8.88 15.33
CA LYS A 364 -10.93 8.86 14.79
C LYS A 364 -9.96 8.22 15.78
N ASN A 365 -10.03 8.59 17.05
CA ASN A 365 -9.10 8.09 18.03
C ASN A 365 -9.57 6.81 18.71
N ASN A 366 -10.71 6.27 18.30
CA ASN A 366 -11.28 5.09 18.93
C ASN A 366 -11.51 5.29 20.41
N GLN A 367 -11.86 6.51 20.81
CA GLN A 367 -12.05 6.79 22.22
C GLN A 367 -13.20 6.01 22.81
N HIS A 368 -14.12 5.50 22.00
CA HIS A 368 -15.23 4.74 22.55
C HIS A 368 -14.82 3.34 22.96
N HIS A 369 -13.61 2.91 22.65
CA HIS A 369 -13.15 1.60 23.09
C HIS A 369 -12.73 1.57 24.54
N LYS A 370 -12.46 2.73 25.13
CA LYS A 370 -12.15 2.85 26.54
C LYS A 370 -13.18 3.76 27.19
N ASP A 371 -13.16 3.84 28.51
CA ASP A 371 -14.03 4.78 29.22
C ASP A 371 -13.14 5.81 29.90
N GLY A 372 -12.79 6.85 29.16
CA GLY A 372 -11.99 7.91 29.75
C GLY A 372 -12.78 8.71 30.75
N GLY A 373 -13.33 8.04 31.75
CA GLY A 373 -14.13 8.68 32.76
C GLY A 373 -15.62 8.67 32.51
N GLU A 374 -16.05 8.43 31.27
CA GLU A 374 -17.48 8.36 31.02
C GLU A 374 -17.77 7.49 29.80
N PRO A 375 -18.47 6.37 30.01
CA PRO A 375 -18.51 5.32 28.99
C PRO A 375 -19.54 5.54 27.90
N TYR A 376 -20.52 6.41 28.10
CA TYR A 376 -21.55 6.64 27.10
C TYR A 376 -21.21 7.75 26.15
N LYS A 377 -19.92 8.00 25.90
CA LYS A 377 -19.53 9.20 25.18
C LYS A 377 -20.07 9.20 23.75
N LEU A 378 -20.07 8.05 23.08
CA LEU A 378 -20.53 8.02 21.71
C LEU A 378 -22.03 7.84 21.61
N ALA A 379 -22.61 6.97 22.42
CA ALA A 379 -24.05 6.73 22.34
C ALA A 379 -24.83 8.00 22.64
N GLN A 380 -24.42 8.72 23.69
CA GLN A 380 -25.17 9.89 24.10
C GLN A 380 -25.17 10.96 23.01
N ARG A 381 -24.04 11.18 22.37
CA ARG A 381 -23.99 12.20 21.33
C ARG A 381 -24.75 11.78 20.09
N LEU A 382 -24.76 10.48 19.76
CA LEU A 382 -25.54 10.04 18.62
C LEU A 382 -27.01 10.33 18.82
N ALA A 383 -27.54 10.07 20.01
CA ALA A 383 -28.94 10.34 20.25
C ALA A 383 -29.23 11.84 20.21
N MET A 384 -28.37 12.65 20.81
CA MET A 384 -28.62 14.08 20.81
C MET A 384 -28.57 14.64 19.40
N LEU A 385 -27.61 14.19 18.59
CA LEU A 385 -27.53 14.67 17.22
C LEU A 385 -28.76 14.29 16.44
N ALA A 386 -29.27 13.08 16.64
CA ALA A 386 -30.44 12.64 15.90
C ALA A 386 -31.64 13.52 16.18
N HIS A 387 -31.81 13.93 17.43
CA HIS A 387 -32.92 14.82 17.74
C HIS A 387 -32.75 16.19 17.12
N GLU A 388 -31.51 16.66 17.00
CA GLU A 388 -31.29 18.00 16.45
C GLU A 388 -31.70 18.10 14.99
N ILE A 389 -31.41 17.06 14.20
CA ILE A 389 -31.62 17.13 12.77
C ILE A 389 -32.98 16.56 12.41
N ASP A 390 -33.86 16.49 13.40
CA ASP A 390 -35.25 16.13 13.23
C ASP A 390 -35.48 14.68 12.87
N ALA A 391 -34.54 13.80 13.21
CA ALA A 391 -34.79 12.37 13.12
C ALA A 391 -35.43 11.93 14.42
N VAL A 392 -35.62 10.62 14.59
CA VAL A 392 -36.16 10.08 15.83
C VAL A 392 -35.08 9.21 16.48
N PRO A 393 -34.65 9.50 17.69
CA PRO A 393 -33.68 8.65 18.37
C PRO A 393 -34.34 7.52 19.14
N ALA A 394 -33.76 6.33 19.01
CA ALA A 394 -34.24 5.17 19.73
C ALA A 394 -33.06 4.35 20.21
N TRP A 395 -33.12 3.86 21.44
CA TRP A 395 -32.03 3.07 21.99
C TRP A 395 -32.59 1.90 22.79
N ASN A 396 -31.80 0.85 22.89
CA ASN A 396 -32.27 -0.37 23.54
C ASN A 396 -31.14 -1.10 24.23
N CYS A 397 -31.52 -1.98 25.13
CA CYS A 397 -30.63 -2.86 25.85
C CYS A 397 -31.13 -4.29 25.71
N LYS A 398 -30.54 -5.21 26.45
CA LYS A 398 -31.04 -6.58 26.48
C LYS A 398 -32.47 -6.61 27.00
N SER A 399 -32.70 -6.00 28.16
CA SER A 399 -34.01 -5.99 28.76
C SER A 399 -34.68 -4.63 28.72
N GLY A 400 -33.92 -3.57 28.47
CA GLY A 400 -34.51 -2.27 28.32
C GLY A 400 -34.75 -1.51 29.60
N LYS A 401 -34.09 -1.88 30.70
CA LYS A 401 -34.25 -1.15 31.94
C LYS A 401 -32.96 -0.78 32.65
N ASP A 402 -31.86 -1.50 32.45
CA ASP A 402 -30.65 -1.18 33.19
C ASP A 402 -29.72 -0.25 32.41
N ARG A 403 -29.17 -0.74 31.31
CA ARG A 403 -28.32 0.12 30.51
C ARG A 403 -29.13 1.17 29.79
N THR A 404 -30.35 0.82 29.39
CA THR A 404 -31.25 1.80 28.82
C THR A 404 -31.54 2.91 29.81
N GLY A 405 -31.80 2.56 31.06
CA GLY A 405 -32.05 3.58 32.06
C GLY A 405 -30.87 4.49 32.28
N MET A 406 -29.67 3.93 32.30
CA MET A 406 -28.50 4.76 32.50
C MET A 406 -28.30 5.73 31.34
N MET A 407 -28.49 5.27 30.11
CA MET A 407 -28.35 6.19 28.99
C MET A 407 -29.43 7.25 29.00
N ASP A 408 -30.63 6.89 29.44
CA ASP A 408 -31.68 7.88 29.60
C ASP A 408 -31.23 8.99 30.52
N SER A 409 -30.63 8.64 31.66
CA SER A 409 -30.19 9.66 32.60
C SER A 409 -29.08 10.51 32.02
N GLU A 410 -28.15 9.89 31.28
CA GLU A 410 -27.06 10.66 30.71
C GLU A 410 -27.57 11.71 29.74
N ILE A 411 -28.51 11.33 28.87
CA ILE A 411 -29.03 12.27 27.89
C ILE A 411 -29.74 13.42 28.59
N LYS A 412 -30.58 13.10 29.57
CA LYS A 412 -31.31 14.15 30.27
C LYS A 412 -30.37 15.14 30.93
N ARG A 413 -29.29 14.63 31.54
CA ARG A 413 -28.35 15.53 32.20
C ARG A 413 -27.73 16.47 31.20
N GLU A 414 -27.32 15.97 30.04
CA GLU A 414 -26.68 16.84 29.07
C GLU A 414 -27.64 17.84 28.47
N ILE A 415 -28.87 17.44 28.19
CA ILE A 415 -29.85 18.37 27.64
C ILE A 415 -30.10 19.51 28.63
N ILE A 416 -30.30 19.17 29.90
CA ILE A 416 -30.55 20.20 30.89
C ILE A 416 -29.36 21.13 31.01
N SER A 417 -28.16 20.56 31.03
CA SER A 417 -26.97 21.40 31.12
C SER A 417 -26.84 22.31 29.92
N LEU A 418 -27.15 21.81 28.73
CA LEU A 418 -27.04 22.63 27.53
C LEU A 418 -28.11 23.70 27.48
N HIS A 419 -29.29 23.43 28.03
CA HIS A 419 -30.41 24.36 27.89
C HIS A 419 -30.11 25.72 28.50
N GLN A 420 -29.14 25.80 29.38
CA GLN A 420 -28.81 27.05 30.01
C GLN A 420 -27.84 27.87 29.16
N THR A 421 -28.06 27.80 27.84
CA THR A 421 -27.38 28.56 26.79
C THR A 421 -25.90 28.26 26.72
N HIS A 422 -25.48 27.16 27.34
CA HIS A 422 -24.08 26.83 27.42
C HIS A 422 -23.59 26.26 26.10
N MET A 423 -22.42 25.67 26.17
CA MET A 423 -21.90 24.81 25.11
C MET A 423 -21.92 23.37 25.56
N LEU A 424 -21.44 22.49 24.69
CA LEU A 424 -21.34 21.08 25.06
C LEU A 424 -19.99 20.79 25.69
N SER A 425 -19.98 19.80 26.57
CA SER A 425 -18.75 19.41 27.23
C SER A 425 -17.86 18.62 26.28
N ALA A 426 -16.61 18.54 26.59
CA ALA A 426 -15.68 17.82 25.74
C ALA A 426 -15.81 16.32 25.96
N PRO A 427 -15.49 15.51 24.95
CA PRO A 427 -15.60 14.06 25.10
C PRO A 427 -14.66 13.54 26.18
N GLY A 428 -15.14 12.53 26.90
CA GLY A 428 -14.33 11.86 27.91
C GLY A 428 -13.86 12.76 29.03
N SER A 429 -14.76 13.58 29.57
CA SER A 429 -14.43 14.48 30.65
C SER A 429 -15.43 14.32 31.78
N LEU A 430 -14.92 14.33 33.01
CA LEU A 430 -15.78 14.22 34.17
C LEU A 430 -16.63 15.49 34.32
N PRO A 431 -17.85 15.37 34.82
CA PRO A 431 -18.66 16.56 35.07
C PRO A 431 -18.06 17.39 36.19
N ASP A 432 -18.28 18.70 36.10
CA ASP A 432 -17.81 19.62 37.13
C ASP A 432 -18.77 19.59 38.31
N SER A 433 -18.63 20.54 39.23
CA SER A 433 -19.48 20.57 40.41
C SER A 433 -20.94 20.77 40.04
N GLY A 434 -21.22 21.78 39.22
CA GLY A 434 -22.60 22.03 38.81
C GLY A 434 -23.19 20.88 38.01
N GLY A 435 -22.40 20.32 37.10
CA GLY A 435 -22.86 19.17 36.37
C GLY A 435 -23.14 17.98 37.27
N GLN A 436 -22.33 17.80 38.30
CA GLN A 436 -22.57 16.71 39.23
C GLN A 436 -23.88 16.91 39.98
N LYS A 437 -24.18 18.15 40.37
CA LYS A 437 -25.45 18.41 41.03
C LYS A 437 -26.62 18.11 40.09
N ILE A 438 -26.49 18.49 38.82
CA ILE A 438 -27.53 18.18 37.84
C ILE A 438 -27.71 16.67 37.73
N PHE A 439 -26.59 15.95 37.62
CA PHE A 439 -26.65 14.50 37.42
C PHE A 439 -27.28 13.81 38.62
N GLN A 440 -26.93 14.26 39.83
CA GLN A 440 -27.52 13.67 41.03
C GLN A 440 -29.03 13.86 41.06
N LYS A 441 -29.49 15.06 40.72
CA LYS A 441 -30.93 15.30 40.71
C LYS A 441 -31.63 14.46 39.65
N VAL A 442 -31.01 14.34 38.48
CA VAL A 442 -31.64 13.60 37.38
C VAL A 442 -31.79 12.13 37.74
N LEU A 443 -30.73 11.53 38.30
CA LEU A 443 -30.73 10.09 38.52
C LEU A 443 -31.85 9.66 39.44
N LEU A 444 -32.27 10.53 40.36
CA LEU A 444 -33.33 10.19 41.30
C LEU A 444 -34.69 10.69 40.85
N ASN A 445 -34.74 11.82 40.16
CA ASN A 445 -36.00 12.44 39.77
C ASN A 445 -36.41 12.10 38.35
N SER A 446 -35.68 11.24 37.66
CA SER A 446 -36.18 10.70 36.42
C SER A 446 -37.11 9.52 36.72
N GLY A 447 -37.82 9.07 35.69
CA GLY A 447 -38.75 8.00 35.93
C GLY A 447 -38.17 6.62 35.94
N ASN A 448 -36.84 6.49 35.96
CA ASN A 448 -36.22 5.17 35.81
C ASN A 448 -36.56 4.27 36.97
N LEU A 449 -36.57 4.80 38.20
CA LEU A 449 -36.83 3.95 39.35
C LEU A 449 -38.21 3.31 39.28
N GLU A 450 -39.22 4.08 38.85
CA GLU A 450 -40.56 3.53 38.71
C GLU A 450 -40.62 2.49 37.59
N ILE A 451 -39.90 2.72 36.49
CA ILE A 451 -39.81 1.72 35.44
C ILE A 451 -39.23 0.43 35.99
N GLN A 452 -38.17 0.56 36.80
CA GLN A 452 -37.55 -0.61 37.39
C GLN A 452 -38.55 -1.39 38.23
N LYS A 453 -39.26 -0.69 39.12
CA LYS A 453 -40.22 -1.35 39.98
C LYS A 453 -41.36 -1.97 39.19
N GLN A 454 -41.86 -1.24 38.19
CA GLN A 454 -42.95 -1.76 37.38
C GLN A 454 -42.54 -3.03 36.66
N ASN A 455 -41.33 -3.04 36.11
CA ASN A 455 -40.88 -4.15 35.28
C ASN A 455 -40.37 -5.33 36.09
N THR A 456 -40.06 -5.14 37.34
CA THR A 456 -39.42 -6.18 38.13
C THR A 456 -40.08 -6.44 39.48
N GLY A 457 -40.52 -5.39 40.16
CA GLY A 457 -40.98 -5.49 41.53
C GLY A 457 -40.07 -4.81 42.53
N GLY A 458 -38.86 -4.42 42.12
CA GLY A 458 -37.97 -3.69 43.00
C GLY A 458 -37.17 -2.67 42.21
N ALA A 459 -36.85 -1.57 42.89
CA ALA A 459 -36.11 -0.48 42.27
C ALA A 459 -34.61 -0.75 42.35
N GLY A 460 -33.91 -0.43 41.28
CA GLY A 460 -32.47 -0.63 41.26
C GLY A 460 -31.93 -0.49 39.86
N ASN A 461 -30.63 -0.76 39.75
CA ASN A 461 -29.96 -0.75 38.45
C ASN A 461 -28.79 -1.72 38.50
N LYS A 462 -28.70 -2.59 37.50
CA LYS A 462 -27.66 -3.60 37.46
C LYS A 462 -26.34 -3.07 36.94
N VAL A 463 -26.29 -1.81 36.48
CA VAL A 463 -25.06 -1.24 35.98
C VAL A 463 -24.08 -0.92 37.10
N MET A 464 -24.56 -0.82 38.34
CA MET A 464 -23.74 -0.44 39.48
C MET A 464 -23.26 -1.74 40.15
N LYS A 465 -21.99 -2.08 39.99
CA LYS A 465 -21.53 -3.41 40.37
C LYS A 465 -20.46 -3.42 41.46
N ASN A 466 -19.39 -2.63 41.31
CA ASN A 466 -18.27 -2.64 42.26
C ASN A 466 -17.61 -4.03 42.32
N LEU A 467 -16.97 -4.38 41.21
CA LEU A 467 -16.28 -5.66 41.08
C LEU A 467 -15.06 -5.72 42.00
N SER A 468 -14.56 -6.94 42.21
CA SER A 468 -13.51 -7.15 43.20
C SER A 468 -12.13 -6.67 42.73
N PRO A 469 -11.69 -6.95 41.49
CA PRO A 469 -10.43 -6.32 41.04
C PRO A 469 -10.72 -4.91 40.56
N GLU A 470 -10.15 -3.92 41.24
CA GLU A 470 -10.60 -2.54 41.11
C GLU A 470 -10.44 -2.00 39.70
N VAL A 471 -9.61 -2.62 38.86
CA VAL A 471 -9.41 -2.13 37.51
C VAL A 471 -10.54 -2.53 36.58
N LEU A 472 -11.53 -3.28 37.07
CA LEU A 472 -12.66 -3.70 36.25
C LEU A 472 -13.92 -2.89 36.52
N ASN A 473 -13.82 -1.74 37.16
CA ASN A 473 -14.98 -0.92 37.46
C ASN A 473 -15.11 0.22 36.44
N LEU A 474 -16.34 0.65 36.22
CA LEU A 474 -16.67 1.59 35.16
C LEU A 474 -16.56 3.05 35.58
N SER A 475 -16.20 3.32 36.83
CA SER A 475 -15.97 4.68 37.30
C SER A 475 -17.24 5.54 37.24
N TYR A 476 -18.27 5.10 37.93
CA TYR A 476 -19.39 5.97 38.23
C TYR A 476 -19.30 6.62 39.60
N GLN A 477 -18.39 6.13 40.46
CA GLN A 477 -18.15 6.81 41.72
C GLN A 477 -17.71 8.25 41.49
N LYS A 478 -16.95 8.50 40.43
CA LYS A 478 -16.48 9.85 40.16
C LYS A 478 -17.53 10.69 39.45
N ARG A 479 -18.25 10.09 38.50
CA ARG A 479 -19.29 10.84 37.80
C ARG A 479 -20.42 11.22 38.75
N VAL A 480 -20.80 10.31 39.62
CA VAL A 480 -21.80 10.61 40.67
C VAL A 480 -21.02 10.86 41.94
N GLY A 481 -20.68 12.12 42.19
CA GLY A 481 -19.86 12.45 43.33
C GLY A 481 -20.58 12.37 44.66
N ASP A 482 -21.15 11.22 44.98
CA ASP A 482 -21.87 11.03 46.23
C ASP A 482 -22.01 9.54 46.49
N GLU A 483 -21.54 9.08 47.64
CA GLU A 483 -21.66 7.66 47.96
C GLU A 483 -23.10 7.27 48.21
N ASN A 484 -23.84 8.08 48.95
CA ASN A 484 -25.20 7.71 49.31
C ASN A 484 -26.11 7.67 48.09
N ILE A 485 -25.96 8.63 47.18
CA ILE A 485 -26.77 8.64 45.97
C ILE A 485 -26.43 7.45 45.09
N TRP A 486 -25.14 7.13 44.98
CA TRP A 486 -24.73 5.95 44.22
C TRP A 486 -25.34 4.69 44.81
N GLN A 487 -25.33 4.57 46.14
CA GLN A 487 -25.96 3.42 46.76
C GLN A 487 -27.47 3.46 46.63
N SER A 488 -28.06 4.63 46.38
CA SER A 488 -29.51 4.71 46.23
C SER A 488 -29.94 4.32 44.83
N VAL A 489 -29.15 4.66 43.82
CA VAL A 489 -29.47 4.24 42.45
C VAL A 489 -29.45 2.73 42.34
N LYS A 490 -28.44 2.09 42.89
CA LYS A 490 -28.39 0.63 42.98
C LYS A 490 -29.23 0.23 44.18
N GLY A 491 -30.49 -0.11 43.94
CA GLY A 491 -31.39 -0.37 45.03
C GLY A 491 -31.42 -1.82 45.44
N ILE A 492 -32.48 -2.53 45.09
CA ILE A 492 -32.66 -3.93 45.44
C ILE A 492 -32.11 -4.74 44.27
N SER A 493 -31.37 -4.07 43.39
CA SER A 493 -30.95 -4.68 42.13
C SER A 493 -30.16 -5.95 42.34
N SER A 494 -29.47 -6.09 43.47
CA SER A 494 -28.66 -7.27 43.72
C SER A 494 -29.47 -8.44 44.27
N LEU A 495 -30.75 -8.25 44.57
CA LEU A 495 -31.60 -9.30 45.11
C LEU A 495 -32.57 -9.85 44.08
N ILE A 496 -32.31 -9.63 42.79
CA ILE A 496 -33.24 -9.99 41.74
C ILE A 496 -32.59 -11.01 40.82
N THR A 497 -31.77 -11.90 41.39
CA THR A 497 -31.21 -12.96 40.58
C THR A 497 -32.34 -13.80 40.01
N SER A 498 -32.60 -13.66 38.71
CA SER A 498 -33.75 -14.29 38.08
C SER A 498 -33.63 -14.23 36.56
N GLN B 1 -39.61 -34.45 -53.58
CA GLN B 1 -39.05 -33.14 -53.31
C GLN B 1 -39.21 -32.78 -51.83
N HIS B 2 -39.41 -33.80 -51.00
CA HIS B 2 -39.68 -33.57 -49.59
C HIS B 2 -38.89 -34.44 -48.63
N GLN B 3 -38.09 -35.40 -49.11
CA GLN B 3 -37.27 -36.23 -48.25
C GLN B 3 -36.11 -35.38 -47.73
N LYS B 4 -36.40 -34.63 -46.67
CA LYS B 4 -35.45 -33.65 -46.15
C LYS B 4 -34.19 -34.34 -45.66
N ALA B 5 -33.05 -33.69 -45.87
CA ALA B 5 -31.78 -34.18 -45.35
C ALA B 5 -31.73 -34.01 -43.84
N SER B 6 -30.93 -34.85 -43.19
CA SER B 6 -30.69 -34.68 -41.76
C SER B 6 -30.03 -33.34 -41.48
N ASN B 7 -29.04 -32.98 -42.29
CA ASN B 7 -28.45 -31.65 -42.29
C ASN B 7 -28.36 -31.19 -43.74
N HIS B 8 -28.49 -29.87 -43.95
CA HIS B 8 -28.42 -29.27 -45.28
C HIS B 8 -29.49 -29.87 -46.20
N SER B 9 -30.74 -29.56 -45.88
CA SER B 9 -31.85 -29.95 -46.74
C SER B 9 -31.65 -29.38 -48.14
N LEU B 10 -32.11 -30.13 -49.14
CA LEU B 10 -31.85 -29.76 -50.53
C LEU B 10 -32.41 -28.40 -50.88
N HIS B 11 -33.57 -28.04 -50.32
CA HIS B 11 -34.20 -26.78 -50.68
C HIS B 11 -33.37 -25.58 -50.24
N ASN B 12 -32.69 -25.69 -49.11
CA ASN B 12 -31.84 -24.59 -48.65
C ASN B 12 -30.73 -24.31 -49.65
N LEU B 13 -30.02 -25.34 -50.06
CA LEU B 13 -29.02 -25.17 -51.11
C LEU B 13 -29.67 -24.63 -52.37
N TYR B 14 -30.77 -25.27 -52.79
CA TYR B 14 -31.58 -24.88 -53.95
C TYR B 14 -31.71 -23.37 -54.05
N ASN B 15 -31.98 -22.71 -52.93
CA ASN B 15 -32.03 -21.25 -52.93
C ASN B 15 -30.63 -20.66 -53.06
N LEU B 16 -29.64 -21.29 -52.43
CA LEU B 16 -28.31 -20.69 -52.37
C LEU B 16 -27.68 -20.54 -53.75
N GLN B 17 -27.74 -21.60 -54.57
CA GLN B 17 -27.11 -21.49 -55.89
C GLN B 17 -27.81 -20.45 -56.74
N ARG B 18 -29.13 -20.34 -56.63
CA ARG B 18 -29.84 -19.33 -57.42
C ARG B 18 -29.36 -17.92 -57.08
N ASP B 19 -29.17 -17.64 -55.80
CA ASP B 19 -28.70 -16.31 -55.42
C ASP B 19 -27.30 -16.03 -56.00
N LEU B 20 -26.40 -16.99 -55.85
CA LEU B 20 -25.05 -16.80 -56.39
C LEU B 20 -25.07 -16.66 -57.90
N LEU B 21 -25.86 -17.48 -58.58
CA LEU B 21 -25.95 -17.39 -60.03
C LEU B 21 -26.51 -16.05 -60.47
N THR B 22 -27.49 -15.53 -59.73
CA THR B 22 -28.06 -14.24 -60.09
C THR B 22 -27.00 -13.13 -60.00
N VAL B 23 -26.17 -13.17 -58.96
CA VAL B 23 -25.10 -12.19 -58.85
C VAL B 23 -24.13 -12.30 -60.02
N ALA B 24 -23.73 -13.53 -60.35
CA ALA B 24 -22.82 -13.72 -61.48
C ALA B 24 -23.45 -13.25 -62.78
N ALA B 25 -24.74 -13.54 -62.97
CA ALA B 25 -25.42 -13.08 -64.16
C ALA B 25 -25.46 -11.56 -64.22
N THR B 26 -25.65 -10.91 -63.07
CA THR B 26 -25.68 -9.45 -63.05
C THR B 26 -24.35 -8.86 -63.51
N VAL B 27 -23.24 -9.37 -62.97
CA VAL B 27 -21.94 -8.81 -63.33
C VAL B 27 -21.62 -9.10 -64.79
N LEU B 28 -21.95 -10.29 -65.27
CA LEU B 28 -21.66 -10.61 -66.66
C LEU B 28 -22.65 -9.97 -67.61
N GLY B 29 -23.95 -10.14 -67.36
CA GLY B 29 -24.96 -9.56 -68.23
C GLY B 29 -25.95 -10.55 -68.80
N LYS B 30 -26.07 -11.72 -68.17
CA LYS B 30 -27.05 -12.73 -68.55
C LYS B 30 -26.90 -13.15 -70.02
N GLN B 31 -25.65 -13.28 -70.47
CA GLN B 31 -25.37 -13.65 -71.85
C GLN B 31 -24.52 -14.90 -72.00
N ASP B 32 -23.77 -15.30 -70.99
CA ASP B 32 -22.89 -16.45 -71.10
C ASP B 32 -23.72 -17.73 -71.13
N PRO B 33 -23.63 -18.53 -72.19
CA PRO B 33 -24.31 -19.84 -72.19
C PRO B 33 -23.79 -20.78 -71.13
N VAL B 34 -22.56 -20.60 -70.66
CA VAL B 34 -22.03 -21.44 -69.59
C VAL B 34 -22.88 -21.31 -68.34
N LEU B 35 -23.22 -20.07 -67.99
CA LEU B 35 -24.13 -19.83 -66.87
C LEU B 35 -25.46 -20.55 -67.11
N THR B 36 -25.98 -20.47 -68.32
CA THR B 36 -27.20 -21.19 -68.65
C THR B 36 -27.01 -22.69 -68.52
N SER B 37 -25.79 -23.18 -68.73
CA SER B 37 -25.55 -24.62 -68.67
C SER B 37 -25.87 -25.18 -67.29
N MET B 38 -25.15 -24.72 -66.27
CA MET B 38 -25.47 -25.24 -64.95
C MET B 38 -26.76 -24.66 -64.40
N ALA B 39 -27.25 -23.55 -64.96
CA ALA B 39 -28.59 -23.08 -64.60
C ALA B 39 -29.65 -24.08 -65.04
N ASN B 40 -29.50 -24.63 -66.25
CA ASN B 40 -30.43 -25.66 -66.72
C ASN B 40 -30.34 -26.91 -65.88
N GLN B 41 -29.11 -27.34 -65.53
CA GLN B 41 -28.98 -28.47 -64.62
C GLN B 41 -29.59 -28.17 -63.27
N MET B 42 -29.49 -26.90 -62.82
CA MET B 42 -30.12 -26.50 -61.58
C MET B 42 -31.64 -26.61 -61.68
N GLU B 43 -32.21 -26.19 -62.81
CA GLU B 43 -33.64 -26.33 -63.02
C GLU B 43 -34.04 -27.79 -63.09
N LEU B 44 -33.15 -28.64 -63.62
CA LEU B 44 -33.38 -30.08 -63.59
C LEU B 44 -33.43 -30.59 -62.16
N ALA B 45 -32.50 -30.12 -61.32
CA ALA B 45 -32.49 -30.51 -59.92
C ALA B 45 -33.66 -29.90 -59.15
N LYS B 46 -34.31 -28.89 -59.71
CA LYS B 46 -35.45 -28.27 -59.03
C LYS B 46 -36.57 -29.26 -58.80
N VAL B 47 -36.91 -30.06 -59.83
CA VAL B 47 -37.98 -31.04 -59.71
C VAL B 47 -37.52 -32.33 -59.09
N LYS B 48 -36.22 -32.52 -58.88
CA LYS B 48 -35.72 -33.75 -58.30
C LYS B 48 -36.18 -33.90 -56.85
N ALA B 49 -36.36 -35.14 -56.44
CA ALA B 49 -36.80 -35.42 -55.07
C ALA B 49 -35.73 -35.04 -54.06
N ASP B 50 -36.17 -34.57 -52.90
CA ASP B 50 -35.26 -34.20 -51.83
C ASP B 50 -34.49 -35.43 -51.36
N ARG B 51 -33.26 -35.20 -50.95
CA ARG B 51 -32.33 -36.26 -50.60
C ARG B 51 -31.53 -35.84 -49.37
N PRO B 52 -30.95 -36.80 -48.65
CA PRO B 52 -29.93 -36.46 -47.65
C PRO B 52 -28.76 -35.77 -48.32
N ALA B 53 -28.13 -34.86 -47.58
CA ALA B 53 -27.05 -34.07 -48.16
C ALA B 53 -25.83 -34.94 -48.39
N THR B 54 -25.70 -35.47 -49.60
CA THR B 54 -24.52 -36.24 -49.94
C THR B 54 -23.30 -35.33 -49.98
N LYS B 55 -22.13 -35.94 -49.77
CA LYS B 55 -20.90 -35.16 -49.77
C LYS B 55 -20.67 -34.45 -51.09
N GLN B 56 -21.15 -35.03 -52.20
CA GLN B 56 -21.02 -34.36 -53.50
C GLN B 56 -21.83 -33.07 -53.53
N GLU B 57 -23.06 -33.11 -53.04
CA GLU B 57 -23.90 -31.92 -53.04
C GLU B 57 -23.28 -30.83 -52.18
N GLU B 58 -22.82 -31.19 -50.98
CA GLU B 58 -22.22 -30.20 -50.10
C GLU B 58 -20.95 -29.62 -50.69
N ALA B 59 -20.10 -30.48 -51.27
CA ALA B 59 -18.86 -30.01 -51.87
C ALA B 59 -19.14 -29.10 -53.06
N ALA B 60 -20.10 -29.47 -53.91
CA ALA B 60 -20.41 -28.65 -55.07
C ALA B 60 -20.92 -27.28 -54.65
N ALA B 61 -21.81 -27.24 -53.66
CA ALA B 61 -22.31 -25.96 -53.18
C ALA B 61 -21.19 -25.16 -52.52
N LYS B 62 -20.33 -25.83 -51.76
CA LYS B 62 -19.27 -25.12 -51.05
C LYS B 62 -18.27 -24.47 -51.99
N ALA B 63 -17.94 -25.14 -53.10
CA ALA B 63 -16.93 -24.64 -54.02
C ALA B 63 -17.51 -23.81 -55.16
N LEU B 64 -18.83 -23.62 -55.20
CA LEU B 64 -19.44 -22.91 -56.32
C LEU B 64 -18.96 -21.48 -56.41
N LYS B 65 -18.83 -20.79 -55.27
CA LYS B 65 -18.43 -19.39 -55.28
C LYS B 65 -17.02 -19.24 -55.84
N LYS B 66 -16.11 -20.12 -55.43
CA LYS B 66 -14.75 -20.05 -55.96
C LYS B 66 -14.72 -20.28 -57.46
N ASN B 67 -15.51 -21.24 -57.95
CA ASN B 67 -15.57 -21.49 -59.39
C ASN B 67 -16.08 -20.27 -60.13
N LEU B 68 -17.09 -19.60 -59.58
CA LEU B 68 -17.63 -18.41 -60.23
C LEU B 68 -16.60 -17.30 -60.31
N ILE B 69 -15.81 -17.14 -59.24
CA ILE B 69 -14.75 -16.13 -59.27
C ILE B 69 -13.73 -16.45 -60.36
N GLU B 70 -13.35 -17.72 -60.47
CA GLU B 70 -12.40 -18.12 -61.50
C GLU B 70 -12.97 -17.86 -62.89
N LEU B 71 -14.26 -18.14 -63.10
CA LEU B 71 -14.87 -17.88 -64.39
C LEU B 71 -14.84 -16.40 -64.73
N ILE B 72 -15.14 -15.55 -63.75
CA ILE B 72 -15.11 -14.11 -63.99
C ILE B 72 -13.70 -13.65 -64.35
N ALA B 73 -12.69 -14.18 -63.67
CA ALA B 73 -11.32 -13.82 -63.99
C ALA B 73 -10.96 -14.23 -65.41
N ALA B 74 -11.38 -15.42 -65.83
CA ALA B 74 -11.12 -15.86 -67.19
C ALA B 74 -11.78 -14.95 -68.21
N ARG B 75 -13.04 -14.58 -67.97
CA ARG B 75 -13.72 -13.65 -68.86
C ARG B 75 -13.00 -12.31 -68.91
N THR B 76 -12.52 -11.85 -67.75
CA THR B 76 -11.81 -10.58 -67.70
C THR B 76 -10.52 -10.63 -68.52
N GLN B 77 -9.76 -11.72 -68.38
CA GLN B 77 -8.51 -11.84 -69.12
C GLN B 77 -8.75 -11.89 -70.62
N GLN B 78 -9.78 -12.63 -71.05
CA GLN B 78 -10.09 -12.71 -72.47
C GLN B 78 -10.50 -11.34 -73.01
N GLN B 79 -11.36 -10.63 -72.27
CA GLN B 79 -11.78 -9.31 -72.72
C GLN B 79 -10.64 -8.31 -72.65
N ASP B 80 -9.87 -8.34 -71.56
CA ASP B 80 -8.73 -7.44 -71.39
C ASP B 80 -7.57 -8.22 -70.80
N GLY B 81 -6.46 -8.25 -71.50
CA GLY B 81 -5.31 -9.01 -71.04
C GLY B 81 -4.73 -8.43 -69.76
N LEU B 82 -4.94 -9.11 -68.65
CA LEU B 82 -4.42 -8.71 -67.35
C LEU B 82 -3.73 -9.91 -66.72
N PRO B 83 -2.76 -9.67 -65.84
CA PRO B 83 -2.14 -10.78 -65.11
C PRO B 83 -3.14 -11.47 -64.20
N ALA B 84 -2.82 -12.71 -63.84
CA ALA B 84 -3.75 -13.52 -63.05
C ALA B 84 -4.02 -12.88 -61.70
N LYS B 85 -2.99 -12.35 -61.04
CA LYS B 85 -3.17 -11.74 -59.73
C LYS B 85 -4.09 -10.52 -59.80
N GLU B 86 -3.86 -9.64 -60.78
CA GLU B 86 -4.67 -8.44 -60.91
C GLU B 86 -6.11 -8.79 -61.25
N ALA B 87 -6.31 -9.73 -62.19
CA ALA B 87 -7.66 -10.12 -62.57
C ALA B 87 -8.39 -10.76 -61.39
N HIS B 88 -7.70 -11.62 -60.65
CA HIS B 88 -8.33 -12.28 -59.51
C HIS B 88 -8.75 -11.28 -58.45
N ARG B 89 -7.88 -10.33 -58.12
CA ARG B 89 -8.22 -9.33 -57.12
C ARG B 89 -9.39 -8.48 -57.57
N PHE B 90 -9.37 -8.03 -58.82
CA PHE B 90 -10.46 -7.20 -59.33
C PHE B 90 -11.77 -7.97 -59.36
N ALA B 91 -11.72 -9.24 -59.78
CA ALA B 91 -12.94 -10.05 -59.86
C ALA B 91 -13.56 -10.24 -58.49
N ALA B 92 -12.75 -10.50 -57.47
CA ALA B 92 -13.29 -10.69 -56.13
C ALA B 92 -13.98 -9.43 -55.63
N VAL B 93 -13.37 -8.27 -55.85
CA VAL B 93 -13.98 -7.02 -55.39
C VAL B 93 -15.30 -6.77 -56.12
N ALA B 94 -15.31 -6.97 -57.43
CA ALA B 94 -16.53 -6.74 -58.19
C ALA B 94 -17.65 -7.68 -57.78
N PHE B 95 -17.31 -8.96 -57.54
CA PHE B 95 -18.33 -9.93 -57.15
C PHE B 95 -18.95 -9.58 -55.80
N ARG B 96 -18.11 -9.21 -54.83
CA ARG B 96 -18.64 -8.82 -53.53
C ARG B 96 -19.52 -7.60 -53.63
N ASP B 97 -19.12 -6.63 -54.44
CA ASP B 97 -19.93 -5.42 -54.59
C ASP B 97 -21.29 -5.74 -55.16
N ALA B 98 -21.35 -6.59 -56.18
CA ALA B 98 -22.63 -6.95 -56.76
C ALA B 98 -23.52 -7.67 -55.76
N GLN B 99 -22.93 -8.57 -54.97
CA GLN B 99 -23.72 -9.31 -53.99
C GLN B 99 -24.34 -8.38 -52.95
N VAL B 100 -23.57 -7.41 -52.48
CA VAL B 100 -24.11 -6.46 -51.50
C VAL B 100 -25.25 -5.66 -52.12
N LYS B 101 -25.10 -5.23 -53.36
CA LYS B 101 -26.16 -4.49 -54.02
C LYS B 101 -27.45 -5.30 -54.10
N GLN B 102 -27.35 -6.55 -54.55
CA GLN B 102 -28.54 -7.37 -54.67
C GLN B 102 -29.17 -7.63 -53.31
N LEU B 103 -28.35 -7.97 -52.31
CA LEU B 103 -28.89 -8.24 -50.99
C LEU B 103 -29.51 -7.01 -50.38
N ASN B 104 -29.05 -5.82 -50.76
CA ASN B 104 -29.62 -4.59 -50.24
C ASN B 104 -30.96 -4.27 -50.87
N ASN B 105 -31.15 -4.63 -52.14
CA ASN B 105 -32.35 -4.20 -52.86
C ASN B 105 -33.58 -5.05 -52.57
N GLN B 106 -33.42 -6.22 -51.95
CA GLN B 106 -34.59 -7.04 -51.65
C GLN B 106 -35.43 -6.38 -50.57
N PRO B 107 -36.74 -6.65 -50.54
CA PRO B 107 -37.59 -6.03 -49.53
C PRO B 107 -37.26 -6.52 -48.14
N TRP B 108 -37.42 -5.63 -47.17
CA TRP B 108 -37.25 -5.96 -45.76
C TRP B 108 -38.59 -5.78 -45.07
N GLN B 109 -39.03 -6.82 -44.37
CA GLN B 109 -40.35 -6.83 -43.77
C GLN B 109 -40.28 -7.34 -42.34
N THR B 110 -41.29 -6.98 -41.57
CA THR B 110 -41.36 -7.40 -40.18
C THR B 110 -41.52 -8.92 -40.10
N ILE B 111 -41.02 -9.49 -39.02
CA ILE B 111 -41.06 -10.94 -38.80
C ILE B 111 -41.81 -11.19 -37.51
N LYS B 112 -42.82 -12.04 -37.57
CA LYS B 112 -43.64 -12.35 -36.41
C LYS B 112 -43.69 -13.85 -36.20
N ASN B 113 -43.52 -14.27 -34.95
CA ASN B 113 -43.59 -15.68 -34.60
C ASN B 113 -44.34 -15.83 -33.30
N THR B 114 -44.96 -17.00 -33.14
CA THR B 114 -45.76 -17.29 -31.96
C THR B 114 -45.22 -18.51 -31.25
N LEU B 115 -45.22 -18.46 -29.92
CA LEU B 115 -44.71 -19.53 -29.09
C LEU B 115 -45.70 -19.81 -27.98
N THR B 116 -45.94 -21.09 -27.70
CA THR B 116 -46.88 -21.50 -26.67
C THR B 116 -46.19 -22.40 -25.67
N HIS B 117 -46.50 -22.18 -24.39
CA HIS B 117 -45.87 -22.97 -23.34
C HIS B 117 -46.71 -22.85 -22.07
N ASN B 118 -47.09 -23.99 -21.50
CA ASN B 118 -47.83 -24.04 -20.25
C ASN B 118 -49.10 -23.18 -20.30
N GLY B 119 -49.82 -23.29 -21.42
CA GLY B 119 -51.05 -22.54 -21.54
C GLY B 119 -50.86 -21.06 -21.67
N HIS B 120 -49.68 -20.61 -22.06
CA HIS B 120 -49.41 -19.20 -22.29
C HIS B 120 -48.99 -19.00 -23.73
N HIS B 121 -49.37 -17.86 -24.30
CA HIS B 121 -49.04 -17.52 -25.67
C HIS B 121 -48.14 -16.30 -25.68
N TYR B 122 -46.97 -16.45 -26.28
CA TYR B 122 -46.00 -15.38 -26.42
C TYR B 122 -45.81 -15.07 -27.90
N THR B 123 -45.49 -13.81 -28.18
CA THR B 123 -45.25 -13.37 -29.54
C THR B 123 -43.89 -12.69 -29.62
N ASN B 124 -43.12 -13.04 -30.63
CA ASN B 124 -41.83 -12.40 -30.89
C ASN B 124 -41.93 -11.62 -32.18
N THR B 125 -41.51 -10.36 -32.14
CA THR B 125 -41.59 -9.49 -33.29
C THR B 125 -40.22 -8.89 -33.56
N GLN B 126 -39.80 -8.94 -34.81
CA GLN B 126 -38.60 -8.26 -35.27
C GLN B 126 -39.01 -7.18 -36.26
N LEU B 127 -38.78 -5.94 -35.90
CA LEU B 127 -39.17 -4.82 -36.75
C LEU B 127 -37.93 -4.23 -37.41
N PRO B 128 -37.79 -4.31 -38.73
CA PRO B 128 -36.60 -3.78 -39.37
C PRO B 128 -36.62 -2.26 -39.37
N ALA B 129 -35.45 -1.68 -39.62
CA ALA B 129 -35.35 -0.23 -39.61
C ALA B 129 -36.22 0.40 -40.69
N ALA B 130 -36.43 -0.29 -41.80
CA ALA B 130 -37.24 0.28 -42.86
C ALA B 130 -38.72 0.32 -42.51
N GLU B 131 -39.12 -0.30 -41.41
CA GLU B 131 -40.53 -0.33 -41.02
C GLU B 131 -40.87 0.58 -39.87
N MET B 132 -39.88 1.17 -39.21
CA MET B 132 -40.15 2.12 -38.14
C MET B 132 -40.67 3.40 -38.77
N LYS B 133 -41.99 3.56 -38.82
CA LYS B 133 -42.55 4.71 -39.51
C LYS B 133 -43.73 5.27 -38.74
N ILE B 134 -43.83 6.60 -38.73
CA ILE B 134 -45.03 7.30 -38.31
C ILE B 134 -45.55 8.06 -39.51
N GLY B 135 -46.78 7.80 -39.87
CA GLY B 135 -47.32 8.33 -41.13
C GLY B 135 -47.17 7.31 -42.27
N ALA B 136 -46.33 7.65 -43.24
CA ALA B 136 -46.14 6.78 -44.39
C ALA B 136 -44.69 6.63 -44.82
N LYS B 137 -43.75 7.23 -44.10
CA LYS B 137 -42.34 7.14 -44.44
C LYS B 137 -41.55 6.80 -43.20
N ASP B 138 -40.44 6.08 -43.38
CA ASP B 138 -39.60 5.75 -42.25
C ASP B 138 -39.04 7.01 -41.63
N ILE B 139 -38.84 6.98 -40.31
CA ILE B 139 -38.45 8.17 -39.60
C ILE B 139 -37.04 8.62 -39.93
N PHE B 140 -36.21 7.76 -40.48
CA PHE B 140 -34.81 8.10 -40.67
C PHE B 140 -34.64 9.15 -41.77
N PRO B 141 -33.67 10.03 -41.63
CA PRO B 141 -33.52 11.13 -42.60
C PRO B 141 -33.22 10.61 -43.99
N SER B 142 -32.15 9.84 -44.12
CA SER B 142 -31.83 9.19 -45.38
C SER B 142 -32.76 7.99 -45.53
N ALA B 143 -33.82 8.16 -46.32
CA ALA B 143 -34.90 7.19 -46.34
C ALA B 143 -34.43 5.84 -46.84
N TYR B 144 -35.03 4.78 -46.28
CA TYR B 144 -34.74 3.42 -46.69
C TYR B 144 -35.56 2.98 -47.90
N GLU B 145 -36.77 3.51 -48.05
CA GLU B 145 -37.67 3.16 -49.16
C GLU B 145 -37.93 1.65 -49.22
N GLY B 146 -38.12 1.04 -48.07
CA GLY B 146 -38.45 -0.37 -48.01
C GLY B 146 -37.28 -1.31 -48.19
N LYS B 147 -36.08 -0.80 -48.38
CA LYS B 147 -34.88 -1.61 -48.53
C LYS B 147 -34.01 -1.46 -47.29
N GLY B 148 -32.95 -2.26 -47.23
CA GLY B 148 -32.12 -2.26 -46.04
C GLY B 148 -30.63 -2.23 -46.31
N VAL B 149 -29.86 -2.40 -45.24
CA VAL B 149 -28.40 -2.46 -45.32
C VAL B 149 -27.98 -3.81 -44.76
N CYS B 150 -27.11 -4.51 -45.49
CA CYS B 150 -26.67 -5.81 -45.06
C CYS B 150 -25.43 -5.71 -44.19
N SER B 151 -25.08 -6.83 -43.57
CA SER B 151 -23.90 -6.86 -42.71
C SER B 151 -22.61 -6.81 -43.50
N TRP B 152 -22.65 -7.10 -44.80
CA TRP B 152 -21.46 -7.07 -45.62
C TRP B 152 -21.20 -5.70 -46.24
N ASP B 153 -22.12 -4.76 -46.13
CA ASP B 153 -21.92 -3.42 -46.65
C ASP B 153 -21.09 -2.64 -45.64
N THR B 154 -19.78 -2.82 -45.72
CA THR B 154 -18.85 -2.29 -44.75
C THR B 154 -18.31 -0.91 -45.11
N LYS B 155 -18.71 -0.35 -46.24
CA LYS B 155 -18.25 0.97 -46.64
C LYS B 155 -19.36 2.02 -46.58
N ASN B 156 -20.53 1.66 -46.07
CA ASN B 156 -21.62 2.61 -45.95
C ASN B 156 -21.34 3.58 -44.82
N ILE B 157 -21.53 4.87 -45.08
CA ILE B 157 -21.30 5.91 -44.08
C ILE B 157 -22.58 6.63 -43.68
N HIS B 158 -23.72 6.24 -44.24
CA HIS B 158 -24.97 6.92 -43.98
C HIS B 158 -25.93 6.14 -43.12
N HIS B 159 -25.80 4.83 -43.03
CA HIS B 159 -26.77 3.99 -42.37
C HIS B 159 -26.09 3.03 -41.40
N ALA B 160 -26.81 2.71 -40.32
CA ALA B 160 -26.39 1.61 -39.46
C ALA B 160 -26.66 0.29 -40.16
N ASN B 161 -25.78 -0.68 -39.91
CA ASN B 161 -25.75 -1.86 -40.75
C ASN B 161 -27.02 -2.69 -40.69
N ASN B 162 -27.28 -3.33 -39.57
CA ASN B 162 -28.33 -4.34 -39.48
C ASN B 162 -29.21 -4.01 -38.28
N LEU B 163 -30.14 -3.08 -38.46
CA LEU B 163 -30.85 -2.48 -37.34
C LEU B 163 -32.24 -3.11 -37.22
N TRP B 164 -32.52 -3.70 -36.07
CA TRP B 164 -33.83 -4.28 -35.80
C TRP B 164 -34.27 -3.90 -34.40
N MET B 165 -35.58 -3.88 -34.20
CA MET B 165 -36.16 -3.70 -32.88
C MET B 165 -36.84 -5.00 -32.49
N SER B 166 -36.41 -5.58 -31.38
CA SER B 166 -36.83 -6.91 -30.96
C SER B 166 -37.77 -6.81 -29.77
N THR B 167 -38.91 -7.50 -29.86
CA THR B 167 -39.94 -7.40 -28.83
C THR B 167 -40.48 -8.78 -28.51
N VAL B 168 -40.73 -9.02 -27.23
CA VAL B 168 -41.44 -10.21 -26.79
C VAL B 168 -42.58 -9.80 -25.87
N SER B 169 -43.77 -10.33 -26.14
CA SER B 169 -44.95 -9.97 -25.37
C SER B 169 -45.80 -11.20 -25.15
N VAL B 170 -46.64 -11.15 -24.12
CA VAL B 170 -47.52 -12.25 -23.75
C VAL B 170 -48.95 -11.79 -23.86
N HIS B 171 -49.82 -12.66 -24.34
CA HIS B 171 -51.22 -12.34 -24.51
C HIS B 171 -51.98 -12.65 -23.23
N GLU B 172 -52.59 -11.63 -22.64
CA GLU B 172 -53.38 -11.80 -21.44
C GLU B 172 -54.59 -10.88 -21.49
N ASP B 173 -55.74 -11.41 -21.06
CA ASP B 173 -56.96 -10.64 -20.90
C ASP B 173 -57.33 -9.91 -22.19
N GLY B 174 -57.18 -10.60 -23.32
CA GLY B 174 -57.47 -9.98 -24.60
C GLY B 174 -56.53 -8.86 -24.96
N LYS B 175 -55.41 -8.74 -24.26
CA LYS B 175 -54.45 -7.68 -24.49
C LYS B 175 -53.06 -8.29 -24.66
N ASP B 176 -52.12 -7.45 -25.07
CA ASP B 176 -50.73 -7.86 -25.28
C ASP B 176 -49.85 -7.00 -24.39
N LYS B 177 -49.40 -7.57 -23.28
CA LYS B 177 -48.51 -6.87 -22.37
C LYS B 177 -47.08 -7.09 -22.83
N THR B 178 -46.37 -5.99 -23.08
CA THR B 178 -44.99 -6.09 -23.55
C THR B 178 -44.08 -6.49 -22.41
N LEU B 179 -43.30 -7.55 -22.62
CA LEU B 179 -42.37 -8.01 -21.61
C LEU B 179 -40.95 -7.52 -21.82
N PHE B 180 -40.54 -7.28 -23.06
CA PHE B 180 -39.19 -6.82 -23.30
C PHE B 180 -39.11 -6.19 -24.68
N CYS B 181 -38.31 -5.14 -24.81
CA CYS B 181 -38.10 -4.47 -26.08
C CYS B 181 -36.69 -3.91 -26.13
N GLY B 182 -35.96 -4.20 -27.20
CA GLY B 182 -34.58 -3.77 -27.30
C GLY B 182 -34.18 -3.51 -28.74
N ILE B 183 -32.96 -3.02 -28.91
CA ILE B 183 -32.42 -2.64 -30.21
C ILE B 183 -31.17 -3.45 -30.48
N ARG B 184 -31.15 -4.15 -31.62
CA ARG B 184 -29.99 -4.93 -32.04
C ARG B 184 -29.46 -4.38 -33.34
N HIS B 185 -28.15 -4.24 -33.44
CA HIS B 185 -27.58 -3.65 -34.64
C HIS B 185 -26.19 -4.23 -34.88
N GLY B 186 -25.59 -3.84 -36.00
CA GLY B 186 -24.21 -4.16 -36.26
C GLY B 186 -23.28 -3.20 -35.57
N VAL B 187 -21.99 -3.37 -35.82
CA VAL B 187 -21.02 -2.50 -35.16
C VAL B 187 -21.11 -1.10 -35.75
N LEU B 188 -20.67 -0.12 -34.96
CA LEU B 188 -20.82 1.28 -35.31
C LEU B 188 -19.63 1.83 -36.08
N SER B 189 -18.77 1.00 -36.58
CA SER B 189 -17.67 1.59 -37.31
C SER B 189 -17.60 1.05 -38.74
N PRO B 190 -17.39 1.91 -39.73
CA PRO B 190 -17.13 1.40 -41.08
C PRO B 190 -15.75 0.76 -41.11
N TYR B 191 -15.69 -0.46 -41.62
CA TYR B 191 -14.48 -1.26 -41.46
C TYR B 191 -13.36 -0.71 -42.31
N HIS B 192 -13.60 -0.67 -43.61
CA HIS B 192 -12.57 -0.55 -44.63
C HIS B 192 -12.41 0.86 -45.14
N GLU B 193 -13.06 1.84 -44.51
CA GLU B 193 -12.73 3.22 -44.81
C GLU B 193 -11.31 3.52 -44.38
N LYS B 194 -10.54 4.13 -45.27
CA LYS B 194 -9.13 4.36 -45.00
C LYS B 194 -8.89 5.70 -44.32
N ASP B 195 -9.61 6.73 -44.73
CA ASP B 195 -9.44 8.05 -44.14
C ASP B 195 -9.93 8.03 -42.69
N PRO B 196 -9.08 8.33 -41.72
CA PRO B 196 -9.57 8.39 -40.33
C PRO B 196 -10.67 9.41 -40.13
N LEU B 197 -10.66 10.50 -40.89
CA LEU B 197 -11.70 11.51 -40.76
C LEU B 197 -13.05 10.94 -41.18
N LEU B 198 -13.11 10.28 -42.33
CA LEU B 198 -14.36 9.67 -42.75
C LEU B 198 -14.75 8.52 -41.83
N ARG B 199 -13.77 7.83 -41.25
CA ARG B 199 -14.10 6.78 -40.29
C ARG B 199 -14.83 7.35 -39.09
N HIS B 200 -14.31 8.42 -38.50
CA HIS B 200 -14.96 8.99 -37.34
C HIS B 200 -16.33 9.56 -37.71
N VAL B 201 -16.44 10.22 -38.86
CA VAL B 201 -17.72 10.79 -39.26
C VAL B 201 -18.75 9.70 -39.48
N GLY B 202 -18.35 8.61 -40.13
CA GLY B 202 -19.29 7.53 -40.36
C GLY B 202 -19.77 6.89 -39.07
N ALA B 203 -18.86 6.74 -38.11
CA ALA B 203 -19.27 6.22 -36.81
C ALA B 203 -20.29 7.14 -36.15
N GLU B 204 -20.11 8.45 -36.29
CA GLU B 204 -21.06 9.39 -35.72
C GLU B 204 -22.44 9.20 -36.31
N ASN B 205 -22.53 9.10 -37.64
CA ASN B 205 -23.82 8.99 -38.27
C ASN B 205 -24.53 7.71 -37.88
N LYS B 206 -23.79 6.60 -37.81
CA LYS B 206 -24.39 5.35 -37.41
C LYS B 206 -24.92 5.41 -35.98
N ALA B 207 -24.14 6.00 -35.08
CA ALA B 207 -24.59 6.10 -33.70
C ALA B 207 -25.84 6.95 -33.59
N LYS B 208 -25.91 8.04 -34.35
CA LYS B 208 -27.11 8.86 -34.33
C LYS B 208 -28.32 8.06 -34.79
N GLU B 209 -28.13 7.17 -35.75
CA GLU B 209 -29.24 6.37 -36.23
C GLU B 209 -29.74 5.42 -35.15
N VAL B 210 -28.82 4.83 -34.39
CA VAL B 210 -29.25 3.97 -33.29
C VAL B 210 -30.03 4.77 -32.26
N LEU B 211 -29.59 5.99 -31.98
CA LEU B 211 -30.32 6.84 -31.05
C LEU B 211 -31.72 7.13 -31.56
N THR B 212 -31.85 7.37 -32.85
CA THR B 212 -33.18 7.62 -33.41
C THR B 212 -34.09 6.42 -33.23
N ALA B 213 -33.56 5.21 -33.45
CA ALA B 213 -34.38 4.02 -33.26
C ALA B 213 -34.77 3.86 -31.81
N ALA B 214 -33.85 4.12 -30.89
CA ALA B 214 -34.17 3.97 -29.47
C ALA B 214 -35.27 4.94 -29.06
N LEU B 215 -35.22 6.16 -29.56
CA LEU B 215 -36.27 7.12 -29.26
C LEU B 215 -37.62 6.63 -29.75
N PHE B 216 -37.64 5.98 -30.92
CA PHE B 216 -38.88 5.45 -31.45
C PHE B 216 -39.47 4.35 -30.59
N SER B 217 -38.66 3.68 -29.77
CA SER B 217 -39.18 2.63 -28.91
C SER B 217 -40.05 3.14 -27.79
N LYS B 218 -40.01 4.44 -27.50
CA LYS B 218 -40.78 5.03 -26.41
C LYS B 218 -41.71 6.08 -26.99
N PRO B 219 -42.94 5.72 -27.29
CA PRO B 219 -43.83 6.66 -27.98
C PRO B 219 -44.09 7.94 -27.21
N GLU B 220 -44.17 7.87 -25.89
CA GLU B 220 -44.42 9.08 -25.11
C GLU B 220 -43.27 10.07 -25.24
N LEU B 221 -42.03 9.59 -25.17
CA LEU B 221 -40.90 10.46 -25.38
C LEU B 221 -40.87 11.00 -26.78
N LEU B 222 -41.22 10.17 -27.77
CA LEU B 222 -41.23 10.63 -29.14
C LEU B 222 -42.24 11.75 -29.32
N ASN B 223 -43.42 11.63 -28.72
CA ASN B 223 -44.42 12.67 -28.84
C ASN B 223 -43.95 13.96 -28.19
N LYS B 224 -43.36 13.87 -27.01
CA LYS B 224 -42.85 15.08 -26.36
C LYS B 224 -41.81 15.76 -27.21
N ALA B 225 -40.87 14.99 -27.76
CA ALA B 225 -39.82 15.58 -28.59
C ALA B 225 -40.41 16.21 -29.83
N LEU B 226 -41.42 15.57 -30.43
CA LEU B 226 -42.06 16.16 -31.59
C LEU B 226 -42.85 17.40 -31.25
N ALA B 227 -43.18 17.60 -29.97
CA ALA B 227 -43.88 18.79 -29.55
C ALA B 227 -42.96 19.97 -29.31
N GLY B 228 -41.66 19.79 -29.48
CA GLY B 228 -40.71 20.88 -29.35
C GLY B 228 -39.98 20.96 -28.04
N GLU B 229 -40.08 19.95 -27.19
CA GLU B 229 -39.48 19.96 -25.87
C GLU B 229 -38.25 19.06 -25.85
N ALA B 230 -37.17 19.55 -25.23
CA ALA B 230 -35.97 18.73 -25.09
C ALA B 230 -36.24 17.52 -24.22
N VAL B 231 -35.70 16.37 -24.62
CA VAL B 231 -36.04 15.09 -24.01
C VAL B 231 -34.77 14.41 -23.54
N SER B 232 -34.81 13.83 -22.35
CA SER B 232 -33.68 13.09 -21.81
C SER B 232 -33.85 11.62 -22.12
N LEU B 233 -32.77 10.98 -22.57
CA LEU B 233 -32.83 9.58 -22.99
C LEU B 233 -31.68 8.81 -22.37
N LYS B 234 -31.97 7.63 -21.84
CA LYS B 234 -30.98 6.78 -21.20
C LYS B 234 -30.83 5.49 -22.00
N LEU B 235 -29.59 5.13 -22.33
CA LEU B 235 -29.34 4.00 -23.19
C LEU B 235 -28.20 3.17 -22.64
N VAL B 236 -28.33 1.86 -22.70
CA VAL B 236 -27.30 0.93 -22.26
C VAL B 236 -26.88 0.10 -23.47
N SER B 237 -25.62 0.24 -23.87
CA SER B 237 -25.10 -0.42 -25.05
C SER B 237 -24.13 -1.52 -24.64
N VAL B 238 -24.30 -2.70 -25.20
CA VAL B 238 -23.48 -3.86 -24.88
C VAL B 238 -22.83 -4.36 -26.17
N GLY B 239 -21.52 -4.34 -26.22
CA GLY B 239 -20.78 -4.87 -27.35
C GLY B 239 -20.27 -6.27 -27.04
N LEU B 240 -20.22 -7.10 -28.07
CA LEU B 240 -19.84 -8.50 -27.91
C LEU B 240 -18.60 -8.85 -28.70
N LEU B 241 -17.68 -7.91 -28.84
CA LEU B 241 -16.44 -8.13 -29.59
C LEU B 241 -15.30 -8.44 -28.63
N THR B 242 -14.30 -9.17 -29.14
CA THR B 242 -13.23 -9.66 -28.29
C THR B 242 -12.13 -8.65 -28.02
N ALA B 243 -12.02 -7.58 -28.81
CA ALA B 243 -11.12 -6.48 -28.53
C ALA B 243 -9.66 -6.91 -28.52
N SER B 244 -9.23 -7.55 -29.60
CA SER B 244 -7.81 -7.80 -29.82
C SER B 244 -7.56 -7.77 -31.32
N ASN B 245 -6.43 -7.22 -31.71
CA ASN B 245 -6.11 -7.04 -33.12
C ASN B 245 -5.32 -8.21 -33.69
N ILE B 246 -5.12 -9.27 -32.91
CA ILE B 246 -4.24 -10.35 -33.34
C ILE B 246 -4.78 -11.05 -34.58
N PHE B 247 -6.08 -11.32 -34.60
CA PHE B 247 -6.65 -12.15 -35.65
C PHE B 247 -7.48 -11.38 -36.67
N GLY B 248 -8.34 -10.46 -36.23
CA GLY B 248 -9.27 -9.90 -37.20
C GLY B 248 -9.64 -8.43 -37.07
N LYS B 249 -8.78 -7.62 -36.48
CA LYS B 249 -9.01 -6.17 -36.38
C LYS B 249 -10.28 -5.85 -35.61
N GLU B 250 -10.64 -6.68 -34.65
CA GLU B 250 -11.76 -6.36 -33.79
C GLU B 250 -11.37 -5.39 -32.69
N GLY B 251 -10.08 -5.17 -32.47
CA GLY B 251 -9.68 -4.17 -31.50
C GLY B 251 -10.06 -2.77 -31.94
N THR B 252 -9.56 -2.34 -33.10
CA THR B 252 -9.82 -1.00 -33.57
C THR B 252 -11.31 -0.76 -33.72
N MET B 253 -12.05 -1.81 -34.01
CA MET B 253 -13.50 -1.71 -34.09
C MET B 253 -14.06 -1.19 -32.78
N VAL B 254 -13.54 -1.69 -31.67
CA VAL B 254 -14.05 -1.32 -30.35
C VAL B 254 -13.74 0.14 -30.05
N GLU B 255 -12.50 0.58 -30.25
CA GLU B 255 -12.23 1.98 -29.97
C GLU B 255 -13.03 2.91 -30.86
N ASP B 256 -13.30 2.50 -32.10
CA ASP B 256 -14.15 3.34 -32.93
C ASP B 256 -15.54 3.47 -32.33
N GLN B 257 -16.12 2.38 -31.84
CA GLN B 257 -17.45 2.47 -31.25
C GLN B 257 -17.43 3.31 -29.98
N MET B 258 -16.46 3.08 -29.10
CA MET B 258 -16.41 3.83 -27.86
C MET B 258 -16.20 5.30 -28.12
N ARG B 259 -15.37 5.64 -29.09
CA ARG B 259 -15.15 7.04 -29.42
C ARG B 259 -16.43 7.69 -29.91
N ALA B 260 -17.22 6.97 -30.69
CA ALA B 260 -18.47 7.53 -31.18
C ALA B 260 -19.42 7.85 -30.04
N TRP B 261 -19.57 6.93 -29.09
CA TRP B 261 -20.45 7.19 -27.96
C TRP B 261 -19.97 8.38 -27.17
N GLN B 262 -18.66 8.49 -26.95
CA GLN B 262 -18.14 9.62 -26.21
C GLN B 262 -18.44 10.94 -26.89
N SER B 263 -18.32 10.99 -28.21
CA SER B 263 -18.58 12.23 -28.91
C SER B 263 -20.03 12.65 -28.84
N LEU B 264 -20.95 11.71 -28.69
CA LEU B 264 -22.34 12.11 -28.56
C LEU B 264 -22.74 12.47 -27.13
N THR B 265 -22.01 11.99 -26.14
CA THR B 265 -22.34 12.28 -24.75
C THR B 265 -21.33 13.23 -24.12
N GLN B 266 -20.87 14.19 -24.88
CA GLN B 266 -20.00 15.22 -24.33
C GLN B 266 -20.80 16.07 -23.35
N PRO B 267 -20.27 16.34 -22.15
CA PRO B 267 -21.10 16.98 -21.12
C PRO B 267 -21.58 18.36 -21.55
N GLY B 268 -22.84 18.64 -21.24
CA GLY B 268 -23.43 19.91 -21.61
C GLY B 268 -23.75 20.08 -23.07
N LYS B 269 -23.48 19.08 -23.89
CA LYS B 269 -23.69 19.16 -25.32
C LYS B 269 -25.06 18.58 -25.67
N MET B 270 -25.92 19.38 -26.26
CA MET B 270 -27.25 18.92 -26.62
C MET B 270 -27.27 18.48 -28.07
N ILE B 271 -27.90 17.34 -28.32
CA ILE B 271 -27.84 16.66 -29.61
C ILE B 271 -29.08 16.99 -30.42
N HIS B 272 -28.89 17.25 -31.71
CA HIS B 272 -29.98 17.55 -32.62
C HIS B 272 -30.16 16.41 -33.60
N LEU B 273 -31.38 15.90 -33.70
CA LEU B 273 -31.69 14.79 -34.58
C LEU B 273 -32.75 15.23 -35.59
N LYS B 274 -32.70 14.62 -36.76
CA LYS B 274 -33.68 14.86 -37.81
C LYS B 274 -34.64 13.68 -37.88
N ILE B 275 -35.93 13.97 -37.91
CA ILE B 275 -36.95 12.95 -37.87
C ILE B 275 -38.06 13.32 -38.86
N ARG B 276 -38.54 12.34 -39.61
CA ARG B 276 -39.67 12.55 -40.51
C ARG B 276 -40.95 12.49 -39.70
N ASN B 277 -41.66 13.61 -39.62
CA ASN B 277 -42.88 13.65 -38.85
C ASN B 277 -43.99 12.93 -39.60
N LYS B 278 -45.21 12.99 -39.06
CA LYS B 278 -46.33 12.33 -39.68
C LYS B 278 -46.70 12.94 -41.03
N ASP B 279 -46.16 14.11 -41.35
CA ASP B 279 -46.43 14.75 -42.63
C ASP B 279 -45.32 14.53 -43.64
N GLY B 280 -44.36 13.67 -43.34
CA GLY B 280 -43.28 13.43 -44.27
C GLY B 280 -42.29 14.56 -44.39
N ASP B 281 -42.21 15.43 -43.39
CA ASP B 281 -41.32 16.58 -43.43
C ASP B 281 -40.25 16.42 -42.36
N LEU B 282 -39.01 16.69 -42.74
CA LEU B 282 -37.92 16.61 -41.77
C LEU B 282 -38.13 17.65 -40.67
N GLN B 283 -37.93 17.23 -39.43
CA GLN B 283 -38.11 18.09 -38.28
C GLN B 283 -36.99 17.82 -37.31
N THR B 284 -36.51 18.87 -36.64
CA THR B 284 -35.38 18.75 -35.73
C THR B 284 -35.87 18.63 -34.30
N VAL B 285 -35.31 17.66 -33.56
CA VAL B 285 -35.63 17.47 -32.16
C VAL B 285 -34.35 17.53 -31.35
N LYS B 286 -34.50 17.79 -30.06
CA LYS B 286 -33.38 17.99 -29.17
C LYS B 286 -33.36 16.90 -28.11
N ILE B 287 -32.21 16.23 -27.98
CA ILE B 287 -32.06 15.09 -27.10
C ILE B 287 -30.93 15.37 -26.12
N LYS B 288 -31.11 14.95 -24.89
CA LYS B 288 -30.07 14.94 -23.88
C LYS B 288 -29.66 13.50 -23.61
N PRO B 289 -28.71 12.96 -24.37
CA PRO B 289 -28.42 11.54 -24.27
C PRO B 289 -27.63 11.20 -23.03
N ASP B 290 -27.66 9.92 -22.69
CA ASP B 290 -26.86 9.40 -21.58
C ASP B 290 -26.62 7.93 -21.86
N VAL B 291 -25.38 7.58 -22.21
CA VAL B 291 -25.06 6.25 -22.70
C VAL B 291 -24.06 5.60 -21.77
N ALA B 292 -24.35 4.36 -21.39
CA ALA B 292 -23.39 3.52 -20.69
C ALA B 292 -22.95 2.43 -21.65
N ALA B 293 -21.68 2.44 -22.03
CA ALA B 293 -21.16 1.58 -23.08
C ALA B 293 -20.32 0.47 -22.47
N PHE B 294 -20.63 -0.77 -22.85
CA PHE B 294 -19.97 -1.96 -22.36
C PHE B 294 -19.37 -2.74 -23.51
N ASN B 295 -18.45 -3.62 -23.17
CA ASN B 295 -17.94 -4.63 -24.10
C ASN B 295 -17.53 -5.84 -23.29
N VAL B 296 -17.92 -7.03 -23.72
CA VAL B 296 -17.67 -8.21 -22.91
C VAL B 296 -16.84 -9.26 -23.63
N GLY B 297 -17.29 -9.71 -24.79
CA GLY B 297 -16.56 -10.75 -25.48
C GLY B 297 -17.02 -12.13 -25.06
N VAL B 298 -17.56 -12.90 -25.99
CA VAL B 298 -18.19 -14.16 -25.66
C VAL B 298 -17.69 -15.27 -26.58
N ASN B 299 -16.57 -15.02 -27.23
CA ASN B 299 -15.97 -16.02 -28.11
C ASN B 299 -15.13 -17.02 -27.32
N GLU B 300 -14.69 -18.06 -28.03
CA GLU B 300 -13.63 -18.90 -27.49
C GLU B 300 -12.33 -18.12 -27.37
N LEU B 301 -12.09 -17.22 -28.31
CA LEU B 301 -10.89 -16.40 -28.27
C LEU B 301 -10.81 -15.57 -27.01
N ALA B 302 -11.94 -15.27 -26.40
CA ALA B 302 -11.95 -14.46 -25.19
C ALA B 302 -12.15 -15.28 -23.92
N LEU B 303 -12.80 -16.43 -24.02
CA LEU B 303 -13.14 -17.20 -22.84
C LEU B 303 -12.21 -18.36 -22.58
N LYS B 304 -11.75 -19.05 -23.62
CA LYS B 304 -10.87 -20.18 -23.40
C LYS B 304 -9.42 -19.73 -23.24
N LEU B 305 -8.88 -19.06 -24.24
CA LEU B 305 -7.51 -18.61 -24.16
C LEU B 305 -7.39 -17.16 -23.72
N GLY B 306 -8.38 -16.32 -23.98
CA GLY B 306 -8.49 -15.07 -23.27
C GLY B 306 -7.80 -13.91 -23.94
N PHE B 307 -8.57 -13.10 -24.66
CA PHE B 307 -8.02 -11.98 -25.41
C PHE B 307 -8.77 -10.72 -25.04
N GLY B 308 -8.04 -9.63 -24.83
CA GLY B 308 -8.68 -8.35 -24.63
C GLY B 308 -9.47 -8.23 -23.37
N LEU B 309 -9.30 -9.15 -22.42
CA LEU B 309 -9.98 -9.01 -21.13
C LEU B 309 -9.56 -7.72 -20.45
N LYS B 310 -8.26 -7.45 -20.42
CA LYS B 310 -7.77 -6.24 -19.80
C LYS B 310 -8.22 -5.00 -20.54
N ALA B 311 -8.24 -5.07 -21.87
CA ALA B 311 -8.64 -3.90 -22.66
C ALA B 311 -10.10 -3.55 -22.42
N SER B 312 -10.97 -4.56 -22.38
CA SER B 312 -12.39 -4.28 -22.22
C SER B 312 -12.73 -3.83 -20.82
N ASP B 313 -12.05 -4.37 -19.81
CA ASP B 313 -12.41 -4.04 -18.44
C ASP B 313 -12.18 -2.57 -18.12
N SER B 314 -11.30 -1.90 -18.84
CA SER B 314 -11.15 -0.47 -18.63
C SER B 314 -12.41 0.29 -19.00
N TYR B 315 -13.09 -0.14 -20.07
CA TYR B 315 -14.37 0.46 -20.42
C TYR B 315 -15.45 0.05 -19.44
N ASN B 316 -15.48 -1.22 -19.07
CA ASN B 316 -16.56 -1.71 -18.24
C ASN B 316 -16.57 -1.08 -16.86
N ALA B 317 -15.39 -0.73 -16.34
CA ALA B 317 -15.36 -0.10 -15.03
C ALA B 317 -16.08 1.23 -15.03
N GLU B 318 -15.85 2.05 -16.05
CA GLU B 318 -16.52 3.34 -16.13
C GLU B 318 -18.03 3.15 -16.27
N ALA B 319 -18.45 2.21 -17.09
CA ALA B 319 -19.87 2.02 -17.32
C ALA B 319 -20.58 1.55 -16.06
N LEU B 320 -19.96 0.64 -15.30
CA LEU B 320 -20.58 0.21 -14.06
C LEU B 320 -20.72 1.36 -13.07
N HIS B 321 -19.70 2.20 -12.96
CA HIS B 321 -19.82 3.34 -12.06
C HIS B 321 -20.97 4.23 -12.50
N GLN B 322 -21.18 4.34 -13.80
CA GLN B 322 -22.29 5.13 -14.30
C GLN B 322 -23.62 4.49 -14.01
N LEU B 323 -23.67 3.16 -13.95
CA LEU B 323 -24.93 2.45 -13.82
C LEU B 323 -25.30 2.12 -12.39
N LEU B 324 -24.31 1.84 -11.55
CA LEU B 324 -24.58 1.40 -10.18
C LEU B 324 -23.99 2.28 -9.12
N GLY B 325 -23.16 3.25 -9.47
CA GLY B 325 -22.58 4.12 -8.48
C GLY B 325 -21.13 3.79 -8.19
N ASN B 326 -20.59 4.46 -7.18
CA ASN B 326 -19.18 4.35 -6.87
C ASN B 326 -18.85 3.22 -5.90
N ASP B 327 -19.85 2.56 -5.34
CA ASP B 327 -19.62 1.45 -4.43
C ASP B 327 -20.17 0.18 -5.06
N LEU B 328 -19.27 -0.75 -5.37
CA LEU B 328 -19.64 -1.97 -6.07
C LEU B 328 -19.58 -3.21 -5.18
N ARG B 329 -19.52 -3.03 -3.87
CA ARG B 329 -19.59 -4.18 -2.99
C ARG B 329 -20.96 -4.83 -3.09
N PRO B 330 -21.01 -6.15 -3.17
CA PRO B 330 -22.31 -6.81 -3.41
C PRO B 330 -23.35 -6.54 -2.36
N GLU B 331 -22.96 -6.20 -1.14
CA GLU B 331 -23.90 -5.98 -0.07
C GLU B 331 -24.29 -4.52 0.12
N ALA B 332 -23.70 -3.60 -0.63
CA ALA B 332 -24.00 -2.19 -0.46
C ALA B 332 -25.34 -1.87 -1.10
N ARG B 333 -25.73 -0.60 -1.02
CA ARG B 333 -26.99 -0.26 -1.66
C ARG B 333 -26.75 0.33 -3.03
N PRO B 334 -27.61 0.03 -4.00
CA PRO B 334 -27.37 0.50 -5.36
C PRO B 334 -27.42 2.01 -5.47
N GLY B 335 -26.59 2.54 -6.36
CA GLY B 335 -26.57 3.95 -6.67
C GLY B 335 -26.68 4.18 -8.15
N GLY B 336 -26.28 5.35 -8.63
CA GLY B 336 -26.34 5.55 -10.07
C GLY B 336 -27.75 5.55 -10.59
N TRP B 337 -27.91 5.06 -11.82
CA TRP B 337 -29.23 5.02 -12.43
C TRP B 337 -30.17 4.11 -11.66
N VAL B 338 -29.65 2.99 -11.18
CA VAL B 338 -30.48 2.06 -10.42
C VAL B 338 -30.98 2.73 -9.16
N GLY B 339 -30.11 3.46 -8.47
CA GLY B 339 -30.53 4.17 -7.28
C GLY B 339 -31.61 5.18 -7.56
N GLU B 340 -31.47 5.93 -8.66
CA GLU B 340 -32.49 6.92 -9.00
C GLU B 340 -33.82 6.26 -9.29
N TRP B 341 -33.82 5.12 -9.97
CA TRP B 341 -35.06 4.43 -10.23
C TRP B 341 -35.69 3.94 -8.95
N LEU B 342 -34.89 3.39 -8.05
CA LEU B 342 -35.45 2.84 -6.82
C LEU B 342 -35.97 3.93 -5.90
N ALA B 343 -35.44 5.15 -6.02
CA ALA B 343 -35.88 6.23 -5.15
C ALA B 343 -37.33 6.61 -5.38
N GLN B 344 -37.92 6.19 -6.50
CA GLN B 344 -39.33 6.44 -6.75
C GLN B 344 -40.23 5.43 -6.07
N TYR B 345 -39.66 4.43 -5.40
CA TYR B 345 -40.41 3.37 -4.77
C TYR B 345 -41.38 2.68 -5.75
N PRO B 346 -40.86 2.01 -6.76
CA PRO B 346 -41.73 1.31 -7.70
C PRO B 346 -42.08 -0.07 -7.19
N ASP B 347 -43.14 -0.62 -7.74
CA ASP B 347 -43.53 -1.97 -7.40
C ASP B 347 -42.68 -3.01 -8.09
N ASN B 348 -41.54 -2.58 -8.60
CA ASN B 348 -40.62 -3.41 -9.36
C ASN B 348 -39.37 -3.74 -8.55
N TYR B 349 -39.35 -3.38 -7.28
CA TYR B 349 -38.09 -3.33 -6.54
C TYR B 349 -37.45 -4.70 -6.39
N GLU B 350 -38.25 -5.75 -6.31
CA GLU B 350 -37.71 -7.08 -6.05
C GLU B 350 -36.76 -7.52 -7.16
N VAL B 351 -37.23 -7.44 -8.40
CA VAL B 351 -36.42 -7.89 -9.52
C VAL B 351 -35.18 -7.03 -9.67
N VAL B 352 -35.33 -5.72 -9.51
CA VAL B 352 -34.20 -4.83 -9.69
C VAL B 352 -33.11 -5.11 -8.68
N ASN B 353 -33.49 -5.31 -7.42
CA ASN B 353 -32.48 -5.59 -6.40
C ASN B 353 -31.75 -6.89 -6.69
N THR B 354 -32.47 -7.92 -7.11
CA THR B 354 -31.82 -9.19 -7.39
C THR B 354 -30.82 -9.06 -8.52
N LEU B 355 -31.22 -8.39 -9.61
CA LEU B 355 -30.32 -8.26 -10.75
C LEU B 355 -29.07 -7.48 -10.40
N ALA B 356 -29.23 -6.39 -9.64
CA ALA B 356 -28.06 -5.60 -9.25
C ALA B 356 -27.11 -6.42 -8.41
N ARG B 357 -27.65 -7.20 -7.47
CA ARG B 357 -26.78 -8.02 -6.62
C ARG B 357 -26.00 -9.04 -7.44
N GLN B 358 -26.67 -9.70 -8.38
CA GLN B 358 -26.00 -10.72 -9.17
C GLN B 358 -24.90 -10.11 -10.03
N ILE B 359 -25.15 -8.93 -10.60
CA ILE B 359 -24.14 -8.30 -11.44
C ILE B 359 -22.90 -7.97 -10.63
N LYS B 360 -23.08 -7.45 -9.42
CA LYS B 360 -21.92 -7.16 -8.58
C LYS B 360 -21.16 -8.44 -8.23
N ASP B 361 -21.88 -9.52 -7.99
CA ASP B 361 -21.22 -10.80 -7.70
C ASP B 361 -20.33 -11.22 -8.86
N ILE B 362 -20.87 -11.21 -10.07
CA ILE B 362 -20.10 -11.61 -11.23
C ILE B 362 -18.88 -10.74 -11.39
N TRP B 363 -19.05 -9.43 -11.20
CA TRP B 363 -17.93 -8.51 -11.37
C TRP B 363 -16.87 -8.77 -10.32
N LYS B 364 -17.27 -9.12 -9.11
CA LYS B 364 -16.31 -9.29 -8.02
C LYS B 364 -15.41 -10.48 -8.26
N ASN B 365 -15.96 -11.61 -8.66
CA ASN B 365 -15.19 -12.83 -8.84
C ASN B 365 -14.64 -12.98 -10.25
N ASN B 366 -14.86 -12.00 -11.12
CA ASN B 366 -14.45 -12.07 -12.52
C ASN B 366 -15.02 -13.29 -13.20
N GLN B 367 -16.24 -13.68 -12.84
CA GLN B 367 -16.84 -14.87 -13.43
C GLN B 367 -17.08 -14.73 -14.91
N HIS B 368 -17.11 -13.51 -15.44
CA HIS B 368 -17.34 -13.35 -16.85
C HIS B 368 -16.10 -13.64 -17.68
N HIS B 369 -14.95 -13.87 -17.04
CA HIS B 369 -13.76 -14.24 -17.79
C HIS B 369 -13.75 -15.70 -18.21
N LYS B 370 -14.56 -16.53 -17.57
CA LYS B 370 -14.72 -17.93 -17.96
C LYS B 370 -16.18 -18.16 -18.32
N ASP B 371 -16.47 -19.33 -18.86
CA ASP B 371 -17.86 -19.71 -19.14
C ASP B 371 -18.21 -20.88 -18.23
N GLY B 372 -18.64 -20.58 -17.02
CA GLY B 372 -19.05 -21.64 -16.11
C GLY B 372 -20.34 -22.28 -16.56
N GLY B 373 -20.36 -22.78 -17.79
CA GLY B 373 -21.53 -23.39 -18.35
C GLY B 373 -22.41 -22.47 -19.17
N GLU B 374 -22.27 -21.16 -19.03
CA GLU B 374 -23.07 -20.27 -19.86
C GLU B 374 -22.36 -18.93 -20.04
N PRO B 375 -21.99 -18.61 -21.27
CA PRO B 375 -21.04 -17.52 -21.49
C PRO B 375 -21.64 -16.13 -21.51
N TYR B 376 -22.95 -15.99 -21.65
CA TYR B 376 -23.58 -14.69 -21.71
C TYR B 376 -24.03 -14.21 -20.35
N LYS B 377 -23.37 -14.62 -19.28
CA LYS B 377 -23.89 -14.38 -17.94
C LYS B 377 -23.97 -12.89 -17.63
N LEU B 378 -22.97 -12.12 -18.05
CA LEU B 378 -22.98 -10.71 -17.73
C LEU B 378 -23.76 -9.89 -18.74
N ALA B 379 -23.62 -10.18 -20.03
CA ALA B 379 -24.32 -9.41 -21.04
C ALA B 379 -25.82 -9.52 -20.87
N GLN B 380 -26.31 -10.73 -20.63
CA GLN B 380 -27.75 -10.95 -20.55
C GLN B 380 -28.36 -10.18 -19.39
N ARG B 381 -27.69 -10.18 -18.24
CA ARG B 381 -28.23 -9.47 -17.09
C ARG B 381 -28.16 -7.97 -17.27
N LEU B 382 -27.13 -7.46 -17.94
CA LEU B 382 -27.07 -6.04 -18.18
C LEU B 382 -28.25 -5.57 -19.01
N ALA B 383 -28.60 -6.32 -20.05
CA ALA B 383 -29.74 -5.93 -20.88
C ALA B 383 -31.04 -6.01 -20.10
N MET B 384 -31.22 -7.06 -19.31
CA MET B 384 -32.47 -7.20 -18.56
C MET B 384 -32.60 -6.09 -17.54
N LEU B 385 -31.51 -5.75 -16.85
CA LEU B 385 -31.56 -4.68 -15.87
C LEU B 385 -31.89 -3.35 -16.53
N ALA B 386 -31.33 -3.09 -17.70
CA ALA B 386 -31.60 -1.84 -18.37
C ALA B 386 -33.07 -1.69 -18.69
N HIS B 387 -33.72 -2.76 -19.12
CA HIS B 387 -35.14 -2.66 -19.39
C HIS B 387 -35.96 -2.43 -18.13
N GLU B 388 -35.52 -2.98 -17.01
CA GLU B 388 -36.29 -2.83 -15.77
C GLU B 388 -36.35 -1.38 -15.31
N ILE B 389 -35.24 -0.65 -15.41
CA ILE B 389 -35.15 0.68 -14.84
C ILE B 389 -35.50 1.71 -15.89
N ASP B 390 -36.19 1.26 -16.94
CA ASP B 390 -36.76 2.13 -17.97
C ASP B 390 -35.72 2.79 -18.86
N ALA B 391 -34.54 2.21 -18.98
CA ALA B 391 -33.59 2.65 -20.00
C ALA B 391 -33.90 1.89 -21.28
N VAL B 392 -33.07 2.04 -22.30
CA VAL B 392 -33.22 1.31 -23.55
C VAL B 392 -32.01 0.39 -23.70
N PRO B 393 -32.20 -0.91 -23.82
CA PRO B 393 -31.06 -1.80 -24.04
C PRO B 393 -30.77 -1.97 -25.53
N ALA B 394 -29.48 -1.95 -25.86
CA ALA B 394 -29.03 -2.15 -27.22
C ALA B 394 -27.76 -2.97 -27.21
N TRP B 395 -27.66 -3.93 -28.13
CA TRP B 395 -26.48 -4.77 -28.19
C TRP B 395 -26.11 -5.01 -29.64
N ASN B 396 -24.83 -5.30 -29.86
CA ASN B 396 -24.33 -5.43 -31.22
C ASN B 396 -23.19 -6.43 -31.29
N CYS B 397 -22.94 -6.90 -32.50
CA CYS B 397 -21.84 -7.79 -32.82
C CYS B 397 -21.05 -7.18 -33.97
N LYS B 398 -20.11 -7.95 -34.52
CA LYS B 398 -19.41 -7.51 -35.72
C LYS B 398 -20.37 -7.29 -36.86
N SER B 399 -21.19 -8.30 -37.15
CA SER B 399 -22.13 -8.21 -38.25
C SER B 399 -23.58 -8.11 -37.79
N GLY B 400 -23.85 -8.42 -36.54
CA GLY B 400 -25.18 -8.24 -36.01
C GLY B 400 -26.14 -9.37 -36.27
N LYS B 401 -25.65 -10.56 -36.59
CA LYS B 401 -26.54 -11.69 -36.79
C LYS B 401 -26.14 -12.97 -36.07
N ASP B 402 -24.87 -13.17 -35.74
CA ASP B 402 -24.51 -14.44 -35.12
C ASP B 402 -24.47 -14.36 -33.61
N ARG B 403 -23.55 -13.57 -33.06
CA ARG B 403 -23.51 -13.41 -31.62
C ARG B 403 -24.69 -12.58 -31.14
N THR B 404 -25.11 -11.61 -31.95
CA THR B 404 -26.31 -10.86 -31.62
C THR B 404 -27.52 -11.77 -31.56
N GLY B 405 -27.65 -12.69 -32.51
CA GLY B 405 -28.77 -13.61 -32.48
C GLY B 405 -28.76 -14.51 -31.27
N MET B 406 -27.58 -14.98 -30.88
CA MET B 406 -27.51 -15.84 -29.71
C MET B 406 -27.91 -15.10 -28.44
N MET B 407 -27.46 -13.86 -28.29
CA MET B 407 -27.85 -13.09 -27.11
C MET B 407 -29.34 -12.79 -27.12
N ASP B 408 -29.89 -12.55 -28.30
CA ASP B 408 -31.33 -12.37 -28.42
C ASP B 408 -32.06 -13.57 -27.85
N SER B 409 -31.63 -14.77 -28.22
CA SER B 409 -32.31 -15.97 -27.74
C SER B 409 -32.14 -16.12 -26.22
N GLU B 410 -30.96 -15.81 -25.70
CA GLU B 410 -30.74 -15.94 -24.27
C GLU B 410 -31.68 -15.04 -23.48
N ILE B 411 -31.81 -13.79 -23.92
CA ILE B 411 -32.67 -12.86 -23.19
C ILE B 411 -34.12 -13.32 -23.24
N LYS B 412 -34.59 -13.75 -24.41
CA LYS B 412 -35.97 -14.18 -24.52
C LYS B 412 -36.25 -15.37 -23.62
N ARG B 413 -35.31 -16.31 -23.54
CA ARG B 413 -35.51 -17.46 -22.69
C ARG B 413 -35.66 -17.05 -21.23
N GLU B 414 -34.81 -16.14 -20.77
CA GLU B 414 -34.88 -15.75 -19.38
C GLU B 414 -36.14 -14.95 -19.07
N ILE B 415 -36.54 -14.07 -19.98
CA ILE B 415 -37.76 -13.30 -19.75
C ILE B 415 -38.96 -14.21 -19.65
N ILE B 416 -39.06 -15.18 -20.56
CA ILE B 416 -40.19 -16.09 -20.52
C ILE B 416 -40.17 -16.91 -19.24
N SER B 417 -38.99 -17.39 -18.86
CA SER B 417 -38.89 -18.17 -17.63
C SER B 417 -39.29 -17.33 -16.42
N LEU B 418 -38.87 -16.07 -16.39
CA LEU B 418 -39.20 -15.22 -15.25
C LEU B 418 -40.68 -14.85 -15.22
N HIS B 419 -41.32 -14.74 -16.39
CA HIS B 419 -42.70 -14.26 -16.43
C HIS B 419 -43.64 -15.15 -15.67
N GLN B 420 -43.25 -16.39 -15.41
CA GLN B 420 -44.12 -17.30 -14.70
C GLN B 420 -43.98 -17.14 -13.19
N THR B 421 -43.81 -15.88 -12.76
CA THR B 421 -43.77 -15.42 -11.37
C THR B 421 -42.59 -16.00 -10.62
N HIS B 422 -41.63 -16.54 -11.33
CA HIS B 422 -40.51 -17.21 -10.70
C HIS B 422 -39.53 -16.19 -10.14
N MET B 423 -38.36 -16.69 -9.81
CA MET B 423 -37.19 -15.87 -9.54
C MET B 423 -36.19 -16.00 -10.68
N LEU B 424 -35.05 -15.32 -10.53
CA LEU B 424 -34.00 -15.45 -11.52
C LEU B 424 -33.05 -16.58 -11.15
N SER B 425 -32.46 -17.18 -12.16
CA SER B 425 -31.51 -18.26 -11.95
C SER B 425 -30.18 -17.70 -11.45
N ALA B 426 -29.40 -18.54 -10.87
CA ALA B 426 -28.12 -18.11 -10.35
C ALA B 426 -27.10 -17.99 -11.47
N PRO B 427 -26.10 -17.12 -11.32
CA PRO B 427 -25.10 -16.97 -12.38
C PRO B 427 -24.32 -18.25 -12.62
N GLY B 428 -23.99 -18.48 -13.88
CA GLY B 428 -23.16 -19.62 -14.25
C GLY B 428 -23.76 -20.96 -13.91
N SER B 429 -25.04 -21.15 -14.20
CA SER B 429 -25.72 -22.41 -13.91
C SER B 429 -26.44 -22.90 -15.16
N LEU B 430 -26.35 -24.19 -15.40
CA LEU B 430 -27.04 -24.79 -16.53
C LEU B 430 -28.55 -24.74 -16.34
N PRO B 431 -29.31 -24.58 -17.40
CA PRO B 431 -30.77 -24.64 -17.27
C PRO B 431 -31.24 -26.03 -16.87
N ASP B 432 -32.34 -26.07 -16.15
CA ASP B 432 -32.94 -27.35 -15.74
C ASP B 432 -33.74 -27.91 -16.91
N SER B 433 -34.55 -28.94 -16.64
CA SER B 433 -35.31 -29.58 -17.70
C SER B 433 -36.31 -28.60 -18.32
N GLY B 434 -37.11 -27.93 -17.48
CA GLY B 434 -38.07 -26.99 -18.00
C GLY B 434 -37.43 -25.83 -18.73
N GLY B 435 -36.34 -25.30 -18.16
CA GLY B 435 -35.61 -24.25 -18.85
C GLY B 435 -35.07 -24.70 -20.19
N GLN B 436 -34.61 -25.95 -20.26
CA GLN B 436 -34.11 -26.47 -21.53
C GLN B 436 -35.22 -26.55 -22.57
N LYS B 437 -36.42 -26.95 -22.16
CA LYS B 437 -37.54 -26.98 -23.09
C LYS B 437 -37.87 -25.58 -23.59
N ILE B 438 -37.83 -24.59 -22.68
CA ILE B 438 -38.07 -23.21 -23.08
C ILE B 438 -37.01 -22.78 -24.09
N PHE B 439 -35.75 -23.07 -23.80
CA PHE B 439 -34.66 -22.62 -24.65
C PHE B 439 -34.75 -23.27 -26.03
N GLN B 440 -35.10 -24.55 -26.09
CA GLN B 440 -35.24 -25.22 -27.37
C GLN B 440 -36.34 -24.58 -28.21
N LYS B 441 -37.47 -24.27 -27.59
CA LYS B 441 -38.55 -23.64 -28.33
C LYS B 441 -38.15 -22.24 -28.82
N VAL B 442 -37.46 -21.49 -27.98
CA VAL B 442 -37.09 -20.12 -28.33
C VAL B 442 -36.14 -20.12 -29.51
N LEU B 443 -35.13 -20.99 -29.49
CA LEU B 443 -34.08 -20.95 -30.49
C LEU B 443 -34.62 -21.16 -31.90
N LEU B 444 -35.71 -21.90 -32.02
CA LEU B 444 -36.29 -22.16 -33.34
C LEU B 444 -37.45 -21.24 -33.67
N ASN B 445 -38.20 -20.80 -32.66
CA ASN B 445 -39.39 -19.98 -32.90
C ASN B 445 -39.13 -18.50 -32.70
N SER B 446 -37.88 -18.10 -32.49
CA SER B 446 -37.55 -16.70 -32.58
C SER B 446 -37.31 -16.32 -34.03
N GLY B 447 -37.21 -15.03 -34.29
CA GLY B 447 -37.03 -14.61 -35.66
C GLY B 447 -35.62 -14.66 -36.17
N ASN B 448 -34.70 -15.27 -35.43
CA ASN B 448 -33.29 -15.21 -35.81
C ASN B 448 -33.02 -15.91 -37.13
N LEU B 449 -33.66 -17.06 -37.36
CA LEU B 449 -33.39 -17.80 -38.58
C LEU B 449 -33.77 -16.98 -39.82
N GLU B 450 -34.90 -16.27 -39.76
CA GLU B 450 -35.29 -15.44 -40.89
C GLU B 450 -34.35 -14.26 -41.07
N ILE B 451 -33.86 -13.68 -39.97
CA ILE B 451 -32.85 -12.63 -40.08
C ILE B 451 -31.61 -13.17 -40.77
N GLN B 452 -31.20 -14.38 -40.39
CA GLN B 452 -30.03 -14.99 -41.01
C GLN B 452 -30.22 -15.12 -42.51
N LYS B 453 -31.37 -15.69 -42.92
CA LYS B 453 -31.63 -15.89 -44.34
C LYS B 453 -31.73 -14.56 -45.08
N GLN B 454 -32.40 -13.58 -44.48
CA GLN B 454 -32.54 -12.28 -45.13
C GLN B 454 -31.18 -11.63 -45.33
N ASN B 455 -30.32 -11.71 -44.33
CA ASN B 455 -29.05 -11.01 -44.37
C ASN B 455 -27.98 -11.74 -45.16
N THR B 456 -28.17 -13.03 -45.42
CA THR B 456 -27.11 -13.82 -46.04
C THR B 456 -27.59 -14.65 -47.23
N GLY B 457 -28.78 -15.22 -47.15
CA GLY B 457 -29.26 -16.18 -48.13
C GLY B 457 -29.39 -17.58 -47.59
N GLY B 458 -28.86 -17.85 -46.40
CA GLY B 458 -29.01 -19.15 -45.78
C GLY B 458 -29.14 -19.01 -44.28
N ALA B 459 -29.88 -19.93 -43.69
CA ALA B 459 -30.13 -19.92 -42.26
C ALA B 459 -29.02 -20.65 -41.52
N GLY B 460 -28.60 -20.09 -40.40
CA GLY B 460 -27.56 -20.71 -39.61
C GLY B 460 -27.06 -19.77 -38.54
N ASN B 461 -26.02 -20.22 -37.84
CA ASN B 461 -25.37 -19.42 -36.83
C ASN B 461 -23.92 -19.83 -36.72
N LYS B 462 -23.01 -18.86 -36.77
CA LYS B 462 -21.59 -19.13 -36.73
C LYS B 462 -21.07 -19.37 -35.33
N VAL B 463 -21.90 -19.22 -34.30
CA VAL B 463 -21.47 -19.45 -32.93
C VAL B 463 -21.31 -20.93 -32.62
N MET B 464 -21.91 -21.80 -33.43
CA MET B 464 -21.90 -23.24 -33.20
C MET B 464 -20.76 -23.83 -34.02
N LYS B 465 -19.67 -24.22 -33.36
CA LYS B 465 -18.45 -24.54 -34.09
C LYS B 465 -17.97 -25.98 -33.93
N ASN B 466 -17.87 -26.48 -32.70
CA ASN B 466 -17.33 -27.82 -32.44
C ASN B 466 -15.88 -27.95 -32.92
N LEU B 467 -15.01 -27.21 -32.23
CA LEU B 467 -13.59 -27.21 -32.55
C LEU B 467 -12.94 -28.57 -32.24
N SER B 468 -11.75 -28.77 -32.79
CA SER B 468 -11.12 -30.09 -32.72
C SER B 468 -10.53 -30.40 -31.35
N PRO B 469 -9.80 -29.49 -30.67
CA PRO B 469 -9.41 -29.78 -29.28
C PRO B 469 -10.57 -29.47 -28.36
N GLU B 470 -11.10 -30.49 -27.69
CA GLU B 470 -12.40 -30.39 -27.04
C GLU B 470 -12.43 -29.33 -25.94
N VAL B 471 -11.29 -28.89 -25.44
CA VAL B 471 -11.29 -27.90 -24.39
C VAL B 471 -11.52 -26.49 -24.93
N LEU B 472 -11.66 -26.33 -26.24
CA LEU B 472 -11.89 -25.02 -26.84
C LEU B 472 -13.35 -24.81 -27.25
N ASN B 473 -14.27 -25.61 -26.74
CA ASN B 473 -15.67 -25.46 -27.09
C ASN B 473 -16.43 -24.72 -26.00
N LEU B 474 -17.49 -24.02 -26.40
CA LEU B 474 -18.20 -23.11 -25.51
C LEU B 474 -19.31 -23.76 -24.72
N SER B 475 -19.54 -25.06 -24.90
CA SER B 475 -20.51 -25.82 -24.10
C SER B 475 -21.94 -25.32 -24.33
N TYR B 476 -22.38 -25.37 -25.57
CA TYR B 476 -23.80 -25.25 -25.86
C TYR B 476 -24.49 -26.60 -26.02
N GLN B 477 -23.71 -27.69 -26.15
CA GLN B 477 -24.32 -29.01 -26.14
C GLN B 477 -25.09 -29.26 -24.85
N LYS B 478 -24.60 -28.73 -23.73
CA LYS B 478 -25.27 -28.94 -22.46
C LYS B 478 -26.43 -27.98 -22.27
N ARG B 479 -26.26 -26.72 -22.66
CA ARG B 479 -27.34 -25.75 -22.53
C ARG B 479 -28.52 -26.11 -23.42
N VAL B 480 -28.24 -26.55 -24.64
CA VAL B 480 -29.27 -27.04 -25.55
C VAL B 480 -29.21 -28.56 -25.49
N GLY B 481 -30.01 -29.13 -24.60
CA GLY B 481 -29.96 -30.57 -24.40
C GLY B 481 -30.59 -31.37 -25.51
N ASP B 482 -30.13 -31.18 -26.74
CA ASP B 482 -30.68 -31.92 -27.88
C ASP B 482 -29.69 -31.82 -29.02
N GLU B 483 -29.26 -32.97 -29.54
CA GLU B 483 -28.32 -32.95 -30.65
C GLU B 483 -28.96 -32.44 -31.92
N ASN B 484 -30.19 -32.87 -32.22
CA ASN B 484 -30.83 -32.49 -33.46
C ASN B 484 -31.14 -31.00 -33.50
N ILE B 485 -31.60 -30.45 -32.38
CA ILE B 485 -31.89 -29.01 -32.33
C ILE B 485 -30.61 -28.21 -32.47
N TRP B 486 -29.54 -28.66 -31.81
CA TRP B 486 -28.25 -27.99 -31.96
C TRP B 486 -27.78 -28.00 -33.40
N GLN B 487 -27.93 -29.13 -34.08
CA GLN B 487 -27.58 -29.20 -35.49
C GLN B 487 -28.53 -28.39 -36.36
N SER B 488 -29.73 -28.09 -35.86
CA SER B 488 -30.68 -27.30 -36.65
C SER B 488 -30.39 -25.82 -36.53
N VAL B 489 -29.96 -25.36 -35.36
CA VAL B 489 -29.60 -23.96 -35.19
C VAL B 489 -28.42 -23.61 -36.09
N LYS B 490 -27.40 -24.46 -36.11
CA LYS B 490 -26.28 -24.30 -37.04
C LYS B 490 -26.72 -24.89 -38.37
N GLY B 491 -27.21 -24.05 -39.26
CA GLY B 491 -27.78 -24.52 -40.49
C GLY B 491 -26.78 -24.63 -41.61
N ILE B 492 -26.85 -23.71 -42.56
CA ILE B 492 -25.96 -23.70 -43.71
C ILE B 492 -24.79 -22.79 -43.35
N SER B 493 -24.67 -22.49 -42.06
CA SER B 493 -23.71 -21.48 -41.61
C SER B 493 -22.28 -21.82 -42.01
N SER B 494 -21.96 -23.10 -42.18
CA SER B 494 -20.61 -23.49 -42.54
C SER B 494 -20.33 -23.40 -44.03
N LEU B 495 -21.34 -23.09 -44.84
CA LEU B 495 -21.17 -23.00 -46.29
C LEU B 495 -21.18 -21.55 -46.77
N ILE B 496 -20.94 -20.59 -45.88
CA ILE B 496 -21.05 -19.18 -46.22
C ILE B 496 -19.70 -18.51 -46.04
N THR B 497 -18.62 -19.23 -46.33
CA THR B 497 -17.30 -18.61 -46.29
C THR B 497 -17.28 -17.45 -47.27
N SER B 498 -17.31 -16.23 -46.75
CA SER B 498 -17.42 -15.04 -47.57
C SER B 498 -17.10 -13.78 -46.78
N GLN C 1 11.31 70.79 -22.08
CA GLN C 1 10.62 70.07 -21.02
C GLN C 1 9.97 68.81 -21.57
N HIS C 2 10.46 68.34 -22.73
CA HIS C 2 9.85 67.20 -23.40
C HIS C 2 10.83 66.15 -23.88
N GLN C 3 12.14 66.36 -23.76
CA GLN C 3 13.12 65.36 -24.17
C GLN C 3 13.11 64.23 -23.15
N LYS C 4 12.16 63.32 -23.33
CA LYS C 4 11.92 62.26 -22.36
C LYS C 4 13.14 61.36 -22.23
N ALA C 5 13.40 60.92 -21.01
CA ALA C 5 14.47 59.95 -20.77
C ALA C 5 14.09 58.59 -21.32
N SER C 6 15.11 57.79 -21.65
CA SER C 6 14.86 56.41 -22.03
C SER C 6 14.20 55.63 -20.89
N ASN C 7 14.70 55.82 -19.68
CA ASN C 7 14.07 55.33 -18.47
C ASN C 7 14.04 56.46 -17.46
N HIS C 8 13.00 56.49 -16.63
CA HIS C 8 12.84 57.51 -15.60
C HIS C 8 12.80 58.91 -16.21
N SER C 9 11.72 59.15 -16.95
CA SER C 9 11.48 60.47 -17.50
C SER C 9 11.42 61.51 -16.38
N LEU C 10 11.89 62.73 -16.68
CA LEU C 10 12.05 63.74 -15.64
C LEU C 10 10.72 64.08 -14.99
N HIS C 11 9.62 64.07 -15.74
CA HIS C 11 8.34 64.46 -15.17
C HIS C 11 7.87 63.50 -14.10
N ASN C 12 8.18 62.21 -14.26
CA ASN C 12 7.78 61.24 -13.25
C ASN C 12 8.44 61.54 -11.91
N LEU C 13 9.76 61.74 -11.93
CA LEU C 13 10.45 62.17 -10.72
C LEU C 13 9.86 63.48 -10.21
N TYR C 14 9.74 64.45 -11.10
CA TYR C 14 9.16 65.76 -10.84
C TYR C 14 7.94 65.67 -9.92
N ASN C 15 7.07 64.70 -10.19
CA ASN C 15 5.93 64.48 -9.31
C ASN C 15 6.38 63.85 -7.99
N LEU C 16 7.37 62.94 -8.05
CA LEU C 16 7.72 62.17 -6.86
C LEU C 16 8.27 63.07 -5.75
N GLN C 17 9.18 63.98 -6.08
CA GLN C 17 9.74 64.81 -5.02
C GLN C 17 8.67 65.71 -4.39
N ARG C 18 7.74 66.20 -5.20
CA ARG C 18 6.68 67.04 -4.66
C ARG C 18 5.85 66.29 -3.63
N ASP C 19 5.51 65.03 -3.91
CA ASP C 19 4.74 64.26 -2.95
C ASP C 19 5.51 64.07 -1.65
N LEU C 20 6.78 63.70 -1.74
CA LEU C 20 7.57 63.49 -0.53
C LEU C 20 7.74 64.79 0.24
N LEU C 21 7.99 65.90 -0.47
CA LEU C 21 8.14 67.19 0.19
C LEU C 21 6.86 67.60 0.89
N THR C 22 5.70 67.34 0.27
CA THR C 22 4.44 67.68 0.89
C THR C 22 4.25 66.93 2.20
N VAL C 23 4.61 65.64 2.23
CA VAL C 23 4.51 64.88 3.46
C VAL C 23 5.41 65.48 4.53
N ALA C 24 6.66 65.78 4.17
CA ALA C 24 7.59 66.37 5.14
C ALA C 24 7.07 67.71 5.63
N ALA C 25 6.53 68.52 4.73
CA ALA C 25 5.97 69.81 5.13
C ALA C 25 4.81 69.62 6.09
N THR C 26 3.98 68.60 5.86
CA THR C 26 2.86 68.35 6.75
C THR C 26 3.33 68.03 8.16
N VAL C 27 4.32 67.14 8.29
CA VAL C 27 4.76 66.74 9.63
C VAL C 27 5.46 67.91 10.32
N LEU C 28 6.24 68.68 9.58
CA LEU C 28 6.93 69.81 10.19
C LEU C 28 6.00 71.00 10.40
N GLY C 29 5.27 71.41 9.37
CA GLY C 29 4.35 72.54 9.51
C GLY C 29 4.59 73.66 8.51
N LYS C 30 5.28 73.36 7.41
CA LYS C 30 5.51 74.32 6.34
C LYS C 30 6.19 75.59 6.85
N GLN C 31 7.17 75.43 7.74
CA GLN C 31 7.88 76.56 8.31
C GLN C 31 9.39 76.51 8.14
N ASP C 32 9.96 75.35 7.88
CA ASP C 32 11.41 75.24 7.76
C ASP C 32 11.87 75.86 6.46
N PRO C 33 12.73 76.88 6.48
CA PRO C 33 13.28 77.41 5.23
C PRO C 33 14.13 76.41 4.47
N VAL C 34 14.67 75.39 5.15
CA VAL C 34 15.45 74.37 4.46
C VAL C 34 14.57 73.65 3.45
N LEU C 35 13.36 73.29 3.86
CA LEU C 35 12.40 72.70 2.92
C LEU C 35 12.16 73.64 1.75
N THR C 36 12.00 74.93 2.02
CA THR C 36 11.84 75.91 0.94
C THR C 36 13.07 75.96 0.06
N SER C 37 14.25 75.66 0.62
CA SER C 37 15.48 75.73 -0.16
C SER C 37 15.44 74.78 -1.34
N MET C 38 15.35 73.47 -1.07
CA MET C 38 15.30 72.56 -2.20
C MET C 38 13.95 72.58 -2.91
N ALA C 39 12.91 73.11 -2.26
CA ALA C 39 11.65 73.34 -2.97
C ALA C 39 11.83 74.39 -4.06
N ASN C 40 12.56 75.47 -3.76
CA ASN C 40 12.84 76.47 -4.77
C ASN C 40 13.70 75.91 -5.89
N GLN C 41 14.72 75.11 -5.55
CA GLN C 41 15.49 74.46 -6.60
C GLN C 41 14.62 73.50 -7.41
N MET C 42 13.65 72.87 -6.75
CA MET C 42 12.71 72.01 -7.46
C MET C 42 11.86 72.81 -8.43
N GLU C 43 11.40 73.99 -8.00
CA GLU C 43 10.66 74.87 -8.90
C GLU C 43 11.53 75.35 -10.04
N LEU C 44 12.82 75.55 -9.77
CA LEU C 44 13.76 75.87 -10.84
C LEU C 44 13.85 74.73 -11.84
N ALA C 45 13.92 73.49 -11.35
CA ALA C 45 13.96 72.35 -12.24
C ALA C 45 12.63 72.10 -12.94
N LYS C 46 11.55 72.72 -12.46
CA LYS C 46 10.24 72.55 -13.08
C LYS C 46 10.25 73.05 -14.52
N VAL C 47 10.84 74.23 -14.75
CA VAL C 47 10.88 74.79 -16.10
C VAL C 47 12.04 74.25 -16.92
N LYS C 48 12.95 73.51 -16.31
CA LYS C 48 14.10 72.98 -17.04
C LYS C 48 13.65 71.95 -18.08
N ALA C 49 14.40 71.89 -19.18
CA ALA C 49 14.08 70.96 -20.25
C ALA C 49 14.27 69.51 -19.79
N ASP C 50 13.43 68.63 -20.32
CA ASP C 50 13.52 67.21 -19.99
C ASP C 50 14.83 66.64 -20.50
N ARG C 51 15.36 65.68 -19.77
CA ARG C 51 16.67 65.12 -20.02
C ARG C 51 16.63 63.62 -19.82
N PRO C 52 17.59 62.89 -20.39
CA PRO C 52 17.77 61.50 -19.99
C PRO C 52 18.11 61.41 -18.51
N ALA C 53 17.67 60.32 -17.88
CA ALA C 53 17.86 60.18 -16.45
C ALA C 53 19.32 59.96 -16.12
N THR C 54 20.03 61.04 -15.81
CA THR C 54 21.43 60.93 -15.40
C THR C 54 21.52 60.24 -14.05
N LYS C 55 22.67 59.62 -13.79
CA LYS C 55 22.84 58.91 -12.53
C LYS C 55 22.69 59.84 -11.33
N GLN C 56 23.04 61.12 -11.49
CA GLN C 56 22.86 62.08 -10.40
C GLN C 56 21.39 62.27 -10.08
N GLU C 57 20.55 62.42 -11.11
CA GLU C 57 19.12 62.60 -10.88
C GLU C 57 18.52 61.39 -10.20
N GLU C 58 18.85 60.20 -10.68
CA GLU C 58 18.31 58.98 -10.09
C GLU C 58 18.80 58.81 -8.65
N ALA C 59 20.08 59.07 -8.40
CA ALA C 59 20.60 58.93 -7.05
C ALA C 59 19.97 59.94 -6.10
N ALA C 60 19.81 61.19 -6.55
CA ALA C 60 19.21 62.21 -5.70
C ALA C 60 17.77 61.84 -5.35
N ALA C 61 17.00 61.39 -6.33
CA ALA C 61 15.62 60.98 -6.06
C ALA C 61 15.60 59.75 -5.15
N LYS C 62 16.50 58.80 -5.38
CA LYS C 62 16.49 57.57 -4.59
C LYS C 62 16.81 57.83 -3.12
N ALA C 63 17.73 58.75 -2.84
CA ALA C 63 18.15 58.99 -1.47
C ALA C 63 17.38 60.12 -0.79
N LEU C 64 16.41 60.73 -1.48
CA LEU C 64 15.70 61.87 -0.91
C LEU C 64 14.93 61.48 0.35
N LYS C 65 14.28 60.32 0.33
CA LYS C 65 13.47 59.90 1.47
C LYS C 65 14.34 59.71 2.71
N LYS C 66 15.50 59.09 2.55
CA LYS C 66 16.40 58.90 3.68
C LYS C 66 16.87 60.23 4.24
N ASN C 67 17.19 61.18 3.37
CA ASN C 67 17.62 62.50 3.83
C ASN C 67 16.51 63.18 4.61
N LEU C 68 15.26 63.06 4.16
CA LEU C 68 14.15 63.67 4.86
C LEU C 68 13.97 63.07 6.24
N ILE C 69 14.15 61.75 6.36
CA ILE C 69 14.05 61.11 7.68
C ILE C 69 15.13 61.65 8.60
N GLU C 70 16.36 61.79 8.09
CA GLU C 70 17.45 62.31 8.91
C GLU C 70 17.15 63.73 9.35
N LEU C 71 16.60 64.55 8.46
CA LEU C 71 16.26 65.93 8.83
C LEU C 71 15.21 65.96 9.94
N ILE C 72 14.20 65.09 9.84
CA ILE C 72 13.17 65.05 10.87
C ILE C 72 13.77 64.64 12.21
N ALA C 73 14.69 63.66 12.19
CA ALA C 73 15.32 63.23 13.43
C ALA C 73 16.13 64.38 14.05
N ALA C 74 16.84 65.14 13.22
CA ALA C 74 17.59 66.28 13.74
C ALA C 74 16.68 67.33 14.36
N ARG C 75 15.57 67.63 13.69
CA ARG C 75 14.60 68.56 14.26
C ARG C 75 14.05 68.04 15.58
N THR C 76 13.78 66.74 15.64
CA THR C 76 13.26 66.14 16.87
C THR C 76 14.26 66.28 18.01
N GLN C 77 15.53 65.98 17.74
CA GLN C 77 16.54 66.07 18.80
C GLN C 77 16.71 67.49 19.30
N GLN C 78 16.71 68.46 18.37
CA GLN C 78 16.83 69.85 18.78
C GLN C 78 15.64 70.29 19.63
N GLN C 79 14.44 69.94 19.21
CA GLN C 79 13.25 70.29 19.99
C GLN C 79 13.19 69.52 21.30
N ASP C 80 13.49 68.22 21.27
CA ASP C 80 13.50 67.40 22.46
C ASP C 80 14.71 66.48 22.41
N GLY C 81 15.55 66.58 23.43
CA GLY C 81 16.76 65.77 23.46
C GLY C 81 16.45 64.29 23.61
N LEU C 82 16.62 63.54 22.53
CA LEU C 82 16.40 62.11 22.52
C LEU C 82 17.62 61.43 21.90
N PRO C 83 17.89 60.18 22.26
CA PRO C 83 18.99 59.44 21.62
C PRO C 83 18.70 59.23 20.14
N ALA C 84 19.77 58.98 19.39
CA ALA C 84 19.65 58.86 17.94
C ALA C 84 18.76 57.70 17.55
N LYS C 85 18.87 56.57 18.25
CA LYS C 85 18.05 55.41 17.92
C LYS C 85 16.57 55.69 18.13
N GLU C 86 16.24 56.29 19.28
CA GLU C 86 14.83 56.57 19.58
C GLU C 86 14.27 57.60 18.62
N ALA C 87 15.02 58.66 18.34
CA ALA C 87 14.56 59.68 17.41
C ALA C 87 14.36 59.11 16.01
N HIS C 88 15.30 58.28 15.57
CA HIS C 88 15.20 57.69 14.23
C HIS C 88 13.98 56.80 14.12
N ARG C 89 13.74 55.95 15.11
CA ARG C 89 12.58 55.07 15.08
C ARG C 89 11.28 55.86 15.08
N PHE C 90 11.19 56.87 15.95
CA PHE C 90 9.99 57.67 16.02
C PHE C 90 9.76 58.44 14.72
N ALA C 91 10.83 58.99 14.15
CA ALA C 91 10.69 59.76 12.92
C ALA C 91 10.18 58.89 11.78
N ALA C 92 10.70 57.67 11.65
CA ALA C 92 10.25 56.79 10.58
C ALA C 92 8.77 56.47 10.71
N VAL C 93 8.32 56.17 11.93
CA VAL C 93 6.91 55.85 12.13
C VAL C 93 6.03 57.05 11.78
N ALA C 94 6.42 58.23 12.25
CA ALA C 94 5.62 59.42 11.99
C ALA C 94 5.56 59.73 10.50
N PHE C 95 6.69 59.59 9.80
CA PHE C 95 6.72 59.89 8.37
C PHE C 95 5.81 58.94 7.59
N ARG C 96 5.88 57.64 7.90
CA ARG C 96 5.01 56.69 7.21
C ARG C 96 3.55 56.98 7.48
N ASP C 97 3.21 57.34 8.72
CA ASP C 97 1.82 57.64 9.05
C ASP C 97 1.32 58.82 8.24
N ALA C 98 2.12 59.88 8.13
CA ALA C 98 1.70 61.05 7.37
C ALA C 98 1.50 60.71 5.90
N GLN C 99 2.41 59.89 5.33
CA GLN C 99 2.28 59.54 3.93
C GLN C 99 1.00 58.76 3.65
N VAL C 100 0.66 57.82 4.54
CA VAL C 100 -0.58 57.07 4.35
C VAL C 100 -1.79 58.00 4.41
N LYS C 101 -1.78 58.94 5.36
CA LYS C 101 -2.89 59.88 5.46
C LYS C 101 -3.07 60.68 4.18
N GLN C 102 -1.97 61.23 3.66
CA GLN C 102 -2.07 62.04 2.44
C GLN C 102 -2.52 61.18 1.26
N LEU C 103 -1.94 60.00 1.11
CA LEU C 103 -2.31 59.14 0.00
C LEU C 103 -3.76 58.68 0.10
N ASN C 104 -4.29 58.60 1.31
CA ASN C 104 -5.68 58.22 1.49
C ASN C 104 -6.64 59.33 1.14
N ASN C 105 -6.25 60.58 1.37
CA ASN C 105 -7.19 61.69 1.22
C ASN C 105 -7.38 62.15 -0.22
N GLN C 106 -6.51 61.74 -1.13
CA GLN C 106 -6.66 62.15 -2.52
C GLN C 106 -7.90 61.50 -3.13
N PRO C 107 -8.51 62.12 -4.13
CA PRO C 107 -9.71 61.54 -4.74
C PRO C 107 -9.39 60.25 -5.47
N TRP C 108 -10.35 59.33 -5.46
CA TRP C 108 -10.26 58.08 -6.20
C TRP C 108 -11.35 58.06 -7.25
N GLN C 109 -10.97 57.84 -8.50
CA GLN C 109 -11.90 57.94 -9.61
C GLN C 109 -11.74 56.75 -10.54
N THR C 110 -12.79 56.48 -11.29
CA THR C 110 -12.77 55.38 -12.23
C THR C 110 -11.75 55.65 -13.33
N ILE C 111 -11.19 54.56 -13.88
CA ILE C 111 -10.17 54.63 -14.91
C ILE C 111 -10.68 53.90 -16.13
N LYS C 112 -10.66 54.57 -17.27
CA LYS C 112 -11.16 53.99 -18.51
C LYS C 112 -10.09 54.09 -19.58
N ASN C 113 -9.90 52.99 -20.31
CA ASN C 113 -8.93 52.96 -21.40
C ASN C 113 -9.54 52.20 -22.57
N THR C 114 -9.06 52.54 -23.76
CA THR C 114 -9.57 51.94 -24.99
C THR C 114 -8.43 51.28 -25.75
N LEU C 115 -8.72 50.12 -26.32
CA LEU C 115 -7.75 49.34 -27.06
C LEU C 115 -8.37 48.89 -28.36
N THR C 116 -7.60 48.97 -29.44
CA THR C 116 -8.07 48.57 -30.76
C THR C 116 -7.14 47.53 -31.37
N HIS C 117 -7.74 46.52 -32.00
CA HIS C 117 -6.96 45.45 -32.59
C HIS C 117 -7.80 44.72 -33.61
N ASN C 118 -7.28 44.59 -34.83
CA ASN C 118 -7.95 43.85 -35.90
C ASN C 118 -9.37 44.35 -36.13
N GLY C 119 -9.53 45.66 -36.14
CA GLY C 119 -10.85 46.21 -36.39
C GLY C 119 -11.84 46.00 -35.27
N HIS C 120 -11.36 45.71 -34.07
CA HIS C 120 -12.21 45.55 -32.91
C HIS C 120 -11.83 46.57 -31.85
N HIS C 121 -12.83 47.05 -31.12
CA HIS C 121 -12.63 48.03 -30.07
C HIS C 121 -12.98 47.40 -28.73
N TYR C 122 -12.03 47.43 -27.81
CA TYR C 122 -12.21 46.92 -26.47
C TYR C 122 -12.05 48.06 -25.48
N THR C 123 -12.74 47.94 -24.35
CA THR C 123 -12.68 48.94 -23.30
C THR C 123 -12.33 48.26 -21.99
N ASN C 124 -11.38 48.83 -21.26
CA ASN C 124 -11.01 48.37 -19.94
C ASN C 124 -11.43 49.41 -18.91
N THR C 125 -12.12 48.96 -17.88
CA THR C 125 -12.62 49.85 -16.85
C THR C 125 -12.17 49.35 -15.49
N GLN C 126 -11.63 50.25 -14.68
CA GLN C 126 -11.31 49.98 -13.29
C GLN C 126 -12.20 50.85 -12.42
N LEU C 127 -13.07 50.21 -11.65
CA LEU C 127 -14.00 50.94 -10.80
C LEU C 127 -13.56 50.84 -9.36
N PRO C 128 -13.16 51.93 -8.72
CA PRO C 128 -12.69 51.85 -7.33
C PRO C 128 -13.86 51.62 -6.40
N ALA C 129 -13.52 51.17 -5.18
CA ALA C 129 -14.54 50.89 -4.19
C ALA C 129 -15.37 52.12 -3.86
N ALA C 130 -14.78 53.30 -3.92
CA ALA C 130 -15.52 54.50 -3.59
C ALA C 130 -16.53 54.88 -4.65
N GLU C 131 -16.53 54.21 -5.80
CA GLU C 131 -17.44 54.54 -6.88
C GLU C 131 -18.57 53.54 -7.04
N MET C 132 -18.52 52.40 -6.35
CA MET C 132 -19.62 51.44 -6.41
C MET C 132 -20.78 52.02 -5.64
N LYS C 133 -21.72 52.63 -6.33
CA LYS C 133 -22.82 53.30 -5.65
C LYS C 133 -24.12 53.09 -6.39
N ILE C 134 -25.19 52.89 -5.62
CA ILE C 134 -26.56 52.97 -6.12
C ILE C 134 -27.24 54.13 -5.42
N GLY C 135 -27.74 55.06 -6.19
CA GLY C 135 -28.24 56.31 -5.62
C GLY C 135 -27.17 57.40 -5.64
N ALA C 136 -26.72 57.81 -4.46
CA ALA C 136 -25.72 58.86 -4.38
C ALA C 136 -24.62 58.59 -3.36
N LYS C 137 -24.62 57.43 -2.73
CA LYS C 137 -23.61 57.09 -1.73
C LYS C 137 -23.08 55.70 -2.03
N ASP C 138 -21.82 55.46 -1.70
CA ASP C 138 -21.24 54.15 -1.89
C ASP C 138 -21.96 53.13 -1.02
N ILE C 139 -22.06 51.90 -1.53
CA ILE C 139 -22.86 50.90 -0.86
C ILE C 139 -22.26 50.45 0.46
N PHE C 140 -20.98 50.70 0.69
CA PHE C 140 -20.33 50.15 1.87
C PHE C 140 -20.81 50.86 3.14
N PRO C 141 -20.90 50.13 4.24
CA PRO C 141 -21.45 50.72 5.48
C PRO C 141 -20.60 51.88 5.97
N SER C 142 -19.33 51.62 6.21
CA SER C 142 -18.40 52.68 6.58
C SER C 142 -18.05 53.44 5.30
N ALA C 143 -18.70 54.59 5.11
CA ALA C 143 -18.64 55.27 3.83
C ALA C 143 -17.22 55.72 3.50
N TYR C 144 -16.91 55.69 2.20
CA TYR C 144 -15.62 56.15 1.71
C TYR C 144 -15.56 57.65 1.47
N GLU C 145 -16.70 58.26 1.11
CA GLU C 145 -16.79 59.70 0.84
C GLU C 145 -15.80 60.13 -0.24
N GLY C 146 -15.66 59.31 -1.28
CA GLY C 146 -14.82 59.65 -2.40
C GLY C 146 -13.34 59.43 -2.19
N LYS C 147 -12.94 58.94 -1.02
CA LYS C 147 -11.56 58.66 -0.71
C LYS C 147 -11.35 57.15 -0.63
N GLY C 148 -10.09 56.75 -0.50
CA GLY C 148 -9.79 55.33 -0.53
C GLY C 148 -8.84 54.86 0.54
N VAL C 149 -8.42 53.61 0.45
CA VAL C 149 -7.45 53.01 1.35
C VAL C 149 -6.26 52.55 0.51
N CYS C 150 -5.06 52.90 0.94
CA CYS C 150 -3.87 52.55 0.20
C CYS C 150 -3.33 51.19 0.65
N SER C 151 -2.38 50.67 -0.12
CA SER C 151 -1.79 49.39 0.20
C SER C 151 -0.87 49.47 1.41
N TRP C 152 -0.44 50.67 1.79
CA TRP C 152 0.44 50.83 2.94
C TRP C 152 -0.31 51.01 4.25
N ASP C 153 -1.62 51.18 4.21
CA ASP C 153 -2.42 51.32 5.43
C ASP C 153 -2.68 49.92 5.97
N THR C 154 -1.71 49.42 6.72
CA THR C 154 -1.71 48.05 7.20
C THR C 154 -2.34 47.88 8.56
N LYS C 155 -2.81 48.96 9.18
CA LYS C 155 -3.45 48.88 10.49
C LYS C 155 -4.94 49.16 10.43
N ASN C 156 -5.50 49.31 9.24
CA ASN C 156 -6.92 49.55 9.10
C ASN C 156 -7.70 48.27 9.37
N ILE C 157 -8.75 48.37 10.18
CA ILE C 157 -9.58 47.22 10.52
C ILE C 157 -10.99 47.35 9.99
N HIS C 158 -11.31 48.43 9.28
CA HIS C 158 -12.66 48.67 8.82
C HIS C 158 -12.83 48.50 7.31
N HIS C 159 -11.76 48.57 6.54
CA HIS C 159 -11.87 48.59 5.09
C HIS C 159 -10.90 47.59 4.47
N ALA C 160 -11.30 47.05 3.33
CA ALA C 160 -10.37 46.29 2.51
C ALA C 160 -9.40 47.25 1.83
N ASN C 161 -8.17 46.78 1.65
CA ASN C 161 -7.09 47.70 1.30
C ASN C 161 -7.28 48.37 -0.04
N ASN C 162 -7.17 47.63 -1.12
CA ASN C 162 -7.08 48.22 -2.46
C ASN C 162 -8.09 47.52 -3.35
N LEU C 163 -9.34 47.95 -3.27
CA LEU C 163 -10.45 47.21 -3.85
C LEU C 163 -10.87 47.85 -5.16
N TRP C 164 -10.82 47.09 -6.24
CA TRP C 164 -11.25 47.55 -7.54
C TRP C 164 -12.07 46.47 -8.22
N MET C 165 -12.94 46.90 -9.12
CA MET C 165 -13.69 45.99 -9.98
C MET C 165 -13.20 46.19 -11.41
N SER C 166 -12.70 45.12 -12.01
CA SER C 166 -12.03 45.17 -13.30
C SER C 166 -12.92 44.56 -14.37
N THR C 167 -13.10 45.28 -15.47
CA THR C 167 -14.00 44.85 -16.52
C THR C 167 -13.36 45.05 -17.88
N VAL C 168 -13.57 44.10 -18.79
CA VAL C 168 -13.19 44.24 -20.18
C VAL C 168 -14.39 43.90 -21.06
N SER C 169 -14.69 44.77 -22.02
CA SER C 169 -15.84 44.60 -22.88
C SER C 169 -15.47 45.00 -24.30
N VAL C 170 -16.24 44.50 -25.25
CA VAL C 170 -16.02 44.76 -26.67
C VAL C 170 -17.25 45.44 -27.22
N HIS C 171 -17.03 46.41 -28.10
CA HIS C 171 -18.12 47.16 -28.70
C HIS C 171 -18.60 46.45 -29.95
N GLU C 172 -19.88 46.06 -29.96
CA GLU C 172 -20.47 45.39 -31.11
C GLU C 172 -21.91 45.84 -31.27
N ASP C 173 -22.30 46.09 -32.51
CA ASP C 173 -23.68 46.40 -32.87
C ASP C 173 -24.22 47.57 -32.05
N GLY C 174 -23.40 48.59 -31.88
CA GLY C 174 -23.81 49.73 -31.09
C GLY C 174 -24.01 49.42 -29.63
N LYS C 175 -23.52 48.28 -29.17
CA LYS C 175 -23.67 47.86 -27.79
C LYS C 175 -22.32 47.47 -27.23
N ASP C 176 -22.29 47.23 -25.92
CA ASP C 176 -21.08 46.85 -25.21
C ASP C 176 -21.35 45.51 -24.54
N LYS C 177 -20.83 44.44 -25.11
CA LYS C 177 -20.98 43.11 -24.53
C LYS C 177 -19.83 42.89 -23.55
N THR C 178 -20.16 42.59 -22.30
CA THR C 178 -19.14 42.38 -21.29
C THR C 178 -18.48 41.04 -21.49
N LEU C 179 -17.15 41.04 -21.57
CA LEU C 179 -16.42 39.80 -21.74
C LEU C 179 -15.86 39.24 -20.45
N PHE C 180 -15.55 40.08 -19.47
CA PHE C 180 -15.00 39.59 -18.21
C PHE C 180 -15.18 40.65 -17.15
N CYS C 181 -15.44 40.21 -15.92
CA CYS C 181 -15.58 41.12 -14.79
C CYS C 181 -15.12 40.40 -13.53
N GLY C 182 -14.25 41.05 -12.76
CA GLY C 182 -13.69 40.42 -11.58
C GLY C 182 -13.36 41.45 -10.51
N ILE C 183 -12.94 40.94 -9.35
CA ILE C 183 -12.65 41.76 -8.18
C ILE C 183 -11.20 41.55 -7.78
N ARG C 184 -10.44 42.65 -7.69
CA ARG C 184 -9.06 42.61 -7.27
C ARG C 184 -8.90 43.41 -6.00
N HIS C 185 -8.16 42.86 -5.03
CA HIS C 185 -8.02 43.53 -3.76
C HIS C 185 -6.67 43.20 -3.15
N GLY C 186 -6.38 43.82 -2.01
CA GLY C 186 -5.23 43.47 -1.23
C GLY C 186 -5.51 42.28 -0.36
N VAL C 187 -4.53 41.92 0.47
CA VAL C 187 -4.69 40.76 1.31
C VAL C 187 -5.70 41.06 2.41
N LEU C 188 -6.31 40.01 2.94
CA LEU C 188 -7.41 40.15 3.90
C LEU C 188 -6.94 40.17 5.34
N SER C 189 -5.68 40.36 5.59
CA SER C 189 -5.30 40.39 6.99
C SER C 189 -4.58 41.67 7.33
N PRO C 190 -4.91 42.30 8.45
CA PRO C 190 -4.11 43.43 8.92
C PRO C 190 -2.76 42.93 9.40
N TYR C 191 -1.70 43.56 8.90
CA TYR C 191 -0.37 42.98 9.07
C TYR C 191 0.08 43.12 10.51
N HIS C 192 0.14 44.36 10.99
CA HIS C 192 0.87 44.73 12.17
C HIS C 192 0.00 44.87 13.39
N GLU C 193 -1.25 44.46 13.32
CA GLU C 193 -2.05 44.34 14.53
C GLU C 193 -1.46 43.25 15.42
N LYS C 194 -1.27 43.57 16.69
CA LYS C 194 -0.62 42.64 17.60
C LYS C 194 -1.60 41.71 18.29
N ASP C 195 -2.76 42.22 18.66
CA ASP C 195 -3.77 41.42 19.33
C ASP C 195 -4.33 40.39 18.36
N PRO C 196 -4.21 39.09 18.63
CA PRO C 196 -4.81 38.11 17.74
C PRO C 196 -6.31 38.27 17.59
N LEU C 197 -6.99 38.74 18.64
CA LEU C 197 -8.43 38.94 18.55
C LEU C 197 -8.77 40.02 17.54
N LEU C 198 -8.09 41.16 17.62
CA LEU C 198 -8.33 42.20 16.63
C LEU C 198 -7.87 41.78 15.25
N ARG C 199 -6.85 40.94 15.16
CA ARG C 199 -6.44 40.44 13.86
C ARG C 199 -7.55 39.64 13.21
N HIS C 200 -8.13 38.70 13.95
CA HIS C 200 -9.21 37.90 13.37
C HIS C 200 -10.42 38.76 13.03
N VAL C 201 -10.77 39.70 13.91
CA VAL C 201 -11.93 40.54 13.64
C VAL C 201 -11.70 41.40 12.41
N GLY C 202 -10.52 41.97 12.27
CA GLY C 202 -10.23 42.79 11.10
C GLY C 202 -10.30 41.99 9.82
N ALA C 203 -9.80 40.75 9.84
CA ALA C 203 -9.90 39.91 8.67
C ALA C 203 -11.35 39.65 8.31
N GLU C 204 -12.21 39.46 9.31
CA GLU C 204 -13.62 39.25 9.05
C GLU C 204 -14.23 40.44 8.33
N ASN C 205 -13.95 41.65 8.82
CA ASN C 205 -14.57 42.82 8.22
C ASN C 205 -14.11 43.02 6.79
N LYS C 206 -12.83 42.81 6.53
CA LYS C 206 -12.33 42.95 5.17
C LYS C 206 -12.98 41.94 4.25
N ALA C 207 -13.09 40.69 4.69
CA ALA C 207 -13.71 39.68 3.84
C ALA C 207 -15.16 40.03 3.54
N LYS C 208 -15.88 40.54 4.53
CA LYS C 208 -17.26 40.93 4.28
C LYS C 208 -17.34 42.03 3.23
N GLU C 209 -16.36 42.93 3.23
CA GLU C 209 -16.36 43.99 2.24
C GLU C 209 -16.15 43.46 0.84
N VAL C 210 -15.28 42.47 0.68
CA VAL C 210 -15.09 41.85 -0.62
C VAL C 210 -16.39 41.19 -1.07
N LEU C 211 -17.08 40.53 -0.15
CA LEU C 211 -18.35 39.92 -0.51
C LEU C 211 -19.36 40.96 -0.97
N THR C 212 -19.38 42.11 -0.30
CA THR C 212 -20.29 43.16 -0.72
C THR C 212 -19.99 43.62 -2.14
N ALA C 213 -18.71 43.79 -2.46
CA ALA C 213 -18.35 44.20 -3.82
C ALA C 213 -18.74 43.15 -4.84
N ALA C 214 -18.53 41.87 -4.50
CA ALA C 214 -18.89 40.81 -5.44
C ALA C 214 -20.38 40.80 -5.72
N LEU C 215 -21.19 41.01 -4.68
CA LEU C 215 -22.63 41.07 -4.89
C LEU C 215 -23.00 42.21 -5.81
N PHE C 216 -22.32 43.34 -5.70
CA PHE C 216 -22.59 44.47 -6.56
C PHE C 216 -22.29 44.17 -8.03
N SER C 217 -21.43 43.20 -8.31
CA SER C 217 -21.11 42.87 -9.68
C SER C 217 -22.25 42.22 -10.43
N LYS C 218 -23.26 41.72 -9.71
CA LYS C 218 -24.39 41.03 -10.33
C LYS C 218 -25.67 41.79 -9.98
N PRO C 219 -26.10 42.69 -10.85
CA PRO C 219 -27.25 43.54 -10.50
C PRO C 219 -28.52 42.78 -10.20
N GLU C 220 -28.77 41.67 -10.89
CA GLU C 220 -29.98 40.92 -10.65
C GLU C 220 -29.99 40.32 -9.24
N LEU C 221 -28.86 39.77 -8.80
CA LEU C 221 -28.77 39.27 -7.45
C LEU C 221 -28.91 40.40 -6.44
N LEU C 222 -28.31 41.54 -6.74
CA LEU C 222 -28.42 42.68 -5.84
C LEU C 222 -29.86 43.12 -5.67
N ASN C 223 -30.61 43.15 -6.77
CA ASN C 223 -32.01 43.55 -6.68
C ASN C 223 -32.82 42.56 -5.87
N LYS C 224 -32.59 41.25 -6.08
CA LYS C 224 -33.31 40.25 -5.31
C LYS C 224 -33.02 40.40 -3.83
N ALA C 225 -31.74 40.57 -3.48
CA ALA C 225 -31.38 40.70 -2.07
C ALA C 225 -31.99 41.96 -1.48
N LEU C 226 -32.03 43.04 -2.24
CA LEU C 226 -32.65 44.26 -1.74
C LEU C 226 -34.16 44.12 -1.62
N ALA C 227 -34.76 43.13 -2.28
CA ALA C 227 -36.18 42.88 -2.17
C ALA C 227 -36.54 42.05 -0.94
N GLY C 228 -35.55 41.62 -0.15
CA GLY C 228 -35.81 40.88 1.06
C GLY C 228 -35.66 39.39 0.96
N GLU C 229 -35.12 38.87 -0.13
CA GLU C 229 -34.99 37.44 -0.34
C GLU C 229 -33.54 37.00 -0.15
N ALA C 230 -33.35 35.88 0.55
CA ALA C 230 -32.01 35.35 0.74
C ALA C 230 -31.42 34.92 -0.60
N VAL C 231 -30.15 35.21 -0.81
CA VAL C 231 -29.50 35.05 -2.10
C VAL C 231 -28.27 34.17 -1.94
N SER C 232 -28.09 33.25 -2.88
CA SER C 232 -26.91 32.38 -2.89
C SER C 232 -25.85 32.98 -3.79
N LEU C 233 -24.60 32.98 -3.31
CA LEU C 233 -23.50 33.60 -4.03
C LEU C 233 -22.32 32.66 -4.08
N LYS C 234 -21.70 32.54 -5.25
CA LYS C 234 -20.56 31.67 -5.45
C LYS C 234 -19.34 32.50 -5.81
N LEU C 235 -18.24 32.27 -5.11
CA LEU C 235 -17.06 33.10 -5.27
C LEU C 235 -15.82 32.23 -5.32
N VAL C 236 -14.90 32.57 -6.22
CA VAL C 236 -13.63 31.87 -6.36
C VAL C 236 -12.52 32.86 -6.05
N SER C 237 -11.76 32.60 -5.00
CA SER C 237 -10.71 33.51 -4.56
C SER C 237 -9.35 32.89 -4.82
N VAL C 238 -8.45 33.65 -5.42
CA VAL C 238 -7.12 33.19 -5.77
C VAL C 238 -6.11 34.09 -5.10
N GLY C 239 -5.28 33.52 -4.24
CA GLY C 239 -4.20 34.24 -3.60
C GLY C 239 -2.89 33.98 -4.31
N LEU C 240 -2.03 34.99 -4.32
CA LEU C 240 -0.78 34.92 -5.04
C LEU C 240 0.43 35.08 -4.12
N LEU C 241 0.32 34.62 -2.88
CA LEU C 241 1.40 34.74 -1.92
C LEU C 241 2.18 33.43 -1.82
N THR C 242 3.44 33.53 -1.43
CA THR C 242 4.32 32.38 -1.45
C THR C 242 4.19 31.46 -0.25
N ALA C 243 3.60 31.93 0.85
CA ALA C 243 3.27 31.07 1.99
C ALA C 243 4.51 30.45 2.64
N SER C 244 5.47 31.31 2.99
CA SER C 244 6.58 30.89 3.82
C SER C 244 7.01 32.06 4.67
N ASN C 245 7.36 31.78 5.92
CA ASN C 245 7.70 32.83 6.87
C ASN C 245 9.18 33.16 6.89
N ILE C 246 9.97 32.57 5.99
CA ILE C 246 11.42 32.71 6.06
C ILE C 246 11.83 34.15 5.84
N PHE C 247 11.23 34.83 4.87
CA PHE C 247 11.70 36.15 4.47
C PHE C 247 10.78 37.29 4.89
N GLY C 248 9.47 37.16 4.74
CA GLY C 248 8.64 38.32 4.94
C GLY C 248 7.28 38.14 5.58
N LYS C 249 7.09 37.09 6.37
CA LYS C 249 5.83 36.86 7.09
C LYS C 249 4.64 36.73 6.15
N GLU C 250 4.88 36.20 4.95
CA GLU C 250 3.76 35.92 4.06
C GLU C 250 3.07 34.62 4.42
N GLY C 251 3.68 33.79 5.26
CA GLY C 251 2.99 32.59 5.70
C GLY C 251 1.77 32.92 6.55
N THR C 252 1.98 33.62 7.66
CA THR C 252 0.87 33.92 8.56
C THR C 252 -0.20 34.70 7.85
N MET C 253 0.17 35.48 6.85
CA MET C 253 -0.79 36.20 6.03
C MET C 253 -1.78 35.24 5.41
N VAL C 254 -1.28 34.11 4.92
CA VAL C 254 -2.12 33.14 4.25
C VAL C 254 -3.09 32.49 5.20
N GLU C 255 -2.61 32.01 6.36
CA GLU C 255 -3.56 31.40 7.29
C GLU C 255 -4.60 32.40 7.77
N ASP C 256 -4.22 33.66 7.91
CA ASP C 256 -5.24 34.64 8.28
C ASP C 256 -6.31 34.75 7.23
N GLN C 257 -5.95 34.77 5.95
CA GLN C 257 -6.96 34.85 4.91
C GLN C 257 -7.82 33.61 4.86
N MET C 258 -7.20 32.43 4.92
CA MET C 258 -7.97 31.19 4.86
C MET C 258 -8.92 31.08 6.05
N ARG C 259 -8.46 31.47 7.23
CA ARG C 259 -9.32 31.43 8.40
C ARG C 259 -10.53 32.34 8.22
N ALA C 260 -10.33 33.51 7.63
CA ALA C 260 -11.45 34.42 7.43
C ALA C 260 -12.49 33.82 6.50
N TRP C 261 -12.07 33.21 5.40
CA TRP C 261 -13.03 32.60 4.50
C TRP C 261 -13.78 31.48 5.19
N GLN C 262 -13.08 30.67 5.99
CA GLN C 262 -13.74 29.58 6.68
C GLN C 262 -14.81 30.10 7.63
N SER C 263 -14.52 31.18 8.33
CA SER C 263 -15.49 31.70 9.29
C SER C 263 -16.73 32.25 8.60
N LEU C 264 -16.63 32.70 7.37
CA LEU C 264 -17.83 33.16 6.68
C LEU C 264 -18.60 32.04 6.01
N THR C 265 -17.97 30.92 5.71
CA THR C 265 -18.67 29.81 5.05
C THR C 265 -18.86 28.64 6.00
N GLN C 266 -19.16 28.92 7.24
CA GLN C 266 -19.50 27.87 8.18
C GLN C 266 -20.82 27.24 7.77
N PRO C 267 -20.93 25.91 7.72
CA PRO C 267 -22.12 25.30 7.14
C PRO C 267 -23.38 25.66 7.90
N GLY C 268 -24.45 25.93 7.15
CA GLY C 268 -25.71 26.31 7.74
C GLY C 268 -25.75 27.69 8.33
N LYS C 269 -24.68 28.45 8.23
CA LYS C 269 -24.60 29.79 8.80
C LYS C 269 -24.95 30.81 7.74
N MET C 270 -26.00 31.59 7.99
CA MET C 270 -26.42 32.59 7.02
C MET C 270 -25.82 33.95 7.39
N ILE C 271 -25.30 34.65 6.38
CA ILE C 271 -24.52 35.85 6.58
C ILE C 271 -25.40 37.08 6.39
N HIS C 272 -25.23 38.06 7.25
CA HIS C 272 -25.97 39.31 7.19
C HIS C 272 -25.02 40.44 6.80
N LEU C 273 -25.39 41.18 5.75
CA LEU C 273 -24.58 42.29 5.26
C LEU C 273 -25.38 43.57 5.34
N LYS C 274 -24.67 44.68 5.53
CA LYS C 274 -25.27 46.00 5.54
C LYS C 274 -24.96 46.70 4.22
N ILE C 275 -25.99 47.28 3.61
CA ILE C 275 -25.87 47.89 2.30
C ILE C 275 -26.65 49.19 2.29
N ARG C 276 -26.06 50.24 1.73
CA ARG C 276 -26.76 51.51 1.56
C ARG C 276 -27.67 51.42 0.35
N ASN C 277 -28.98 51.48 0.57
CA ASN C 277 -29.92 51.38 -0.53
C ASN C 277 -29.92 52.67 -1.33
N LYS C 278 -30.83 52.74 -2.30
CA LYS C 278 -30.91 53.92 -3.14
C LYS C 278 -31.37 55.16 -2.37
N ASP C 279 -31.84 55.00 -1.15
CA ASP C 279 -32.27 56.12 -0.33
C ASP C 279 -31.22 56.53 0.69
N GLY C 280 -30.03 55.96 0.62
CA GLY C 280 -28.99 56.31 1.56
C GLY C 280 -29.19 55.76 2.95
N ASP C 281 -29.99 54.72 3.10
CA ASP C 281 -30.31 54.14 4.40
C ASP C 281 -29.71 52.74 4.48
N LEU C 282 -29.06 52.44 5.60
CA LEU C 282 -28.52 51.11 5.79
C LEU C 282 -29.64 50.08 5.82
N GLN C 283 -29.43 48.98 5.11
CA GLN C 283 -30.41 47.91 5.02
C GLN C 283 -29.68 46.59 5.10
N THR C 284 -30.29 45.62 5.75
CA THR C 284 -29.66 44.32 5.97
C THR C 284 -30.14 43.32 4.94
N VAL C 285 -29.21 42.59 4.35
CA VAL C 285 -29.51 41.56 3.37
C VAL C 285 -28.92 40.24 3.86
N LYS C 286 -29.45 39.15 3.33
CA LYS C 286 -29.07 37.81 3.76
C LYS C 286 -28.43 37.06 2.60
N ILE C 287 -27.23 36.55 2.83
CA ILE C 287 -26.43 35.89 1.81
C ILE C 287 -26.12 34.47 2.24
N LYS C 288 -26.14 33.55 1.30
CA LYS C 288 -25.67 32.19 1.50
C LYS C 288 -24.37 32.02 0.71
N PRO C 289 -23.24 32.32 1.31
CA PRO C 289 -21.99 32.34 0.56
C PRO C 289 -21.47 30.95 0.27
N ASP C 290 -20.58 30.88 -0.72
CA ASP C 290 -19.90 29.64 -1.05
C ASP C 290 -18.58 30.03 -1.69
N VAL C 291 -17.48 29.80 -0.99
CA VAL C 291 -16.18 30.31 -1.40
C VAL C 291 -15.24 29.16 -1.61
N ALA C 292 -14.54 29.16 -2.74
CA ALA C 292 -13.44 28.25 -2.99
C ALA C 292 -12.16 29.07 -2.96
N ALA C 293 -11.30 28.80 -1.98
CA ALA C 293 -10.13 29.62 -1.72
C ALA C 293 -8.87 28.90 -2.18
N PHE C 294 -8.06 29.57 -2.97
CA PHE C 294 -6.83 29.04 -3.53
C PHE C 294 -5.65 29.89 -3.12
N ASN C 295 -4.47 29.33 -3.26
CA ASN C 295 -3.22 30.07 -3.15
C ASN C 295 -2.19 29.37 -4.01
N VAL C 296 -1.46 30.13 -4.82
CA VAL C 296 -0.57 29.50 -5.78
C VAL C 296 0.89 29.93 -5.59
N GLY C 297 1.17 31.22 -5.63
CA GLY C 297 2.54 31.66 -5.52
C GLY C 297 3.21 31.73 -6.86
N VAL C 298 3.63 32.93 -7.26
CA VAL C 298 4.13 33.15 -8.61
C VAL C 298 5.46 33.90 -8.57
N ASN C 299 6.10 33.90 -7.41
CA ASN C 299 7.39 34.57 -7.27
C ASN C 299 8.52 33.66 -7.73
N GLU C 300 9.71 34.24 -7.79
CA GLU C 300 10.92 33.42 -7.90
C GLU C 300 11.12 32.60 -6.65
N LEU C 301 10.75 33.14 -5.50
CA LEU C 301 10.89 32.41 -4.24
C LEU C 301 10.07 31.13 -4.25
N ALA C 302 9.02 31.07 -5.05
CA ALA C 302 8.18 29.89 -5.10
C ALA C 302 8.43 29.03 -6.31
N LEU C 303 8.92 29.60 -7.40
CA LEU C 303 9.06 28.86 -8.64
C LEU C 303 10.49 28.39 -8.90
N LYS C 304 11.48 29.21 -8.59
CA LYS C 304 12.86 28.80 -8.85
C LYS C 304 13.38 27.92 -7.73
N LEU C 305 13.41 28.43 -6.50
CA LEU C 305 13.91 27.64 -5.39
C LEU C 305 12.80 26.95 -4.61
N GLY C 306 11.60 27.51 -4.58
CA GLY C 306 10.45 26.72 -4.19
C GLY C 306 10.13 26.79 -2.71
N PHE C 307 9.17 27.63 -2.36
CA PHE C 307 8.80 27.84 -0.97
C PHE C 307 7.30 27.66 -0.81
N GLY C 308 6.91 26.96 0.24
CA GLY C 308 5.50 26.86 0.56
C GLY C 308 4.67 26.11 -0.45
N LEU C 309 5.30 25.36 -1.35
CA LEU C 309 4.53 24.54 -2.27
C LEU C 309 3.68 23.52 -1.52
N LYS C 310 4.29 22.85 -0.54
CA LYS C 310 3.56 21.88 0.25
C LYS C 310 2.47 22.54 1.08
N ALA C 311 2.77 23.71 1.65
CA ALA C 311 1.78 24.38 2.48
C ALA C 311 0.55 24.79 1.67
N SER C 312 0.77 25.32 0.48
CA SER C 312 -0.36 25.80 -0.31
C SER C 312 -1.18 24.65 -0.86
N ASP C 313 -0.53 23.56 -1.25
CA ASP C 313 -1.26 22.48 -1.89
C ASP C 313 -2.30 21.85 -0.98
N SER C 314 -2.12 21.95 0.34
CA SER C 314 -3.14 21.46 1.25
C SER C 314 -4.43 22.23 1.09
N TYR C 315 -4.34 23.55 0.89
CA TYR C 315 -5.53 24.35 0.62
C TYR C 315 -6.08 24.07 -0.76
N ASN C 316 -5.21 23.97 -1.76
CA ASN C 316 -5.66 23.84 -3.13
C ASN C 316 -6.40 22.54 -3.35
N ALA C 317 -6.03 21.48 -2.64
CA ALA C 317 -6.73 20.21 -2.82
C ALA C 317 -8.18 20.32 -2.43
N GLU C 318 -8.47 20.96 -1.30
CA GLU C 318 -9.85 21.13 -0.87
C GLU C 318 -10.63 21.97 -1.87
N ALA C 319 -10.02 23.06 -2.35
CA ALA C 319 -10.72 23.94 -3.26
C ALA C 319 -11.05 23.25 -4.58
N LEU C 320 -10.12 22.45 -5.11
CA LEU C 320 -10.41 21.74 -6.34
C LEU C 320 -11.54 20.75 -6.15
N HIS C 321 -11.57 20.04 -5.03
CA HIS C 321 -12.68 19.13 -4.80
C HIS C 321 -13.99 19.88 -4.76
N GLN C 322 -13.96 21.10 -4.23
CA GLN C 322 -15.16 21.91 -4.19
C GLN C 322 -15.56 22.38 -5.58
N LEU C 323 -14.60 22.57 -6.47
CA LEU C 323 -14.87 23.18 -7.77
C LEU C 323 -15.12 22.16 -8.85
N LEU C 324 -14.45 21.01 -8.81
CA LEU C 324 -14.54 20.03 -9.87
C LEU C 324 -15.05 18.67 -9.43
N GLY C 325 -15.18 18.43 -8.14
CA GLY C 325 -15.67 17.15 -7.68
C GLY C 325 -14.56 16.29 -7.11
N ASN C 326 -14.92 15.04 -6.81
CA ASN C 326 -14.00 14.13 -6.13
C ASN C 326 -13.13 13.34 -7.09
N ASP C 327 -13.36 13.42 -8.39
CA ASP C 327 -12.55 12.72 -9.36
C ASP C 327 -11.80 13.73 -10.20
N LEU C 328 -10.48 13.74 -10.10
CA LEU C 328 -9.66 14.73 -10.78
C LEU C 328 -8.85 14.12 -11.92
N ARG C 329 -9.20 12.94 -12.37
CA ARG C 329 -8.53 12.38 -13.53
C ARG C 329 -8.88 13.22 -14.76
N PRO C 330 -7.90 13.55 -15.60
CA PRO C 330 -8.16 14.48 -16.71
C PRO C 330 -9.22 13.99 -17.69
N GLU C 331 -9.46 12.69 -17.76
CA GLU C 331 -10.41 12.15 -18.72
C GLU C 331 -11.80 11.94 -18.12
N ALA C 332 -11.98 12.14 -16.83
CA ALA C 332 -13.27 11.90 -16.21
C ALA C 332 -14.24 13.03 -16.56
N ARG C 333 -15.45 12.92 -16.03
CA ARG C 333 -16.38 14.01 -16.32
C ARG C 333 -16.41 14.99 -15.17
N PRO C 334 -16.55 16.28 -15.45
CA PRO C 334 -16.50 17.27 -14.38
C PRO C 334 -17.65 17.14 -13.41
N GLY C 335 -17.37 17.45 -12.16
CA GLY C 335 -18.37 17.45 -11.12
C GLY C 335 -18.34 18.77 -10.36
N GLY C 336 -18.87 18.80 -9.15
CA GLY C 336 -18.81 20.04 -8.39
C GLY C 336 -19.59 21.15 -9.06
N TRP C 337 -19.10 22.37 -8.89
CA TRP C 337 -19.78 23.52 -9.47
C TRP C 337 -19.82 23.44 -10.99
N VAL C 338 -18.72 22.98 -11.59
CA VAL C 338 -18.69 22.85 -13.04
C VAL C 338 -19.74 21.88 -13.52
N GLY C 339 -19.87 20.74 -12.82
CA GLY C 339 -20.90 19.78 -13.19
C GLY C 339 -22.29 20.37 -13.09
N GLU C 340 -22.56 21.13 -12.03
CA GLU C 340 -23.88 21.73 -11.89
C GLU C 340 -24.17 22.71 -13.01
N TRP C 341 -23.17 23.49 -13.40
CA TRP C 341 -23.39 24.42 -14.50
C TRP C 341 -23.66 23.67 -15.80
N LEU C 342 -22.89 22.62 -16.06
CA LEU C 342 -23.06 21.90 -17.32
C LEU C 342 -24.38 21.15 -17.37
N ALA C 343 -24.95 20.80 -16.21
CA ALA C 343 -26.21 20.07 -16.21
C ALA C 343 -27.35 20.88 -16.77
N GLN C 344 -27.20 22.19 -16.90
CA GLN C 344 -28.23 23.02 -17.51
C GLN C 344 -28.15 23.03 -19.03
N TYR C 345 -27.16 22.35 -19.60
CA TYR C 345 -26.94 22.32 -21.04
C TYR C 345 -26.85 23.74 -21.62
N PRO C 346 -25.83 24.49 -21.25
CA PRO C 346 -25.67 25.83 -21.82
C PRO C 346 -24.93 25.78 -23.13
N ASP C 347 -25.07 26.85 -23.90
CA ASP C 347 -24.36 26.96 -25.16
C ASP C 347 -22.91 27.33 -24.96
N ASN C 348 -22.44 27.19 -23.73
CA ASN C 348 -21.08 27.56 -23.33
C ASN C 348 -20.20 26.34 -23.13
N TYR C 349 -20.70 25.15 -23.47
CA TYR C 349 -20.09 23.91 -22.99
C TYR C 349 -18.68 23.73 -23.52
N GLU C 350 -18.40 24.20 -24.73
CA GLU C 350 -17.11 23.95 -25.34
C GLU C 350 -15.97 24.55 -24.51
N VAL C 351 -16.09 25.83 -24.18
CA VAL C 351 -15.03 26.51 -23.45
C VAL C 351 -14.87 25.92 -22.07
N VAL C 352 -15.99 25.63 -21.41
CA VAL C 352 -15.94 25.11 -20.05
C VAL C 352 -15.22 23.77 -20.01
N ASN C 353 -15.54 22.89 -20.95
CA ASN C 353 -14.89 21.58 -20.96
C ASN C 353 -13.40 21.70 -21.19
N THR C 354 -12.99 22.58 -22.09
CA THR C 354 -11.57 22.75 -22.37
C THR C 354 -10.83 23.24 -21.14
N LEU C 355 -11.38 24.25 -20.46
CA LEU C 355 -10.71 24.81 -19.30
C LEU C 355 -10.59 23.79 -18.19
N ALA C 356 -11.64 23.02 -17.94
CA ALA C 356 -11.59 22.01 -16.90
C ALA C 356 -10.53 20.96 -17.20
N ARG C 357 -10.44 20.54 -18.45
CA ARG C 357 -9.45 19.55 -18.81
C ARG C 357 -8.04 20.07 -18.60
N GLN C 358 -7.78 21.31 -19.01
CA GLN C 358 -6.44 21.85 -18.87
C GLN C 358 -6.04 21.98 -17.41
N ILE C 359 -6.99 22.39 -16.56
CA ILE C 359 -6.67 22.55 -15.15
C ILE C 359 -6.30 21.21 -14.53
N LYS C 360 -7.04 20.15 -14.86
CA LYS C 360 -6.69 18.84 -14.34
C LYS C 360 -5.32 18.40 -14.81
N ASP C 361 -4.97 18.71 -16.07
CA ASP C 361 -3.66 18.37 -16.59
C ASP C 361 -2.56 19.03 -15.78
N ILE C 362 -2.69 20.33 -15.55
CA ILE C 362 -1.68 21.06 -14.79
C ILE C 362 -1.56 20.48 -13.39
N TRP C 363 -2.69 20.18 -12.76
CA TRP C 363 -2.65 19.65 -11.42
C TRP C 363 -1.98 18.28 -11.39
N LYS C 364 -2.19 17.47 -12.41
CA LYS C 364 -1.67 16.11 -12.41
C LYS C 364 -0.15 16.10 -12.48
N ASN C 365 0.42 16.91 -13.37
CA ASN C 365 1.87 16.91 -13.56
C ASN C 365 2.58 17.90 -12.68
N ASN C 366 1.86 18.60 -11.80
CA ASN C 366 2.44 19.63 -10.94
C ASN C 366 3.14 20.70 -11.76
N GLN C 367 2.60 21.01 -12.94
CA GLN C 367 3.24 21.99 -13.80
C GLN C 367 3.25 23.38 -13.17
N HIS C 368 2.41 23.64 -12.18
CA HIS C 368 2.41 24.96 -11.58
C HIS C 368 3.57 25.15 -10.61
N HIS C 369 4.33 24.11 -10.33
CA HIS C 369 5.50 24.25 -9.47
C HIS C 369 6.69 24.86 -10.19
N LYS C 370 6.70 24.82 -11.52
CA LYS C 370 7.71 25.47 -12.33
C LYS C 370 7.05 26.50 -13.22
N ASP C 371 7.85 27.31 -13.90
CA ASP C 371 7.32 28.26 -14.87
C ASP C 371 7.83 27.83 -16.24
N GLY C 372 7.10 26.93 -16.89
CA GLY C 372 7.48 26.51 -18.22
C GLY C 372 7.23 27.61 -19.23
N GLY C 373 7.84 28.77 -18.99
CA GLY C 373 7.67 29.90 -19.87
C GLY C 373 6.59 30.87 -19.45
N GLU C 374 5.64 30.46 -18.61
CA GLU C 374 4.63 31.39 -18.17
C GLU C 374 4.09 31.00 -16.80
N PRO C 375 4.31 31.85 -15.80
CA PRO C 375 4.12 31.42 -14.41
C PRO C 375 2.69 31.47 -13.91
N TYR C 376 1.80 32.18 -14.58
CA TYR C 376 0.42 32.30 -14.13
C TYR C 376 -0.48 31.25 -14.72
N LYS C 377 0.06 30.08 -15.06
CA LYS C 377 -0.71 29.12 -15.84
C LYS C 377 -1.94 28.62 -15.10
N LEU C 378 -1.82 28.40 -13.79
CA LEU C 378 -2.95 27.89 -13.05
C LEU C 378 -3.88 28.99 -12.57
N ALA C 379 -3.32 30.09 -12.07
CA ALA C 379 -4.17 31.17 -11.56
C ALA C 379 -5.05 31.74 -12.66
N GLN C 380 -4.48 31.96 -13.83
CA GLN C 380 -5.23 32.59 -14.91
C GLN C 380 -6.41 31.74 -15.34
N ARG C 381 -6.21 30.43 -15.44
CA ARG C 381 -7.30 29.56 -15.87
C ARG C 381 -8.36 29.42 -14.79
N LEU C 382 -7.97 29.45 -13.51
CA LEU C 382 -8.97 29.39 -12.46
C LEU C 382 -9.90 30.58 -12.54
N ALA C 383 -9.36 31.78 -12.75
CA ALA C 383 -10.21 32.95 -12.84
C ALA C 383 -11.11 32.89 -14.07
N MET C 384 -10.58 32.47 -15.21
CA MET C 384 -11.41 32.42 -16.40
C MET C 384 -12.52 31.40 -16.27
N LEU C 385 -12.21 30.25 -15.68
CA LEU C 385 -13.23 29.23 -15.49
C LEU C 385 -14.33 29.73 -14.56
N ALA C 386 -13.95 30.45 -13.50
CA ALA C 386 -14.95 30.95 -12.57
C ALA C 386 -15.93 31.88 -13.25
N HIS C 387 -15.44 32.73 -14.15
CA HIS C 387 -16.36 33.62 -14.84
C HIS C 387 -17.27 32.86 -15.78
N GLU C 388 -16.80 31.77 -16.37
CA GLU C 388 -17.62 31.04 -17.32
C GLU C 388 -18.84 30.41 -16.66
N ILE C 389 -18.67 29.86 -15.46
CA ILE C 389 -19.74 29.10 -14.82
C ILE C 389 -20.53 30.00 -13.91
N ASP C 390 -20.44 31.31 -14.14
CA ASP C 390 -21.25 32.31 -13.49
C ASP C 390 -20.94 32.50 -12.02
N ALA C 391 -19.74 32.15 -11.59
CA ALA C 391 -19.29 32.53 -10.26
C ALA C 391 -18.67 33.92 -10.34
N VAL C 392 -18.07 34.39 -9.26
CA VAL C 392 -17.38 35.66 -9.25
C VAL C 392 -15.90 35.40 -8.99
N PRO C 393 -15.01 35.81 -9.88
CA PRO C 393 -13.58 35.62 -9.62
C PRO C 393 -12.99 36.81 -8.87
N ALA C 394 -12.14 36.49 -7.89
CA ALA C 394 -11.46 37.50 -7.10
C ALA C 394 -10.04 37.05 -6.84
N TRP C 395 -9.08 37.96 -6.97
CA TRP C 395 -7.69 37.62 -6.73
C TRP C 395 -7.00 38.74 -5.98
N ASN C 396 -5.94 38.39 -5.26
CA ASN C 396 -5.28 39.35 -4.40
C ASN C 396 -3.80 39.05 -4.29
N CYS C 397 -3.06 40.07 -3.88
CA CYS C 397 -1.64 40.00 -3.60
C CYS C 397 -1.39 40.52 -2.20
N LYS C 398 -0.13 40.69 -1.84
CA LYS C 398 0.22 41.33 -0.58
C LYS C 398 -0.33 42.75 -0.52
N SER C 399 -0.04 43.55 -1.53
CA SER C 399 -0.48 44.92 -1.58
C SER C 399 -1.55 45.17 -2.62
N GLY C 400 -1.73 44.26 -3.56
CA GLY C 400 -2.80 44.38 -4.52
C GLY C 400 -2.49 45.25 -5.73
N LYS C 401 -1.23 45.50 -6.02
CA LYS C 401 -0.89 46.28 -7.19
C LYS C 401 0.20 45.69 -8.08
N ASP C 402 1.09 44.86 -7.57
CA ASP C 402 2.16 44.35 -8.42
C ASP C 402 1.84 43.00 -9.03
N ARG C 403 1.71 41.97 -8.21
CA ARG C 403 1.35 40.67 -8.75
C ARG C 403 -0.10 40.66 -9.18
N THR C 404 -0.96 41.39 -8.47
CA THR C 404 -2.33 41.55 -8.90
C THR C 404 -2.41 42.20 -10.26
N GLY C 405 -1.62 43.24 -10.48
CA GLY C 405 -1.63 43.89 -11.77
C GLY C 405 -1.17 42.99 -12.89
N MET C 406 -0.15 42.18 -12.63
CA MET C 406 0.33 41.28 -13.67
C MET C 406 -0.72 40.24 -14.02
N MET C 407 -1.41 39.68 -13.02
CA MET C 407 -2.45 38.70 -13.32
C MET C 407 -3.60 39.36 -14.05
N ASP C 408 -3.91 40.60 -13.72
CA ASP C 408 -4.93 41.34 -14.45
C ASP C 408 -4.58 41.38 -15.94
N SER C 409 -3.34 41.71 -16.25
CA SER C 409 -2.94 41.80 -17.65
C SER C 409 -3.01 40.44 -18.33
N GLU C 410 -2.60 39.38 -17.63
CA GLU C 410 -2.62 38.06 -18.24
C GLU C 410 -4.04 37.66 -18.62
N ILE C 411 -4.99 37.88 -17.71
CA ILE C 411 -6.37 37.51 -17.99
C ILE C 411 -6.92 38.30 -19.17
N LYS C 412 -6.67 39.60 -19.19
CA LYS C 412 -7.19 40.41 -20.29
C LYS C 412 -6.63 39.95 -21.62
N ARG C 413 -5.34 39.62 -21.66
CA ARG C 413 -4.76 39.15 -22.92
C ARG C 413 -5.44 37.89 -23.40
N GLU C 414 -5.69 36.94 -22.50
CA GLU C 414 -6.28 35.69 -22.94
C GLU C 414 -7.72 35.87 -23.36
N ILE C 415 -8.48 36.71 -22.65
CA ILE C 415 -9.88 36.94 -23.04
C ILE C 415 -9.94 37.56 -24.42
N ILE C 416 -9.11 38.56 -24.67
CA ILE C 416 -9.12 39.21 -25.97
C ILE C 416 -8.73 38.22 -27.05
N SER C 417 -7.70 37.42 -26.80
CA SER C 417 -7.29 36.44 -27.79
C SER C 417 -8.38 35.43 -28.06
N LEU C 418 -9.09 35.00 -27.02
CA LEU C 418 -10.16 34.02 -27.21
C LEU C 418 -11.36 34.62 -27.92
N HIS C 419 -11.63 35.91 -27.71
CA HIS C 419 -12.84 36.50 -28.25
C HIS C 419 -12.90 36.43 -29.76
N GLN C 420 -11.78 36.24 -30.41
CA GLN C 420 -11.76 36.16 -31.86
C GLN C 420 -12.07 34.76 -32.36
N THR C 421 -13.01 34.11 -31.65
CA THR C 421 -13.59 32.80 -31.96
C THR C 421 -12.56 31.70 -31.95
N HIS C 422 -11.41 31.94 -31.35
CA HIS C 422 -10.32 31.00 -31.36
C HIS C 422 -10.58 29.89 -30.36
N MET C 423 -9.53 29.15 -30.08
CA MET C 423 -9.47 28.23 -28.96
C MET C 423 -8.53 28.77 -27.90
N LEU C 424 -8.36 28.01 -26.84
CA LEU C 424 -7.42 28.40 -25.80
C LEU C 424 -6.05 27.83 -26.08
N SER C 425 -5.03 28.54 -25.62
CA SER C 425 -3.66 28.09 -25.81
C SER C 425 -3.34 26.95 -24.85
N ALA C 426 -2.32 26.22 -25.17
CA ALA C 426 -1.94 25.10 -24.31
C ALA C 426 -1.19 25.59 -23.09
N PRO C 427 -1.24 24.84 -21.98
CA PRO C 427 -0.54 25.27 -20.77
C PRO C 427 0.96 25.34 -20.98
N GLY C 428 1.59 26.33 -20.34
CA GLY C 428 3.03 26.45 -20.38
C GLY C 428 3.61 26.66 -21.76
N SER C 429 3.01 27.54 -22.54
CA SER C 429 3.48 27.82 -23.90
C SER C 429 3.64 29.32 -24.08
N LEU C 430 4.71 29.70 -24.75
CA LEU C 430 4.95 31.11 -25.02
C LEU C 430 3.93 31.62 -26.04
N PRO C 431 3.53 32.88 -25.93
CA PRO C 431 2.63 33.45 -26.93
C PRO C 431 3.32 33.56 -28.29
N ASP C 432 2.53 33.44 -29.34
CA ASP C 432 3.03 33.59 -30.70
C ASP C 432 3.18 35.07 -31.02
N SER C 433 3.41 35.38 -32.30
CA SER C 433 3.60 36.77 -32.70
C SER C 433 2.37 37.61 -32.43
N GLY C 434 1.20 37.13 -32.90
CA GLY C 434 -0.03 37.88 -32.67
C GLY C 434 -0.36 38.01 -31.20
N GLY C 435 -0.18 36.93 -30.44
CA GLY C 435 -0.40 37.01 -29.00
C GLY C 435 0.54 37.99 -28.34
N GLN C 436 1.78 38.06 -28.80
CA GLN C 436 2.73 39.02 -28.24
C GLN C 436 2.28 40.44 -28.51
N LYS C 437 1.76 40.71 -29.71
CA LYS C 437 1.25 42.05 -29.99
C LYS C 437 0.09 42.40 -29.09
N ILE C 438 -0.81 41.42 -28.86
CA ILE C 438 -1.93 41.65 -27.95
C ILE C 438 -1.41 41.97 -26.56
N PHE C 439 -0.45 41.17 -26.09
CA PHE C 439 0.06 41.34 -24.73
C PHE C 439 0.74 42.68 -24.56
N GLN C 440 1.50 43.12 -25.56
CA GLN C 440 2.16 44.41 -25.49
C GLN C 440 1.15 45.54 -25.39
N LYS C 441 0.08 45.47 -26.20
CA LYS C 441 -0.93 46.52 -26.13
C LYS C 441 -1.64 46.52 -24.78
N VAL C 442 -1.95 45.33 -24.25
CA VAL C 442 -2.68 45.24 -23.00
C VAL C 442 -1.87 45.83 -21.85
N LEU C 443 -0.58 45.49 -21.79
CA LEU C 443 0.23 45.86 -20.64
C LEU C 443 0.32 47.38 -20.48
N LEU C 444 0.23 48.12 -21.57
CA LEU C 444 0.30 49.57 -21.50
C LEU C 444 -1.06 50.24 -21.49
N ASN C 445 -2.05 49.64 -22.15
CA ASN C 445 -3.37 50.25 -22.26
C ASN C 445 -4.37 49.71 -21.25
N SER C 446 -3.93 48.88 -20.32
CA SER C 446 -4.77 48.57 -19.19
C SER C 446 -4.63 49.66 -18.13
N GLY C 447 -5.50 49.62 -17.14
CA GLY C 447 -5.44 50.66 -16.14
C GLY C 447 -4.43 50.46 -15.04
N ASN C 448 -3.53 49.49 -15.19
CA ASN C 448 -2.62 49.15 -14.10
C ASN C 448 -1.68 50.30 -13.77
N LEU C 449 -1.17 50.98 -14.79
CA LEU C 449 -0.21 52.05 -14.53
C LEU C 449 -0.84 53.16 -13.69
N GLU C 450 -2.09 53.52 -13.97
CA GLU C 450 -2.76 54.54 -13.17
C GLU C 450 -3.02 54.06 -11.76
N ILE C 451 -3.36 52.78 -11.59
CA ILE C 451 -3.51 52.22 -10.25
C ILE C 451 -2.20 52.34 -9.50
N GLN C 452 -1.09 52.03 -10.17
CA GLN C 452 0.22 52.13 -9.54
C GLN C 452 0.48 53.55 -9.06
N LYS C 453 0.27 54.53 -9.94
CA LYS C 453 0.51 55.92 -9.58
C LYS C 453 -0.41 56.38 -8.47
N GLN C 454 -1.69 56.01 -8.56
CA GLN C 454 -2.64 56.41 -7.53
C GLN C 454 -2.24 55.86 -6.17
N ASN C 455 -1.82 54.60 -6.14
CA ASN C 455 -1.56 53.92 -4.88
C ASN C 455 -0.18 54.24 -4.32
N THR C 456 0.71 54.77 -5.12
CA THR C 456 2.09 54.96 -4.67
C THR C 456 2.64 56.34 -4.96
N GLY C 457 2.31 56.94 -6.10
CA GLY C 457 2.93 58.16 -6.56
C GLY C 457 3.81 57.99 -7.77
N GLY C 458 4.13 56.76 -8.14
CA GLY C 458 4.90 56.51 -9.35
C GLY C 458 4.43 55.24 -10.02
N ALA C 459 4.55 55.23 -11.34
CA ALA C 459 4.12 54.09 -12.14
C ALA C 459 5.23 53.06 -12.24
N GLY C 460 4.86 51.79 -12.14
CA GLY C 460 5.84 50.73 -12.24
C GLY C 460 5.23 49.41 -11.82
N ASN C 461 6.10 48.40 -11.77
CA ASN C 461 5.71 47.07 -11.32
C ASN C 461 6.91 46.38 -10.72
N LYS C 462 6.74 45.84 -9.52
CA LYS C 462 7.83 45.19 -8.81
C LYS C 462 8.09 43.78 -9.28
N VAL C 463 7.25 43.24 -10.18
CA VAL C 463 7.45 41.88 -10.67
C VAL C 463 8.61 41.80 -11.64
N MET C 464 9.04 42.92 -12.21
CA MET C 464 10.10 42.96 -13.22
C MET C 464 11.41 43.25 -12.49
N LYS C 465 12.26 42.24 -12.35
CA LYS C 465 13.41 42.36 -11.46
C LYS C 465 14.76 42.24 -12.14
N ASN C 466 14.99 41.21 -12.96
CA ASN C 466 16.29 40.95 -13.58
C ASN C 466 17.37 40.72 -12.53
N LEU C 467 17.24 39.59 -11.84
CA LEU C 467 18.18 39.21 -10.79
C LEU C 467 19.55 38.88 -11.39
N SER C 468 20.56 38.83 -10.52
CA SER C 468 21.94 38.70 -10.99
C SER C 468 22.28 37.28 -11.45
N PRO C 469 21.92 36.21 -10.72
CA PRO C 469 22.13 34.87 -11.29
C PRO C 469 21.00 34.54 -12.25
N GLU C 470 21.32 34.38 -13.53
CA GLU C 470 20.31 34.40 -14.58
C GLU C 470 19.28 33.29 -14.43
N VAL C 471 19.57 32.24 -13.67
CA VAL C 471 18.61 31.16 -13.52
C VAL C 471 17.51 31.49 -12.53
N LEU C 472 17.54 32.68 -11.91
CA LEU C 472 16.52 33.09 -10.97
C LEU C 472 15.52 34.08 -11.56
N ASN C 473 15.46 34.21 -12.88
CA ASN C 473 14.53 35.13 -13.50
C ASN C 473 13.29 34.40 -14.00
N LEU C 474 12.18 35.12 -14.05
CA LEU C 474 10.87 34.54 -14.33
C LEU C 474 10.53 34.48 -15.80
N SER C 475 11.41 34.95 -16.68
CA SER C 475 11.21 34.84 -18.12
C SER C 475 9.99 35.61 -18.60
N TYR C 476 9.98 36.91 -18.34
CA TYR C 476 9.06 37.80 -19.03
C TYR C 476 9.69 38.47 -20.24
N GLN C 477 11.01 38.42 -20.38
CA GLN C 477 11.64 38.91 -21.59
C GLN C 477 11.10 38.19 -22.82
N LYS C 478 10.80 36.90 -22.68
CA LYS C 478 10.30 36.15 -23.83
C LYS C 478 8.81 36.36 -24.04
N ARG C 479 8.03 36.40 -22.95
CA ARG C 479 6.60 36.63 -23.08
C ARG C 479 6.31 38.00 -23.65
N VAL C 480 7.04 39.01 -23.19
CA VAL C 480 6.93 40.37 -23.72
C VAL C 480 8.10 40.53 -24.67
N GLY C 481 7.89 40.23 -25.95
CA GLY C 481 8.97 40.28 -26.91
C GLY C 481 9.38 41.67 -27.32
N ASP C 482 9.75 42.50 -26.35
CA ASP C 482 10.19 43.87 -26.62
C ASP C 482 10.94 44.39 -25.43
N GLU C 483 12.17 44.84 -25.63
CA GLU C 483 12.96 45.36 -24.52
C GLU C 483 12.41 46.68 -24.03
N ASN C 484 12.03 47.57 -24.94
CA ASN C 484 11.56 48.90 -24.53
C ASN C 484 10.26 48.81 -23.76
N ILE C 485 9.33 47.97 -24.21
CA ILE C 485 8.06 47.81 -23.52
C ILE C 485 8.28 47.20 -22.14
N TRP C 486 9.17 46.20 -22.05
CA TRP C 486 9.48 45.62 -20.75
C TRP C 486 10.06 46.67 -19.81
N GLN C 487 10.95 47.52 -20.31
CA GLN C 487 11.48 48.59 -19.49
C GLN C 487 10.44 49.65 -19.17
N SER C 488 9.37 49.73 -19.98
CA SER C 488 8.33 50.72 -19.70
C SER C 488 7.36 50.23 -18.64
N VAL C 489 7.06 48.92 -18.62
CA VAL C 489 6.20 48.39 -17.58
C VAL C 489 6.83 48.56 -16.22
N LYS C 490 8.12 48.25 -16.10
CA LYS C 490 8.88 48.51 -14.88
C LYS C 490 9.30 49.98 -14.92
N GLY C 491 8.51 50.83 -14.28
CA GLY C 491 8.75 52.24 -14.39
C GLY C 491 9.67 52.77 -13.31
N ILE C 492 9.10 53.48 -12.34
CA ILE C 492 9.86 54.06 -11.25
C ILE C 492 9.84 53.06 -10.10
N SER C 493 9.45 51.83 -10.42
CA SER C 493 9.21 50.82 -9.40
C SER C 493 10.43 50.56 -8.53
N SER C 494 11.62 50.78 -9.06
CA SER C 494 12.84 50.53 -8.30
C SER C 494 13.21 51.68 -7.38
N LEU C 495 12.51 52.80 -7.44
CA LEU C 495 12.81 53.97 -6.62
C LEU C 495 11.81 54.14 -5.50
N ILE C 496 11.06 53.09 -5.15
CA ILE C 496 9.98 53.20 -4.17
C ILE C 496 10.29 52.30 -2.98
N THR C 497 11.56 52.20 -2.63
CA THR C 497 11.91 51.43 -1.44
C THR C 497 11.24 52.07 -0.23
N SER C 498 10.19 51.42 0.28
CA SER C 498 9.37 52.00 1.34
C SER C 498 8.47 50.95 1.96
N GLN D 1 -5.98 -48.37 57.02
CA GLN D 1 -5.19 -47.21 56.65
C GLN D 1 -4.85 -47.25 55.16
N HIS D 2 -5.63 -48.00 54.40
CA HIS D 2 -5.34 -48.21 52.99
C HIS D 2 -6.53 -48.06 52.07
N GLN D 3 -7.75 -47.86 52.58
CA GLN D 3 -8.92 -47.67 51.73
C GLN D 3 -8.85 -46.28 51.12
N LYS D 4 -8.09 -46.19 50.03
CA LYS D 4 -7.80 -44.90 49.42
C LYS D 4 -9.07 -44.23 48.92
N ALA D 5 -9.12 -42.91 49.06
CA ALA D 5 -10.23 -42.14 48.53
C ALA D 5 -10.17 -42.10 47.00
N SER D 6 -11.33 -41.91 46.38
CA SER D 6 -11.36 -41.71 44.94
C SER D 6 -10.60 -40.45 44.56
N ASN D 7 -10.80 -39.38 45.31
CA ASN D 7 -9.99 -38.17 45.20
C ASN D 7 -9.59 -37.75 46.61
N HIS D 8 -8.41 -37.16 46.73
CA HIS D 8 -7.90 -36.69 48.02
C HIS D 8 -7.80 -37.85 49.02
N SER D 9 -6.87 -38.76 48.72
CA SER D 9 -6.58 -39.85 49.65
C SER D 9 -6.15 -39.29 50.99
N LEU D 10 -6.50 -40.02 52.06
CA LEU D 10 -6.29 -39.51 53.41
C LEU D 10 -4.81 -39.24 53.70
N HIS D 11 -3.91 -40.06 53.15
CA HIS D 11 -2.50 -39.89 53.46
C HIS D 11 -1.95 -38.59 52.91
N ASN D 12 -2.45 -38.14 51.76
CA ASN D 12 -1.99 -36.87 51.20
C ASN D 12 -2.31 -35.71 52.15
N LEU D 13 -3.56 -35.64 52.60
CA LEU D 13 -3.91 -34.64 53.60
C LEU D 13 -3.05 -34.84 54.85
N TYR D 14 -3.00 -36.06 55.35
CA TYR D 14 -2.19 -36.46 56.49
C TYR D 14 -0.84 -35.76 56.51
N ASN D 15 -0.18 -35.71 55.35
CA ASN D 15 1.07 -34.97 55.27
C ASN D 15 0.84 -33.47 55.31
N LEU D 16 -0.25 -33.00 54.70
CA LEU D 16 -0.46 -31.56 54.54
C LEU D 16 -0.61 -30.87 55.90
N GLN D 17 -1.46 -31.43 56.78
CA GLN D 17 -1.65 -30.77 58.06
C GLN D 17 -0.36 -30.74 58.87
N ARG D 18 0.44 -31.80 58.80
CA ARG D 18 1.69 -31.82 59.54
C ARG D 18 2.61 -30.69 59.10
N ASP D 19 2.70 -30.45 57.80
CA ASP D 19 3.55 -29.36 57.32
C ASP D 19 3.06 -28.02 57.83
N LEU D 20 1.76 -27.76 57.72
CA LEU D 20 1.23 -26.49 58.18
C LEU D 20 1.41 -26.33 59.69
N LEU D 21 1.16 -27.40 60.45
CA LEU D 21 1.34 -27.34 61.89
C LEU D 21 2.78 -27.07 62.26
N THR D 22 3.72 -27.66 61.54
CA THR D 22 5.13 -27.43 61.83
C THR D 22 5.48 -25.96 61.62
N VAL D 23 4.96 -25.34 60.56
CA VAL D 23 5.22 -23.92 60.35
C VAL D 23 4.66 -23.09 61.49
N ALA D 24 3.42 -23.39 61.89
CA ALA D 24 2.81 -22.64 62.99
C ALA D 24 3.59 -22.85 64.28
N ALA D 25 4.04 -24.07 64.53
CA ALA D 25 4.83 -24.34 65.72
C ALA D 25 6.14 -23.56 65.69
N THR D 26 6.75 -23.43 64.50
CA THR D 26 7.99 -22.69 64.39
C THR D 26 7.80 -21.22 64.76
N VAL D 27 6.75 -20.60 64.22
CA VAL D 27 6.55 -19.17 64.49
C VAL D 27 6.18 -18.95 65.95
N LEU D 28 5.37 -19.84 66.52
CA LEU D 28 4.98 -19.68 67.92
C LEU D 28 6.09 -20.12 68.87
N GLY D 29 6.64 -21.31 68.67
CA GLY D 29 7.70 -21.80 69.53
C GLY D 29 7.42 -23.13 70.21
N LYS D 30 6.48 -23.89 69.65
CA LYS D 30 6.16 -25.24 70.13
C LYS D 30 5.78 -25.23 71.61
N GLN D 31 5.00 -24.23 72.03
CA GLN D 31 4.60 -24.11 73.42
C GLN D 31 3.09 -24.04 73.62
N ASP D 32 2.32 -23.68 72.60
CA ASP D 32 0.88 -23.55 72.77
C ASP D 32 0.24 -24.92 72.91
N PRO D 33 -0.46 -25.21 74.01
CA PRO D 33 -1.18 -26.48 74.12
C PRO D 33 -2.30 -26.61 73.10
N VAL D 34 -2.82 -25.50 72.58
CA VAL D 34 -3.85 -25.57 71.54
C VAL D 34 -3.32 -26.30 70.32
N LEU D 35 -2.10 -25.95 69.90
CA LEU D 35 -1.46 -26.67 68.81
C LEU D 35 -1.35 -28.15 69.13
N THR D 36 -0.96 -28.47 70.36
CA THR D 36 -0.90 -29.87 70.77
C THR D 36 -2.27 -30.53 70.74
N SER D 37 -3.34 -29.73 70.93
CA SER D 37 -4.68 -30.29 70.96
C SER D 37 -5.03 -30.94 69.63
N MET D 38 -5.06 -30.16 68.55
CA MET D 38 -5.37 -30.79 67.28
C MET D 38 -4.21 -31.61 66.74
N ALA D 39 -2.99 -31.41 67.24
CA ALA D 39 -1.90 -32.31 66.90
C ALA D 39 -2.16 -33.69 67.45
N ASN D 40 -2.66 -33.79 68.69
CA ASN D 40 -3.01 -35.08 69.24
C ASN D 40 -4.15 -35.73 68.48
N GLN D 41 -5.17 -34.96 68.12
CA GLN D 41 -6.24 -35.50 67.29
C GLN D 41 -5.69 -35.94 65.93
N MET D 42 -4.70 -35.21 65.42
CA MET D 42 -4.06 -35.61 64.17
C MET D 42 -3.34 -36.94 64.32
N GLU D 43 -2.64 -37.12 65.44
CA GLU D 43 -1.98 -38.39 65.72
C GLU D 43 -3.01 -39.51 65.89
N LEU D 44 -4.17 -39.17 66.44
CA LEU D 44 -5.27 -40.14 66.52
C LEU D 44 -5.72 -40.54 65.12
N ALA D 45 -5.85 -39.56 64.22
CA ALA D 45 -6.24 -39.85 62.85
C ALA D 45 -5.13 -40.57 62.08
N LYS D 46 -3.90 -40.55 62.60
CA LYS D 46 -2.80 -41.20 61.92
C LYS D 46 -3.04 -42.70 61.80
N VAL D 47 -3.50 -43.34 62.88
CA VAL D 47 -3.75 -44.77 62.86
C VAL D 47 -5.12 -45.13 62.31
N LYS D 48 -5.98 -44.14 62.07
CA LYS D 48 -7.30 -44.40 61.55
C LYS D 48 -7.23 -44.96 60.14
N ALA D 49 -8.21 -45.81 59.80
CA ALA D 49 -8.25 -46.41 58.48
C ALA D 49 -8.54 -45.36 57.42
N ASP D 50 -7.95 -45.57 56.23
CA ASP D 50 -8.16 -44.67 55.12
C ASP D 50 -9.62 -44.70 54.69
N ARG D 51 -10.11 -43.55 54.23
CA ARG D 51 -11.50 -43.37 53.91
C ARG D 51 -11.63 -42.55 52.63
N PRO D 52 -12.77 -42.62 51.95
CA PRO D 52 -13.06 -41.65 50.91
C PRO D 52 -13.09 -40.24 51.49
N ALA D 53 -12.67 -39.28 50.67
CA ALA D 53 -12.57 -37.90 51.15
C ALA D 53 -13.95 -37.32 51.39
N THR D 54 -14.42 -37.42 52.64
CA THR D 54 -15.70 -36.81 52.98
C THR D 54 -15.59 -35.29 52.92
N LYS D 55 -16.73 -34.64 52.71
CA LYS D 55 -16.73 -33.19 52.61
C LYS D 55 -16.20 -32.54 53.88
N GLN D 56 -16.40 -33.17 55.04
CA GLN D 56 -15.86 -32.63 56.28
C GLN D 56 -14.35 -32.63 56.27
N GLU D 57 -13.73 -33.72 55.82
CA GLU D 57 -12.27 -33.79 55.77
C GLU D 57 -11.71 -32.74 54.83
N GLU D 58 -12.29 -32.63 53.64
CA GLU D 58 -11.82 -31.64 52.66
C GLU D 58 -12.00 -30.23 53.19
N ALA D 59 -13.15 -29.94 53.79
CA ALA D 59 -13.39 -28.60 54.31
C ALA D 59 -12.44 -28.26 55.45
N ALA D 60 -12.21 -29.22 56.35
CA ALA D 60 -11.31 -28.98 57.47
C ALA D 60 -9.89 -28.70 56.98
N ALA D 61 -9.42 -29.50 56.03
CA ALA D 61 -8.09 -29.26 55.47
C ALA D 61 -8.03 -27.93 54.72
N LYS D 62 -9.08 -27.60 53.98
CA LYS D 62 -9.09 -26.38 53.19
C LYS D 62 -9.03 -25.14 54.06
N ALA D 63 -9.74 -25.14 55.19
CA ALA D 63 -9.83 -23.97 56.04
C ALA D 63 -8.78 -23.94 57.15
N LEU D 64 -7.91 -24.95 57.22
CA LEU D 64 -6.94 -25.01 58.31
C LEU D 64 -5.99 -23.83 58.29
N LYS D 65 -5.51 -23.45 57.11
CA LYS D 65 -4.55 -22.36 57.02
C LYS D 65 -5.15 -21.05 57.51
N LYS D 66 -6.40 -20.77 57.14
CA LYS D 66 -7.06 -19.56 57.61
C LYS D 66 -7.20 -19.56 59.12
N ASN D 67 -7.57 -20.70 59.70
CA ASN D 67 -7.70 -20.80 61.14
C ASN D 67 -6.37 -20.54 61.83
N LEU D 68 -5.29 -21.07 61.27
CA LEU D 68 -3.97 -20.85 61.86
C LEU D 68 -3.59 -19.37 61.83
N ILE D 69 -3.90 -18.69 60.73
CA ILE D 69 -3.62 -17.26 60.66
C ILE D 69 -4.41 -16.51 61.73
N GLU D 70 -5.68 -16.85 61.91
CA GLU D 70 -6.48 -16.19 62.94
C GLU D 70 -5.91 -16.44 64.33
N LEU D 71 -5.46 -17.67 64.59
CA LEU D 71 -4.85 -17.96 65.89
C LEU D 71 -3.61 -17.14 66.13
N ILE D 72 -2.77 -16.99 65.11
CA ILE D 72 -1.56 -16.18 65.26
C ILE D 72 -1.91 -14.73 65.54
N ALA D 73 -2.93 -14.21 64.85
CA ALA D 73 -3.35 -12.83 65.10
C ALA D 73 -3.84 -12.65 66.53
N ALA D 74 -4.60 -13.62 67.04
CA ALA D 74 -5.07 -13.55 68.42
C ALA D 74 -3.91 -13.56 69.40
N ARG D 75 -2.93 -14.44 69.18
CA ARG D 75 -1.75 -14.46 70.03
C ARG D 75 -1.00 -13.14 69.97
N THR D 76 -0.90 -12.56 68.76
CA THR D 76 -0.22 -11.28 68.61
C THR D 76 -0.92 -10.18 69.39
N GLN D 77 -2.26 -10.11 69.29
CA GLN D 77 -3.00 -9.07 69.99
C GLN D 77 -2.86 -9.21 71.50
N GLN D 78 -2.92 -10.44 72.01
CA GLN D 78 -2.76 -10.66 73.44
C GLN D 78 -1.37 -10.25 73.91
N GLN D 79 -0.34 -10.64 73.16
CA GLN D 79 1.02 -10.26 73.54
C GLN D 79 1.25 -8.76 73.36
N ASP D 80 0.77 -8.21 72.25
CA ASP D 80 0.91 -6.78 71.99
C ASP D 80 -0.39 -6.26 71.39
N GLY D 81 -0.99 -5.28 72.06
CA GLY D 81 -2.26 -4.75 71.61
C GLY D 81 -2.12 -4.03 70.29
N LEU D 82 -2.63 -4.65 69.22
CA LEU D 82 -2.61 -4.07 67.89
C LEU D 82 -4.01 -4.17 67.31
N PRO D 83 -4.37 -3.28 66.38
CA PRO D 83 -5.66 -3.40 65.71
C PRO D 83 -5.73 -4.66 64.87
N ALA D 84 -6.97 -5.09 64.59
CA ALA D 84 -7.18 -6.35 63.87
C ALA D 84 -6.55 -6.32 62.50
N LYS D 85 -6.67 -5.20 61.78
CA LYS D 85 -6.10 -5.12 60.43
C LYS D 85 -4.58 -5.24 60.47
N GLU D 86 -3.93 -4.52 61.37
CA GLU D 86 -2.48 -4.56 61.45
C GLU D 86 -1.99 -5.94 61.86
N ALA D 87 -2.64 -6.53 62.87
CA ALA D 87 -2.23 -7.86 63.32
C ALA D 87 -2.43 -8.89 62.21
N HIS D 88 -3.55 -8.81 61.49
CA HIS D 88 -3.80 -9.78 60.43
C HIS D 88 -2.76 -9.66 59.32
N ARG D 89 -2.45 -8.45 58.90
CA ARG D 89 -1.46 -8.26 57.85
C ARG D 89 -0.09 -8.77 58.29
N PHE D 90 0.32 -8.43 59.51
CA PHE D 90 1.62 -8.87 60.00
C PHE D 90 1.67 -10.39 60.13
N ALA D 91 0.58 -11.00 60.62
CA ALA D 91 0.55 -12.44 60.79
C ALA D 91 0.69 -13.16 59.46
N ALA D 92 0.00 -12.68 58.43
CA ALA D 92 0.07 -13.33 57.13
C ALA D 92 1.49 -13.28 56.58
N VAL D 93 2.15 -12.12 56.69
CA VAL D 93 3.51 -12.00 56.18
C VAL D 93 4.45 -12.93 56.93
N ALA D 94 4.34 -12.97 58.26
CA ALA D 94 5.22 -13.83 59.05
C ALA D 94 5.01 -15.30 58.73
N PHE D 95 3.74 -15.71 58.57
CA PHE D 95 3.45 -17.11 58.28
C PHE D 95 4.03 -17.53 56.93
N ARG D 96 3.86 -16.69 55.91
CA ARG D 96 4.42 -17.02 54.60
C ARG D 96 5.93 -17.11 54.65
N ASP D 97 6.57 -16.19 55.38
CA ASP D 97 8.02 -16.22 55.49
C ASP D 97 8.51 -17.51 56.13
N ALA D 98 7.84 -17.94 57.20
CA ALA D 98 8.25 -19.19 57.85
C ALA D 98 8.08 -20.38 56.93
N GLN D 99 6.98 -20.41 56.18
CA GLN D 99 6.75 -21.54 55.28
C GLN D 99 7.82 -21.63 54.21
N VAL D 100 8.22 -20.48 53.64
CA VAL D 100 9.27 -20.50 52.63
C VAL D 100 10.58 -21.00 53.22
N LYS D 101 10.90 -20.56 54.44
CA LYS D 101 12.13 -21.02 55.08
C LYS D 101 12.13 -22.53 55.25
N GLN D 102 11.04 -23.09 55.79
CA GLN D 102 10.99 -24.53 56.00
C GLN D 102 11.06 -25.28 54.69
N LEU D 103 10.30 -24.83 53.68
CA LEU D 103 10.31 -25.52 52.39
C LEU D 103 11.66 -25.43 51.72
N ASN D 104 12.43 -24.38 52.02
CA ASN D 104 13.76 -24.24 51.44
C ASN D 104 14.77 -25.16 52.10
N ASN D 105 14.61 -25.44 53.40
CA ASN D 105 15.64 -26.17 54.13
C ASN D 105 15.56 -27.68 53.93
N GLN D 106 14.48 -28.21 53.38
CA GLN D 106 14.39 -29.64 53.18
C GLN D 106 15.37 -30.08 52.09
N PRO D 107 15.83 -31.32 52.13
CA PRO D 107 16.79 -31.78 51.11
C PRO D 107 16.14 -31.84 49.73
N TRP D 108 16.96 -31.57 48.71
CA TRP D 108 16.54 -31.69 47.32
C TRP D 108 17.36 -32.77 46.66
N GLN D 109 16.70 -33.75 46.06
CA GLN D 109 17.38 -34.91 45.50
C GLN D 109 16.87 -35.20 44.11
N THR D 110 17.68 -35.90 43.34
CA THR D 110 17.30 -36.28 42.00
C THR D 110 16.13 -37.23 42.02
N ILE D 111 15.32 -37.18 40.96
CA ILE D 111 14.13 -38.00 40.84
C ILE D 111 14.26 -38.85 39.58
N LYS D 112 14.09 -40.15 39.74
CA LYS D 112 14.23 -41.08 38.63
C LYS D 112 12.98 -41.93 38.52
N ASN D 113 12.48 -42.09 37.30
CA ASN D 113 11.32 -42.92 37.04
C ASN D 113 11.55 -43.73 35.78
N THR D 114 10.89 -44.88 35.71
CA THR D 114 11.03 -45.79 34.59
C THR D 114 9.69 -46.03 33.94
N LEU D 115 9.68 -46.09 32.61
CA LEU D 115 8.48 -46.28 31.83
C LEU D 115 8.73 -47.34 30.77
N THR D 116 7.77 -48.23 30.59
CA THR D 116 7.90 -49.31 29.62
C THR D 116 6.74 -49.27 28.64
N HIS D 117 7.04 -49.50 27.37
CA HIS D 117 6.00 -49.46 26.35
C HIS D 117 6.51 -50.18 25.11
N ASN D 118 5.73 -51.14 24.62
CA ASN D 118 6.04 -51.87 23.40
C ASN D 118 7.43 -52.49 23.45
N GLY D 119 7.78 -53.08 24.59
CA GLY D 119 9.06 -53.72 24.71
C GLY D 119 10.23 -52.76 24.74
N HIS D 120 9.98 -51.50 25.06
CA HIS D 120 11.03 -50.51 25.19
C HIS D 120 11.03 -49.95 26.60
N HIS D 121 12.22 -49.62 27.10
CA HIS D 121 12.38 -49.08 28.44
C HIS D 121 12.92 -47.67 28.33
N TYR D 122 12.19 -46.72 28.91
CA TYR D 122 12.58 -45.33 28.95
C TYR D 122 12.80 -44.90 30.39
N THR D 123 13.69 -43.95 30.58
CA THR D 123 13.98 -43.42 31.90
C THR D 123 13.84 -41.91 31.88
N ASN D 124 13.16 -41.37 32.88
CA ASN D 124 13.01 -39.94 33.06
C ASN D 124 13.78 -39.53 34.30
N THR D 125 14.61 -38.49 34.17
CA THR D 125 15.43 -38.03 35.27
C THR D 125 15.22 -36.54 35.45
N GLN D 126 14.99 -36.13 36.68
CA GLN D 126 14.94 -34.72 37.06
C GLN D 126 16.10 -34.44 37.99
N LEU D 127 17.02 -33.60 37.54
CA LEU D 127 18.20 -33.28 38.33
C LEU D 127 18.07 -31.88 38.91
N PRO D 128 17.97 -31.72 40.22
CA PRO D 128 17.80 -30.39 40.79
C PRO D 128 19.09 -29.60 40.69
N ALA D 129 18.96 -28.28 40.85
CA ALA D 129 20.12 -27.42 40.76
C ALA D 129 21.17 -27.75 41.82
N ALA D 130 20.74 -28.23 42.99
CA ALA D 130 21.69 -28.55 44.03
C ALA D 130 22.49 -29.79 43.74
N GLU D 131 22.15 -30.54 42.69
CA GLU D 131 22.86 -31.76 42.36
C GLU D 131 23.77 -31.64 41.16
N MET D 132 23.72 -30.53 40.42
CA MET D 132 24.63 -30.33 39.31
C MET D 132 26.01 -30.04 39.88
N LYS D 133 26.86 -31.05 39.96
CA LYS D 133 28.15 -30.88 40.59
C LYS D 133 29.22 -31.62 39.83
N ILE D 134 30.39 -31.01 39.74
CA ILE D 134 31.62 -31.66 39.32
C ILE D 134 32.59 -31.63 40.49
N GLY D 135 33.03 -32.78 40.91
CA GLY D 135 33.81 -32.87 42.15
C GLY D 135 32.92 -33.21 43.34
N ALA D 136 32.79 -32.27 44.26
CA ALA D 136 31.98 -32.49 45.45
C ALA D 136 31.10 -31.32 45.84
N LYS D 137 31.07 -30.26 45.06
CA LYS D 137 30.26 -29.10 45.36
C LYS D 137 29.51 -28.69 44.11
N ASP D 138 28.32 -28.12 44.30
CA ASP D 138 27.53 -27.66 43.16
C ASP D 138 28.28 -26.54 42.45
N ILE D 139 28.10 -26.49 41.13
CA ILE D 139 28.88 -25.57 40.31
C ILE D 139 28.52 -24.12 40.57
N PHE D 140 27.37 -23.84 41.15
CA PHE D 140 26.91 -22.46 41.27
C PHE D 140 27.74 -21.70 42.29
N PRO D 141 27.97 -20.41 42.06
CA PRO D 141 28.83 -19.64 42.95
C PRO D 141 28.28 -19.57 44.37
N SER D 142 27.07 -19.07 44.50
CA SER D 142 26.39 -19.08 45.79
C SER D 142 25.89 -20.49 46.04
N ALA D 143 26.62 -21.24 46.86
CA ALA D 143 26.39 -22.67 46.98
C ALA D 143 25.01 -22.96 47.55
N TYR D 144 24.43 -24.06 47.08
CA TYR D 144 23.14 -24.52 47.57
C TYR D 144 23.24 -25.37 48.83
N GLU D 145 24.34 -26.11 48.99
CA GLU D 145 24.56 -26.97 50.14
C GLU D 145 23.44 -27.99 50.32
N GLY D 146 22.97 -28.56 49.21
CA GLY D 146 21.97 -29.58 49.25
C GLY D 146 20.56 -29.09 49.46
N LYS D 147 20.35 -27.79 49.57
CA LYS D 147 19.04 -27.20 49.72
C LYS D 147 18.64 -26.47 48.45
N GLY D 148 17.40 -26.01 48.41
CA GLY D 148 16.91 -25.38 47.19
C GLY D 148 16.16 -24.09 47.40
N VAL D 149 15.56 -23.59 46.33
CA VAL D 149 14.73 -22.40 46.35
C VAL D 149 13.34 -22.79 45.87
N CYS D 150 12.32 -22.38 46.61
CA CYS D 150 10.96 -22.74 46.25
C CYS D 150 10.35 -21.69 45.33
N SER D 151 9.19 -22.02 44.76
CA SER D 151 8.52 -21.10 43.87
C SER D 151 7.89 -19.94 44.61
N TRP D 152 7.72 -20.04 45.93
CA TRP D 152 7.13 -18.97 46.71
C TRP D 152 8.16 -17.97 47.22
N ASP D 153 9.45 -18.26 47.08
CA ASP D 153 10.50 -17.34 47.51
C ASP D 153 10.67 -16.29 46.42
N THR D 154 9.83 -15.27 46.48
CA THR D 154 9.75 -14.27 45.43
C THR D 154 10.62 -13.06 45.69
N LYS D 155 11.35 -13.02 46.80
CA LYS D 155 12.23 -11.91 47.10
C LYS D 155 13.71 -12.29 47.01
N ASN D 156 14.01 -13.50 46.57
CA ASN D 156 15.40 -13.92 46.42
C ASN D 156 16.03 -13.24 45.22
N ILE D 157 17.23 -12.69 45.40
CA ILE D 157 17.95 -12.02 44.33
C ILE D 157 19.22 -12.74 43.94
N HIS D 158 19.53 -13.87 44.56
CA HIS D 158 20.77 -14.58 44.30
C HIS D 158 20.59 -15.87 43.53
N HIS D 159 19.39 -16.45 43.51
CA HIS D 159 19.19 -17.77 42.94
C HIS D 159 17.99 -17.77 42.01
N ALA D 160 18.06 -18.61 40.98
CA ALA D 160 16.88 -18.89 40.18
C ALA D 160 15.93 -19.77 40.97
N ASN D 161 14.64 -19.57 40.75
CA ASN D 161 13.65 -20.11 41.66
C ASN D 161 13.63 -21.64 41.70
N ASN D 162 13.20 -22.28 40.62
CA ASN D 162 12.91 -23.70 40.65
C ASN D 162 13.60 -24.35 39.46
N LEU D 163 14.88 -24.62 39.60
CA LEU D 163 15.74 -24.98 38.48
C LEU D 163 15.96 -26.49 38.45
N TRP D 164 15.57 -27.12 37.35
CA TRP D 164 15.76 -28.54 37.17
C TRP D 164 16.28 -28.80 35.76
N MET D 165 16.98 -29.90 35.60
CA MET D 165 17.40 -30.39 34.29
C MET D 165 16.65 -31.68 34.01
N SER D 166 15.88 -31.70 32.92
CA SER D 166 14.97 -32.79 32.61
C SER D 166 15.52 -33.61 31.45
N THR D 167 15.56 -34.92 31.62
CA THR D 167 16.15 -35.79 30.63
C THR D 167 15.27 -37.02 30.41
N VAL D 168 15.16 -37.44 29.16
CA VAL D 168 14.51 -38.71 28.83
C VAL D 168 15.44 -39.50 27.92
N SER D 169 15.64 -40.77 28.26
CA SER D 169 16.54 -41.63 27.51
C SER D 169 15.95 -43.02 27.39
N VAL D 170 16.41 -43.75 26.40
CA VAL D 170 15.93 -45.10 26.13
C VAL D 170 17.10 -46.07 26.26
N HIS D 171 16.84 -47.24 26.84
CA HIS D 171 17.88 -48.24 27.03
C HIS D 171 17.97 -49.11 25.79
N GLU D 172 19.14 -49.13 25.17
CA GLU D 172 19.38 -49.96 24.01
C GLU D 172 20.81 -50.49 24.04
N ASP D 173 20.96 -51.76 23.69
CA ASP D 173 22.26 -52.40 23.53
C ASP D 173 23.12 -52.24 24.77
N GLY D 174 22.50 -52.41 25.94
CA GLY D 174 23.21 -52.25 27.19
C GLY D 174 23.67 -50.83 27.43
N LYS D 175 23.14 -49.87 26.70
CA LYS D 175 23.53 -48.47 26.82
C LYS D 175 22.28 -47.62 26.99
N ASP D 176 22.50 -46.35 27.31
CA ASP D 176 21.42 -45.39 27.49
C ASP D 176 21.64 -44.24 26.51
N LYS D 177 20.89 -44.24 25.43
CA LYS D 177 20.96 -43.17 24.45
C LYS D 177 20.03 -42.04 24.88
N THR D 178 20.58 -40.85 25.03
CA THR D 178 19.78 -39.71 25.46
C THR D 178 18.91 -39.22 24.31
N LEU D 179 17.61 -39.12 24.57
CA LEU D 179 16.69 -38.65 23.55
C LEU D 179 16.35 -37.17 23.67
N PHE D 180 16.37 -36.62 24.89
CA PHE D 180 16.05 -35.21 25.04
C PHE D 180 16.58 -34.73 26.38
N CYS D 181 17.05 -33.47 26.41
CA CYS D 181 17.55 -32.88 27.64
C CYS D 181 17.27 -31.38 27.59
N GLY D 182 16.67 -30.84 28.66
CA GLY D 182 16.29 -29.45 28.68
C GLY D 182 16.35 -28.88 30.08
N ILE D 183 16.12 -27.57 30.18
CA ILE D 183 16.20 -26.84 31.43
C ILE D 183 14.85 -26.20 31.72
N ARG D 184 14.29 -26.47 32.89
CA ARG D 184 13.04 -25.89 33.32
C ARG D 184 13.26 -25.06 34.57
N HIS D 185 12.69 -23.87 34.62
CA HIS D 185 12.90 -23.00 35.75
C HIS D 185 11.68 -22.13 35.97
N GLY D 186 11.74 -21.34 37.04
CA GLY D 186 10.73 -20.33 37.29
C GLY D 186 11.03 -19.08 36.50
N VAL D 187 10.20 -18.07 36.71
CA VAL D 187 10.39 -16.83 35.97
C VAL D 187 11.63 -16.10 36.46
N LEU D 188 12.20 -15.28 35.60
CA LEU D 188 13.47 -14.63 35.86
C LEU D 188 13.33 -13.29 36.55
N SER D 189 12.18 -12.97 37.08
CA SER D 189 12.12 -11.68 37.73
C SER D 189 11.68 -11.82 39.18
N PRO D 190 12.33 -11.13 40.11
CA PRO D 190 11.80 -11.09 41.48
C PRO D 190 10.53 -10.26 41.51
N TYR D 191 9.47 -10.82 42.10
CA TYR D 191 8.15 -10.25 41.93
C TYR D 191 8.05 -8.95 42.72
N HIS D 192 8.26 -9.05 44.01
CA HIS D 192 7.85 -8.06 44.98
C HIS D 192 8.97 -7.13 45.40
N GLU D 193 10.11 -7.20 44.73
CA GLU D 193 11.12 -6.17 44.94
C GLU D 193 10.58 -4.84 44.43
N LYS D 194 10.72 -3.81 45.25
CA LYS D 194 10.16 -2.51 44.92
C LYS D 194 11.13 -1.63 44.15
N ASP D 195 12.40 -1.67 44.51
CA ASP D 195 13.40 -0.86 43.84
C ASP D 195 13.61 -1.38 42.42
N PRO D 196 13.37 -0.56 41.39
CA PRO D 196 13.63 -1.03 40.03
C PRO D 196 15.07 -1.44 39.80
N LEU D 197 16.02 -0.78 40.49
CA LEU D 197 17.41 -1.15 40.33
C LEU D 197 17.67 -2.56 40.83
N LEU D 198 17.18 -2.88 42.03
CA LEU D 198 17.36 -4.24 42.52
C LEU D 198 16.56 -5.24 41.70
N ARG D 199 15.43 -4.82 41.12
CA ARG D 199 14.69 -5.72 40.24
C ARG D 199 15.52 -6.11 39.04
N HIS D 200 16.13 -5.13 38.37
CA HIS D 200 16.92 -5.45 37.20
C HIS D 200 18.14 -6.28 37.58
N VAL D 201 18.80 -5.95 38.69
CA VAL D 201 19.98 -6.69 39.08
C VAL D 201 19.61 -8.14 39.42
N GLY D 202 18.51 -8.34 40.13
CA GLY D 202 18.10 -9.69 40.46
C GLY D 202 17.78 -10.52 39.23
N ALA D 203 17.13 -9.90 38.24
CA ALA D 203 16.87 -10.60 36.99
C ALA D 203 18.17 -11.01 36.31
N GLU D 204 19.18 -10.15 36.37
CA GLU D 204 20.46 -10.49 35.77
C GLU D 204 21.06 -11.73 36.41
N ASN D 205 21.06 -11.76 37.74
CA ASN D 205 21.69 -12.87 38.44
C ASN D 205 20.97 -14.18 38.14
N LYS D 206 19.64 -14.15 38.13
CA LYS D 206 18.89 -15.36 37.82
C LYS D 206 19.18 -15.84 36.42
N ALA D 207 19.23 -14.93 35.45
CA ALA D 207 19.50 -15.35 34.08
C ALA D 207 20.88 -15.96 33.96
N LYS D 208 21.86 -15.39 34.66
CA LYS D 208 23.20 -15.97 34.62
C LYS D 208 23.20 -17.38 35.17
N GLU D 209 22.38 -17.63 36.19
CA GLU D 209 22.32 -18.97 36.75
C GLU D 209 21.74 -19.97 35.76
N VAL D 210 20.72 -19.56 35.00
CA VAL D 210 20.18 -20.45 33.97
C VAL D 210 21.25 -20.75 32.93
N LEU D 211 22.03 -19.74 32.55
CA LEU D 211 23.10 -19.96 31.60
C LEU D 211 24.11 -20.96 32.14
N THR D 212 24.44 -20.86 33.42
CA THR D 212 25.37 -21.81 34.00
C THR D 212 24.83 -23.23 33.92
N ALA D 213 23.55 -23.41 34.21
CA ALA D 213 22.97 -24.75 34.12
C ALA D 213 22.99 -25.26 32.70
N ALA D 214 22.69 -24.40 31.73
CA ALA D 214 22.69 -24.83 30.35
C ALA D 214 24.07 -25.28 29.91
N LEU D 215 25.10 -24.55 30.33
CA LEU D 215 26.46 -24.95 30.00
C LEU D 215 26.79 -26.32 30.57
N PHE D 216 26.29 -26.61 31.77
CA PHE D 216 26.53 -27.90 32.39
C PHE D 216 25.88 -29.04 31.61
N SER D 217 24.86 -28.76 30.81
CA SER D 217 24.21 -29.81 30.04
C SER D 217 25.07 -30.35 28.92
N LYS D 218 26.13 -29.64 28.54
CA LYS D 218 27.01 -30.05 27.45
C LYS D 218 28.41 -30.23 28.00
N PRO D 219 28.78 -31.46 28.36
CA PRO D 219 30.08 -31.67 29.02
C PRO D 219 31.27 -31.24 28.18
N GLU D 220 31.21 -31.42 26.87
CA GLU D 220 32.34 -31.05 26.03
C GLU D 220 32.56 -29.55 26.05
N LEU D 221 31.48 -28.76 25.96
CA LEU D 221 31.62 -27.32 26.06
C LEU D 221 32.12 -26.92 27.45
N LEU D 222 31.63 -27.59 28.49
CA LEU D 222 32.08 -27.28 29.83
C LEU D 222 33.57 -27.52 29.98
N ASN D 223 34.06 -28.62 29.42
CA ASN D 223 35.49 -28.89 29.52
C ASN D 223 36.31 -27.86 28.76
N LYS D 224 35.87 -27.47 27.57
CA LYS D 224 36.60 -26.45 26.83
C LYS D 224 36.64 -25.14 27.60
N ALA D 225 35.51 -24.73 28.17
CA ALA D 225 35.48 -23.48 28.92
C ALA D 225 36.37 -23.57 30.14
N LEU D 226 36.39 -24.71 30.80
CA LEU D 226 37.27 -24.87 31.96
C LEU D 226 38.73 -24.90 31.55
N ALA D 227 39.02 -25.16 30.29
CA ALA D 227 40.40 -25.14 29.81
C ALA D 227 40.88 -23.75 29.47
N GLY D 228 40.05 -22.73 29.61
CA GLY D 228 40.46 -21.36 29.37
C GLY D 228 40.08 -20.79 28.02
N GLU D 229 39.26 -21.47 27.24
CA GLU D 229 38.89 -21.03 25.91
C GLU D 229 37.47 -20.47 25.89
N ALA D 230 37.28 -19.35 25.21
CA ALA D 230 35.95 -18.78 25.10
C ALA D 230 35.05 -19.71 24.31
N VAL D 231 33.80 -19.83 24.77
CA VAL D 231 32.89 -20.84 24.25
C VAL D 231 31.61 -20.16 23.78
N SER D 232 31.11 -20.58 22.63
CA SER D 232 29.85 -20.06 22.09
C SER D 232 28.70 -20.96 22.50
N LEU D 233 27.60 -20.38 22.96
CA LEU D 233 26.47 -21.14 23.47
C LEU D 233 25.19 -20.62 22.86
N LYS D 234 24.32 -21.52 22.42
CA LYS D 234 23.05 -21.17 21.81
C LYS D 234 21.92 -21.69 22.67
N LEU D 235 20.96 -20.81 22.97
CA LEU D 235 19.91 -21.15 23.90
C LEU D 235 18.57 -20.66 23.36
N VAL D 236 17.54 -21.48 23.51
CA VAL D 236 16.18 -21.13 23.10
C VAL D 236 15.31 -21.13 24.34
N SER D 237 14.77 -19.98 24.69
CA SER D 237 13.96 -19.81 25.90
C SER D 237 12.51 -19.60 25.52
N VAL D 238 11.61 -20.34 26.17
CA VAL D 238 10.19 -20.28 25.89
C VAL D 238 9.47 -19.92 27.18
N GLY D 239 8.78 -18.79 27.18
CA GLY D 239 7.98 -18.38 28.31
C GLY D 239 6.52 -18.72 28.08
N LEU D 240 5.82 -19.05 29.16
CA LEU D 240 4.44 -19.49 29.07
C LEU D 240 3.49 -18.58 29.84
N LEU D 241 3.80 -17.29 29.89
CA LEU D 241 2.99 -16.32 30.61
C LEU D 241 2.07 -15.59 29.64
N THR D 242 0.95 -15.09 30.15
CA THR D 242 -0.07 -14.50 29.30
C THR D 242 0.18 -13.05 28.93
N ALA D 243 1.06 -12.35 29.65
CA ALA D 243 1.50 -11.02 29.26
C ALA D 243 0.36 -10.01 29.22
N SER D 244 -0.38 -9.92 30.33
CA SER D 244 -1.34 -8.85 30.52
C SER D 244 -1.40 -8.53 32.00
N ASN D 245 -1.52 -7.24 32.31
CA ASN D 245 -1.51 -6.79 33.69
C ASN D 245 -2.89 -6.71 34.31
N ILE D 246 -3.92 -7.15 33.60
CA ILE D 246 -5.29 -6.96 34.06
C ILE D 246 -5.54 -7.71 35.36
N PHE D 247 -5.07 -8.94 35.45
CA PHE D 247 -5.44 -9.80 36.57
C PHE D 247 -4.30 -10.04 37.56
N GLY D 248 -3.09 -10.30 37.11
CA GLY D 248 -2.07 -10.73 38.05
C GLY D 248 -0.65 -10.26 37.85
N LYS D 249 -0.44 -9.14 37.18
CA LYS D 249 0.90 -8.57 36.99
C LYS D 249 1.82 -9.52 36.25
N GLU D 250 1.28 -10.33 35.36
CA GLU D 250 2.13 -11.16 34.52
C GLU D 250 2.70 -10.38 33.36
N GLY D 251 2.17 -9.19 33.07
CA GLY D 251 2.78 -8.38 32.02
C GLY D 251 4.17 -7.93 32.39
N THR D 252 4.30 -7.20 33.50
CA THR D 252 5.61 -6.67 33.89
C THR D 252 6.61 -7.79 34.08
N MET D 253 6.13 -8.96 34.46
CA MET D 253 6.99 -10.13 34.59
C MET D 253 7.68 -10.42 33.27
N VAL D 254 6.93 -10.31 32.17
CA VAL D 254 7.48 -10.62 30.85
C VAL D 254 8.53 -9.61 30.44
N GLU D 255 8.25 -8.31 30.57
CA GLU D 255 9.28 -7.35 30.20
C GLU D 255 10.52 -7.48 31.06
N ASP D 256 10.36 -7.84 32.32
CA ASP D 256 11.55 -8.07 33.12
C ASP D 256 12.40 -9.20 32.58
N GLN D 257 11.76 -10.30 32.18
CA GLN D 257 12.53 -11.41 31.62
C GLN D 257 13.19 -11.03 30.30
N MET D 258 12.44 -10.40 29.41
CA MET D 258 13.00 -10.03 28.11
C MET D 258 14.15 -9.05 28.28
N ARG D 259 14.02 -8.10 29.20
CA ARG D 259 15.09 -7.16 29.43
C ARG D 259 16.34 -7.87 29.92
N ALA D 260 16.19 -8.86 30.77
CA ALA D 260 17.35 -9.59 31.27
C ALA D 260 18.08 -10.30 30.15
N TRP D 261 17.35 -10.96 29.26
CA TRP D 261 18.00 -11.65 28.15
C TRP D 261 18.73 -10.66 27.26
N GLN D 262 18.11 -9.50 27.00
CA GLN D 262 18.76 -8.51 26.16
C GLN D 262 20.06 -8.02 26.77
N SER D 263 20.08 -7.81 28.08
CA SER D 263 21.29 -7.32 28.71
C SER D 263 22.42 -8.33 28.66
N LEU D 264 22.11 -9.62 28.61
CA LEU D 264 23.19 -10.58 28.49
C LEU D 264 23.65 -10.82 27.07
N THR D 265 22.83 -10.52 26.07
CA THR D 265 23.20 -10.73 24.68
C THR D 265 23.44 -9.42 23.95
N GLN D 266 24.03 -8.46 24.64
CA GLN D 266 24.41 -7.23 23.99
C GLN D 266 25.52 -7.51 22.99
N PRO D 267 25.43 -6.99 21.76
CA PRO D 267 26.37 -7.41 20.72
C PRO D 267 27.81 -7.06 21.08
N GLY D 268 28.71 -7.99 20.80
CA GLY D 268 30.11 -7.79 21.10
C GLY D 268 30.47 -7.87 22.57
N LYS D 269 29.51 -8.13 23.44
CA LYS D 269 29.74 -8.17 24.87
C LYS D 269 30.00 -9.61 25.29
N MET D 270 31.17 -9.87 25.86
CA MET D 270 31.50 -11.21 26.30
C MET D 270 31.18 -11.38 27.78
N ILE D 271 30.57 -12.50 28.11
CA ILE D 271 30.01 -12.74 29.43
C ILE D 271 30.99 -13.56 30.27
N HIS D 272 31.14 -13.17 31.53
CA HIS D 272 32.02 -13.87 32.46
C HIS D 272 31.17 -14.57 33.52
N LEU D 273 31.41 -15.86 33.70
CA LEU D 273 30.67 -16.66 34.66
C LEU D 273 31.64 -17.25 35.67
N LYS D 274 31.14 -17.46 36.89
CA LYS D 274 31.90 -18.10 37.95
C LYS D 274 31.43 -19.53 38.12
N ILE D 275 32.37 -20.46 38.17
CA ILE D 275 32.05 -21.88 38.25
C ILE D 275 32.99 -22.55 39.23
N ARG D 276 32.44 -23.42 40.06
CA ARG D 276 33.25 -24.20 40.99
C ARG D 276 33.86 -25.37 40.24
N ASN D 277 35.19 -25.38 40.11
CA ASN D 277 35.85 -26.44 39.38
C ASN D 277 35.86 -27.72 40.22
N LYS D 278 36.54 -28.73 39.71
CA LYS D 278 36.60 -30.00 40.42
C LYS D 278 37.37 -29.90 41.73
N ASP D 279 38.08 -28.81 41.97
CA ASP D 279 38.81 -28.61 43.20
C ASP D 279 38.07 -27.73 44.19
N GLY D 280 36.82 -27.39 43.90
CA GLY D 280 36.07 -26.55 44.81
C GLY D 280 36.49 -25.10 44.83
N ASP D 281 37.15 -24.63 43.78
CA ASP D 281 37.65 -23.27 43.70
C ASP D 281 36.89 -22.52 42.62
N LEU D 282 36.48 -21.31 42.92
CA LEU D 282 35.80 -20.49 41.92
C LEU D 282 36.75 -20.17 40.78
N GLN D 283 36.24 -20.31 39.56
CA GLN D 283 37.03 -20.08 38.37
C GLN D 283 36.16 -19.34 37.36
N THR D 284 36.75 -18.42 36.62
CA THR D 284 36.03 -17.59 35.68
C THR D 284 36.13 -18.16 34.28
N VAL D 285 35.00 -18.24 33.59
CA VAL D 285 34.95 -18.71 32.21
C VAL D 285 34.29 -17.65 31.36
N LYS D 286 34.55 -17.72 30.06
CA LYS D 286 34.08 -16.72 29.11
C LYS D 286 33.11 -17.35 28.13
N ILE D 287 31.93 -16.76 28.00
CA ILE D 287 30.86 -17.28 27.19
C ILE D 287 30.45 -16.24 26.16
N LYS D 288 30.15 -16.71 24.96
CA LYS D 288 29.55 -15.89 23.92
C LYS D 288 28.11 -16.34 23.73
N PRO D 289 27.18 -15.77 24.48
CA PRO D 289 25.81 -16.29 24.47
C PRO D 289 25.06 -15.88 23.22
N ASP D 290 23.98 -16.61 22.97
CA ASP D 290 23.08 -16.29 21.87
C ASP D 290 21.72 -16.84 22.23
N VAL D 291 20.77 -15.97 22.55
CA VAL D 291 19.50 -16.37 23.12
C VAL D 291 18.38 -15.94 22.20
N ALA D 292 17.46 -16.86 21.91
CA ALA D 292 16.22 -16.54 21.22
C ALA D 292 15.11 -16.69 22.25
N ALA D 293 14.44 -15.58 22.57
CA ALA D 293 13.48 -15.54 23.66
C ALA D 293 12.07 -15.47 23.10
N PHE D 294 11.21 -16.36 23.57
CA PHE D 294 9.83 -16.47 23.13
C PHE D 294 8.89 -16.30 24.30
N ASN D 295 7.63 -16.01 24.00
CA ASN D 295 6.55 -16.07 24.96
C ASN D 295 5.28 -16.41 24.22
N VAL D 296 4.51 -17.36 24.74
CA VAL D 296 3.34 -17.82 23.99
C VAL D 296 2.04 -17.62 24.75
N GLY D 297 1.94 -18.18 25.96
CA GLY D 297 0.69 -18.07 26.68
C GLY D 297 -0.24 -19.22 26.36
N VAL D 298 -0.57 -20.02 27.36
CA VAL D 298 -1.31 -21.26 27.13
C VAL D 298 -2.47 -21.36 28.09
N ASN D 299 -2.85 -20.24 28.70
CA ASN D 299 -3.98 -20.22 29.61
C ASN D 299 -5.29 -20.10 28.86
N GLU D 300 -6.38 -20.23 29.62
CA GLU D 300 -7.68 -19.82 29.10
C GLU D 300 -7.72 -18.32 28.89
N LEU D 301 -7.04 -17.56 29.76
CA LEU D 301 -7.01 -16.12 29.63
C LEU D 301 -6.40 -15.69 28.30
N ALA D 302 -5.55 -16.53 27.73
CA ALA D 302 -4.92 -16.18 26.47
C ALA D 302 -5.54 -16.86 25.27
N LEU D 303 -6.17 -18.01 25.45
CA LEU D 303 -6.67 -18.79 24.32
C LEU D 303 -8.16 -18.64 24.11
N LYS D 304 -8.95 -18.56 25.18
CA LYS D 304 -10.39 -18.42 25.01
C LYS D 304 -10.78 -16.98 24.77
N LEU D 305 -10.47 -16.10 25.71
CA LEU D 305 -10.82 -14.70 25.55
C LEU D 305 -9.68 -13.86 25.01
N GLY D 306 -8.44 -14.23 25.26
CA GLY D 306 -7.35 -13.71 24.47
C GLY D 306 -6.71 -12.46 25.04
N PHE D 307 -5.60 -12.62 25.73
CA PHE D 307 -4.91 -11.53 26.39
C PHE D 307 -3.46 -11.51 25.97
N GLY D 308 -2.95 -10.32 25.66
CA GLY D 308 -1.54 -10.19 25.41
C GLY D 308 -1.05 -10.89 24.16
N LEU D 309 -1.95 -11.29 23.27
CA LEU D 309 -1.51 -11.87 22.01
C LEU D 309 -0.67 -10.87 21.22
N LYS D 310 -1.14 -9.64 21.13
CA LYS D 310 -0.40 -8.62 20.42
C LYS D 310 0.91 -8.30 21.10
N ALA D 311 0.92 -8.25 22.43
CA ALA D 311 2.14 -7.92 23.15
C ALA D 311 3.20 -8.98 22.94
N SER D 312 2.83 -10.25 22.99
CA SER D 312 3.81 -11.32 22.87
C SER D 312 4.33 -11.44 21.45
N ASP D 313 3.46 -11.23 20.46
CA ASP D 313 3.89 -11.45 19.09
C ASP D 313 5.00 -10.49 18.66
N SER D 314 5.12 -9.34 19.31
CA SER D 314 6.23 -8.46 19.00
C SER D 314 7.56 -9.11 19.37
N TYR D 315 7.60 -9.83 20.48
CA TYR D 315 8.81 -10.57 20.84
C TYR D 315 9.00 -11.78 19.93
N ASN D 316 7.93 -12.50 19.63
CA ASN D 316 8.07 -13.73 18.89
C ASN D 316 8.56 -13.48 17.48
N ALA D 317 8.21 -12.34 16.88
CA ALA D 317 8.66 -12.05 15.54
C ALA D 317 10.18 -11.96 15.48
N GLU D 318 10.78 -11.25 16.43
CA GLU D 318 12.24 -11.13 16.45
C GLU D 318 12.88 -12.49 16.65
N ALA D 319 12.34 -13.30 17.56
CA ALA D 319 12.96 -14.59 17.85
C ALA D 319 12.89 -15.51 16.64
N LEU D 320 11.78 -15.52 15.92
CA LEU D 320 11.69 -16.35 14.73
C LEU D 320 12.70 -15.92 13.68
N HIS D 321 12.85 -14.62 13.47
CA HIS D 321 13.86 -14.18 12.52
C HIS D 321 15.24 -14.63 12.93
N GLN D 322 15.49 -14.68 14.23
CA GLN D 322 16.77 -15.15 14.72
C GLN D 322 16.93 -16.65 14.51
N LEU D 323 15.84 -17.40 14.54
CA LEU D 323 15.90 -18.85 14.51
C LEU D 323 15.77 -19.42 13.11
N LEU D 324 14.98 -18.81 12.25
CA LEU D 324 14.70 -19.35 10.94
C LEU D 324 15.10 -18.44 9.79
N GLY D 325 15.48 -17.21 10.05
CA GLY D 325 15.87 -16.32 8.98
C GLY D 325 14.81 -15.29 8.67
N ASN D 326 15.04 -14.54 7.60
CA ASN D 326 14.18 -13.43 7.25
C ASN D 326 13.03 -13.81 6.34
N ASP D 327 12.98 -15.05 5.86
CA ASP D 327 11.89 -15.51 5.01
C ASP D 327 11.12 -16.60 5.74
N LEU D 328 9.87 -16.32 6.08
CA LEU D 328 9.07 -17.24 6.87
C LEU D 328 7.96 -17.89 6.06
N ARG D 329 8.03 -17.83 4.74
CA ARG D 329 7.07 -18.55 3.94
C ARG D 329 7.26 -20.05 4.13
N PRO D 330 6.18 -20.81 4.29
CA PRO D 330 6.33 -22.23 4.63
C PRO D 330 7.07 -23.04 3.59
N GLU D 331 7.10 -22.60 2.34
CA GLU D 331 7.76 -23.35 1.28
C GLU D 331 9.20 -22.91 1.03
N ALA D 332 9.67 -21.87 1.68
CA ALA D 332 11.02 -21.38 1.44
C ALA D 332 12.04 -22.31 2.11
N ARG D 333 13.31 -21.96 1.96
CA ARG D 333 14.29 -22.81 2.62
C ARG D 333 14.71 -22.20 3.95
N PRO D 334 14.95 -23.02 4.96
CA PRO D 334 15.26 -22.48 6.28
C PRO D 334 16.57 -21.71 6.29
N GLY D 335 16.60 -20.68 7.13
CA GLY D 335 17.80 -19.89 7.33
C GLY D 335 18.11 -19.77 8.80
N GLY D 336 18.88 -18.77 9.20
CA GLY D 336 19.15 -18.61 10.61
C GLY D 336 19.92 -19.79 11.18
N TRP D 337 19.64 -20.10 12.45
CA TRP D 337 20.34 -21.20 13.10
C TRP D 337 20.03 -22.52 12.43
N VAL D 338 18.78 -22.72 11.99
CA VAL D 338 18.43 -23.95 11.33
C VAL D 338 19.21 -24.10 10.04
N GLY D 339 19.33 -23.03 9.28
CA GLY D 339 20.12 -23.08 8.07
C GLY D 339 21.57 -23.43 8.33
N GLU D 340 22.16 -22.84 9.36
CA GLU D 340 23.55 -23.15 9.68
C GLU D 340 23.72 -24.61 10.05
N TRP D 341 22.78 -25.17 10.80
CA TRP D 341 22.88 -26.58 11.16
C TRP D 341 22.76 -27.45 9.93
N LEU D 342 21.83 -27.13 9.03
CA LEU D 342 21.62 -27.96 7.87
C LEU D 342 22.79 -27.88 6.89
N ALA D 343 23.53 -26.78 6.91
CA ALA D 343 24.64 -26.63 6.00
C ALA D 343 25.76 -27.63 6.26
N GLN D 344 25.75 -28.29 7.41
CA GLN D 344 26.74 -29.33 7.69
C GLN D 344 26.34 -30.67 7.12
N TYR D 345 25.17 -30.76 6.50
CA TYR D 345 24.65 -32.01 5.96
C TYR D 345 24.62 -33.12 7.01
N PRO D 346 23.81 -32.98 8.05
CA PRO D 346 23.72 -34.01 9.06
C PRO D 346 22.73 -35.08 8.65
N ASP D 347 22.85 -36.23 9.27
CA ASP D 347 21.91 -37.31 9.03
C ASP D 347 20.60 -37.10 9.75
N ASN D 348 20.37 -35.88 10.20
CA ASN D 348 19.20 -35.49 10.98
C ASN D 348 18.22 -34.68 10.15
N TYR D 349 18.47 -34.54 8.85
CA TYR D 349 17.81 -33.49 8.07
C TYR D 349 16.31 -33.70 7.99
N GLU D 350 15.86 -34.94 8.00
CA GLU D 350 14.43 -35.21 7.81
C GLU D 350 13.59 -34.57 8.91
N VAL D 351 13.95 -34.84 10.17
CA VAL D 351 13.18 -34.33 11.28
C VAL D 351 13.24 -32.82 11.32
N VAL D 352 14.42 -32.25 11.09
CA VAL D 352 14.59 -30.81 11.17
C VAL D 352 13.72 -30.10 10.15
N ASN D 353 13.71 -30.61 8.91
CA ASN D 353 12.90 -29.98 7.88
C ASN D 353 11.43 -30.02 8.22
N THR D 354 10.95 -31.16 8.73
CA THR D 354 9.55 -31.28 9.08
C THR D 354 9.16 -30.29 10.16
N LEU D 355 9.97 -30.20 11.22
CA LEU D 355 9.64 -29.30 12.32
C LEU D 355 9.63 -27.85 11.87
N ALA D 356 10.60 -27.45 11.05
CA ALA D 356 10.63 -26.08 10.58
C ALA D 356 9.39 -25.76 9.74
N ARG D 357 8.99 -26.69 8.88
CA ARG D 357 7.81 -26.44 8.06
C ARG D 357 6.57 -26.29 8.91
N GLN D 358 6.39 -27.15 9.92
CA GLN D 358 5.20 -27.07 10.75
C GLN D 358 5.16 -25.76 11.52
N ILE D 359 6.29 -25.30 12.02
CA ILE D 359 6.32 -24.06 12.78
C ILE D 359 5.91 -22.89 11.91
N LYS D 360 6.40 -22.84 10.68
CA LYS D 360 6.00 -21.76 9.78
C LYS D 360 4.51 -21.82 9.48
N ASP D 361 3.95 -23.03 9.35
CA ASP D 361 2.52 -23.16 9.12
C ASP D 361 1.73 -22.57 10.26
N ILE D 362 2.07 -22.94 11.49
CA ILE D 362 1.36 -22.43 12.66
C ILE D 362 1.46 -20.91 12.71
N TRP D 363 2.64 -20.39 12.45
CA TRP D 363 2.82 -18.94 12.51
C TRP D 363 1.99 -18.25 11.44
N LYS D 364 1.87 -18.86 10.27
CA LYS D 364 1.19 -18.19 9.17
C LYS D 364 -0.30 -18.05 9.44
N ASN D 365 -0.94 -19.11 9.94
CA ASN D 365 -2.38 -19.08 10.17
C ASN D 365 -2.75 -18.62 11.57
N ASN D 366 -1.77 -18.22 12.39
CA ASN D 366 -2.01 -17.82 13.76
C ASN D 366 -2.71 -18.91 14.55
N GLN D 367 -2.40 -20.17 14.25
CA GLN D 367 -3.06 -21.27 14.93
C GLN D 367 -2.75 -21.31 16.41
N HIS D 368 -1.69 -20.64 16.86
CA HIS D 368 -1.39 -20.65 18.27
C HIS D 368 -2.27 -19.72 19.07
N HIS D 369 -3.10 -18.92 18.41
CA HIS D 369 -4.02 -18.05 19.14
C HIS D 369 -5.24 -18.80 19.64
N LYS D 370 -5.53 -19.96 19.09
CA LYS D 370 -6.61 -20.82 19.56
C LYS D 370 -6.01 -22.15 20.00
N ASP D 371 -6.83 -22.99 20.63
CA ASP D 371 -6.39 -24.34 20.96
C ASP D 371 -7.23 -25.32 20.16
N GLY D 372 -6.79 -25.61 18.94
CA GLY D 372 -7.49 -26.58 18.13
C GLY D 372 -7.33 -27.98 18.66
N GLY D 373 -7.69 -28.18 19.91
CA GLY D 373 -7.57 -29.46 20.55
C GLY D 373 -6.29 -29.66 21.35
N GLU D 374 -5.27 -28.85 21.11
CA GLU D 374 -4.06 -29.00 21.91
C GLU D 374 -3.29 -27.68 21.98
N PRO D 375 -3.18 -27.11 23.18
CA PRO D 375 -2.76 -25.71 23.29
C PRO D 375 -1.27 -25.49 23.23
N TYR D 376 -0.44 -26.51 23.43
CA TYR D 376 1.00 -26.33 23.41
C TYR D 376 1.60 -26.56 22.04
N LYS D 377 0.85 -26.28 20.98
CA LYS D 377 1.29 -26.68 19.65
C LYS D 377 2.57 -25.97 19.25
N LEU D 378 2.71 -24.68 19.58
CA LEU D 378 3.89 -23.96 19.18
C LEU D 378 5.04 -24.13 20.16
N ALA D 379 4.76 -24.07 21.45
CA ALA D 379 5.82 -24.19 22.43
C ALA D 379 6.53 -25.53 22.33
N GLN D 380 5.76 -26.60 22.18
CA GLN D 380 6.34 -27.94 22.17
C GLN D 380 7.28 -28.11 20.98
N ARG D 381 6.88 -27.62 19.81
CA ARG D 381 7.72 -27.78 18.64
C ARG D 381 8.96 -26.90 18.71
N LEU D 382 8.85 -25.73 19.32
CA LEU D 382 10.05 -24.89 19.47
C LEU D 382 11.09 -25.60 20.31
N ALA D 383 10.68 -26.22 21.40
CA ALA D 383 11.65 -26.92 22.24
C ALA D 383 12.26 -28.11 21.52
N MET D 384 11.43 -28.89 20.81
CA MET D 384 11.97 -30.05 20.11
C MET D 384 12.94 -29.63 19.02
N LEU D 385 12.61 -28.58 18.28
CA LEU D 385 13.51 -28.12 17.23
C LEU D 385 14.82 -27.65 17.81
N ALA D 386 14.79 -26.96 18.95
CA ALA D 386 16.02 -26.47 19.54
C ALA D 386 16.95 -27.61 19.91
N HIS D 387 16.40 -28.70 20.42
CA HIS D 387 17.26 -29.83 20.74
C HIS D 387 17.84 -30.47 19.50
N GLU D 388 17.10 -30.47 18.40
CA GLU D 388 17.60 -31.12 17.19
C GLU D 388 18.83 -30.43 16.63
N ILE D 389 18.86 -29.10 16.65
CA ILE D 389 19.91 -28.35 16.00
C ILE D 389 21.01 -28.04 16.99
N ASP D 390 21.03 -28.78 18.09
CA ASP D 390 22.11 -28.74 19.07
C ASP D 390 22.14 -27.45 19.88
N ALA D 391 21.03 -26.76 20.00
CA ALA D 391 20.92 -25.66 20.95
C ALA D 391 20.50 -26.25 22.29
N VAL D 392 20.21 -25.39 23.27
CA VAL D 392 19.72 -25.83 24.56
C VAL D 392 18.31 -25.30 24.74
N PRO D 393 17.31 -26.14 24.94
CA PRO D 393 15.96 -25.64 25.19
C PRO D 393 15.70 -25.39 26.66
N ALA D 394 15.06 -24.26 26.94
CA ALA D 394 14.70 -23.91 28.30
C ALA D 394 13.32 -23.28 28.31
N TRP D 395 12.49 -23.65 29.27
CA TRP D 395 11.15 -23.09 29.36
C TRP D 395 10.79 -22.80 30.81
N ASN D 396 9.87 -21.87 30.99
CA ASN D 396 9.54 -21.42 32.34
C ASN D 396 8.10 -21.00 32.42
N CYS D 397 7.60 -20.95 33.65
CA CYS D 397 6.28 -20.48 33.99
C CYS D 397 6.42 -19.41 35.08
N LYS D 398 5.28 -19.01 35.64
CA LYS D 398 5.31 -18.10 36.78
C LYS D 398 6.05 -18.72 37.95
N SER D 399 5.65 -19.93 38.33
CA SER D 399 6.26 -20.62 39.45
C SER D 399 7.11 -21.80 39.03
N GLY D 400 6.96 -22.28 37.81
CA GLY D 400 7.80 -23.35 37.32
C GLY D 400 7.37 -24.74 37.68
N LYS D 401 6.12 -24.94 38.06
CA LYS D 401 5.64 -26.27 38.38
C LYS D 401 4.33 -26.67 37.73
N ASP D 402 3.46 -25.73 37.37
CA ASP D 402 2.17 -26.13 36.81
C ASP D 402 2.17 -26.15 35.29
N ARG D 403 2.33 -24.99 34.67
CA ARG D 403 2.39 -24.97 33.21
C ARG D 403 3.70 -25.55 32.72
N THR D 404 4.77 -25.34 33.48
CA THR D 404 6.04 -25.97 33.16
C THR D 404 5.91 -27.48 33.18
N GLY D 405 5.23 -28.02 34.20
CA GLY D 405 5.07 -29.45 34.28
C GLY D 405 4.25 -30.00 33.12
N MET D 406 3.21 -29.29 32.72
CA MET D 406 2.41 -29.76 31.60
C MET D 406 3.20 -29.78 30.31
N MET D 407 4.01 -28.75 30.07
CA MET D 407 4.82 -28.74 28.85
C MET D 407 5.87 -29.84 28.90
N ASP D 408 6.41 -30.10 30.08
CA ASP D 408 7.34 -31.21 30.23
C ASP D 408 6.70 -32.51 29.76
N SER D 409 5.47 -32.77 30.20
CA SER D 409 4.80 -34.00 29.81
C SER D 409 4.53 -34.03 28.32
N GLU D 410 4.14 -32.90 27.73
CA GLU D 410 3.86 -32.89 26.30
C GLU D 410 5.09 -33.24 25.49
N ILE D 411 6.24 -32.66 25.84
CA ILE D 411 7.46 -32.94 25.10
C ILE D 411 7.84 -34.40 25.23
N LYS D 412 7.78 -34.95 26.44
CA LYS D 412 8.15 -36.35 26.63
C LYS D 412 7.27 -37.27 25.81
N ARG D 413 5.97 -36.98 25.76
CA ARG D 413 5.08 -37.82 24.99
C ARG D 413 5.45 -37.82 23.52
N GLU D 414 5.75 -36.64 22.98
CA GLU D 414 6.07 -36.58 21.56
C GLU D 414 7.40 -37.24 21.25
N ILE D 415 8.40 -37.06 22.10
CA ILE D 415 9.70 -37.68 21.87
C ILE D 415 9.56 -39.19 21.87
N ILE D 416 8.83 -39.74 22.84
CA ILE D 416 8.66 -41.18 22.90
C ILE D 416 7.92 -41.67 21.68
N SER D 417 6.86 -40.97 21.28
CA SER D 417 6.11 -41.37 20.10
C SER D 417 6.99 -41.34 18.86
N LEU D 418 7.83 -40.32 18.73
CA LEU D 418 8.68 -40.22 17.55
C LEU D 418 9.78 -41.27 17.55
N HIS D 419 10.26 -41.67 18.73
CA HIS D 419 11.41 -42.58 18.80
C HIS D 419 11.13 -43.90 18.12
N GLN D 420 9.87 -44.24 17.94
CA GLN D 420 9.54 -45.51 17.31
C GLN D 420 9.55 -45.40 15.79
N THR D 421 10.50 -44.62 15.28
CA THR D 421 10.83 -44.42 13.87
C THR D 421 9.68 -43.79 13.10
N HIS D 422 8.73 -43.22 13.81
CA HIS D 422 7.55 -42.67 13.18
C HIS D 422 7.87 -41.34 12.54
N MET D 423 6.80 -40.62 12.20
CA MET D 423 6.86 -39.23 11.84
C MET D 423 6.24 -38.38 12.94
N LEU D 424 6.21 -37.07 12.71
CA LEU D 424 5.58 -36.19 13.67
C LEU D 424 4.10 -36.01 13.33
N SER D 425 3.30 -35.76 14.37
CA SER D 425 1.88 -35.56 14.18
C SER D 425 1.62 -34.17 13.62
N ALA D 426 0.47 -33.99 13.05
CA ALA D 426 0.13 -32.72 12.47
C ALA D 426 -0.26 -31.72 13.54
N PRO D 427 -0.08 -30.42 13.30
CA PRO D 427 -0.44 -29.42 14.31
C PRO D 427 -1.93 -29.44 14.60
N GLY D 428 -2.26 -29.20 15.87
CA GLY D 428 -3.65 -29.08 16.28
C GLY D 428 -4.47 -30.32 16.05
N SER D 429 -3.94 -31.50 16.39
CA SER D 429 -4.65 -32.74 16.21
C SER D 429 -4.64 -33.53 17.51
N LEU D 430 -5.77 -34.14 17.83
CA LEU D 430 -5.86 -34.96 19.02
C LEU D 430 -5.03 -36.22 18.87
N PRO D 431 -4.44 -36.72 19.96
CA PRO D 431 -3.71 -37.99 19.88
C PRO D 431 -4.65 -39.15 19.59
N ASP D 432 -4.11 -40.15 18.90
CA ASP D 432 -4.88 -41.35 18.60
C ASP D 432 -4.89 -42.26 19.83
N SER D 433 -5.33 -43.51 19.66
CA SER D 433 -5.43 -44.42 20.79
C SER D 433 -4.05 -44.71 21.37
N GLY D 434 -3.09 -45.08 20.52
CA GLY D 434 -1.76 -45.36 21.01
C GLY D 434 -1.10 -44.14 21.63
N GLY D 435 -1.25 -42.99 21.00
CA GLY D 435 -0.73 -41.77 21.60
C GLY D 435 -1.36 -41.46 22.94
N GLN D 436 -2.65 -41.73 23.08
CA GLN D 436 -3.31 -41.51 24.36
C GLN D 436 -2.75 -42.42 25.44
N LYS D 437 -2.47 -43.67 25.09
CA LYS D 437 -1.85 -44.57 26.06
C LYS D 437 -0.48 -44.07 26.49
N ILE D 438 0.30 -43.57 25.52
CA ILE D 438 1.61 -43.01 25.83
C ILE D 438 1.44 -41.83 26.78
N PHE D 439 0.51 -40.93 26.46
CA PHE D 439 0.33 -39.73 27.25
C PHE D 439 -0.11 -40.06 28.66
N GLN D 440 -1.00 -41.03 28.81
CA GLN D 440 -1.45 -41.42 30.14
C GLN D 440 -0.30 -41.96 30.98
N LYS D 441 0.55 -42.79 30.38
CA LYS D 441 1.69 -43.32 31.12
C LYS D 441 2.67 -42.21 31.50
N VAL D 442 2.91 -41.27 30.59
CA VAL D 442 3.87 -40.21 30.84
C VAL D 442 3.41 -39.32 31.99
N LEU D 443 2.13 -38.94 31.97
CA LEU D 443 1.64 -37.97 32.94
C LEU D 443 1.80 -38.45 34.37
N LEU D 444 1.76 -39.76 34.59
CA LEU D 444 1.90 -40.30 35.93
C LEU D 444 3.31 -40.77 36.24
N ASN D 445 4.05 -41.23 35.25
CA ASN D 445 5.39 -41.77 35.46
C ASN D 445 6.49 -40.78 35.17
N SER D 446 6.15 -39.54 34.88
CA SER D 446 7.16 -38.50 34.87
C SER D 446 7.40 -38.00 36.29
N GLY D 447 8.45 -37.22 36.47
CA GLY D 447 8.74 -36.76 37.80
C GLY D 447 7.97 -35.56 38.26
N ASN D 448 6.93 -35.15 37.53
CA ASN D 448 6.24 -33.91 37.85
C ASN D 448 5.56 -33.97 39.20
N LEU D 449 4.94 -35.10 39.53
CA LEU D 449 4.22 -35.20 40.79
C LEU D 449 5.15 -35.01 41.98
N GLU D 450 6.35 -35.58 41.92
CA GLU D 450 7.30 -35.39 43.00
C GLU D 450 7.80 -33.96 43.07
N ILE D 451 7.99 -33.31 41.93
CA ILE D 451 8.34 -31.89 41.92
C ILE D 451 7.25 -31.09 42.60
N GLN D 452 5.99 -31.41 42.30
CA GLN D 452 4.88 -30.71 42.91
C GLN D 452 4.92 -30.85 44.43
N LYS D 453 5.07 -32.08 44.91
CA LYS D 453 5.09 -32.33 46.34
C LYS D 453 6.29 -31.65 47.00
N GLN D 454 7.46 -31.74 46.36
CA GLN D 454 8.65 -31.12 46.93
C GLN D 454 8.48 -29.62 47.05
N ASN D 455 7.91 -28.99 46.02
CA ASN D 455 7.82 -27.55 45.98
C ASN D 455 6.66 -27.00 46.77
N THR D 456 5.70 -27.81 47.12
CA THR D 456 4.48 -27.31 47.75
C THR D 456 4.08 -28.07 49.00
N GLY D 457 4.24 -29.39 49.01
CA GLY D 457 3.71 -30.24 50.06
C GLY D 457 2.58 -31.13 49.61
N GLY D 458 2.02 -30.90 48.43
CA GLY D 458 0.99 -31.76 47.90
C GLY D 458 1.12 -31.89 46.40
N ALA D 459 0.71 -33.05 45.90
CA ALA D 459 0.81 -33.35 44.48
C ALA D 459 -0.43 -32.84 43.75
N GLY D 460 -0.22 -32.27 42.57
CA GLY D 460 -1.33 -31.76 41.79
C GLY D 460 -0.83 -30.90 40.65
N ASN D 461 -1.80 -30.32 39.95
CA ASN D 461 -1.50 -29.40 38.85
C ASN D 461 -2.64 -28.40 38.74
N LYS D 462 -2.29 -27.12 38.68
CA LYS D 462 -3.28 -26.06 38.61
C LYS D 462 -3.82 -25.84 37.21
N VAL D 463 -3.28 -26.53 36.21
CA VAL D 463 -3.75 -26.38 34.84
C VAL D 463 -5.11 -27.05 34.63
N MET D 464 -5.48 -27.98 35.50
CA MET D 464 -6.72 -28.73 35.36
C MET D 464 -7.79 -28.03 36.18
N LYS D 465 -8.73 -27.37 35.51
CA LYS D 465 -9.63 -26.46 36.22
C LYS D 465 -11.10 -26.83 36.13
N ASN D 466 -11.63 -27.09 34.93
CA ASN D 466 -13.06 -27.37 34.74
C ASN D 466 -13.92 -26.18 35.18
N LEU D 467 -13.80 -25.10 34.41
CA LEU D 467 -14.54 -23.88 34.68
C LEU D 467 -16.03 -24.08 34.44
N SER D 468 -16.83 -23.15 34.95
CA SER D 468 -18.28 -23.33 34.94
C SER D 468 -18.91 -23.08 33.57
N PRO D 469 -18.55 -22.01 32.82
CA PRO D 469 -19.06 -21.93 31.44
C PRO D 469 -18.21 -22.80 30.53
N GLU D 470 -18.82 -23.83 29.95
CA GLU D 470 -18.05 -24.92 29.34
C GLU D 470 -17.18 -24.46 28.19
N VAL D 471 -17.44 -23.29 27.61
CA VAL D 471 -16.63 -22.83 26.50
C VAL D 471 -15.31 -22.24 26.95
N LEU D 472 -15.05 -22.18 28.26
CA LEU D 472 -13.81 -21.66 28.79
C LEU D 472 -12.82 -22.73 29.22
N ASN D 473 -13.03 -23.98 28.80
CA ASN D 473 -12.14 -25.06 29.19
C ASN D 473 -11.15 -25.37 28.07
N LEU D 474 -9.98 -25.87 28.47
CA LEU D 474 -8.86 -26.04 27.56
C LEU D 474 -8.84 -27.38 26.85
N SER D 475 -9.81 -28.25 27.11
CA SER D 475 -9.95 -29.52 26.40
C SER D 475 -8.76 -30.45 26.65
N TYR D 476 -8.52 -30.77 27.91
CA TYR D 476 -7.66 -31.88 28.24
C TYR D 476 -8.43 -33.17 28.50
N GLN D 477 -9.74 -33.10 28.68
CA GLN D 477 -10.54 -34.30 28.77
C GLN D 477 -10.38 -35.17 27.54
N LYS D 478 -10.24 -34.55 26.37
CA LYS D 478 -10.10 -35.31 25.14
C LYS D 478 -8.68 -35.79 24.92
N ARG D 479 -7.69 -34.94 25.23
CA ARG D 479 -6.30 -35.35 25.06
C ARG D 479 -5.94 -36.48 26.03
N VAL D 480 -6.41 -36.39 27.26
CA VAL D 480 -6.25 -37.48 28.24
C VAL D 480 -7.56 -38.24 28.27
N GLY D 481 -7.66 -39.28 27.45
CA GLY D 481 -8.89 -40.00 27.33
C GLY D 481 -9.20 -40.91 28.51
N ASP D 482 -9.24 -40.33 29.72
CA ASP D 482 -9.54 -41.11 30.91
C ASP D 482 -9.94 -40.15 32.02
N GLU D 483 -11.11 -40.37 32.59
CA GLU D 483 -11.57 -39.49 33.67
C GLU D 483 -10.74 -39.67 34.93
N ASN D 484 -10.44 -40.93 35.29
CA ASN D 484 -9.73 -41.19 36.53
C ASN D 484 -8.31 -40.65 36.48
N ILE D 485 -7.62 -40.82 35.35
CA ILE D 485 -6.27 -40.31 35.22
C ILE D 485 -6.27 -38.78 35.26
N TRP D 486 -7.25 -38.16 34.59
CA TRP D 486 -7.37 -36.70 34.65
C TRP D 486 -7.58 -36.23 36.08
N GLN D 487 -8.43 -36.91 36.83
CA GLN D 487 -8.62 -36.56 38.22
C GLN D 487 -7.40 -36.88 39.07
N SER D 488 -6.53 -37.77 38.61
CA SER D 488 -5.33 -38.09 39.37
C SER D 488 -4.22 -37.07 39.15
N VAL D 489 -4.12 -36.54 37.93
CA VAL D 489 -3.13 -35.49 37.67
C VAL D 489 -3.44 -34.26 38.50
N LYS D 490 -4.70 -33.85 38.54
CA LYS D 490 -5.14 -32.76 39.41
C LYS D 490 -5.35 -33.37 40.79
N GLY D 491 -4.34 -33.26 41.64
CA GLY D 491 -4.39 -33.93 42.93
C GLY D 491 -4.98 -33.06 44.01
N ILE D 492 -4.13 -32.57 44.90
CA ILE D 492 -4.56 -31.74 46.02
C ILE D 492 -4.43 -30.30 45.56
N SER D 493 -4.29 -30.11 44.25
CA SER D 493 -3.97 -28.79 43.70
C SER D 493 -5.01 -27.74 44.08
N SER D 494 -6.25 -28.15 44.32
CA SER D 494 -7.29 -27.19 44.65
C SER D 494 -7.30 -26.81 46.12
N LEU D 495 -6.48 -27.45 46.94
CA LEU D 495 -6.44 -27.16 48.38
C LEU D 495 -5.20 -26.36 48.76
N ILE D 496 -4.55 -25.71 47.81
CA ILE D 496 -3.29 -25.04 48.06
C ILE D 496 -3.46 -23.54 47.78
N THR D 497 -4.63 -23.01 48.10
CA THR D 497 -4.81 -21.57 47.95
C THR D 497 -3.82 -20.86 48.87
N SER D 498 -2.79 -20.26 48.27
CA SER D 498 -1.68 -19.68 49.02
C SER D 498 -0.82 -18.79 48.14
N GLN E 1 54.45 48.69 17.10
CA GLN E 1 54.17 47.66 16.12
C GLN E 1 53.48 46.46 16.77
N HIS E 2 52.86 46.71 17.92
CA HIS E 2 52.26 45.63 18.69
C HIS E 2 50.85 45.93 19.21
N GLN E 3 50.32 47.14 19.03
CA GLN E 3 48.96 47.46 19.48
C GLN E 3 47.99 46.78 18.52
N LYS E 4 47.74 45.50 18.80
CA LYS E 4 46.93 44.68 17.90
C LYS E 4 45.51 45.21 17.79
N ALA E 5 44.96 45.12 16.59
CA ALA E 5 43.57 45.48 16.37
C ALA E 5 42.63 44.48 17.02
N SER E 6 41.43 44.93 17.36
CA SER E 6 40.41 44.01 17.85
C SER E 6 40.07 42.97 16.79
N ASN E 7 39.92 43.41 15.55
CA ASN E 7 39.80 42.54 14.39
C ASN E 7 40.73 43.05 13.31
N HIS E 8 41.28 42.14 12.52
CA HIS E 8 42.19 42.48 11.43
C HIS E 8 43.42 43.23 11.96
N SER E 9 44.22 42.50 12.72
CA SER E 9 45.50 43.03 13.18
C SER E 9 46.35 43.47 12.00
N LEU E 10 47.14 44.53 12.21
CA LEU E 10 47.88 45.14 11.12
C LEU E 10 48.85 44.16 10.47
N HIS E 11 49.45 43.27 11.26
CA HIS E 11 50.46 42.37 10.72
C HIS E 11 49.85 41.39 9.72
N ASN E 12 48.61 40.96 9.96
CA ASN E 12 47.97 40.05 9.03
C ASN E 12 47.82 40.68 7.65
N LEU E 13 47.28 41.90 7.61
CA LEU E 13 47.23 42.64 6.35
C LEU E 13 48.63 42.81 5.78
N TYR E 14 49.55 43.29 6.61
CA TYR E 14 50.96 43.47 6.29
C TYR E 14 51.48 42.34 5.42
N ASN E 15 51.16 41.10 5.78
CA ASN E 15 51.55 39.96 4.94
C ASN E 15 50.73 39.93 3.66
N LEU E 16 49.44 40.28 3.74
CA LEU E 16 48.54 40.09 2.60
C LEU E 16 48.98 40.95 1.41
N GLN E 17 49.27 42.24 1.64
CA GLN E 17 49.64 43.08 0.51
C GLN E 17 50.94 42.62 -0.12
N ARG E 18 51.89 42.15 0.69
CA ARG E 18 53.15 41.67 0.13
C ARG E 18 52.92 40.50 -0.82
N ASP E 19 52.05 39.57 -0.45
CA ASP E 19 51.78 38.43 -1.34
C ASP E 19 51.16 38.90 -2.64
N LEU E 20 50.16 39.78 -2.57
CA LEU E 20 49.53 40.26 -3.80
C LEU E 20 50.51 41.04 -4.66
N LEU E 21 51.33 41.89 -4.03
CA LEU E 21 52.31 42.66 -4.77
C LEU E 21 53.32 41.75 -5.45
N THR E 22 53.73 40.69 -4.77
CA THR E 22 54.69 39.76 -5.38
C THR E 22 54.11 39.12 -6.63
N VAL E 23 52.84 38.74 -6.58
CA VAL E 23 52.20 38.16 -7.76
C VAL E 23 52.17 39.17 -8.90
N ALA E 24 51.78 40.41 -8.60
CA ALA E 24 51.75 41.44 -9.64
C ALA E 24 53.14 41.70 -10.19
N ALA E 25 54.15 41.72 -9.33
CA ALA E 25 55.51 41.91 -9.79
C ALA E 25 55.95 40.78 -10.70
N THR E 26 55.53 39.55 -10.37
CA THR E 26 55.89 38.40 -11.21
C THR E 26 55.32 38.54 -12.61
N VAL E 27 54.04 38.89 -12.72
CA VAL E 27 53.41 38.97 -14.03
C VAL E 27 54.00 40.14 -14.83
N LEU E 28 54.26 41.26 -14.16
CA LEU E 28 54.82 42.40 -14.88
C LEU E 28 56.31 42.23 -15.14
N GLY E 29 57.08 41.90 -14.10
CA GLY E 29 58.52 41.73 -14.27
C GLY E 29 59.38 42.59 -13.37
N LYS E 30 58.79 43.08 -12.27
CA LYS E 30 59.53 43.85 -11.27
C LYS E 30 60.22 45.07 -11.88
N GLN E 31 59.53 45.75 -12.80
CA GLN E 31 60.08 46.91 -13.46
C GLN E 31 59.23 48.18 -13.33
N ASP E 32 57.95 48.06 -13.03
CA ASP E 32 57.09 49.22 -12.96
C ASP E 32 57.41 50.03 -11.70
N PRO E 33 57.80 51.30 -11.84
CA PRO E 33 58.00 52.13 -10.63
C PRO E 33 56.73 52.36 -9.85
N VAL E 34 55.56 52.23 -10.47
CA VAL E 34 54.30 52.38 -9.76
C VAL E 34 54.20 51.32 -8.66
N LEU E 35 54.54 50.08 -9.00
CA LEU E 35 54.59 49.03 -8.00
C LEU E 35 55.55 49.39 -6.88
N THR E 36 56.71 49.93 -7.23
CA THR E 36 57.66 50.38 -6.21
C THR E 36 57.08 51.50 -5.38
N SER E 37 56.17 52.31 -5.95
CA SER E 37 55.60 53.43 -5.23
C SER E 37 54.85 52.97 -3.99
N MET E 38 53.80 52.18 -4.17
CA MET E 38 53.10 51.72 -2.98
C MET E 38 53.87 50.63 -2.24
N ALA E 39 54.85 50.00 -2.88
CA ALA E 39 55.73 49.11 -2.14
C ALA E 39 56.57 49.88 -1.13
N ASN E 40 57.06 51.06 -1.53
CA ASN E 40 57.81 51.89 -0.59
C ASN E 40 56.91 52.39 0.54
N GLN E 41 55.68 52.80 0.22
CA GLN E 41 54.75 53.18 1.27
C GLN E 41 54.44 51.98 2.16
N MET E 42 54.40 50.78 1.59
CA MET E 42 54.21 49.58 2.38
C MET E 42 55.38 49.36 3.33
N GLU E 43 56.60 49.56 2.84
CA GLU E 43 57.77 49.45 3.71
C GLU E 43 57.75 50.53 4.78
N LEU E 44 57.22 51.71 4.46
CA LEU E 44 57.02 52.74 5.47
C LEU E 44 56.05 52.27 6.55
N ALA E 45 54.95 51.64 6.13
CA ALA E 45 53.99 51.12 7.10
C ALA E 45 54.53 49.92 7.85
N LYS E 46 55.61 49.30 7.37
CA LYS E 46 56.19 48.15 8.05
C LYS E 46 56.66 48.51 9.45
N VAL E 47 57.34 49.65 9.58
CA VAL E 47 57.84 50.07 10.89
C VAL E 47 56.80 50.82 11.70
N LYS E 48 55.66 51.15 11.11
CA LYS E 48 54.62 51.88 11.84
C LYS E 48 54.03 51.02 12.95
N ALA E 49 53.62 51.68 14.02
CA ALA E 49 53.04 50.99 15.16
C ALA E 49 51.70 50.35 14.80
N ASP E 50 51.43 49.21 15.40
CA ASP E 50 50.18 48.51 15.17
C ASP E 50 49.00 49.35 15.66
N ARG E 51 47.88 49.23 14.97
CA ARG E 51 46.72 50.06 15.21
C ARG E 51 45.47 49.21 15.11
N PRO E 52 44.36 49.66 15.70
CA PRO E 52 43.07 49.05 15.38
C PRO E 52 42.77 49.19 13.90
N ALA E 53 42.06 48.21 13.36
CA ALA E 53 41.79 48.19 11.93
C ALA E 53 40.81 49.30 11.57
N THR E 54 41.33 50.45 11.17
CA THR E 54 40.47 51.54 10.72
C THR E 54 39.80 51.15 9.41
N LYS E 55 38.65 51.78 9.15
CA LYS E 55 37.91 51.48 7.93
C LYS E 55 38.74 51.76 6.68
N GLN E 56 39.63 52.75 6.75
CA GLN E 56 40.49 53.04 5.61
C GLN E 56 41.43 51.88 5.32
N GLU E 57 42.04 51.31 6.37
CA GLU E 57 42.96 50.19 6.18
C GLU E 57 42.24 48.99 5.59
N GLU E 58 41.06 48.67 6.15
CA GLU E 58 40.30 47.53 5.64
C GLU E 58 39.85 47.75 4.21
N ALA E 59 39.37 48.95 3.90
CA ALA E 59 38.93 49.24 2.54
C ALA E 59 40.08 49.19 1.55
N ALA E 60 41.23 49.74 1.93
CA ALA E 60 42.39 49.72 1.04
C ALA E 60 42.85 48.30 0.76
N ALA E 61 42.91 47.46 1.79
CA ALA E 61 43.29 46.07 1.60
C ALA E 61 42.24 45.34 0.77
N LYS E 62 40.95 45.60 1.03
CA LYS E 62 39.90 44.89 0.32
C LYS E 62 39.90 45.20 -1.17
N ALA E 63 40.16 46.45 -1.55
CA ALA E 63 40.10 46.85 -2.94
C ALA E 63 41.44 46.76 -3.66
N LEU E 64 42.49 46.31 -2.98
CA LEU E 64 43.81 46.28 -3.61
C LEU E 64 43.86 45.34 -4.81
N LYS E 65 43.22 44.17 -4.69
CA LYS E 65 43.26 43.19 -5.77
C LYS E 65 42.59 43.74 -7.03
N LYS E 66 41.44 44.40 -6.86
CA LYS E 66 40.76 44.99 -8.01
C LYS E 66 41.62 46.06 -8.67
N ASN E 67 42.28 46.89 -7.87
CA ASN E 67 43.15 47.93 -8.43
C ASN E 67 44.30 47.31 -9.22
N LEU E 68 44.87 46.23 -8.71
CA LEU E 68 45.96 45.56 -9.41
C LEU E 68 45.49 45.01 -10.74
N ILE E 69 44.29 44.44 -10.79
CA ILE E 69 43.76 43.93 -12.05
C ILE E 69 43.59 45.07 -13.05
N GLU E 70 43.07 46.21 -12.59
CA GLU E 70 42.90 47.35 -13.48
C GLU E 70 44.25 47.83 -14.00
N LEU E 71 45.26 47.87 -13.14
CA LEU E 71 46.59 48.28 -13.59
C LEU E 71 47.14 47.35 -14.66
N ILE E 72 46.95 46.04 -14.48
CA ILE E 72 47.43 45.09 -15.47
C ILE E 72 46.71 45.29 -16.79
N ALA E 73 45.41 45.53 -16.75
CA ALA E 73 44.66 45.78 -17.97
C ALA E 73 45.17 47.02 -18.69
N ALA E 74 45.46 48.08 -17.94
CA ALA E 74 46.00 49.29 -18.56
C ALA E 74 47.35 49.03 -19.21
N ARG E 75 48.23 48.31 -18.53
CA ARG E 75 49.51 47.95 -19.12
C ARG E 75 49.32 47.12 -20.38
N THR E 76 48.36 46.19 -20.35
CA THR E 76 48.10 45.35 -21.52
C THR E 76 47.63 46.20 -22.70
N GLN E 77 46.71 47.14 -22.46
CA GLN E 77 46.20 47.96 -23.55
C GLN E 77 47.30 48.83 -24.14
N GLN E 78 48.15 49.40 -23.29
CA GLN E 78 49.25 50.23 -23.79
C GLN E 78 50.22 49.40 -24.62
N GLN E 79 50.58 48.22 -24.13
CA GLN E 79 51.49 47.36 -24.89
C GLN E 79 50.83 46.82 -26.15
N ASP E 80 49.57 46.38 -26.04
CA ASP E 80 48.83 45.87 -27.18
C ASP E 80 47.41 46.39 -27.12
N GLY E 81 47.00 47.10 -28.17
CA GLY E 81 45.67 47.69 -28.19
C GLY E 81 44.59 46.62 -28.23
N LEU E 82 43.90 46.44 -27.11
CA LEU E 82 42.81 45.49 -27.01
C LEU E 82 41.61 46.20 -26.39
N PRO E 83 40.40 45.74 -26.67
CA PRO E 83 39.22 46.31 -26.02
C PRO E 83 39.23 46.06 -24.52
N ALA E 84 38.47 46.87 -23.80
CA ALA E 84 38.49 46.80 -22.34
C ALA E 84 38.01 45.44 -21.85
N LYS E 85 36.96 44.90 -22.48
CA LYS E 85 36.43 43.61 -22.03
C LYS E 85 37.46 42.50 -22.22
N GLU E 86 38.10 42.46 -23.39
CA GLU E 86 39.08 41.42 -23.66
C GLU E 86 40.28 41.54 -22.74
N ALA E 87 40.78 42.76 -22.57
CA ALA E 87 41.93 42.97 -21.69
C ALA E 87 41.60 42.59 -20.25
N HIS E 88 40.41 42.98 -19.78
CA HIS E 88 40.03 42.66 -18.41
C HIS E 88 39.93 41.16 -18.19
N ARG E 89 39.30 40.45 -19.13
CA ARG E 89 39.18 38.99 -18.99
C ARG E 89 40.54 38.33 -19.00
N PHE E 90 41.40 38.73 -19.93
CA PHE E 90 42.73 38.13 -20.01
C PHE E 90 43.55 38.43 -18.76
N ALA E 91 43.46 39.67 -18.26
CA ALA E 91 44.22 40.04 -17.08
C ALA E 91 43.81 39.22 -15.87
N ALA E 92 42.51 39.02 -15.68
CA ALA E 92 42.04 38.24 -14.54
C ALA E 92 42.55 36.81 -14.60
N VAL E 93 42.50 36.19 -15.78
CA VAL E 93 42.98 34.81 -15.90
C VAL E 93 44.48 34.74 -15.61
N ALA E 94 45.25 35.66 -16.16
CA ALA E 94 46.69 35.64 -15.94
C ALA E 94 47.04 35.85 -14.48
N PHE E 95 46.34 36.77 -13.81
CA PHE E 95 46.63 37.04 -12.41
C PHE E 95 46.34 35.83 -11.54
N ARG E 96 45.20 35.17 -11.76
CA ARG E 96 44.88 33.98 -10.99
C ARG E 96 45.90 32.89 -11.22
N ASP E 97 46.34 32.71 -12.47
CA ASP E 97 47.33 31.67 -12.76
C ASP E 97 48.63 31.93 -12.02
N ALA E 98 49.09 33.18 -12.01
CA ALA E 98 50.33 33.49 -11.30
C ALA E 98 50.20 33.24 -9.81
N GLN E 99 49.05 33.61 -9.23
CA GLN E 99 48.87 33.41 -7.80
C GLN E 99 48.91 31.93 -7.44
N VAL E 100 48.27 31.08 -8.24
CA VAL E 100 48.30 29.65 -7.96
C VAL E 100 49.73 29.12 -8.04
N LYS E 101 50.49 29.57 -9.04
CA LYS E 101 51.87 29.13 -9.17
C LYS E 101 52.68 29.48 -7.93
N GLN E 102 52.59 30.74 -7.49
CA GLN E 102 53.36 31.16 -6.32
C GLN E 102 52.92 30.40 -5.08
N LEU E 103 51.61 30.27 -4.87
CA LEU E 103 51.13 29.57 -3.69
C LEU E 103 51.52 28.10 -3.72
N ASN E 104 51.69 27.53 -4.90
CA ASN E 104 52.10 26.13 -5.01
C ASN E 104 53.57 25.94 -4.70
N ASN E 105 54.41 26.92 -5.02
CA ASN E 105 55.85 26.73 -4.91
C ASN E 105 56.39 26.92 -3.49
N GLN E 106 55.61 27.48 -2.58
CA GLN E 106 56.10 27.66 -1.22
C GLN E 106 56.22 26.31 -0.53
N PRO E 107 57.11 26.20 0.45
CA PRO E 107 57.29 24.91 1.14
C PRO E 107 56.05 24.54 1.94
N TRP E 108 55.79 23.24 2.02
CA TRP E 108 54.71 22.69 2.83
C TRP E 108 55.33 21.84 3.92
N GLN E 109 54.98 22.11 5.17
CA GLN E 109 55.60 21.45 6.30
C GLN E 109 54.54 21.02 7.30
N THR E 110 54.91 20.03 8.11
CA THR E 110 53.99 19.53 9.11
C THR E 110 53.71 20.60 10.16
N ILE E 111 52.52 20.53 10.74
CA ILE E 111 52.07 21.50 11.74
C ILE E 111 51.77 20.75 13.02
N LYS E 112 52.37 21.20 14.12
CA LYS E 112 52.19 20.55 15.40
C LYS E 112 51.73 21.56 16.43
N ASN E 113 50.73 21.19 17.23
CA ASN E 113 50.22 22.06 18.27
C ASN E 113 49.95 21.22 19.52
N THR E 114 50.02 21.88 20.67
CA THR E 114 49.84 21.21 21.95
C THR E 114 48.69 21.86 22.71
N LEU E 115 47.90 21.03 23.36
CA LEU E 115 46.74 21.49 24.11
C LEU E 115 46.73 20.81 25.47
N THR E 116 46.42 21.57 26.50
CA THR E 116 46.40 21.05 27.87
C THR E 116 45.04 21.30 28.50
N HIS E 117 44.54 20.32 29.22
CA HIS E 117 43.23 20.45 29.85
C HIS E 117 43.11 19.40 30.94
N ASN E 118 42.76 19.85 32.15
CA ASN E 118 42.52 18.96 33.29
C ASN E 118 43.71 18.05 33.54
N GLY E 119 44.92 18.61 33.47
CA GLY E 119 46.10 17.81 33.72
C GLY E 119 46.40 16.79 32.66
N HIS E 120 45.86 16.96 31.47
CA HIS E 120 46.14 16.08 30.34
C HIS E 120 46.76 16.88 29.22
N HIS E 121 47.67 16.24 28.49
CA HIS E 121 48.36 16.87 27.36
C HIS E 121 47.97 16.15 26.09
N TYR E 122 47.44 16.91 25.13
CA TYR E 122 47.06 16.40 23.83
C TYR E 122 47.90 17.08 22.77
N THR E 123 48.14 16.36 21.68
CA THR E 123 48.91 16.88 20.57
C THR E 123 48.10 16.73 19.28
N ASN E 124 48.05 17.78 18.49
CA ASN E 124 47.41 17.76 17.19
C ASN E 124 48.48 17.89 16.11
N THR E 125 48.43 17.01 15.13
CA THR E 125 49.41 17.00 14.07
C THR E 125 48.70 17.02 12.73
N GLN E 126 49.15 17.91 11.85
CA GLN E 126 48.69 17.94 10.47
C GLN E 126 49.87 17.60 9.58
N LEU E 127 49.77 16.49 8.87
CA LEU E 127 50.86 16.03 8.01
C LEU E 127 50.49 16.26 6.56
N PRO E 128 51.17 17.14 5.85
CA PRO E 128 50.81 17.40 4.46
C PRO E 128 51.19 16.22 3.57
N ALA E 129 50.60 16.20 2.38
CA ALA E 129 50.87 15.12 1.45
C ALA E 129 52.34 15.05 1.05
N ALA E 130 53.02 16.19 1.02
CA ALA E 130 54.42 16.19 0.65
C ALA E 130 55.32 15.60 1.71
N GLU E 131 54.80 15.33 2.90
CA GLU E 131 55.60 14.78 3.99
C GLU E 131 55.36 13.31 4.26
N MET E 132 54.36 12.71 3.64
CA MET E 132 54.13 11.28 3.80
C MET E 132 55.22 10.54 3.03
N LYS E 133 56.27 10.13 3.72
CA LYS E 133 57.39 9.52 3.03
C LYS E 133 57.94 8.35 3.83
N ILE E 134 58.32 7.30 3.12
CA ILE E 134 59.13 6.22 3.66
C ILE E 134 60.45 6.22 2.91
N GLY E 135 61.53 6.35 3.64
CA GLY E 135 62.83 6.54 3.01
C GLY E 135 63.18 8.04 2.92
N ALA E 136 63.23 8.56 1.69
CA ALA E 136 63.59 9.96 1.51
C ALA E 136 62.73 10.67 0.48
N LYS E 137 61.73 10.01 -0.10
CA LYS E 137 60.87 10.62 -1.09
C LYS E 137 59.42 10.34 -0.73
N ASP E 138 58.54 11.26 -1.08
CA ASP E 138 57.13 11.05 -0.83
C ASP E 138 56.63 9.85 -1.60
N ILE E 139 55.65 9.14 -1.01
CA ILE E 139 55.21 7.89 -1.59
C ILE E 139 54.47 8.07 -2.90
N PHE E 140 53.98 9.27 -3.19
CA PHE E 140 53.14 9.45 -4.35
C PHE E 140 53.94 9.35 -5.64
N PRO E 141 53.34 8.81 -6.70
CA PRO E 141 54.09 8.59 -7.94
C PRO E 141 54.59 9.87 -8.54
N SER E 142 53.68 10.81 -8.81
CA SER E 142 54.07 12.14 -9.27
C SER E 142 54.57 12.90 -8.07
N ALA E 143 55.88 12.99 -7.93
CA ALA E 143 56.49 13.48 -6.70
C ALA E 143 56.11 14.94 -6.44
N TYR E 144 55.96 15.29 -5.16
CA TYR E 144 55.68 16.65 -4.75
C TYR E 144 56.93 17.50 -4.61
N GLU E 145 58.05 16.89 -4.24
CA GLU E 145 59.32 17.60 -4.06
C GLU E 145 59.19 18.73 -3.04
N GLY E 146 58.48 18.48 -1.96
CA GLY E 146 58.35 19.45 -0.89
C GLY E 146 57.36 20.56 -1.15
N LYS E 147 56.70 20.57 -2.30
CA LYS E 147 55.70 21.56 -2.64
C LYS E 147 54.31 20.93 -2.62
N GLY E 148 53.29 21.76 -2.77
CA GLY E 148 51.94 21.27 -2.66
C GLY E 148 51.00 21.75 -3.73
N VAL E 149 49.72 21.44 -3.57
CA VAL E 149 48.67 21.87 -4.47
C VAL E 149 47.68 22.69 -3.65
N CYS E 150 47.30 23.86 -4.15
CA CYS E 150 46.39 24.72 -3.41
C CYS E 150 44.95 24.42 -3.79
N SER E 151 44.03 25.00 -3.03
CA SER E 151 42.61 24.80 -3.29
C SER E 151 42.15 25.54 -4.54
N TRP E 152 42.91 26.52 -5.01
CA TRP E 152 42.54 27.27 -6.19
C TRP E 152 43.05 26.65 -7.48
N ASP E 153 43.90 25.63 -7.40
CA ASP E 153 44.40 24.96 -8.60
C ASP E 153 43.34 23.95 -9.04
N THR E 154 42.37 24.47 -9.80
CA THR E 154 41.19 23.70 -10.17
C THR E 154 41.35 22.99 -11.51
N LYS E 155 42.48 23.13 -12.19
CA LYS E 155 42.71 22.46 -13.46
C LYS E 155 43.74 21.36 -13.37
N ASN E 156 44.23 21.05 -12.17
CA ASN E 156 45.20 19.98 -11.99
C ASN E 156 44.51 18.63 -12.14
N ILE E 157 45.13 17.74 -12.93
CA ILE E 157 44.59 16.41 -13.16
C ILE E 157 45.48 15.32 -12.60
N HIS E 158 46.58 15.68 -11.95
CA HIS E 158 47.52 14.70 -11.45
C HIS E 158 47.53 14.55 -9.94
N HIS E 159 47.05 15.54 -9.21
CA HIS E 159 47.17 15.56 -7.76
C HIS E 159 45.84 15.88 -7.11
N ALA E 160 45.63 15.33 -5.92
CA ALA E 160 44.53 15.76 -5.08
C ALA E 160 44.83 17.13 -4.51
N ASN E 161 43.78 17.93 -4.34
CA ASN E 161 43.99 19.35 -4.10
C ASN E 161 44.72 19.65 -2.79
N ASN E 162 44.06 19.40 -1.66
CA ASN E 162 44.55 19.89 -0.38
C ASN E 162 44.54 18.71 0.60
N LEU E 163 45.57 17.88 0.53
CA LEU E 163 45.56 16.59 1.19
C LEU E 163 46.38 16.66 2.47
N TRP E 164 45.73 16.37 3.60
CA TRP E 164 46.41 16.34 4.89
C TRP E 164 45.96 15.11 5.66
N MET E 165 46.82 14.66 6.57
CA MET E 165 46.49 13.60 7.50
C MET E 165 46.44 14.20 8.90
N SER E 166 45.29 14.10 9.55
CA SER E 166 45.03 14.78 10.81
C SER E 166 45.03 13.78 11.94
N THR E 167 45.77 14.07 13.00
CA THR E 167 45.92 13.14 14.12
C THR E 167 45.80 13.89 15.43
N VAL E 168 45.14 13.26 16.40
CA VAL E 168 45.12 13.74 17.77
C VAL E 168 45.50 12.61 18.70
N SER E 169 46.43 12.88 19.61
CA SER E 169 46.92 11.87 20.53
C SER E 169 47.12 12.48 21.90
N VAL E 170 47.13 11.63 22.92
CA VAL E 170 47.28 12.05 24.30
C VAL E 170 48.55 11.41 24.86
N HIS E 171 49.29 12.17 25.66
CA HIS E 171 50.52 11.68 26.25
C HIS E 171 50.21 10.98 27.56
N GLU E 172 50.56 9.70 27.64
CA GLU E 172 50.36 8.91 28.85
C GLU E 172 51.52 7.95 29.03
N ASP E 173 51.99 7.84 30.28
CA ASP E 173 53.00 6.86 30.65
C ASP E 173 54.25 6.97 29.79
N GLY E 174 54.67 8.20 29.52
CA GLY E 174 55.81 8.41 28.67
C GLY E 174 55.61 7.98 27.24
N LYS E 175 54.36 7.75 26.84
CA LYS E 175 54.04 7.31 25.50
C LYS E 175 52.97 8.22 24.91
N ASP E 176 52.72 8.03 23.62
CA ASP E 176 51.71 8.80 22.90
C ASP E 176 50.70 7.82 22.32
N LYS E 177 49.54 7.72 22.94
CA LYS E 177 48.48 6.86 22.45
C LYS E 177 47.64 7.64 21.45
N THR E 178 47.53 7.12 20.24
CA THR E 178 46.76 7.80 19.20
C THR E 178 45.28 7.65 19.46
N LEU E 179 44.58 8.78 19.50
CA LEU E 179 43.14 8.75 19.73
C LEU E 179 42.33 8.84 18.45
N PHE E 180 42.83 9.49 17.42
CA PHE E 180 42.09 9.61 16.17
C PHE E 180 43.04 9.96 15.04
N CYS E 181 42.76 9.42 13.85
CA CYS E 181 43.57 9.71 12.68
C CYS E 181 42.66 9.64 11.45
N GLY E 182 42.72 10.67 10.61
CA GLY E 182 41.85 10.74 9.45
C GLY E 182 42.50 11.48 8.31
N ILE E 183 41.80 11.50 7.17
CA ILE E 183 42.29 12.11 5.94
C ILE E 183 41.33 13.21 5.51
N ARG E 184 41.85 14.41 5.32
CA ARG E 184 41.05 15.53 4.85
C ARG E 184 41.60 16.01 3.52
N HIS E 185 40.71 16.28 2.58
CA HIS E 185 41.16 16.67 1.24
C HIS E 185 40.14 17.60 0.62
N GLY E 186 40.47 18.10 -0.57
CA GLY E 186 39.52 18.84 -1.36
C GLY E 186 38.63 17.91 -2.15
N VAL E 187 37.78 18.49 -2.98
CA VAL E 187 36.85 17.68 -3.74
C VAL E 187 37.61 16.92 -4.83
N LEU E 188 37.03 15.80 -5.26
CA LEU E 188 37.69 14.90 -6.18
C LEU E 188 37.42 15.22 -7.64
N SER E 189 36.88 16.36 -7.94
CA SER E 189 36.66 16.60 -9.35
C SER E 189 37.35 17.88 -9.81
N PRO E 190 38.02 17.85 -10.96
CA PRO E 190 38.53 19.11 -11.52
C PRO E 190 37.36 19.95 -12.01
N TYR E 191 37.34 21.21 -11.59
CA TYR E 191 36.14 22.02 -11.78
C TYR E 191 35.96 22.36 -13.24
N HIS E 192 36.96 23.04 -13.78
CA HIS E 192 36.84 23.80 -15.02
C HIS E 192 37.38 23.05 -16.23
N GLU E 193 37.70 21.78 -16.07
CA GLU E 193 37.99 20.97 -17.25
C GLU E 193 36.72 20.83 -18.07
N LYS E 194 36.84 21.08 -19.37
CA LYS E 194 35.67 21.07 -20.24
C LYS E 194 35.40 19.70 -20.83
N ASP E 195 36.44 18.97 -21.21
CA ASP E 195 36.27 17.65 -21.78
C ASP E 195 35.74 16.70 -20.73
N PRO E 196 34.57 16.09 -20.93
CA PRO E 196 34.09 15.11 -19.94
C PRO E 196 35.04 13.95 -19.76
N LEU E 197 35.76 13.56 -20.81
CA LEU E 197 36.71 12.45 -20.68
C LEU E 197 37.83 12.81 -19.73
N LEU E 198 38.43 13.99 -19.91
CA LEU E 198 39.48 14.41 -18.99
C LEU E 198 38.92 14.64 -17.59
N ARG E 199 37.67 15.07 -17.48
CA ARG E 199 37.07 15.24 -16.17
C ARG E 199 37.02 13.91 -15.43
N HIS E 200 36.52 12.86 -16.09
CA HIS E 200 36.44 11.57 -15.42
C HIS E 200 37.82 11.03 -15.10
N VAL E 201 38.76 11.18 -16.01
CA VAL E 201 40.11 10.67 -15.77
C VAL E 201 40.76 11.38 -14.61
N GLY E 202 40.61 12.70 -14.54
CA GLY E 202 41.18 13.45 -13.44
C GLY E 202 40.59 13.06 -12.10
N ALA E 203 39.29 12.82 -12.07
CA ALA E 203 38.66 12.36 -10.83
C ALA E 203 39.23 11.02 -10.41
N GLU E 204 39.49 10.14 -11.37
CA GLU E 204 40.09 8.85 -11.04
C GLU E 204 41.44 9.02 -10.38
N ASN E 205 42.29 9.85 -10.96
CA ASN E 205 43.64 10.00 -10.43
C ASN E 205 43.61 10.58 -9.03
N LYS E 206 42.75 11.57 -8.80
CA LYS E 206 42.66 12.16 -7.47
C LYS E 206 42.19 11.14 -6.45
N ALA E 207 41.18 10.34 -6.81
CA ALA E 207 40.69 9.33 -5.87
C ALA E 207 41.76 8.31 -5.55
N LYS E 208 42.55 7.91 -6.54
CA LYS E 208 43.63 6.98 -6.27
C LYS E 208 44.62 7.56 -5.29
N GLU E 209 44.87 8.87 -5.38
CA GLU E 209 45.80 9.50 -4.47
C GLU E 209 45.28 9.48 -3.04
N VAL E 210 43.99 9.70 -2.86
CA VAL E 210 43.41 9.61 -1.52
C VAL E 210 43.57 8.19 -0.98
N LEU E 211 43.34 7.20 -1.82
CA LEU E 211 43.53 5.82 -1.39
C LEU E 211 44.95 5.56 -0.97
N THR E 212 45.92 6.10 -1.70
CA THR E 212 47.31 5.93 -1.31
C THR E 212 47.58 6.53 0.05
N ALA E 213 47.05 7.71 0.32
CA ALA E 213 47.26 8.32 1.63
C ALA E 213 46.61 7.49 2.73
N ALA E 214 45.41 6.97 2.47
CA ALA E 214 44.74 6.17 3.49
C ALA E 214 45.54 4.91 3.81
N LEU E 215 46.12 4.28 2.80
CA LEU E 215 46.94 3.11 3.05
C LEU E 215 48.14 3.46 3.92
N PHE E 216 48.72 4.63 3.70
CA PHE E 216 49.86 5.06 4.51
C PHE E 216 49.49 5.25 5.97
N SER E 217 48.22 5.47 6.28
CA SER E 217 47.82 5.66 7.67
C SER E 217 47.91 4.39 8.49
N LYS E 218 48.00 3.23 7.84
CA LYS E 218 48.05 1.95 8.54
C LYS E 218 49.36 1.25 8.19
N PRO E 219 50.39 1.42 9.02
CA PRO E 219 51.71 0.89 8.65
C PRO E 219 51.73 -0.62 8.45
N GLU E 220 50.96 -1.37 9.22
CA GLU E 220 50.96 -2.82 9.07
C GLU E 220 50.42 -3.22 7.70
N LEU E 221 49.32 -2.59 7.26
CA LEU E 221 48.81 -2.87 5.93
C LEU E 221 49.80 -2.45 4.87
N LEU E 222 50.46 -1.31 5.08
CA LEU E 222 51.44 -0.86 4.09
C LEU E 222 52.57 -1.85 3.96
N ASN E 223 53.04 -2.39 5.08
CA ASN E 223 54.12 -3.37 5.01
C ASN E 223 53.69 -4.63 4.29
N LYS E 224 52.48 -5.12 4.58
CA LYS E 224 51.99 -6.31 3.90
C LYS E 224 51.90 -6.08 2.40
N ALA E 225 51.36 -4.93 2.00
CA ALA E 225 51.22 -4.64 0.58
C ALA E 225 52.59 -4.55 -0.08
N LEU E 226 53.55 -3.94 0.61
CA LEU E 226 54.90 -3.85 0.06
C LEU E 226 55.58 -5.21 0.00
N ALA E 227 55.09 -6.19 0.74
CA ALA E 227 55.64 -7.54 0.69
C ALA E 227 55.08 -8.35 -0.46
N GLY E 228 54.16 -7.80 -1.25
CA GLY E 228 53.64 -8.50 -2.40
C GLY E 228 52.30 -9.16 -2.22
N GLU E 229 51.61 -8.91 -1.12
CA GLU E 229 50.34 -9.55 -0.82
C GLU E 229 49.19 -8.58 -1.03
N ALA E 230 48.12 -9.05 -1.66
CA ALA E 230 46.95 -8.22 -1.86
C ALA E 230 46.31 -7.86 -0.51
N VAL E 231 45.88 -6.62 -0.38
CA VAL E 231 45.44 -6.08 0.90
C VAL E 231 44.05 -5.52 0.76
N SER E 232 43.20 -5.79 1.74
CA SER E 232 41.84 -5.27 1.77
C SER E 232 41.80 -3.99 2.60
N LEU E 233 41.13 -2.97 2.08
CA LEU E 233 41.08 -1.67 2.72
C LEU E 233 39.65 -1.16 2.78
N LYS E 234 39.26 -0.63 3.93
CA LYS E 234 37.92 -0.11 4.15
C LYS E 234 37.99 1.38 4.41
N LEU E 235 37.18 2.14 3.69
CA LEU E 235 37.25 3.59 3.75
C LEU E 235 35.85 4.17 3.82
N VAL E 236 35.68 5.19 4.65
CA VAL E 236 34.42 5.90 4.79
C VAL E 236 34.64 7.34 4.39
N SER E 237 33.98 7.77 3.33
CA SER E 237 34.17 9.12 2.79
C SER E 237 32.92 9.94 3.05
N VAL E 238 33.11 11.15 3.56
CA VAL E 238 32.01 12.04 3.90
C VAL E 238 32.21 13.34 3.14
N GLY E 239 31.26 13.68 2.28
CA GLY E 239 31.27 14.93 1.56
C GLY E 239 30.37 15.94 2.23
N LEU E 240 30.76 17.20 2.16
CA LEU E 240 30.05 18.28 2.84
C LEU E 240 29.51 19.32 1.87
N LEU E 241 29.14 18.91 0.66
CA LEU E 241 28.62 19.81 -0.35
C LEU E 241 27.10 19.76 -0.38
N THR E 242 26.50 20.85 -0.83
CA THR E 242 25.05 20.99 -0.77
C THR E 242 24.30 20.31 -1.91
N ALA E 243 24.97 20.00 -3.00
CA ALA E 243 24.38 19.19 -4.07
C ALA E 243 23.18 19.86 -4.71
N SER E 244 23.37 21.10 -5.16
CA SER E 244 22.40 21.77 -6.00
C SER E 244 23.13 22.70 -6.94
N ASN E 245 22.66 22.77 -8.18
CA ASN E 245 23.33 23.54 -9.21
C ASN E 245 22.80 24.97 -9.30
N ILE E 246 21.92 25.37 -8.40
CA ILE E 246 21.27 26.67 -8.53
C ILE E 246 22.27 27.80 -8.41
N PHE E 247 23.20 27.72 -7.47
CA PHE E 247 24.07 28.84 -7.17
C PHE E 247 25.50 28.65 -7.63
N GLY E 248 26.10 27.49 -7.42
CA GLY E 248 27.53 27.39 -7.67
C GLY E 248 28.09 26.10 -8.26
N LYS E 249 27.26 25.33 -8.96
CA LYS E 249 27.72 24.11 -9.62
C LYS E 249 28.28 23.10 -8.63
N GLU E 250 27.75 23.09 -7.41
CA GLU E 250 28.14 22.06 -6.47
C GLU E 250 27.41 20.76 -6.71
N GLY E 251 26.35 20.77 -7.52
CA GLY E 251 25.70 19.52 -7.86
C GLY E 251 26.58 18.61 -8.68
N THR E 252 27.03 19.10 -9.85
CA THR E 252 27.84 18.27 -10.73
C THR E 252 29.11 17.82 -10.03
N MET E 253 29.59 18.61 -9.10
CA MET E 253 30.75 18.25 -8.30
C MET E 253 30.49 16.93 -7.57
N VAL E 254 29.29 16.79 -7.03
CA VAL E 254 28.94 15.59 -6.26
C VAL E 254 28.88 14.37 -7.14
N GLU E 255 28.17 14.44 -8.28
CA GLU E 255 28.14 13.26 -9.14
C GLU E 255 29.52 12.89 -9.65
N ASP E 256 30.38 13.87 -9.89
CA ASP E 256 31.73 13.51 -10.29
C ASP E 256 32.43 12.72 -9.20
N GLN E 257 32.31 13.13 -7.94
CA GLN E 257 32.95 12.39 -6.86
C GLN E 257 32.36 11.00 -6.72
N MET E 258 31.03 10.90 -6.71
CA MET E 258 30.41 9.59 -6.56
C MET E 258 30.77 8.66 -7.69
N ARG E 259 30.83 9.18 -8.91
CA ARG E 259 31.21 8.35 -10.04
C ARG E 259 32.63 7.83 -9.88
N ALA E 260 33.54 8.66 -9.38
CA ALA E 260 34.91 8.22 -9.19
C ALA E 260 34.99 7.07 -8.19
N TRP E 261 34.28 7.18 -7.07
CA TRP E 261 34.32 6.10 -6.10
C TRP E 261 33.75 4.81 -6.69
N GLN E 262 32.67 4.93 -7.45
CA GLN E 262 32.08 3.74 -8.06
C GLN E 262 33.06 3.06 -9.00
N SER E 263 33.79 3.84 -9.79
CA SER E 263 34.71 3.23 -10.73
C SER E 263 35.86 2.52 -10.03
N LEU E 264 36.23 2.93 -8.84
CA LEU E 264 37.29 2.21 -8.14
C LEU E 264 36.78 1.00 -7.37
N THR E 265 35.51 0.94 -7.03
CA THR E 265 34.97 -0.18 -6.27
C THR E 265 34.06 -1.05 -7.13
N GLN E 266 34.40 -1.22 -8.38
CA GLN E 266 33.66 -2.13 -9.24
C GLN E 266 33.86 -3.55 -8.74
N PRO E 267 32.80 -4.34 -8.61
CA PRO E 267 32.93 -5.65 -7.95
C PRO E 267 33.89 -6.57 -8.69
N GLY E 268 34.71 -7.27 -7.91
CA GLY E 268 35.69 -8.17 -8.49
C GLY E 268 36.86 -7.51 -9.15
N LYS E 269 36.93 -6.19 -9.15
CA LYS E 269 37.99 -5.45 -9.81
C LYS E 269 39.08 -5.13 -8.80
N MET E 270 40.29 -5.61 -9.05
CA MET E 270 41.40 -5.36 -8.15
C MET E 270 42.21 -4.17 -8.62
N ILE E 271 42.56 -3.30 -7.69
CA ILE E 271 43.15 -2.00 -7.98
C ILE E 271 44.65 -2.07 -7.83
N HIS E 272 45.37 -1.47 -8.78
CA HIS E 272 46.82 -1.42 -8.76
C HIS E 272 47.28 0.00 -8.47
N LEU E 273 48.13 0.16 -7.47
CA LEU E 273 48.65 1.45 -7.08
C LEU E 273 50.16 1.47 -7.21
N LYS E 274 50.71 2.65 -7.49
CA LYS E 274 52.15 2.84 -7.57
C LYS E 274 52.62 3.55 -6.31
N ILE E 275 53.68 3.04 -5.70
CA ILE E 275 54.18 3.56 -4.45
C ILE E 275 55.70 3.59 -4.49
N ARG E 276 56.28 4.67 -4.01
CA ARG E 276 57.74 4.77 -3.90
C ARG E 276 58.19 4.03 -2.65
N ASN E 277 58.93 2.96 -2.84
CA ASN E 277 59.38 2.17 -1.71
C ASN E 277 60.51 2.91 -0.99
N LYS E 278 61.10 2.24 0.00
CA LYS E 278 62.17 2.86 0.77
C LYS E 278 63.42 3.09 -0.06
N ASP E 279 63.50 2.51 -1.25
CA ASP E 279 64.65 2.71 -2.12
C ASP E 279 64.39 3.74 -3.20
N GLY E 280 63.27 4.45 -3.13
CA GLY E 280 62.98 5.45 -4.13
C GLY E 280 62.58 4.90 -5.48
N ASP E 281 62.12 3.65 -5.53
CA ASP E 281 61.75 3.00 -6.77
C ASP E 281 60.25 2.75 -6.79
N LEU E 282 59.62 3.07 -7.91
CA LEU E 282 58.18 2.81 -8.04
C LEU E 282 57.92 1.31 -7.95
N GLN E 283 56.90 0.94 -7.19
CA GLN E 283 56.54 -0.44 -6.99
C GLN E 283 55.03 -0.53 -7.02
N THR E 284 54.51 -1.62 -7.58
CA THR E 284 53.07 -1.79 -7.74
C THR E 284 52.52 -2.66 -6.62
N VAL E 285 51.42 -2.22 -6.02
CA VAL E 285 50.74 -2.98 -4.97
C VAL E 285 49.31 -3.20 -5.39
N LYS E 286 48.68 -4.20 -4.78
CA LYS E 286 47.34 -4.61 -5.13
C LYS E 286 46.40 -4.40 -3.95
N ILE E 287 45.31 -3.68 -4.19
CA ILE E 287 44.37 -3.29 -3.16
C ILE E 287 42.99 -3.81 -3.52
N LYS E 288 42.26 -4.26 -2.51
CA LYS E 288 40.86 -4.60 -2.64
C LYS E 288 40.05 -3.56 -1.89
N PRO E 289 39.66 -2.47 -2.55
CA PRO E 289 39.04 -1.35 -1.83
C PRO E 289 37.60 -1.64 -1.48
N ASP E 290 37.11 -0.86 -0.52
CA ASP E 290 35.71 -0.93 -0.14
C ASP E 290 35.34 0.43 0.43
N VAL E 291 34.55 1.19 -0.30
CA VAL E 291 34.29 2.59 0.03
C VAL E 291 32.81 2.78 0.29
N ALA E 292 32.49 3.45 1.39
CA ALA E 292 31.13 3.91 1.67
C ALA E 292 31.14 5.43 1.53
N ALA E 293 30.42 5.94 0.54
CA ALA E 293 30.48 7.34 0.19
C ALA E 293 29.21 8.05 0.64
N PHE E 294 29.38 9.15 1.37
CA PHE E 294 28.29 9.93 1.92
C PHE E 294 28.36 11.35 1.42
N ASN E 295 27.25 12.07 1.55
CA ASN E 295 27.20 13.50 1.34
C ASN E 295 26.10 14.06 2.23
N VAL E 296 26.38 15.13 2.96
CA VAL E 296 25.40 15.62 3.91
C VAL E 296 24.97 17.06 3.64
N GLY E 297 25.91 17.98 3.59
CA GLY E 297 25.54 19.36 3.40
C GLY E 297 25.29 20.05 4.72
N VAL E 298 26.09 21.08 5.02
CA VAL E 298 26.06 21.70 6.34
C VAL E 298 25.98 23.22 6.20
N ASN E 299 25.60 23.69 5.02
CA ASN E 299 25.46 25.12 4.80
C ASN E 299 24.10 25.62 5.27
N GLU E 300 23.95 26.94 5.24
CA GLU E 300 22.63 27.53 5.37
C GLU E 300 21.78 27.17 4.17
N LEU E 301 22.40 27.08 3.00
CA LEU E 301 21.66 26.73 1.79
C LEU E 301 21.02 25.37 1.91
N ALA E 302 21.56 24.49 2.75
CA ALA E 302 21.02 23.16 2.90
C ALA E 302 20.20 22.99 4.16
N LEU E 303 20.46 23.78 5.19
CA LEU E 303 19.80 23.58 6.48
C LEU E 303 18.66 24.55 6.72
N LYS E 304 18.80 25.80 6.30
CA LYS E 304 17.72 26.76 6.54
C LYS E 304 16.66 26.66 5.46
N LEU E 305 17.04 26.87 4.21
CA LEU E 305 16.06 26.80 3.13
C LEU E 305 16.04 25.45 2.44
N GLY E 306 17.15 24.73 2.42
CA GLY E 306 17.09 23.32 2.12
C GLY E 306 17.28 22.99 0.65
N PHE E 307 18.48 22.60 0.28
CA PHE E 307 18.81 22.32 -1.11
C PHE E 307 19.45 20.94 -1.20
N GLY E 308 19.03 20.17 -2.19
CA GLY E 308 19.69 18.92 -2.45
C GLY E 308 19.54 17.88 -1.37
N LEU E 309 18.60 18.06 -0.45
CA LEU E 309 18.36 17.03 0.56
C LEU E 309 17.93 15.74 -0.11
N LYS E 310 17.00 15.83 -1.06
CA LYS E 310 16.54 14.65 -1.76
C LYS E 310 17.65 14.03 -2.59
N ALA E 311 18.46 14.86 -3.23
CA ALA E 311 19.52 14.33 -4.08
C ALA E 311 20.55 13.57 -3.26
N SER E 312 20.93 14.10 -2.11
CA SER E 312 21.97 13.46 -1.32
C SER E 312 21.46 12.20 -0.65
N ASP E 313 20.20 12.19 -0.23
CA ASP E 313 19.71 11.03 0.51
C ASP E 313 19.69 9.77 -0.32
N SER E 314 19.64 9.89 -1.65
CA SER E 314 19.74 8.71 -2.49
C SER E 314 21.10 8.04 -2.34
N TYR E 315 22.16 8.84 -2.23
CA TYR E 315 23.49 8.27 -1.97
C TYR E 315 23.59 7.74 -0.55
N ASN E 316 23.07 8.49 0.42
CA ASN E 316 23.26 8.13 1.81
C ASN E 316 22.57 6.82 2.14
N ALA E 317 21.44 6.52 1.49
CA ALA E 317 20.75 5.28 1.78
C ALA E 317 21.62 4.08 1.44
N GLU E 318 22.27 4.11 0.28
CA GLU E 318 23.14 3.00 -0.11
C GLU E 318 24.29 2.86 0.85
N ALA E 319 24.90 3.98 1.24
CA ALA E 319 26.06 3.91 2.11
C ALA E 319 25.70 3.37 3.48
N LEU E 320 24.54 3.76 4.03
CA LEU E 320 24.14 3.20 5.31
C LEU E 320 23.91 1.71 5.23
N HIS E 321 23.28 1.24 4.16
CA HIS E 321 23.10 -0.20 4.03
C HIS E 321 24.43 -0.91 3.98
N GLN E 322 25.43 -0.27 3.38
CA GLN E 322 26.76 -0.84 3.33
C GLN E 322 27.42 -0.85 4.70
N LEU E 323 27.10 0.12 5.54
CA LEU E 323 27.79 0.30 6.80
C LEU E 323 27.10 -0.39 7.96
N LEU E 324 25.78 -0.43 7.97
CA LEU E 324 25.04 -0.96 9.09
C LEU E 324 24.14 -2.15 8.76
N GLY E 325 23.97 -2.47 7.49
CA GLY E 325 23.14 -3.59 7.13
C GLY E 325 21.79 -3.16 6.58
N ASN E 326 20.92 -4.13 6.37
CA ASN E 326 19.64 -3.89 5.73
C ASN E 326 18.54 -3.52 6.70
N ASP E 327 18.78 -3.59 8.00
CA ASP E 327 17.78 -3.22 8.99
C ASP E 327 18.26 -1.99 9.74
N LEU E 328 17.56 -0.88 9.58
CA LEU E 328 17.98 0.38 10.16
C LEU E 328 17.08 0.83 11.32
N ARG E 329 16.28 -0.08 11.85
CA ARG E 329 15.50 0.27 13.03
C ARG E 329 16.44 0.50 14.21
N PRO E 330 16.21 1.55 15.00
CA PRO E 330 17.17 1.89 16.05
C PRO E 330 17.37 0.81 17.08
N GLU E 331 16.40 -0.08 17.26
CA GLU E 331 16.50 -1.11 18.27
C GLU E 331 17.03 -2.44 17.76
N ALA E 332 17.26 -2.56 16.45
CA ALA E 332 17.72 -3.82 15.89
C ALA E 332 19.21 -4.01 16.20
N ARG E 333 19.75 -5.12 15.73
CA ARG E 333 21.17 -5.31 15.98
C ARG E 333 21.98 -4.89 14.76
N PRO E 334 23.15 -4.30 14.97
CA PRO E 334 23.92 -3.79 13.85
C PRO E 334 24.39 -4.90 12.92
N GLY E 335 24.46 -4.57 11.63
CA GLY E 335 24.96 -5.49 10.63
C GLY E 335 26.02 -4.82 9.80
N GLY E 336 26.30 -5.32 8.60
CA GLY E 336 27.27 -4.66 7.77
C GLY E 336 28.66 -4.69 8.39
N TRP E 337 29.42 -3.62 8.13
CA TRP E 337 30.78 -3.55 8.66
C TRP E 337 30.78 -3.52 10.18
N VAL E 338 29.82 -2.81 10.76
CA VAL E 338 29.75 -2.75 12.22
C VAL E 338 29.51 -4.14 12.80
N GLY E 339 28.60 -4.89 12.18
CA GLY E 339 28.36 -6.24 12.63
C GLY E 339 29.60 -7.12 12.55
N GLU E 340 30.34 -7.01 11.46
CA GLU E 340 31.55 -7.81 11.32
C GLU E 340 32.57 -7.46 12.39
N TRP E 341 32.71 -6.17 12.69
CA TRP E 341 33.65 -5.79 13.74
C TRP E 341 33.21 -6.33 15.09
N LEU E 342 31.91 -6.24 15.40
CA LEU E 342 31.44 -6.69 16.70
C LEU E 342 31.52 -8.19 16.84
N ALA E 343 31.49 -8.93 15.74
CA ALA E 343 31.55 -10.38 15.83
C ALA E 343 32.87 -10.87 16.37
N GLN E 344 33.89 -10.04 16.41
CA GLN E 344 35.17 -10.42 17.01
C GLN E 344 35.18 -10.26 18.51
N TYR E 345 34.10 -9.75 19.09
CA TYR E 345 34.01 -9.49 20.52
C TYR E 345 35.17 -8.62 21.01
N PRO E 346 35.26 -7.37 20.55
CA PRO E 346 36.31 -6.49 21.01
C PRO E 346 35.93 -5.82 22.31
N ASP E 347 36.93 -5.31 23.01
CA ASP E 347 36.69 -4.58 24.23
C ASP E 347 36.22 -3.17 23.96
N ASN E 348 35.80 -2.92 22.74
CA ASN E 348 35.37 -1.62 22.27
C ASN E 348 33.86 -1.53 22.11
N TYR E 349 33.14 -2.55 22.55
CA TYR E 349 31.75 -2.73 22.12
C TYR E 349 30.86 -1.61 22.62
N GLU E 350 31.16 -1.04 23.77
CA GLU E 350 30.27 -0.05 24.36
C GLU E 350 30.15 1.17 23.46
N VAL E 351 31.27 1.73 23.06
CA VAL E 351 31.26 2.95 22.24
C VAL E 351 30.62 2.67 20.90
N VAL E 352 30.95 1.53 20.30
CA VAL E 352 30.44 1.22 18.97
C VAL E 352 28.92 1.11 18.99
N ASN E 353 28.38 0.43 19.99
CA ASN E 353 26.93 0.27 20.06
C ASN E 353 26.24 1.61 20.23
N THR E 354 26.80 2.48 21.07
CA THR E 354 26.18 3.78 21.28
C THR E 354 26.16 4.60 20.00
N LEU E 355 27.29 4.63 19.28
CA LEU E 355 27.36 5.43 18.06
C LEU E 355 26.39 4.91 17.00
N ALA E 356 26.29 3.59 16.85
CA ALA E 356 25.38 3.04 15.87
C ALA E 356 23.94 3.39 16.20
N ARG E 357 23.58 3.31 17.48
CA ARG E 357 22.22 3.64 17.87
C ARG E 357 21.90 5.10 17.57
N GLN E 358 22.82 6.01 17.89
CA GLN E 358 22.55 7.42 17.66
C GLN E 358 22.40 7.72 16.18
N ILE E 359 23.22 7.10 15.34
CA ILE E 359 23.14 7.35 13.91
C ILE E 359 21.79 6.92 13.37
N LYS E 360 21.30 5.75 13.79
CA LYS E 360 19.98 5.31 13.35
C LYS E 360 18.90 6.27 13.81
N ASP E 361 19.02 6.80 15.02
CA ASP E 361 18.04 7.76 15.51
C ASP E 361 17.99 8.99 14.62
N ILE E 362 19.15 9.56 14.32
CA ILE E 362 19.19 10.75 13.48
C ILE E 362 18.58 10.45 12.12
N TRP E 363 18.92 9.30 11.56
CA TRP E 363 18.39 8.96 10.23
C TRP E 363 16.89 8.79 10.27
N LYS E 364 16.35 8.25 11.36
CA LYS E 364 14.93 7.97 11.42
C LYS E 364 14.11 9.25 11.45
N ASN E 365 14.51 10.21 12.27
CA ASN E 365 13.75 11.45 12.40
C ASN E 365 14.18 12.53 11.42
N ASN E 366 15.11 12.23 10.53
CA ASN E 366 15.64 13.22 9.59
C ASN E 366 16.20 14.43 10.31
N GLN E 367 16.79 14.22 11.48
CA GLN E 367 17.31 15.33 12.25
C GLN E 367 18.46 16.04 11.55
N HIS E 368 19.09 15.41 10.57
CA HIS E 368 20.17 16.07 9.87
C HIS E 368 19.69 17.08 8.87
N HIS E 369 18.38 17.17 8.63
CA HIS E 369 17.85 18.17 7.72
C HIS E 369 17.76 19.54 8.36
N LYS E 370 17.77 19.61 9.68
CA LYS E 370 17.79 20.87 10.41
C LYS E 370 19.05 20.92 11.25
N ASP E 371 19.33 22.07 11.85
CA ASP E 371 20.44 22.19 12.78
C ASP E 371 19.87 22.48 14.17
N GLY E 372 19.51 21.42 14.89
CA GLY E 372 19.01 21.60 16.23
C GLY E 372 20.09 22.05 17.18
N GLY E 373 20.75 23.16 16.85
CA GLY E 373 21.82 23.68 17.65
C GLY E 373 23.21 23.25 17.22
N GLU E 374 23.33 22.19 16.44
CA GLU E 374 24.65 21.80 15.96
C GLU E 374 24.57 21.04 14.65
N PRO E 375 25.12 21.62 13.58
CA PRO E 375 24.81 21.14 12.23
C PRO E 375 25.60 19.93 11.78
N TYR E 376 26.70 19.60 12.44
CA TYR E 376 27.52 18.47 12.01
C TYR E 376 27.15 17.18 12.72
N LYS E 377 25.88 17.04 13.11
CA LYS E 377 25.51 15.94 13.98
C LYS E 377 25.73 14.59 13.31
N LEU E 378 25.43 14.49 12.03
CA LEU E 378 25.58 13.21 11.35
C LEU E 378 26.99 12.98 10.83
N ALA E 379 27.60 14.00 10.25
CA ALA E 379 28.93 13.83 9.70
C ALA E 379 29.93 13.46 10.79
N GLN E 380 29.86 14.13 11.92
CA GLN E 380 30.83 13.91 12.98
C GLN E 380 30.76 12.49 13.51
N ARG E 381 29.54 11.96 13.69
CA ARG E 381 29.41 10.61 14.20
C ARG E 381 29.82 9.57 13.17
N LEU E 382 29.59 9.83 11.89
CA LEU E 382 30.04 8.89 10.88
C LEU E 382 31.55 8.74 10.91
N ALA E 383 32.27 9.85 11.03
CA ALA E 383 33.73 9.76 11.07
C ALA E 383 34.20 9.05 12.33
N MET E 384 33.60 9.35 13.48
CA MET E 384 34.04 8.71 14.70
C MET E 384 33.77 7.22 14.66
N LEU E 385 32.61 6.82 14.15
CA LEU E 385 32.30 5.40 14.06
C LEU E 385 33.28 4.69 13.13
N ALA E 386 33.65 5.32 12.02
CA ALA E 386 34.56 4.69 11.09
C ALA E 386 35.89 4.39 11.75
N HIS E 387 36.38 5.32 12.57
CA HIS E 387 37.65 5.06 13.24
C HIS E 387 37.54 3.95 14.27
N GLU E 388 36.38 3.81 14.90
CA GLU E 388 36.23 2.78 15.92
C GLU E 388 36.33 1.38 15.35
N ILE E 389 35.75 1.15 14.18
CA ILE E 389 35.64 -0.20 13.63
C ILE E 389 36.81 -0.44 12.69
N ASP E 390 37.86 0.35 12.83
CA ASP E 390 39.13 0.15 12.15
C ASP E 390 39.06 0.42 10.66
N ALA E 391 38.11 1.23 10.20
CA ALA E 391 38.13 1.72 8.84
C ALA E 391 38.99 2.98 8.81
N VAL E 392 39.02 3.67 7.68
CA VAL E 392 39.73 4.94 7.56
C VAL E 392 38.71 6.02 7.27
N PRO E 393 38.60 7.05 8.10
CA PRO E 393 37.68 8.14 7.81
C PRO E 393 38.32 9.22 6.96
N ALA E 394 37.58 9.70 5.98
CA ALA E 394 38.03 10.77 5.11
C ALA E 394 36.87 11.72 4.82
N TRP E 395 37.13 13.01 4.85
CA TRP E 395 36.09 13.99 4.59
C TRP E 395 36.65 15.12 3.74
N ASN E 396 35.75 15.78 3.01
CA ASN E 396 36.19 16.80 2.07
C ASN E 396 35.13 17.89 1.93
N CYS E 397 35.57 19.01 1.43
CA CYS E 397 34.75 20.16 1.10
C CYS E 397 35.01 20.56 -0.35
N LYS E 398 34.46 21.70 -0.75
CA LYS E 398 34.78 22.25 -2.06
C LYS E 398 36.26 22.53 -2.19
N SER E 399 36.81 23.27 -1.24
CA SER E 399 38.22 23.63 -1.28
C SER E 399 39.04 22.93 -0.21
N GLY E 400 38.39 22.35 0.80
CA GLY E 400 39.11 21.58 1.78
C GLY E 400 39.71 22.38 2.91
N LYS E 401 39.25 23.60 3.15
CA LYS E 401 39.78 24.38 4.26
C LYS E 401 38.73 25.04 5.14
N ASP E 402 37.53 25.30 4.65
CA ASP E 402 36.56 25.99 5.49
C ASP E 402 35.61 25.04 6.20
N ARG E 403 34.79 24.34 5.46
CA ARG E 403 33.90 23.37 6.08
C ARG E 403 34.68 22.16 6.58
N THR E 404 35.72 21.80 5.85
CA THR E 404 36.61 20.74 6.31
C THR E 404 37.25 21.11 7.63
N GLY E 405 37.72 22.35 7.75
CA GLY E 405 38.32 22.77 9.00
C GLY E 405 37.35 22.74 10.16
N MET E 406 36.11 23.17 9.91
CA MET E 406 35.13 23.15 10.99
C MET E 406 34.83 21.73 11.44
N MET E 407 34.70 20.79 10.51
CA MET E 407 34.44 19.42 10.92
C MET E 407 35.64 18.83 11.64
N ASP E 408 36.84 19.21 11.24
CA ASP E 408 38.03 18.79 11.96
C ASP E 408 37.93 19.21 13.42
N SER E 409 37.57 20.45 13.67
CA SER E 409 37.46 20.93 15.04
C SER E 409 36.38 20.18 15.81
N GLU E 410 35.24 19.93 15.17
CA GLU E 410 34.17 19.23 15.86
C GLU E 410 34.60 17.85 16.31
N ILE E 411 35.27 17.11 15.44
CA ILE E 411 35.69 15.76 15.78
C ILE E 411 36.69 15.80 16.93
N LYS E 412 37.67 16.70 16.86
CA LYS E 412 38.66 16.77 17.91
C LYS E 412 38.03 17.08 19.26
N ARG E 413 37.05 17.99 19.27
CA ARG E 413 36.40 18.32 20.52
C ARG E 413 35.71 17.10 21.12
N GLU E 414 35.01 16.34 20.30
CA GLU E 414 34.29 15.19 20.83
C GLU E 414 35.23 14.09 21.29
N ILE E 415 36.31 13.86 20.55
CA ILE E 415 37.27 12.83 20.97
C ILE E 415 37.88 13.19 22.31
N ILE E 416 38.29 14.45 22.47
CA ILE E 416 38.89 14.86 23.73
C ILE E 416 37.89 14.74 24.85
N SER E 417 36.65 15.16 24.62
CA SER E 417 35.63 15.05 25.65
C SER E 417 35.38 13.60 26.03
N LEU E 418 35.36 12.71 25.04
CA LEU E 418 35.10 11.31 25.33
C LEU E 418 36.29 10.66 26.04
N HIS E 419 37.51 11.10 25.76
CA HIS E 419 38.68 10.43 26.31
C HIS E 419 38.71 10.44 27.81
N GLN E 420 37.96 11.33 28.44
CA GLN E 420 37.94 11.40 29.89
C GLN E 420 36.95 10.41 30.48
N THR E 421 36.86 9.23 29.85
CA THR E 421 36.08 8.06 30.27
C THR E 421 34.60 8.34 30.29
N HIS E 422 34.18 9.41 29.64
CA HIS E 422 32.80 9.83 29.67
C HIS E 422 31.97 8.95 28.76
N MET E 423 30.76 9.42 28.49
CA MET E 423 29.92 8.90 27.43
C MET E 423 29.84 9.93 26.30
N LEU E 424 29.06 9.59 25.28
CA LEU E 424 28.85 10.52 24.18
C LEU E 424 27.63 11.39 24.46
N SER E 425 27.68 12.60 23.92
CA SER E 425 26.58 13.53 24.09
C SER E 425 25.41 13.14 23.19
N ALA E 426 24.26 13.62 23.52
CA ALA E 426 23.08 13.30 22.73
C ALA E 426 23.05 14.11 21.45
N PRO E 427 22.41 13.59 20.40
CA PRO E 427 22.35 14.34 19.14
C PRO E 427 21.61 15.66 19.29
N GLY E 428 22.09 16.67 18.57
CA GLY E 428 21.42 17.95 18.54
C GLY E 428 21.33 18.64 19.88
N SER E 429 22.43 18.65 20.64
CA SER E 429 22.45 19.28 21.95
C SER E 429 23.63 20.23 22.03
N LEU E 430 23.41 21.40 22.63
CA LEU E 430 24.48 22.36 22.81
C LEU E 430 25.49 21.84 23.82
N PRO E 431 26.78 22.16 23.65
CA PRO E 431 27.77 21.77 24.65
C PRO E 431 27.55 22.50 25.96
N ASP E 432 27.91 21.83 27.05
CA ASP E 432 27.80 22.43 28.37
C ASP E 432 28.99 23.36 28.60
N SER E 433 29.18 23.80 29.85
CA SER E 433 30.25 24.74 30.14
C SER E 433 31.62 24.12 29.87
N GLY E 434 31.85 22.90 30.40
CA GLY E 434 33.13 22.26 30.18
C GLY E 434 33.36 21.96 28.71
N GLY E 435 32.34 21.48 28.01
CA GLY E 435 32.47 21.25 26.59
C GLY E 435 32.78 22.52 25.83
N GLN E 436 32.18 23.63 26.24
CA GLN E 436 32.46 24.90 25.59
C GLN E 436 33.91 25.31 25.77
N LYS E 437 34.45 25.08 26.97
CA LYS E 437 35.87 25.39 27.20
C LYS E 437 36.75 24.53 26.31
N ILE E 438 36.41 23.24 26.18
CA ILE E 438 37.16 22.36 25.29
C ILE E 438 37.11 22.88 23.86
N PHE E 439 35.91 23.23 23.41
CA PHE E 439 35.73 23.66 22.04
C PHE E 439 36.49 24.94 21.74
N GLN E 440 36.48 25.88 22.70
CA GLN E 440 37.22 27.13 22.51
C GLN E 440 38.70 26.86 22.38
N LYS E 441 39.25 25.98 23.22
CA LYS E 441 40.67 25.68 23.13
C LYS E 441 41.00 25.00 21.81
N VAL E 442 40.15 24.08 21.37
CA VAL E 442 40.42 23.33 20.14
C VAL E 442 40.44 24.25 18.94
N LEU E 443 39.46 25.15 18.85
CA LEU E 443 39.30 25.96 17.65
C LEU E 443 40.52 26.83 17.39
N LEU E 444 41.24 27.22 18.43
CA LEU E 444 42.42 28.04 18.27
C LEU E 444 43.71 27.25 18.26
N ASN E 445 43.76 26.14 18.98
CA ASN E 445 44.99 25.36 19.11
C ASN E 445 45.03 24.17 18.17
N SER E 446 44.06 24.03 17.29
CA SER E 446 44.21 23.09 16.20
C SER E 446 45.02 23.73 15.08
N GLY E 447 45.42 22.91 14.12
CA GLY E 447 46.23 23.44 13.06
C GLY E 447 45.48 24.12 11.94
N ASN E 448 44.18 24.37 12.12
CA ASN E 448 43.37 24.88 11.02
C ASN E 448 43.82 26.26 10.58
N LEU E 449 44.17 27.13 11.53
CA LEU E 449 44.55 28.49 11.17
C LEU E 449 45.79 28.50 10.29
N GLU E 450 46.77 27.66 10.59
CA GLU E 450 47.96 27.59 9.75
C GLU E 450 47.65 27.01 8.38
N ILE E 451 46.74 26.03 8.31
CA ILE E 451 46.30 25.53 7.01
C ILE E 451 45.67 26.65 6.21
N GLN E 452 44.85 27.46 6.85
CA GLN E 452 44.20 28.58 6.18
C GLN E 452 45.24 29.52 5.60
N LYS E 453 46.21 29.92 6.42
CA LYS E 453 47.24 30.85 5.97
C LYS E 453 48.09 30.24 4.86
N GLN E 454 48.46 28.97 5.01
CA GLN E 454 49.27 28.32 4.00
C GLN E 454 48.54 28.27 2.67
N ASN E 455 47.26 27.95 2.70
CA ASN E 455 46.50 27.74 1.48
C ASN E 455 46.01 29.04 0.85
N THR E 456 46.00 30.12 1.58
CA THR E 456 45.41 31.36 1.08
C THR E 456 46.29 32.58 1.26
N GLY E 457 47.01 32.68 2.36
CA GLY E 457 47.73 33.89 2.72
C GLY E 457 47.15 34.61 3.91
N GLY E 458 45.97 34.25 4.36
CA GLY E 458 45.38 34.85 5.54
C GLY E 458 44.58 33.83 6.31
N ALA E 459 44.56 34.00 7.63
CA ALA E 459 43.86 33.08 8.52
C ALA E 459 42.39 33.48 8.64
N GLY E 460 41.52 32.48 8.64
CA GLY E 460 40.11 32.74 8.76
C GLY E 460 39.30 31.51 8.45
N ASN E 461 37.98 31.69 8.44
CA ASN E 461 37.06 30.62 8.09
C ASN E 461 35.80 31.24 7.49
N LYS E 462 35.40 30.73 6.34
CA LYS E 462 34.24 31.26 5.64
C LYS E 462 32.93 30.74 6.19
N VAL E 463 32.95 29.81 7.13
CA VAL E 463 31.72 29.29 7.72
C VAL E 463 31.07 30.29 8.65
N MET E 464 31.80 31.28 9.13
CA MET E 464 31.30 32.26 10.09
C MET E 464 30.82 33.47 9.30
N LYS E 465 29.49 33.65 9.20
CA LYS E 465 28.96 34.62 8.26
C LYS E 465 28.15 35.74 8.90
N ASN E 466 27.19 35.43 9.77
CA ASN E 466 26.30 36.43 10.37
C ASN E 466 25.49 37.16 9.29
N LEU E 467 24.59 36.40 8.69
CA LEU E 467 23.73 36.93 7.63
C LEU E 467 22.72 37.94 8.19
N SER E 468 22.12 38.72 7.30
CA SER E 468 21.28 39.83 7.73
C SER E 468 19.91 39.40 8.26
N PRO E 469 19.18 38.47 7.61
CA PRO E 469 17.96 37.98 8.27
C PRO E 469 18.32 36.90 9.28
N GLU E 470 18.06 37.18 10.56
CA GLU E 470 18.66 36.40 11.63
C GLU E 470 18.27 34.93 11.61
N VAL E 471 17.20 34.57 10.90
CA VAL E 471 16.79 33.18 10.86
C VAL E 471 17.64 32.36 9.88
N LEU E 472 18.59 32.98 9.19
CA LEU E 472 19.45 32.27 8.26
C LEU E 472 20.85 32.00 8.82
N ASN E 473 21.03 32.09 10.13
CA ASN E 473 22.33 31.85 10.72
C ASN E 473 22.40 30.44 11.32
N LEU E 474 23.61 29.89 11.35
CA LEU E 474 23.82 28.50 11.71
C LEU E 474 24.01 28.27 13.20
N SER E 475 23.96 29.31 14.01
CA SER E 475 24.02 29.19 15.47
C SER E 475 25.34 28.60 15.94
N TYR E 476 26.44 29.27 15.60
CA TYR E 476 27.71 29.01 16.26
C TYR E 476 27.98 29.97 17.40
N GLN E 477 27.24 31.07 17.49
CA GLN E 477 27.37 31.94 18.65
C GLN E 477 27.08 31.18 19.94
N LYS E 478 26.16 30.23 19.90
CA LYS E 478 25.83 29.48 21.10
C LYS E 478 26.81 28.35 21.35
N ARG E 479 27.22 27.65 20.29
CA ARG E 479 28.18 26.56 20.47
C ARG E 479 29.53 27.09 20.94
N VAL E 480 29.97 28.22 20.39
CA VAL E 480 31.19 28.88 20.85
C VAL E 480 30.73 30.03 21.74
N GLY E 481 30.64 29.75 23.04
CA GLY E 481 30.14 30.75 23.96
C GLY E 481 31.10 31.87 24.26
N ASP E 482 31.57 32.57 23.22
CA ASP E 482 32.50 33.68 23.40
C ASP E 482 32.49 34.51 22.14
N GLU E 483 32.22 35.81 22.28
CA GLU E 483 32.19 36.68 21.12
C GLU E 483 33.59 36.89 20.55
N ASN E 484 34.58 37.10 21.41
CA ASN E 484 35.93 37.38 20.94
C ASN E 484 36.53 36.18 20.22
N ILE E 485 36.33 34.98 20.76
CA ILE E 485 36.85 33.79 20.12
C ILE E 485 36.17 33.56 18.78
N TRP E 486 34.85 33.77 18.72
CA TRP E 486 34.14 33.65 17.46
C TRP E 486 34.69 34.63 16.43
N GLN E 487 34.95 35.86 16.85
CA GLN E 487 35.53 36.83 15.94
C GLN E 487 36.98 36.49 15.59
N SER E 488 37.65 35.68 16.42
CA SER E 488 39.02 35.33 16.13
C SER E 488 39.10 34.17 15.13
N VAL E 489 38.16 33.23 15.20
CA VAL E 489 38.13 32.14 14.23
C VAL E 489 37.88 32.69 12.83
N LYS E 490 36.92 33.60 12.69
CA LYS E 490 36.70 34.29 11.44
C LYS E 490 37.71 35.43 11.36
N GLY E 491 38.83 35.18 10.70
CA GLY E 491 39.90 36.14 10.71
C GLY E 491 39.81 37.13 9.56
N ILE E 492 40.68 36.97 8.57
CA ILE E 492 40.72 37.86 7.42
C ILE E 492 39.85 37.22 6.34
N SER E 493 39.03 36.26 6.76
CA SER E 493 38.27 35.45 5.80
C SER E 493 37.37 36.29 4.92
N SER E 494 36.93 37.46 5.38
CA SER E 494 36.04 38.29 4.60
C SER E 494 36.77 39.16 3.60
N LEU E 495 38.11 39.18 3.62
CA LEU E 495 38.90 39.99 2.71
C LEU E 495 39.54 39.17 1.61
N ILE E 496 39.05 37.95 1.35
CA ILE E 496 39.68 37.04 0.42
C ILE E 496 38.72 36.74 -0.72
N THR E 497 37.93 37.73 -1.12
CA THR E 497 37.06 37.55 -2.27
C THR E 497 37.92 37.24 -3.48
N SER E 498 37.92 35.98 -3.92
CA SER E 498 38.80 35.53 -4.98
C SER E 498 38.37 34.17 -5.50
N GLN F 1 22.22 -38.65 -60.33
CA GLN F 1 21.91 -38.89 -58.92
C GLN F 1 22.43 -37.75 -58.06
N HIS F 2 22.66 -36.59 -58.68
CA HIS F 2 23.26 -35.46 -57.99
C HIS F 2 22.58 -34.13 -58.22
N GLN F 3 21.57 -34.05 -59.09
CA GLN F 3 20.85 -32.79 -59.32
C GLN F 3 19.95 -32.54 -58.11
N LYS F 4 20.55 -31.96 -57.08
CA LYS F 4 19.88 -31.78 -55.80
C LYS F 4 18.67 -30.86 -55.95
N ALA F 5 17.62 -31.19 -55.21
CA ALA F 5 16.43 -30.34 -55.18
C ALA F 5 16.73 -29.05 -54.43
N SER F 6 15.98 -28.00 -54.75
CA SER F 6 16.07 -26.76 -53.98
C SER F 6 15.67 -27.00 -52.53
N ASN F 7 14.59 -27.74 -52.32
CA ASN F 7 14.20 -28.23 -51.01
C ASN F 7 13.87 -29.71 -51.14
N HIS F 8 14.14 -30.47 -50.08
CA HIS F 8 13.86 -31.91 -50.05
C HIS F 8 14.62 -32.63 -51.17
N SER F 9 15.94 -32.64 -51.04
CA SER F 9 16.78 -33.39 -51.96
C SER F 9 16.37 -34.86 -51.95
N LEU F 10 16.51 -35.50 -53.12
CA LEU F 10 16.00 -36.86 -53.28
C LEU F 10 16.66 -37.84 -52.31
N HIS F 11 17.95 -37.64 -52.02
CA HIS F 11 18.65 -38.59 -51.18
C HIS F 11 18.11 -38.60 -49.75
N ASN F 12 17.67 -37.44 -49.26
CA ASN F 12 17.11 -37.38 -47.91
C ASN F 12 15.86 -38.24 -47.82
N LEU F 13 14.93 -38.07 -48.76
CA LEU F 13 13.77 -38.95 -48.81
C LEU F 13 14.22 -40.40 -48.96
N TYR F 14 15.09 -40.65 -49.93
CA TYR F 14 15.68 -41.96 -50.20
C TYR F 14 15.99 -42.71 -48.92
N ASN F 15 16.59 -42.03 -47.95
CA ASN F 15 16.82 -42.65 -46.65
C ASN F 15 15.53 -42.83 -45.87
N LEU F 16 14.61 -41.87 -45.98
CA LEU F 16 13.42 -41.89 -45.13
C LEU F 16 12.55 -43.11 -45.41
N GLN F 17 12.28 -43.39 -46.69
CA GLN F 17 11.41 -44.54 -46.99
C GLN F 17 12.05 -45.84 -46.54
N ARG F 18 13.37 -45.97 -46.67
CA ARG F 18 14.02 -47.20 -46.23
C ARG F 18 13.83 -47.43 -44.74
N ASP F 19 13.95 -46.38 -43.94
CA ASP F 19 13.75 -46.54 -42.50
C ASP F 19 12.33 -46.98 -42.19
N LEU F 20 11.34 -46.32 -42.80
CA LEU F 20 9.95 -46.69 -42.54
C LEU F 20 9.67 -48.11 -43.02
N LEU F 21 10.18 -48.47 -44.19
CA LEU F 21 9.97 -49.82 -44.70
C LEU F 21 10.60 -50.87 -43.79
N THR F 22 11.78 -50.56 -43.25
CA THR F 22 12.42 -51.51 -42.35
C THR F 22 11.57 -51.75 -41.12
N VAL F 23 10.98 -50.70 -40.56
CA VAL F 23 10.10 -50.86 -39.40
C VAL F 23 8.91 -51.73 -39.76
N ALA F 24 8.28 -51.46 -40.89
CA ALA F 24 7.13 -52.26 -41.32
C ALA F 24 7.53 -53.71 -41.55
N ALA F 25 8.70 -53.93 -42.15
CA ALA F 25 9.17 -55.28 -42.36
C ALA F 25 9.40 -56.00 -41.04
N THR F 26 9.91 -55.27 -40.04
CA THR F 26 10.15 -55.88 -38.73
C THR F 26 8.85 -56.35 -38.10
N VAL F 27 7.82 -55.50 -38.11
CA VAL F 27 6.56 -55.88 -37.47
C VAL F 27 5.90 -57.02 -38.22
N LEU F 28 5.96 -56.99 -39.56
CA LEU F 28 5.33 -58.06 -40.33
C LEU F 28 6.17 -59.32 -40.35
N GLY F 29 7.46 -59.20 -40.68
CA GLY F 29 8.33 -60.36 -40.71
C GLY F 29 9.03 -60.59 -42.03
N LYS F 30 9.13 -59.54 -42.85
CA LYS F 30 9.86 -59.59 -44.12
C LYS F 30 9.34 -60.70 -45.03
N GLN F 31 8.02 -60.87 -45.07
CA GLN F 31 7.41 -61.91 -45.88
C GLN F 31 6.38 -61.40 -46.89
N ASP F 32 5.82 -60.22 -46.68
CA ASP F 32 4.79 -59.71 -47.57
C ASP F 32 5.40 -59.30 -48.90
N PRO F 33 4.98 -59.90 -50.02
CA PRO F 33 5.46 -59.43 -51.33
C PRO F 33 5.05 -58.01 -51.65
N VAL F 34 3.98 -57.50 -51.04
CA VAL F 34 3.59 -56.11 -51.25
C VAL F 34 4.70 -55.17 -50.82
N LEU F 35 5.27 -55.43 -49.64
CA LEU F 35 6.42 -54.66 -49.19
C LEU F 35 7.55 -54.74 -50.20
N THR F 36 7.82 -55.94 -50.73
CA THR F 36 8.83 -56.08 -51.76
C THR F 36 8.47 -55.31 -53.02
N SER F 37 7.17 -55.12 -53.28
CA SER F 37 6.74 -54.42 -54.49
C SER F 37 7.28 -52.99 -54.50
N MET F 38 6.86 -52.18 -53.53
CA MET F 38 7.39 -50.82 -53.55
C MET F 38 8.83 -50.75 -53.09
N ALA F 39 9.34 -51.78 -52.42
CA ALA F 39 10.77 -51.84 -52.15
C ALA F 39 11.56 -51.96 -53.45
N ASN F 40 11.09 -52.78 -54.38
CA ASN F 40 11.75 -52.90 -55.67
C ASN F 40 11.67 -51.59 -56.45
N GLN F 41 10.50 -50.94 -56.43
CA GLN F 41 10.41 -49.62 -57.07
C GLN F 41 11.33 -48.63 -56.38
N MET F 42 11.50 -48.76 -55.06
CA MET F 42 12.43 -47.91 -54.35
C MET F 42 13.86 -48.16 -54.80
N GLU F 43 14.23 -49.42 -54.99
CA GLU F 43 15.55 -49.74 -55.50
C GLU F 43 15.71 -49.24 -56.93
N LEU F 44 14.63 -49.23 -57.70
CA LEU F 44 14.66 -48.63 -59.03
C LEU F 44 14.95 -47.13 -58.93
N ALA F 45 14.29 -46.45 -57.99
CA ALA F 45 14.53 -45.02 -57.79
C ALA F 45 15.91 -44.75 -57.19
N LYS F 46 16.56 -45.78 -56.64
CA LYS F 46 17.88 -45.59 -56.05
C LYS F 46 18.88 -45.12 -57.10
N VAL F 47 18.87 -45.74 -58.27
CA VAL F 47 19.82 -45.37 -59.33
C VAL F 47 19.32 -44.19 -60.16
N LYS F 48 18.08 -43.75 -59.97
CA LYS F 48 17.55 -42.64 -60.74
C LYS F 48 18.28 -41.34 -60.38
N ALA F 49 18.37 -40.47 -61.38
CA ALA F 49 19.05 -39.19 -61.19
C ALA F 49 18.28 -38.31 -60.22
N ASP F 50 19.02 -37.52 -59.44
CA ASP F 50 18.41 -36.61 -58.49
C ASP F 50 17.61 -35.55 -59.23
N ARG F 51 16.53 -35.12 -58.60
CA ARG F 51 15.57 -34.22 -59.22
C ARG F 51 15.11 -33.19 -58.19
N PRO F 52 14.57 -32.06 -58.65
CA PRO F 52 13.84 -31.17 -57.73
C PRO F 52 12.66 -31.91 -57.13
N ALA F 53 12.34 -31.55 -55.89
CA ALA F 53 11.27 -32.25 -55.17
C ALA F 53 9.92 -31.92 -55.79
N THR F 54 9.47 -32.76 -56.71
CA THR F 54 8.15 -32.58 -57.29
C THR F 54 7.08 -32.83 -56.22
N LYS F 55 5.91 -32.23 -56.44
CA LYS F 55 4.83 -32.39 -55.48
C LYS F 55 4.43 -33.85 -55.31
N GLN F 56 4.57 -34.65 -56.37
CA GLN F 56 4.26 -36.07 -56.26
C GLN F 56 5.21 -36.77 -55.29
N GLU F 57 6.51 -36.48 -55.40
CA GLU F 57 7.49 -37.10 -54.51
C GLU F 57 7.22 -36.71 -53.06
N GLU F 58 6.99 -35.43 -52.81
CA GLU F 58 6.71 -34.98 -51.45
C GLU F 58 5.44 -35.58 -50.91
N ALA F 59 4.38 -35.62 -51.72
CA ALA F 59 3.12 -36.19 -51.26
C ALA F 59 3.25 -37.67 -50.98
N ALA F 60 3.95 -38.41 -51.84
CA ALA F 60 4.13 -39.84 -51.64
C ALA F 60 4.89 -40.12 -50.36
N ALA F 61 5.97 -39.37 -50.12
CA ALA F 61 6.72 -39.55 -48.89
C ALA F 61 5.89 -39.15 -47.68
N LYS F 62 5.13 -38.06 -47.78
CA LYS F 62 4.35 -37.58 -46.65
C LYS F 62 3.28 -38.58 -46.24
N ALA F 63 2.63 -39.22 -47.20
CA ALA F 63 1.53 -40.13 -46.90
C ALA F 63 1.95 -41.58 -46.73
N LEU F 64 3.25 -41.87 -46.86
CA LEU F 64 3.70 -43.27 -46.79
C LEU F 64 3.40 -43.89 -45.44
N LYS F 65 3.63 -43.15 -44.35
CA LYS F 65 3.43 -43.69 -43.02
C LYS F 65 1.97 -44.08 -42.80
N LYS F 66 1.04 -43.21 -43.24
CA LYS F 66 -0.37 -43.52 -43.10
C LYS F 66 -0.74 -44.76 -43.88
N ASN F 67 -0.21 -44.91 -45.10
CA ASN F 67 -0.50 -46.09 -45.90
C ASN F 67 0.01 -47.35 -45.22
N LEU F 68 1.19 -47.27 -44.61
CA LEU F 68 1.74 -48.44 -43.93
C LEU F 68 0.87 -48.84 -42.74
N ILE F 69 0.35 -47.85 -42.00
CA ILE F 69 -0.54 -48.16 -40.89
C ILE F 69 -1.80 -48.85 -41.39
N GLU F 70 -2.37 -48.36 -42.49
CA GLU F 70 -3.56 -48.99 -43.05
C GLU F 70 -3.27 -50.42 -43.48
N LEU F 71 -2.11 -50.65 -44.08
CA LEU F 71 -1.75 -52.01 -44.50
C LEU F 71 -1.64 -52.94 -43.30
N ILE F 72 -1.04 -52.47 -42.21
CA ILE F 72 -0.92 -53.29 -41.01
C ILE F 72 -2.29 -53.62 -40.45
N ALA F 73 -3.19 -52.64 -40.44
CA ALA F 73 -4.55 -52.89 -39.96
C ALA F 73 -5.25 -53.94 -40.80
N ALA F 74 -5.08 -53.87 -42.12
CA ALA F 74 -5.70 -54.86 -43.00
C ALA F 74 -5.15 -56.26 -42.73
N ARG F 75 -3.82 -56.37 -42.57
CA ARG F 75 -3.23 -57.65 -42.23
C ARG F 75 -3.76 -58.16 -40.90
N THR F 76 -3.91 -57.26 -39.92
CA THR F 76 -4.42 -57.66 -38.62
C THR F 76 -5.84 -58.19 -38.72
N GLN F 77 -6.70 -57.50 -39.47
CA GLN F 77 -8.09 -57.95 -39.59
C GLN F 77 -8.17 -59.30 -40.29
N GLN F 78 -7.37 -59.50 -41.33
CA GLN F 78 -7.38 -60.78 -42.03
C GLN F 78 -6.91 -61.91 -41.11
N GLN F 79 -5.83 -61.68 -40.37
CA GLN F 79 -5.33 -62.69 -39.45
C GLN F 79 -6.29 -62.89 -38.28
N ASP F 80 -6.80 -61.81 -37.71
CA ASP F 80 -7.74 -61.88 -36.61
C ASP F 80 -8.84 -60.86 -36.83
N GLY F 81 -10.09 -61.32 -36.89
CA GLY F 81 -11.20 -60.42 -37.14
C GLY F 81 -11.41 -59.46 -36.00
N LEU F 82 -11.06 -58.20 -36.22
CA LEU F 82 -11.24 -57.14 -35.23
C LEU F 82 -11.93 -55.96 -35.91
N PRO F 83 -12.65 -55.15 -35.15
CA PRO F 83 -13.25 -53.94 -35.72
C PRO F 83 -12.18 -52.97 -36.19
N ALA F 84 -12.58 -52.07 -37.10
CA ALA F 84 -11.62 -51.15 -37.70
C ALA F 84 -10.98 -50.24 -36.65
N LYS F 85 -11.78 -49.76 -35.70
CA LYS F 85 -11.24 -48.86 -34.68
C LYS F 85 -10.20 -49.57 -33.82
N GLU F 86 -10.51 -50.78 -33.36
CA GLU F 86 -9.58 -51.52 -32.52
C GLU F 86 -8.31 -51.87 -33.27
N ALA F 87 -8.45 -52.35 -34.51
CA ALA F 87 -7.28 -52.70 -35.30
C ALA F 87 -6.41 -51.47 -35.57
N HIS F 88 -7.04 -50.34 -35.90
CA HIS F 88 -6.27 -49.13 -36.17
C HIS F 88 -5.50 -48.67 -34.95
N ARG F 89 -6.15 -48.66 -33.78
CA ARG F 89 -5.47 -48.25 -32.56
C ARG F 89 -4.31 -49.16 -32.24
N PHE F 90 -4.54 -50.48 -32.32
CA PHE F 90 -3.48 -51.43 -32.01
C PHE F 90 -2.32 -51.31 -32.99
N ALA F 91 -2.64 -51.13 -34.28
CA ALA F 91 -1.58 -51.03 -35.29
C ALA F 91 -0.71 -49.81 -35.06
N ALA F 92 -1.32 -48.67 -34.71
CA ALA F 92 -0.54 -47.46 -34.47
C ALA F 92 0.41 -47.65 -33.30
N VAL F 93 -0.07 -48.26 -32.22
CA VAL F 93 0.79 -48.46 -31.05
C VAL F 93 1.94 -49.39 -31.40
N ALA F 94 1.65 -50.49 -32.09
CA ALA F 94 2.70 -51.44 -32.44
C ALA F 94 3.74 -50.81 -33.36
N PHE F 95 3.29 -50.02 -34.34
CA PHE F 95 4.23 -49.39 -35.26
C PHE F 95 5.16 -48.42 -34.55
N ARG F 96 4.61 -47.59 -33.67
CA ARG F 96 5.45 -46.65 -32.93
C ARG F 96 6.45 -47.39 -32.06
N ASP F 97 6.02 -48.48 -31.42
CA ASP F 97 6.92 -49.24 -30.57
C ASP F 97 8.09 -49.79 -31.37
N ALA F 98 7.81 -50.35 -32.55
CA ALA F 98 8.88 -50.90 -33.37
C ALA F 98 9.85 -49.82 -33.82
N GLN F 99 9.33 -48.64 -34.18
CA GLN F 99 10.21 -47.56 -34.63
C GLN F 99 11.14 -47.12 -33.51
N VAL F 100 10.63 -47.00 -32.30
CA VAL F 100 11.50 -46.61 -31.18
C VAL F 100 12.57 -47.64 -30.95
N LYS F 101 12.22 -48.92 -31.02
CA LYS F 101 13.21 -49.97 -30.83
C LYS F 101 14.33 -49.87 -31.87
N GLN F 102 13.97 -49.74 -33.14
CA GLN F 102 14.99 -49.66 -34.18
C GLN F 102 15.84 -48.42 -34.01
N LEU F 103 15.22 -47.26 -33.75
CA LEU F 103 15.98 -46.04 -33.59
C LEU F 103 16.89 -46.10 -32.37
N ASN F 104 16.51 -46.89 -31.36
CA ASN F 104 17.35 -47.02 -30.18
C ASN F 104 18.56 -47.91 -30.42
N ASN F 105 18.42 -48.92 -31.30
CA ASN F 105 19.49 -49.90 -31.45
C ASN F 105 20.62 -49.44 -32.35
N GLN F 106 20.45 -48.38 -33.12
CA GLN F 106 21.51 -47.92 -33.99
C GLN F 106 22.66 -47.35 -33.15
N PRO F 107 23.89 -47.38 -33.66
CA PRO F 107 25.02 -46.87 -32.89
C PRO F 107 24.92 -45.36 -32.70
N TRP F 108 25.41 -44.90 -31.56
CA TRP F 108 25.49 -43.47 -31.26
C TRP F 108 26.96 -43.10 -31.12
N GLN F 109 27.39 -42.10 -31.88
CA GLN F 109 28.80 -41.74 -31.93
C GLN F 109 28.97 -40.24 -31.81
N THR F 110 30.16 -39.83 -31.38
CA THR F 110 30.45 -38.42 -31.24
C THR F 110 30.43 -37.74 -32.59
N ILE F 111 30.09 -36.45 -32.58
CA ILE F 111 29.97 -35.65 -33.78
C ILE F 111 30.94 -34.48 -33.67
N LYS F 112 31.79 -34.32 -34.67
CA LYS F 112 32.79 -33.26 -34.66
C LYS F 112 32.68 -32.44 -35.93
N ASN F 113 32.72 -31.12 -35.78
CA ASN F 113 32.67 -30.21 -36.91
C ASN F 113 33.65 -29.09 -36.71
N THR F 114 34.12 -28.53 -37.81
CA THR F 114 35.11 -27.46 -37.78
C THR F 114 34.57 -26.23 -38.48
N LEU F 115 34.86 -25.08 -37.91
CA LEU F 115 34.40 -23.80 -38.44
C LEU F 115 35.56 -22.82 -38.46
N THR F 116 35.67 -22.06 -39.54
CA THR F 116 36.74 -21.09 -39.70
C THR F 116 36.17 -19.71 -39.97
N HIS F 117 36.77 -18.71 -39.33
CA HIS F 117 36.28 -17.34 -39.49
C HIS F 117 37.38 -16.38 -39.06
N ASN F 118 37.71 -15.43 -39.94
CA ASN F 118 38.69 -14.39 -39.64
C ASN F 118 40.01 -14.98 -39.18
N GLY F 119 40.45 -16.02 -39.86
CA GLY F 119 41.73 -16.62 -39.51
C GLY F 119 41.73 -17.35 -38.19
N HIS F 120 40.56 -17.73 -37.69
CA HIS F 120 40.45 -18.49 -36.47
C HIS F 120 39.75 -19.82 -36.76
N HIS F 121 40.16 -20.85 -36.05
CA HIS F 121 39.60 -22.19 -36.21
C HIS F 121 38.88 -22.58 -34.92
N TYR F 122 37.61 -22.91 -35.05
CA TYR F 122 36.78 -23.36 -33.94
C TYR F 122 36.33 -24.78 -34.20
N THR F 123 36.13 -25.53 -33.13
CA THR F 123 35.67 -26.90 -33.21
C THR F 123 34.44 -27.07 -32.34
N ASN F 124 33.42 -27.72 -32.89
CA ASN F 124 32.21 -28.04 -32.16
C ASN F 124 32.14 -29.55 -31.98
N THR F 125 31.91 -29.99 -30.76
CA THR F 125 31.86 -31.41 -30.44
C THR F 125 30.56 -31.72 -29.72
N GLN F 126 29.88 -32.75 -30.17
CA GLN F 126 28.72 -33.29 -29.48
C GLN F 126 29.05 -34.69 -29.00
N LEU F 127 29.08 -34.87 -27.69
CA LEU F 127 29.42 -36.16 -27.11
C LEU F 127 28.18 -36.84 -26.58
N PRO F 128 27.75 -37.95 -27.14
CA PRO F 128 26.52 -38.59 -26.66
C PRO F 128 26.76 -39.25 -25.30
N ALA F 129 25.64 -39.55 -24.64
CA ALA F 129 25.74 -40.16 -23.32
C ALA F 129 26.44 -41.50 -23.36
N ALA F 130 26.32 -42.24 -24.46
CA ALA F 130 26.96 -43.54 -24.54
C ALA F 130 28.46 -43.44 -24.69
N GLU F 131 29.01 -42.25 -24.89
CA GLU F 131 30.44 -42.08 -25.07
C GLU F 131 31.14 -41.48 -23.87
N MET F 132 30.41 -41.00 -22.87
CA MET F 132 31.04 -40.50 -21.66
C MET F 132 31.57 -41.68 -20.87
N LYS F 133 32.85 -41.97 -21.03
CA LYS F 133 33.41 -43.15 -20.39
C LYS F 133 34.79 -42.85 -19.84
N ILE F 134 35.07 -43.43 -18.67
CA ILE F 134 36.42 -43.52 -18.13
C ILE F 134 36.78 -44.99 -18.04
N GLY F 135 37.85 -45.36 -18.67
CA GLY F 135 38.17 -46.79 -18.81
C GLY F 135 37.64 -47.35 -20.13
N ALA F 136 36.68 -48.26 -20.04
CA ALA F 136 36.12 -48.88 -21.23
C ALA F 136 34.61 -49.00 -21.22
N LYS F 137 33.94 -48.49 -20.21
CA LYS F 137 32.49 -48.57 -20.11
C LYS F 137 31.94 -47.20 -19.76
N ASP F 138 30.74 -46.91 -20.24
CA ASP F 138 30.11 -45.65 -19.92
C ASP F 138 29.87 -45.55 -18.41
N ILE F 139 29.96 -44.34 -17.89
CA ILE F 139 29.90 -44.14 -16.45
C ILE F 139 28.53 -44.44 -15.88
N PHE F 140 27.49 -44.46 -16.70
CA PHE F 140 26.14 -44.58 -16.17
C PHE F 140 25.89 -45.98 -15.63
N PRO F 141 25.10 -46.10 -14.57
CA PRO F 141 24.89 -47.42 -13.95
C PRO F 141 24.23 -48.39 -14.90
N SER F 142 23.06 -48.03 -15.40
CA SER F 142 22.39 -48.85 -16.42
C SER F 142 23.11 -48.60 -17.74
N ALA F 143 23.98 -49.52 -18.12
CA ALA F 143 24.90 -49.28 -19.23
C ALA F 143 24.16 -49.07 -20.54
N TYR F 144 24.71 -48.21 -21.39
CA TYR F 144 24.16 -47.96 -22.71
C TYR F 144 24.63 -48.96 -23.76
N GLU F 145 25.85 -49.48 -23.60
CA GLU F 145 26.42 -50.45 -24.54
C GLU F 145 26.46 -49.91 -25.97
N GLY F 146 26.80 -48.63 -26.11
CA GLY F 146 26.94 -48.03 -27.41
C GLY F 146 25.65 -47.64 -28.08
N LYS F 147 24.51 -47.86 -27.43
CA LYS F 147 23.22 -47.48 -27.96
C LYS F 147 22.65 -46.31 -27.16
N GLY F 148 21.54 -45.77 -27.62
CA GLY F 148 20.99 -44.60 -26.98
C GLY F 148 19.49 -44.64 -26.74
N VAL F 149 18.94 -43.52 -26.31
CA VAL F 149 17.51 -43.36 -26.08
C VAL F 149 17.03 -42.23 -26.98
N CYS F 150 15.94 -42.47 -27.70
CA CYS F 150 15.44 -41.46 -28.62
C CYS F 150 14.42 -40.56 -27.91
N SER F 151 14.06 -39.47 -28.59
CA SER F 151 13.10 -38.54 -28.02
C SER F 151 11.70 -39.09 -28.02
N TRP F 152 11.43 -40.13 -28.80
CA TRP F 152 10.10 -40.72 -28.85
C TRP F 152 9.89 -41.82 -27.81
N ASP F 153 10.94 -42.24 -27.12
CA ASP F 153 10.82 -43.26 -26.08
C ASP F 153 10.34 -42.57 -24.81
N THR F 154 9.03 -42.40 -24.73
CA THR F 154 8.41 -41.62 -23.66
C THR F 154 7.99 -42.45 -22.46
N LYS F 155 8.22 -43.76 -22.49
CA LYS F 155 7.87 -44.63 -21.37
C LYS F 155 9.10 -45.17 -20.65
N ASN F 156 10.29 -44.72 -21.02
CA ASN F 156 11.50 -45.16 -20.34
C ASN F 156 11.60 -44.52 -18.97
N ILE F 157 11.91 -45.33 -17.96
CA ILE F 157 12.04 -44.85 -16.59
C ILE F 157 13.46 -44.98 -16.07
N HIS F 158 14.40 -45.47 -16.88
CA HIS F 158 15.76 -45.69 -16.43
C HIS F 158 16.76 -44.72 -16.99
N HIS F 159 16.46 -44.06 -18.11
CA HIS F 159 17.44 -43.25 -18.81
C HIS F 159 16.87 -41.87 -19.13
N ALA F 160 17.74 -40.87 -19.15
CA ALA F 160 17.36 -39.59 -19.71
C ALA F 160 17.29 -39.68 -21.22
N ASN F 161 16.37 -38.92 -21.79
CA ASN F 161 15.99 -39.17 -23.18
C ASN F 161 17.12 -38.94 -24.17
N ASN F 162 17.53 -37.70 -24.35
CA ASN F 162 18.42 -37.34 -25.45
C ASN F 162 19.57 -36.52 -24.87
N LEU F 163 20.55 -37.20 -24.31
CA LEU F 163 21.57 -36.56 -23.48
C LEU F 163 22.84 -36.37 -24.28
N TRP F 164 23.29 -35.12 -24.43
CA TRP F 164 24.53 -34.81 -25.11
C TRP F 164 25.30 -33.78 -24.31
N MET F 165 26.62 -33.78 -24.49
CA MET F 165 27.49 -32.76 -23.94
C MET F 165 28.05 -31.95 -25.10
N SER F 166 27.79 -30.65 -25.09
CA SER F 166 28.10 -29.77 -26.20
C SER F 166 29.28 -28.88 -25.85
N THR F 167 30.27 -28.82 -26.73
CA THR F 167 31.49 -28.08 -26.46
C THR F 167 31.90 -27.28 -27.68
N VAL F 168 32.39 -26.07 -27.46
CA VAL F 168 33.00 -25.26 -28.50
C VAL F 168 34.35 -24.77 -28.01
N SER F 169 35.38 -24.94 -28.84
CA SER F 169 36.73 -24.57 -28.47
C SER F 169 37.43 -23.96 -29.67
N VAL F 170 38.47 -23.18 -29.39
CA VAL F 170 39.24 -22.50 -30.42
C VAL F 170 40.68 -23.00 -30.35
N HIS F 171 41.28 -23.17 -31.51
CA HIS F 171 42.66 -23.66 -31.59
C HIS F 171 43.61 -22.48 -31.52
N GLU F 172 44.47 -22.48 -30.50
CA GLU F 172 45.47 -21.43 -30.34
C GLU F 172 46.76 -22.02 -29.80
N ASP F 173 47.88 -21.57 -30.36
CA ASP F 173 49.20 -21.94 -29.86
C ASP F 173 49.39 -23.45 -29.80
N GLY F 174 48.92 -24.14 -30.82
CA GLY F 174 49.01 -25.59 -30.84
C GLY F 174 48.18 -26.26 -29.77
N LYS F 175 47.26 -25.53 -29.16
CA LYS F 175 46.41 -26.06 -28.10
C LYS F 175 44.96 -25.77 -28.42
N ASP F 176 44.08 -26.36 -27.62
CA ASP F 176 42.64 -26.18 -27.77
C ASP F 176 42.09 -25.63 -26.47
N LYS F 177 41.81 -24.33 -26.45
CA LYS F 177 41.23 -23.70 -25.27
C LYS F 177 39.72 -23.83 -25.34
N THR F 178 39.13 -24.41 -24.31
CA THR F 178 37.69 -24.61 -24.29
C THR F 178 36.99 -23.29 -24.01
N LEU F 179 36.04 -22.92 -24.87
CA LEU F 179 35.31 -21.69 -24.69
C LEU F 179 33.95 -21.90 -24.02
N PHE F 180 33.32 -23.05 -24.21
CA PHE F 180 32.03 -23.28 -23.60
C PHE F 180 31.74 -24.78 -23.58
N CYS F 181 31.08 -25.22 -22.51
CA CYS F 181 30.71 -26.62 -22.37
C CYS F 181 29.41 -26.71 -21.60
N GLY F 182 28.43 -27.46 -22.11
CA GLY F 182 27.13 -27.54 -21.48
C GLY F 182 26.48 -28.87 -21.72
N ILE F 183 25.32 -29.07 -21.09
CA ILE F 183 24.58 -30.33 -21.15
C ILE F 183 23.20 -30.05 -21.72
N ARG F 184 22.84 -30.76 -22.78
CA ARG F 184 21.54 -30.65 -23.40
C ARG F 184 20.82 -31.98 -23.31
N HIS F 185 19.55 -31.96 -22.94
CA HIS F 185 18.81 -33.20 -22.76
C HIS F 185 17.34 -32.97 -23.08
N GLY F 186 16.57 -34.06 -23.05
CA GLY F 186 15.14 -33.97 -23.15
C GLY F 186 14.53 -33.63 -21.81
N VAL F 187 13.20 -33.61 -21.78
CA VAL F 187 12.53 -33.26 -20.55
C VAL F 187 12.66 -34.39 -19.54
N LEU F 188 12.55 -34.03 -18.26
CA LEU F 188 12.80 -34.96 -17.18
C LEU F 188 11.57 -35.73 -16.74
N SER F 189 10.52 -35.71 -17.49
CA SER F 189 9.38 -36.47 -17.02
C SER F 189 8.94 -37.49 -18.05
N PRO F 190 8.64 -38.72 -17.63
CA PRO F 190 8.03 -39.67 -18.56
C PRO F 190 6.60 -39.25 -18.85
N TYR F 191 6.26 -39.17 -20.13
CA TYR F 191 5.02 -38.51 -20.52
C TYR F 191 3.83 -39.37 -20.12
N HIS F 192 3.80 -40.58 -20.66
CA HIS F 192 2.61 -41.39 -20.72
C HIS F 192 2.53 -42.44 -19.62
N GLU F 193 3.42 -42.38 -18.64
CA GLU F 193 3.23 -43.19 -17.46
C GLU F 193 1.99 -42.74 -16.73
N LYS F 194 1.14 -43.68 -16.36
CA LYS F 194 -0.13 -43.36 -15.75
C LYS F 194 -0.05 -43.28 -14.23
N ASP F 195 0.71 -44.18 -13.63
CA ASP F 195 0.85 -44.20 -12.18
C ASP F 195 1.62 -42.97 -11.73
N PRO F 196 1.05 -42.11 -10.90
CA PRO F 196 1.83 -40.96 -10.40
C PRO F 196 3.08 -41.37 -9.65
N LEU F 197 3.05 -42.51 -8.97
CA LEU F 197 4.23 -42.96 -8.24
C LEU F 197 5.37 -43.28 -9.20
N LEU F 198 5.09 -44.03 -10.25
CA LEU F 198 6.13 -44.31 -11.23
C LEU F 198 6.54 -43.06 -11.98
N ARG F 199 5.63 -42.10 -12.16
CA ARG F 199 6.00 -40.85 -12.80
C ARG F 199 7.04 -40.12 -11.97
N HIS F 200 6.81 -39.98 -10.67
CA HIS F 200 7.77 -39.28 -9.83
C HIS F 200 9.09 -40.03 -9.76
N VAL F 201 9.04 -41.36 -9.66
CA VAL F 201 10.27 -42.13 -9.57
C VAL F 201 11.07 -42.00 -10.86
N GLY F 202 10.40 -42.07 -12.00
CA GLY F 202 11.10 -41.94 -13.26
C GLY F 202 11.76 -40.58 -13.41
N ALA F 203 11.07 -39.53 -12.98
CA ALA F 203 11.67 -38.21 -13.03
C ALA F 203 12.91 -38.14 -12.16
N GLU F 204 12.89 -38.80 -11.00
CA GLU F 204 14.06 -38.83 -10.14
C GLU F 204 15.25 -39.46 -10.84
N ASN F 205 15.03 -40.61 -11.47
CA ASN F 205 16.14 -41.32 -12.10
C ASN F 205 16.73 -40.51 -13.23
N LYS F 206 15.88 -39.88 -14.04
CA LYS F 206 16.37 -39.07 -15.14
C LYS F 206 17.20 -37.89 -14.62
N ALA F 207 16.71 -37.23 -13.58
CA ALA F 207 17.46 -36.10 -13.04
C ALA F 207 18.80 -36.53 -12.50
N LYS F 208 18.86 -37.68 -11.85
CA LYS F 208 20.15 -38.18 -11.36
C LYS F 208 21.11 -38.42 -12.51
N GLU F 209 20.59 -38.87 -13.64
CA GLU F 209 21.45 -39.11 -14.78
C GLU F 209 22.04 -37.81 -15.32
N VAL F 210 21.24 -36.75 -15.35
CA VAL F 210 21.76 -35.45 -15.78
C VAL F 210 22.85 -34.99 -14.82
N LEU F 211 22.64 -35.19 -13.53
CA LEU F 211 23.67 -34.82 -12.55
C LEU F 211 24.96 -35.59 -12.80
N THR F 212 24.84 -36.88 -13.12
CA THR F 212 26.03 -37.66 -13.40
C THR F 212 26.79 -37.10 -14.59
N ALA F 213 26.08 -36.73 -15.64
CA ALA F 213 26.74 -36.16 -16.81
C ALA F 213 27.41 -34.84 -16.46
N ALA F 214 26.74 -34.00 -15.68
CA ALA F 214 27.33 -32.72 -15.31
C ALA F 214 28.61 -32.90 -14.53
N LEU F 215 28.63 -33.87 -13.61
CA LEU F 215 29.85 -34.15 -12.87
C LEU F 215 30.98 -34.57 -13.79
N PHE F 216 30.66 -35.34 -14.83
CA PHE F 216 31.68 -35.76 -15.77
C PHE F 216 32.28 -34.60 -16.55
N SER F 217 31.58 -33.48 -16.65
CA SER F 217 32.11 -32.33 -17.36
C SER F 217 33.27 -31.66 -16.65
N LYS F 218 33.46 -31.94 -15.36
CA LYS F 218 34.52 -31.32 -14.57
C LYS F 218 35.44 -32.42 -14.06
N PRO F 219 36.53 -32.71 -14.77
CA PRO F 219 37.38 -33.85 -14.39
C PRO F 219 37.96 -33.74 -12.99
N GLU F 220 38.31 -32.53 -12.54
CA GLU F 220 38.89 -32.39 -11.22
C GLU F 220 37.88 -32.77 -10.14
N LEU F 221 36.62 -32.33 -10.28
CA LEU F 221 35.60 -32.72 -9.33
C LEU F 221 35.35 -34.23 -9.40
N LEU F 222 35.36 -34.79 -10.60
CA LEU F 222 35.16 -36.22 -10.74
C LEU F 222 36.24 -37.00 -10.02
N ASN F 223 37.49 -36.56 -10.14
CA ASN F 223 38.57 -37.25 -9.48
C ASN F 223 38.45 -37.16 -7.96
N LYS F 224 38.09 -35.99 -7.44
CA LYS F 224 37.91 -35.85 -6.01
C LYS F 224 36.81 -36.76 -5.51
N ALA F 225 35.68 -36.79 -6.22
CA ALA F 225 34.58 -37.64 -5.79
C ALA F 225 34.98 -39.11 -5.84
N LEU F 226 35.72 -39.50 -6.86
CA LEU F 226 36.18 -40.87 -6.94
C LEU F 226 37.20 -41.20 -5.86
N ALA F 227 37.81 -40.20 -5.25
CA ALA F 227 38.75 -40.42 -4.17
C ALA F 227 38.06 -40.59 -2.81
N GLY F 228 36.74 -40.49 -2.76
CA GLY F 228 36.01 -40.70 -1.53
C GLY F 228 35.59 -39.45 -0.79
N GLU F 229 35.73 -38.28 -1.39
CA GLU F 229 35.42 -37.02 -0.73
C GLU F 229 34.12 -36.45 -1.27
N ALA F 230 33.27 -35.96 -0.36
CA ALA F 230 32.03 -35.34 -0.77
C ALA F 230 32.31 -34.07 -1.58
N VAL F 231 31.55 -33.87 -2.65
CA VAL F 231 31.82 -32.83 -3.62
C VAL F 231 30.60 -31.94 -3.77
N SER F 232 30.81 -30.64 -3.83
CA SER F 232 29.74 -29.68 -4.04
C SER F 232 29.63 -29.35 -5.52
N LEU F 233 28.42 -29.34 -6.04
CA LEU F 233 28.19 -29.12 -7.47
C LEU F 233 27.09 -28.08 -7.67
N LYS F 234 27.33 -27.15 -8.58
CA LYS F 234 26.38 -26.08 -8.88
C LYS F 234 25.90 -26.22 -10.31
N LEU F 235 24.59 -26.19 -10.50
CA LEU F 235 24.00 -26.45 -11.79
C LEU F 235 22.89 -25.45 -12.07
N VAL F 236 22.84 -24.96 -13.30
CA VAL F 236 21.81 -24.03 -13.75
C VAL F 236 21.03 -24.71 -14.86
N SER F 237 19.75 -24.94 -14.63
CA SER F 237 18.90 -25.65 -15.58
C SER F 237 17.90 -24.69 -16.19
N VAL F 238 17.78 -24.71 -17.51
CA VAL F 238 16.89 -23.82 -18.24
C VAL F 238 15.93 -24.67 -19.05
N GLY F 239 14.64 -24.54 -18.78
CA GLY F 239 13.62 -25.22 -19.54
C GLY F 239 13.00 -24.29 -20.55
N LEU F 240 12.62 -24.84 -21.70
CA LEU F 240 12.10 -24.05 -22.80
C LEU F 240 10.67 -24.44 -23.17
N LEU F 241 9.88 -24.84 -22.19
CA LEU F 241 8.50 -25.24 -22.42
C LEU F 241 7.55 -24.10 -22.08
N THR F 242 6.39 -24.12 -22.71
CA THR F 242 5.46 -23.00 -22.59
C THR F 242 4.59 -23.04 -21.34
N ALA F 243 4.47 -24.19 -20.68
CA ALA F 243 3.81 -24.28 -19.38
C ALA F 243 2.33 -23.89 -19.45
N SER F 244 1.61 -24.52 -20.36
CA SER F 244 0.15 -24.43 -20.37
C SER F 244 -0.41 -25.73 -20.89
N ASN F 245 -1.51 -26.17 -20.30
CA ASN F 245 -2.10 -27.46 -20.64
C ASN F 245 -3.14 -27.37 -21.74
N ILE F 246 -3.32 -26.19 -22.34
CA ILE F 246 -4.41 -25.99 -23.28
C ILE F 246 -4.24 -26.87 -24.50
N PHE F 247 -3.03 -26.96 -25.03
CA PHE F 247 -2.82 -27.63 -26.31
C PHE F 247 -2.11 -28.98 -26.20
N GLY F 248 -1.07 -29.10 -25.39
CA GLY F 248 -0.29 -30.32 -25.46
C GLY F 248 0.29 -30.89 -24.18
N LYS F 249 -0.30 -30.58 -23.04
CA LYS F 249 0.14 -31.15 -21.76
C LYS F 249 1.57 -30.76 -21.43
N GLU F 250 2.01 -29.59 -21.89
CA GLU F 250 3.33 -29.12 -21.49
C GLU F 250 3.31 -28.50 -20.10
N GLY F 251 2.14 -28.22 -19.55
CA GLY F 251 2.10 -27.72 -18.19
C GLY F 251 2.56 -28.76 -17.19
N THR F 252 1.88 -29.91 -17.16
CA THR F 252 2.23 -30.95 -16.18
C THR F 252 3.66 -31.39 -16.35
N MET F 253 4.19 -31.29 -17.56
CA MET F 253 5.58 -31.61 -17.82
C MET F 253 6.48 -30.73 -16.97
N VAL F 254 6.13 -29.45 -16.86
CA VAL F 254 6.95 -28.51 -16.11
C VAL F 254 6.92 -28.81 -14.62
N GLU F 255 5.73 -29.01 -14.05
CA GLU F 255 5.73 -29.32 -12.62
C GLU F 255 6.45 -30.62 -12.32
N ASP F 256 6.38 -31.59 -13.23
CA ASP F 256 7.15 -32.81 -12.99
C ASP F 256 8.63 -32.52 -12.93
N GLN F 257 9.15 -31.70 -13.83
CA GLN F 257 10.57 -31.38 -13.80
C GLN F 257 10.94 -30.61 -12.55
N MET F 258 10.16 -29.59 -12.21
CA MET F 258 10.48 -28.79 -11.03
C MET F 258 10.42 -29.63 -9.76
N ARG F 259 9.45 -30.52 -9.67
CA ARG F 259 9.36 -31.39 -8.50
C ARG F 259 10.59 -32.27 -8.39
N ALA F 260 11.09 -32.78 -9.51
CA ALA F 260 12.27 -33.62 -9.47
C ALA F 260 13.48 -32.87 -8.94
N TRP F 261 13.69 -31.65 -9.42
CA TRP F 261 14.83 -30.87 -8.93
C TRP F 261 14.69 -30.60 -7.44
N GLN F 262 13.48 -30.29 -6.98
CA GLN F 262 13.29 -30.01 -5.57
C GLN F 262 13.62 -31.23 -4.72
N SER F 263 13.23 -32.41 -5.18
CA SER F 263 13.49 -33.61 -4.39
C SER F 263 14.98 -33.92 -4.30
N LEU F 264 15.77 -33.52 -5.28
CA LEU F 264 17.20 -33.75 -5.17
C LEU F 264 17.94 -32.68 -4.37
N THR F 265 17.38 -31.49 -4.25
CA THR F 265 18.04 -30.41 -3.51
C THR F 265 17.33 -30.11 -2.19
N GLN F 266 16.84 -31.14 -1.54
CA GLN F 266 16.26 -30.97 -0.22
C GLN F 266 17.36 -30.57 0.75
N PRO F 267 17.14 -29.54 1.58
CA PRO F 267 18.24 -29.00 2.39
C PRO F 267 18.81 -30.04 3.34
N GLY F 268 20.13 -30.06 3.45
CA GLY F 268 20.80 -31.01 4.31
C GLY F 268 20.80 -32.43 3.83
N LYS F 269 20.25 -32.71 2.65
CA LYS F 269 20.16 -34.05 2.12
C LYS F 269 21.32 -34.29 1.18
N MET F 270 22.14 -35.28 1.49
CA MET F 270 23.29 -35.59 0.66
C MET F 270 22.94 -36.70 -0.32
N ILE F 271 23.35 -36.52 -1.58
CA ILE F 271 22.93 -37.37 -2.68
C ILE F 271 24.00 -38.42 -2.96
N HIS F 272 23.57 -39.64 -3.20
CA HIS F 272 24.47 -40.75 -3.52
C HIS F 272 24.28 -41.15 -4.97
N LEU F 273 25.37 -41.19 -5.71
CA LEU F 273 25.33 -41.56 -7.12
C LEU F 273 26.19 -42.79 -7.36
N LYS F 274 25.82 -43.58 -8.35
CA LYS F 274 26.58 -44.75 -8.77
C LYS F 274 27.33 -44.42 -10.04
N ILE F 275 28.62 -44.76 -10.06
CA ILE F 275 29.48 -44.43 -11.19
C ILE F 275 30.39 -45.62 -11.48
N ARG F 276 30.55 -45.94 -12.76
CA ARG F 276 31.48 -46.98 -13.15
C ARG F 276 32.88 -46.42 -13.17
N ASN F 277 33.73 -46.91 -12.29
CA ASN F 277 35.10 -46.41 -12.21
C ASN F 277 35.91 -46.92 -13.39
N LYS F 278 37.20 -46.63 -13.37
CA LYS F 278 38.07 -47.07 -14.46
C LYS F 278 38.23 -48.58 -14.52
N ASP F 279 37.80 -49.29 -13.49
CA ASP F 279 37.88 -50.74 -13.47
C ASP F 279 36.56 -51.41 -13.82
N GLY F 280 35.58 -50.63 -14.26
CA GLY F 280 34.30 -51.22 -14.62
C GLY F 280 33.47 -51.68 -13.45
N ASP F 281 33.72 -51.14 -12.27
CA ASP F 281 33.02 -51.54 -11.05
C ASP F 281 32.18 -50.37 -10.56
N LEU F 282 30.93 -50.65 -10.19
CA LEU F 282 30.08 -49.61 -9.65
C LEU F 282 30.66 -49.10 -8.33
N GLN F 283 30.67 -47.79 -8.17
CA GLN F 283 31.21 -47.15 -6.99
C GLN F 283 30.29 -46.00 -6.62
N THR F 284 30.11 -45.78 -5.32
CA THR F 284 29.19 -44.77 -4.83
C THR F 284 29.96 -43.51 -4.47
N VAL F 285 29.44 -42.37 -4.93
CA VAL F 285 30.03 -41.07 -4.63
C VAL F 285 28.96 -40.20 -3.96
N LYS F 286 29.42 -39.17 -3.26
CA LYS F 286 28.55 -38.30 -2.49
C LYS F 286 28.60 -36.89 -3.04
N ILE F 287 27.44 -36.34 -3.35
CA ILE F 287 27.31 -35.04 -3.99
C ILE F 287 26.46 -34.14 -3.12
N LYS F 288 26.85 -32.87 -3.05
CA LYS F 288 26.05 -31.83 -2.44
C LYS F 288 25.53 -30.92 -3.53
N PRO F 289 24.37 -31.23 -4.10
CA PRO F 289 23.90 -30.51 -5.28
C PRO F 289 23.36 -29.14 -4.92
N ASP F 290 23.30 -28.29 -5.94
CA ASP F 290 22.69 -26.97 -5.80
C ASP F 290 22.19 -26.57 -7.18
N VAL F 291 20.88 -26.55 -7.36
CA VAL F 291 20.28 -26.38 -8.67
C VAL F 291 19.42 -25.14 -8.69
N ALA F 292 19.60 -24.31 -9.70
CA ALA F 292 18.71 -23.19 -9.97
C ALA F 292 17.93 -23.54 -11.23
N ALA F 293 16.62 -23.70 -11.09
CA ALA F 293 15.78 -24.21 -12.17
C ALA F 293 14.95 -23.07 -12.76
N PHE F 294 15.00 -22.93 -14.07
CA PHE F 294 14.30 -21.89 -14.80
C PHE F 294 13.37 -22.51 -15.82
N ASN F 295 12.42 -21.70 -16.29
CA ASN F 295 11.60 -22.03 -17.44
C ASN F 295 11.20 -20.74 -18.11
N VAL F 296 11.34 -20.67 -19.43
CA VAL F 296 11.10 -19.40 -20.11
C VAL F 296 10.00 -19.49 -21.16
N GLY F 297 10.13 -20.40 -22.11
CA GLY F 297 9.13 -20.47 -23.16
C GLY F 297 9.48 -19.57 -24.32
N VAL F 298 9.69 -20.15 -25.50
CA VAL F 298 10.21 -19.40 -26.64
C VAL F 298 9.37 -19.68 -27.88
N ASN F 299 8.18 -20.22 -27.68
CA ASN F 299 7.29 -20.50 -28.79
C ASN F 299 6.50 -19.26 -29.19
N GLU F 300 5.78 -19.39 -30.30
CA GLU F 300 4.76 -18.39 -30.62
C GLU F 300 3.64 -18.45 -29.61
N LEU F 301 3.33 -19.64 -29.11
CA LEU F 301 2.27 -19.79 -28.11
C LEU F 301 2.58 -19.00 -26.85
N ALA F 302 3.85 -18.73 -26.59
CA ALA F 302 4.22 -18.00 -25.40
C ALA F 302 4.58 -16.56 -25.66
N LEU F 303 5.02 -16.23 -26.87
CA LEU F 303 5.50 -14.89 -27.16
C LEU F 303 4.49 -14.04 -27.90
N LYS F 304 3.74 -14.61 -28.84
CA LYS F 304 2.77 -13.82 -29.58
C LYS F 304 1.48 -13.67 -28.79
N LEU F 305 0.83 -14.78 -28.48
CA LEU F 305 -0.42 -14.72 -27.75
C LEU F 305 -0.25 -14.91 -26.25
N GLY F 306 0.77 -15.65 -25.82
CA GLY F 306 1.20 -15.55 -24.44
C GLY F 306 0.55 -16.56 -23.52
N PHE F 307 1.25 -17.65 -23.24
CA PHE F 307 0.72 -18.72 -22.42
C PHE F 307 1.70 -19.03 -21.30
N GLY F 308 1.17 -19.21 -20.10
CA GLY F 308 2.01 -19.66 -19.01
C GLY F 308 3.07 -18.69 -18.58
N LEU F 309 2.97 -17.42 -18.98
CA LEU F 309 3.93 -16.44 -18.50
C LEU F 309 3.85 -16.30 -16.99
N LYS F 310 2.63 -16.22 -16.46
CA LYS F 310 2.45 -16.11 -15.02
C LYS F 310 2.91 -17.38 -14.31
N ALA F 311 2.63 -18.55 -14.89
CA ALA F 311 3.01 -19.79 -14.24
C ALA F 311 4.52 -19.92 -14.15
N SER F 312 5.23 -19.57 -15.22
CA SER F 312 6.68 -19.74 -15.21
C SER F 312 7.36 -18.73 -14.32
N ASP F 313 6.85 -17.50 -14.27
CA ASP F 313 7.53 -16.47 -13.51
C ASP F 313 7.59 -16.77 -12.02
N SER F 314 6.66 -17.59 -11.52
CA SER F 314 6.75 -17.99 -10.12
C SER F 314 8.01 -18.82 -9.86
N TYR F 315 8.37 -19.68 -10.80
CA TYR F 315 9.62 -20.42 -10.68
C TYR F 315 10.82 -19.52 -10.89
N ASN F 316 10.76 -18.65 -11.89
CA ASN F 316 11.92 -17.85 -12.24
C ASN F 316 12.29 -16.89 -11.13
N ALA F 317 11.32 -16.41 -10.36
CA ALA F 317 11.65 -15.49 -9.27
C ALA F 317 12.53 -16.17 -8.23
N GLU F 318 12.20 -17.39 -7.86
CA GLU F 318 13.01 -18.11 -6.88
C GLU F 318 14.41 -18.35 -7.41
N ALA F 319 14.51 -18.75 -8.68
CA ALA F 319 15.81 -19.07 -9.24
C ALA F 319 16.70 -17.84 -9.31
N LEU F 320 16.14 -16.68 -9.69
CA LEU F 320 16.95 -15.48 -9.73
C LEU F 320 17.45 -15.10 -8.34
N HIS F 321 16.59 -15.22 -7.32
CA HIS F 321 17.07 -14.92 -5.98
C HIS F 321 18.20 -15.84 -5.59
N GLN F 322 18.14 -17.09 -6.06
CA GLN F 322 19.22 -18.02 -5.79
C GLN F 322 20.49 -17.66 -6.53
N LEU F 323 20.36 -17.05 -7.70
CA LEU F 323 21.52 -16.81 -8.56
C LEU F 323 22.13 -15.44 -8.36
N LEU F 324 21.32 -14.43 -8.08
CA LEU F 324 21.81 -13.07 -7.99
C LEU F 324 21.59 -12.40 -6.64
N GLY F 325 20.83 -13.01 -5.75
CA GLY F 325 20.60 -12.42 -4.45
C GLY F 325 19.22 -11.82 -4.33
N ASN F 326 19.00 -11.14 -3.23
CA ASN F 326 17.69 -10.61 -2.90
C ASN F 326 17.43 -9.23 -3.45
N ASP F 327 18.41 -8.58 -4.04
CA ASP F 327 18.24 -7.26 -4.63
C ASP F 327 18.45 -7.36 -6.12
N LEU F 328 17.40 -7.11 -6.89
CA LEU F 328 17.43 -7.27 -8.33
C LEU F 328 17.39 -5.95 -9.07
N ARG F 329 17.64 -4.84 -8.38
CA ARG F 329 17.74 -3.57 -9.07
C ARG F 329 18.95 -3.57 -9.99
N PRO F 330 18.81 -3.08 -11.23
CA PRO F 330 19.92 -3.21 -12.18
C PRO F 330 21.19 -2.51 -11.75
N GLU F 331 21.12 -1.52 -10.87
CA GLU F 331 22.29 -0.78 -10.46
C GLU F 331 22.91 -1.29 -9.17
N ALA F 332 22.30 -2.26 -8.51
CA ALA F 332 22.82 -2.76 -7.24
C ALA F 332 24.02 -3.65 -7.49
N ARG F 333 24.58 -4.17 -6.42
CA ARG F 333 25.71 -5.05 -6.64
C ARG F 333 25.27 -6.51 -6.59
N PRO F 334 25.86 -7.36 -7.42
CA PRO F 334 25.40 -8.74 -7.49
C PRO F 334 25.62 -9.49 -6.19
N GLY F 335 24.71 -10.40 -5.90
CA GLY F 335 24.83 -11.27 -4.74
C GLY F 335 24.65 -12.71 -5.15
N GLY F 336 24.32 -13.59 -4.21
CA GLY F 336 24.09 -14.97 -4.60
C GLY F 336 25.35 -15.62 -5.11
N TRP F 337 25.18 -16.54 -6.06
CA TRP F 337 26.32 -17.25 -6.61
C TRP F 337 27.26 -16.30 -7.33
N VAL F 338 26.71 -15.32 -8.04
CA VAL F 338 27.55 -14.36 -8.75
C VAL F 338 28.40 -13.58 -7.76
N GLY F 339 27.80 -13.16 -6.66
CA GLY F 339 28.56 -12.46 -5.64
C GLY F 339 29.68 -13.29 -5.07
N GLU F 340 29.42 -14.57 -4.80
CA GLU F 340 30.46 -15.43 -4.26
C GLU F 340 31.60 -15.59 -5.26
N TRP F 341 31.29 -15.72 -6.54
CA TRP F 341 32.35 -15.83 -7.53
C TRP F 341 33.17 -14.56 -7.59
N LEU F 342 32.51 -13.40 -7.57
CA LEU F 342 33.23 -12.15 -7.69
C LEU F 342 34.08 -11.86 -6.46
N ALA F 343 33.71 -12.41 -5.31
CA ALA F 343 34.47 -12.15 -4.10
C ALA F 343 35.88 -12.72 -4.15
N GLN F 344 36.15 -13.62 -5.09
CA GLN F 344 37.49 -14.14 -5.26
C GLN F 344 38.37 -13.23 -6.10
N TYR F 345 37.83 -12.13 -6.60
CA TYR F 345 38.55 -11.21 -7.47
C TYR F 345 39.17 -11.92 -8.66
N PRO F 346 38.36 -12.48 -9.56
CA PRO F 346 38.91 -13.14 -10.74
C PRO F 346 39.16 -12.14 -11.84
N ASP F 347 40.00 -12.55 -12.78
CA ASP F 347 40.27 -11.72 -13.94
C ASP F 347 39.15 -11.77 -14.96
N ASN F 348 38.00 -12.27 -14.54
CA ASN F 348 36.84 -12.46 -15.38
C ASN F 348 35.76 -11.43 -15.09
N TYR F 349 36.05 -10.43 -14.26
CA TYR F 349 35.01 -9.63 -13.66
C TYR F 349 34.22 -8.82 -14.69
N GLU F 350 34.88 -8.41 -15.77
CA GLU F 350 34.22 -7.54 -16.74
C GLU F 350 33.02 -8.21 -17.36
N VAL F 351 33.22 -9.43 -17.88
CA VAL F 351 32.13 -10.13 -18.55
C VAL F 351 31.02 -10.45 -17.58
N VAL F 352 31.37 -10.88 -16.38
CA VAL F 352 30.36 -11.28 -15.40
C VAL F 352 29.48 -10.11 -15.03
N ASN F 353 30.08 -8.95 -14.80
CA ASN F 353 29.30 -7.79 -14.43
C ASN F 353 28.35 -7.39 -15.54
N THR F 354 28.82 -7.41 -16.79
CA THR F 354 27.96 -7.04 -17.90
C THR F 354 26.77 -7.98 -18.02
N LEU F 355 27.00 -9.28 -17.93
CA LEU F 355 25.91 -10.24 -18.07
C LEU F 355 24.89 -10.08 -16.96
N ALA F 356 25.35 -9.89 -15.73
CA ALA F 356 24.41 -9.72 -14.63
C ALA F 356 23.56 -8.48 -14.81
N ARG F 357 24.16 -7.39 -15.27
CA ARG F 357 23.40 -6.17 -15.48
C ARG F 357 22.34 -6.36 -16.55
N GLN F 358 22.70 -7.01 -17.65
CA GLN F 358 21.74 -7.18 -18.73
C GLN F 358 20.58 -8.06 -18.29
N ILE F 359 20.86 -9.10 -17.52
CA ILE F 359 19.79 -9.98 -17.07
C ILE F 359 18.80 -9.23 -16.19
N LYS F 360 19.31 -8.40 -15.28
CA LYS F 360 18.41 -7.62 -14.45
C LYS F 360 17.57 -6.66 -15.29
N ASP F 361 18.16 -6.08 -16.32
CA ASP F 361 17.41 -5.19 -17.20
C ASP F 361 16.24 -5.91 -17.85
N ILE F 362 16.52 -7.08 -18.44
CA ILE F 362 15.47 -7.85 -19.08
C ILE F 362 14.38 -8.19 -18.10
N TRP F 363 14.76 -8.61 -16.90
CA TRP F 363 13.77 -8.99 -15.90
C TRP F 363 12.93 -7.80 -15.50
N LYS F 364 13.53 -6.62 -15.42
CA LYS F 364 12.80 -5.45 -14.93
C LYS F 364 11.71 -5.03 -15.91
N ASN F 365 12.01 -4.98 -17.19
CA ASN F 365 11.06 -4.53 -18.18
C ASN F 365 10.21 -5.64 -18.76
N ASN F 366 10.38 -6.87 -18.27
CA ASN F 366 9.66 -8.03 -18.80
C ASN F 366 9.90 -8.20 -20.28
N GLN F 367 11.11 -7.87 -20.74
CA GLN F 367 11.40 -7.97 -22.16
C GLN F 367 11.35 -9.40 -22.68
N HIS F 368 11.42 -10.39 -21.79
CA HIS F 368 11.36 -11.76 -22.26
C HIS F 368 9.94 -12.21 -22.59
N HIS F 369 8.94 -11.37 -22.30
CA HIS F 369 7.58 -11.72 -22.66
C HIS F 369 7.28 -11.48 -24.13
N LYS F 370 8.09 -10.66 -24.79
CA LYS F 370 7.98 -10.43 -26.23
C LYS F 370 9.27 -10.86 -26.89
N ASP F 371 9.28 -10.88 -28.22
CA ASP F 371 10.51 -11.16 -28.95
C ASP F 371 10.88 -9.90 -29.72
N GLY F 372 11.60 -9.00 -29.07
CA GLY F 372 12.04 -7.80 -29.75
C GLY F 372 13.11 -8.10 -30.77
N GLY F 373 12.80 -8.99 -31.71
CA GLY F 373 13.73 -9.39 -32.73
C GLY F 373 14.52 -10.64 -32.42
N GLU F 374 14.61 -11.04 -31.16
CA GLU F 374 15.32 -12.27 -30.85
C GLU F 374 14.79 -12.91 -29.58
N PRO F 375 14.21 -14.10 -29.69
CA PRO F 375 13.38 -14.63 -28.61
C PRO F 375 14.16 -15.32 -27.49
N TYR F 376 15.41 -15.68 -27.71
CA TYR F 376 16.19 -16.38 -26.70
C TYR F 376 16.98 -15.43 -25.82
N LYS F 377 16.50 -14.20 -25.64
CA LYS F 377 17.34 -13.18 -25.01
C LYS F 377 17.67 -13.55 -23.57
N LEU F 378 16.73 -14.12 -22.83
CA LEU F 378 17.00 -14.44 -21.45
C LEU F 378 17.65 -15.79 -21.28
N ALA F 379 17.20 -16.80 -22.01
CA ALA F 379 17.77 -18.13 -21.87
C ALA F 379 19.24 -18.13 -22.23
N GLN F 380 19.60 -17.48 -23.31
CA GLN F 380 20.98 -17.50 -23.79
C GLN F 380 21.92 -16.87 -22.77
N ARG F 381 21.52 -15.76 -22.18
CA ARG F 381 22.38 -15.10 -21.21
C ARG F 381 22.48 -15.89 -19.92
N LEU F 382 21.41 -16.56 -19.51
CA LEU F 382 21.49 -17.39 -18.31
C LEU F 382 22.53 -18.49 -18.48
N ALA F 383 22.54 -19.15 -19.63
CA ALA F 383 23.52 -20.21 -19.85
C ALA F 383 24.93 -19.65 -19.89
N MET F 384 25.14 -18.52 -20.57
CA MET F 384 26.48 -17.97 -20.65
C MET F 384 26.98 -17.53 -19.28
N LEU F 385 26.12 -16.92 -18.48
CA LEU F 385 26.52 -16.51 -17.15
C LEU F 385 26.88 -17.70 -16.30
N ALA F 386 26.12 -18.79 -16.41
CA ALA F 386 26.41 -19.96 -15.59
C ALA F 386 27.79 -20.51 -15.90
N HIS F 387 28.18 -20.52 -17.17
CA HIS F 387 29.51 -21.01 -17.48
C HIS F 387 30.60 -20.09 -16.96
N GLU F 388 30.34 -18.79 -16.91
CA GLU F 388 31.37 -17.86 -16.46
C GLU F 388 31.72 -18.06 -15.00
N ILE F 389 30.73 -18.32 -14.16
CA ILE F 389 30.94 -18.36 -12.71
C ILE F 389 31.20 -19.79 -12.29
N ASP F 390 31.58 -20.63 -13.23
CA ASP F 390 32.04 -21.99 -12.99
C ASP F 390 30.93 -22.92 -12.53
N ALA F 391 29.68 -22.63 -12.85
CA ALA F 391 28.61 -23.59 -12.66
C ALA F 391 28.53 -24.46 -13.90
N VAL F 392 27.53 -25.32 -13.99
CA VAL F 392 27.31 -26.15 -15.17
C VAL F 392 25.99 -25.74 -15.79
N PRO F 393 25.96 -25.31 -17.04
CA PRO F 393 24.69 -24.98 -17.69
C PRO F 393 24.07 -26.18 -18.36
N ALA F 394 22.76 -26.32 -18.19
CA ALA F 394 22.01 -27.40 -18.80
C ALA F 394 20.66 -26.86 -19.28
N TRP F 395 20.25 -27.25 -20.47
CA TRP F 395 18.98 -26.80 -21.01
C TRP F 395 18.26 -27.94 -21.70
N ASN F 396 16.94 -27.84 -21.78
CA ASN F 396 16.15 -28.94 -22.31
C ASN F 396 14.91 -28.41 -22.99
N CYS F 397 14.33 -29.26 -23.83
CA CYS F 397 13.08 -29.02 -24.53
C CYS F 397 12.15 -30.20 -24.27
N LYS F 398 11.04 -30.23 -24.97
CA LYS F 398 10.15 -31.39 -24.90
C LYS F 398 10.87 -32.65 -25.37
N SER F 399 11.46 -32.59 -26.55
CA SER F 399 12.15 -33.73 -27.11
C SER F 399 13.66 -33.56 -27.14
N GLY F 400 14.16 -32.35 -26.98
CA GLY F 400 15.57 -32.13 -26.90
C GLY F 400 16.30 -32.02 -28.21
N LYS F 401 15.59 -31.72 -29.30
CA LYS F 401 16.25 -31.55 -30.58
C LYS F 401 15.85 -30.31 -31.35
N ASP F 402 14.66 -29.75 -31.15
CA ASP F 402 14.26 -28.61 -31.95
C ASP F 402 14.56 -27.28 -31.27
N ARG F 403 13.90 -27.01 -30.16
CA ARG F 403 14.19 -25.77 -29.44
C ARG F 403 15.54 -25.86 -28.76
N THR F 404 15.92 -27.05 -28.30
CA THR F 404 17.25 -27.25 -27.75
C THR F 404 18.30 -26.96 -28.81
N GLY F 405 18.10 -27.44 -30.03
CA GLY F 405 19.06 -27.19 -31.08
C GLY F 405 19.19 -25.71 -31.40
N MET F 406 18.07 -25.00 -31.42
CA MET F 406 18.13 -23.58 -31.71
C MET F 406 18.89 -22.82 -30.64
N MET F 407 18.66 -23.15 -29.37
CA MET F 407 19.38 -22.47 -28.31
C MET F 407 20.87 -22.82 -28.35
N ASP F 408 21.18 -24.05 -28.72
CA ASP F 408 22.58 -24.42 -28.91
C ASP F 408 23.24 -23.50 -29.92
N SER F 409 22.59 -23.27 -31.05
CA SER F 409 23.17 -22.40 -32.08
C SER F 409 23.31 -20.98 -31.58
N GLU F 410 22.32 -20.48 -30.84
CA GLU F 410 22.40 -19.11 -30.35
C GLU F 410 23.60 -18.92 -29.44
N ILE F 411 23.81 -19.86 -28.51
CA ILE F 411 24.92 -19.73 -27.58
C ILE F 411 26.24 -19.77 -28.33
N LYS F 412 26.39 -20.70 -29.26
CA LYS F 412 27.65 -20.80 -29.99
C LYS F 412 27.93 -19.53 -30.76
N ARG F 413 26.92 -18.93 -31.37
CA ARG F 413 27.15 -17.70 -32.11
C ARG F 413 27.66 -16.60 -31.19
N GLU F 414 27.05 -16.46 -30.01
CA GLU F 414 27.46 -15.38 -29.13
C GLU F 414 28.86 -15.62 -28.56
N ILE F 415 29.18 -16.86 -28.22
CA ILE F 415 30.52 -17.15 -27.70
C ILE F 415 31.58 -16.83 -28.74
N ILE F 416 31.34 -17.26 -29.98
CA ILE F 416 32.32 -16.98 -31.02
C ILE F 416 32.45 -15.48 -31.24
N SER F 417 31.33 -14.77 -31.27
CA SER F 417 31.40 -13.33 -31.46
C SER F 417 32.15 -12.66 -30.32
N LEU F 418 31.93 -13.11 -29.10
CA LEU F 418 32.60 -12.51 -27.96
C LEU F 418 34.09 -12.83 -27.94
N HIS F 419 34.47 -14.01 -28.42
CA HIS F 419 35.86 -14.44 -28.30
C HIS F 419 36.81 -13.51 -29.01
N GLN F 420 36.33 -12.71 -29.93
CA GLN F 420 37.20 -11.79 -30.64
C GLN F 420 37.39 -10.49 -29.88
N THR F 421 37.50 -10.63 -28.55
CA THR F 421 37.82 -9.58 -27.58
C THR F 421 36.77 -8.49 -27.55
N HIS F 422 35.60 -8.76 -28.11
CA HIS F 422 34.57 -7.77 -28.22
C HIS F 422 33.87 -7.57 -26.88
N MET F 423 32.73 -6.90 -26.95
CA MET F 423 31.78 -6.85 -25.85
C MET F 423 30.55 -7.67 -26.22
N LEU F 424 29.58 -7.68 -25.32
CA LEU F 424 28.34 -8.36 -25.58
C LEU F 424 27.34 -7.42 -26.24
N SER F 425 26.46 -7.98 -27.06
CA SER F 425 25.45 -7.21 -27.74
C SER F 425 24.34 -6.82 -26.77
N ALA F 426 23.60 -5.83 -27.12
CA ALA F 426 22.53 -5.38 -26.26
C ALA F 426 21.31 -6.30 -26.37
N PRO F 427 20.50 -6.39 -25.33
CA PRO F 427 19.32 -7.27 -25.38
C PRO F 427 18.35 -6.83 -26.46
N GLY F 428 17.73 -7.82 -27.10
CA GLY F 428 16.70 -7.55 -28.08
C GLY F 428 17.16 -6.76 -29.28
N SER F 429 18.32 -7.11 -29.84
CA SER F 429 18.85 -6.40 -30.99
C SER F 429 19.21 -7.41 -32.07
N LEU F 430 18.91 -7.06 -33.31
CA LEU F 430 19.25 -7.92 -34.43
C LEU F 430 20.75 -7.96 -34.63
N PRO F 431 21.30 -9.08 -35.08
CA PRO F 431 22.72 -9.15 -35.37
C PRO F 431 23.07 -8.27 -36.57
N ASP F 432 24.29 -7.75 -36.55
CA ASP F 432 24.78 -6.93 -37.66
C ASP F 432 25.23 -7.84 -38.79
N SER F 433 25.92 -7.27 -39.78
CA SER F 433 26.36 -8.06 -40.93
C SER F 433 27.32 -9.16 -40.52
N GLY F 434 28.36 -8.80 -39.76
CA GLY F 434 29.32 -9.80 -39.33
C GLY F 434 28.69 -10.85 -38.44
N GLY F 435 27.83 -10.43 -37.51
CA GLY F 435 27.12 -11.39 -36.68
C GLY F 435 26.26 -12.32 -37.50
N GLN F 436 25.62 -11.79 -38.54
CA GLN F 436 24.79 -12.64 -39.40
C GLN F 436 25.64 -13.68 -40.12
N LYS F 437 26.84 -13.30 -40.58
CA LYS F 437 27.72 -14.28 -41.20
C LYS F 437 28.12 -15.36 -40.21
N ILE F 438 28.42 -14.98 -38.97
CA ILE F 438 28.74 -15.94 -37.94
C ILE F 438 27.57 -16.90 -37.73
N PHE F 439 26.37 -16.34 -37.61
CA PHE F 439 25.20 -17.14 -37.31
C PHE F 439 24.90 -18.12 -38.44
N GLN F 440 25.06 -17.66 -39.69
CA GLN F 440 24.82 -18.55 -40.83
C GLN F 440 25.79 -19.72 -40.82
N LYS F 441 27.07 -19.45 -40.54
CA LYS F 441 28.04 -20.53 -40.50
C LYS F 441 27.74 -21.50 -39.36
N VAL F 442 27.35 -20.98 -38.20
CA VAL F 442 27.10 -21.83 -37.03
C VAL F 442 25.94 -22.76 -37.30
N LEU F 443 24.85 -22.22 -37.85
CA LEU F 443 23.62 -23.00 -37.99
C LEU F 443 23.82 -24.23 -38.85
N LEU F 444 24.75 -24.18 -39.79
CA LEU F 444 25.00 -25.32 -40.66
C LEU F 444 26.16 -26.18 -40.21
N ASN F 445 27.17 -25.57 -39.58
CA ASN F 445 28.38 -26.28 -39.19
C ASN F 445 28.37 -26.71 -37.74
N SER F 446 27.27 -26.51 -37.04
CA SER F 446 27.12 -27.15 -35.74
C SER F 446 26.62 -28.58 -35.93
N GLY F 447 26.65 -29.35 -34.86
CA GLY F 447 26.24 -30.73 -34.99
C GLY F 447 24.76 -30.97 -34.93
N ASN F 448 23.94 -29.92 -34.98
CA ASN F 448 22.51 -30.08 -34.78
C ASN F 448 21.88 -30.93 -35.87
N LEU F 449 22.29 -30.74 -37.12
CA LEU F 449 21.67 -31.48 -38.21
C LEU F 449 21.89 -32.98 -38.04
N GLU F 450 23.09 -33.39 -37.63
CA GLU F 450 23.33 -34.81 -37.41
C GLU F 450 22.55 -35.34 -36.23
N ILE F 451 22.39 -34.54 -35.18
CA ILE F 451 21.54 -34.94 -34.06
C ILE F 451 20.11 -35.17 -34.54
N GLN F 452 19.63 -34.26 -35.40
CA GLN F 452 18.28 -34.39 -35.94
C GLN F 452 18.14 -35.71 -36.68
N LYS F 453 19.07 -35.99 -37.59
CA LYS F 453 19.00 -37.21 -38.39
C LYS F 453 19.12 -38.45 -37.51
N GLN F 454 20.03 -38.42 -36.55
CA GLN F 454 20.21 -39.57 -35.67
C GLN F 454 18.94 -39.85 -34.88
N ASN F 455 18.30 -38.80 -34.36
CA ASN F 455 17.16 -38.95 -33.49
C ASN F 455 15.86 -39.20 -34.23
N THR F 456 15.82 -38.92 -35.52
CA THR F 456 14.56 -38.99 -36.25
C THR F 456 14.65 -39.77 -37.56
N GLY F 457 15.75 -39.62 -38.29
CA GLY F 457 15.87 -40.15 -39.64
C GLY F 457 15.91 -39.08 -40.71
N GLY F 458 15.61 -37.83 -40.37
CA GLY F 458 15.71 -36.75 -41.31
C GLY F 458 16.18 -35.48 -40.63
N ALA F 459 16.90 -34.66 -41.38
CA ALA F 459 17.44 -33.42 -40.86
C ALA F 459 16.42 -32.30 -40.98
N GLY F 460 16.34 -31.47 -39.95
CA GLY F 460 15.41 -30.36 -39.98
C GLY F 460 15.28 -29.74 -38.60
N ASN F 461 14.36 -28.78 -38.51
CA ASN F 461 14.06 -28.12 -37.25
C ASN F 461 12.62 -27.66 -37.28
N LYS F 462 11.88 -27.99 -36.23
CA LYS F 462 10.46 -27.66 -36.16
C LYS F 462 10.22 -26.22 -35.71
N VAL F 463 11.27 -25.49 -35.34
CA VAL F 463 11.10 -24.09 -34.92
C VAL F 463 10.81 -23.18 -36.10
N MET F 464 11.12 -23.60 -37.32
CA MET F 464 10.95 -22.78 -38.51
C MET F 464 9.59 -23.11 -39.12
N LYS F 465 8.62 -22.21 -38.98
CA LYS F 465 7.23 -22.56 -39.29
C LYS F 465 6.62 -21.74 -40.41
N ASN F 466 6.71 -20.41 -40.35
CA ASN F 466 6.06 -19.53 -41.33
C ASN F 466 4.54 -19.72 -41.33
N LEU F 467 3.94 -19.29 -40.22
CA LEU F 467 2.50 -19.39 -40.03
C LEU F 467 1.77 -18.45 -40.99
N SER F 468 0.46 -18.68 -41.14
CA SER F 468 -0.32 -17.97 -42.15
C SER F 468 -0.63 -16.52 -41.76
N PRO F 469 -1.07 -16.22 -40.53
CA PRO F 469 -1.20 -14.80 -40.16
C PRO F 469 0.16 -14.26 -39.76
N GLU F 470 0.68 -13.29 -40.53
CA GLU F 470 2.09 -12.93 -40.46
C GLU F 470 2.50 -12.41 -39.09
N VAL F 471 1.56 -11.99 -38.25
CA VAL F 471 1.92 -11.47 -36.94
C VAL F 471 2.22 -12.58 -35.94
N LEU F 472 2.10 -13.85 -36.35
CA LEU F 472 2.37 -14.98 -35.47
C LEU F 472 3.73 -15.63 -35.75
N ASN F 473 4.62 -14.96 -36.47
CA ASN F 473 5.92 -15.52 -36.76
C ASN F 473 6.99 -14.96 -35.83
N LEU F 474 8.02 -15.76 -35.59
CA LEU F 474 9.03 -15.46 -34.58
C LEU F 474 10.18 -14.62 -35.09
N SER F 475 10.18 -14.25 -36.37
CA SER F 475 11.19 -13.36 -36.93
C SER F 475 12.59 -13.96 -36.89
N TYR F 476 12.75 -15.12 -37.52
CA TYR F 476 14.07 -15.63 -37.83
C TYR F 476 14.51 -15.28 -39.24
N GLN F 477 13.60 -14.83 -40.10
CA GLN F 477 14.00 -14.34 -41.41
C GLN F 477 14.98 -13.19 -41.28
N LYS F 478 14.82 -12.35 -40.26
CA LYS F 478 15.71 -11.21 -40.10
C LYS F 478 17.01 -11.61 -39.41
N ARG F 479 16.93 -12.48 -38.40
CA ARG F 479 18.14 -12.91 -37.71
C ARG F 479 19.04 -13.72 -38.64
N VAL F 480 18.45 -14.59 -39.45
CA VAL F 480 19.19 -15.34 -40.47
C VAL F 480 18.93 -14.62 -41.78
N GLY F 481 19.82 -13.68 -42.12
CA GLY F 481 19.62 -12.88 -43.32
C GLY F 481 19.89 -13.63 -44.61
N ASP F 482 19.21 -14.74 -44.83
CA ASP F 482 19.38 -15.52 -46.05
C ASP F 482 18.20 -16.45 -46.20
N GLU F 483 17.52 -16.38 -47.34
CA GLU F 483 16.37 -17.24 -47.56
C GLU F 483 16.79 -18.69 -47.74
N ASN F 484 17.86 -18.93 -48.50
CA ASN F 484 18.27 -20.30 -48.79
C ASN F 484 18.76 -21.00 -47.53
N ILE F 485 19.52 -20.30 -46.70
CA ILE F 485 20.00 -20.91 -45.47
C ILE F 485 18.84 -21.20 -44.52
N TRP F 486 17.89 -20.28 -44.43
CA TRP F 486 16.71 -20.51 -43.61
C TRP F 486 15.95 -21.74 -44.10
N GLN F 487 15.79 -21.89 -45.41
CA GLN F 487 15.14 -23.07 -45.95
C GLN F 487 15.99 -24.31 -45.76
N SER F 488 17.30 -24.17 -45.56
CA SER F 488 18.15 -25.33 -45.37
C SER F 488 18.10 -25.82 -43.93
N VAL F 489 18.00 -24.91 -42.97
CA VAL F 489 17.87 -25.31 -41.57
C VAL F 489 16.60 -26.10 -41.37
N LYS F 490 15.49 -25.62 -41.92
CA LYS F 490 14.23 -26.36 -41.91
C LYS F 490 14.29 -27.36 -43.05
N GLY F 491 14.69 -28.59 -42.75
CA GLY F 491 14.91 -29.56 -43.78
C GLY F 491 13.69 -30.37 -44.10
N ILE F 492 13.69 -31.64 -43.67
CA ILE F 492 12.58 -32.55 -43.92
C ILE F 492 11.65 -32.45 -42.72
N SER F 493 11.84 -31.40 -41.92
CA SER F 493 11.15 -31.30 -40.63
C SER F 493 9.63 -31.32 -40.79
N SER F 494 9.12 -30.89 -41.94
CA SER F 494 7.68 -30.86 -42.13
C SER F 494 7.11 -32.19 -42.58
N LEU F 495 7.95 -33.19 -42.84
CA LEU F 495 7.50 -34.50 -43.28
C LEU F 495 7.60 -35.54 -42.18
N ILE F 496 7.68 -35.12 -40.93
CA ILE F 496 7.91 -36.04 -39.83
C ILE F 496 6.73 -35.98 -38.87
N THR F 497 5.53 -35.79 -39.40
CA THR F 497 4.36 -35.83 -38.55
C THR F 497 4.28 -37.20 -37.89
N SER F 498 4.58 -37.26 -36.59
CA SER F 498 4.69 -38.53 -35.89
C SER F 498 4.72 -38.30 -34.37
#